data_9PJD
#
_entry.id   9PJD
#
_cell.length_a   1.00
_cell.length_b   1.00
_cell.length_c   1.00
_cell.angle_alpha   90.00
_cell.angle_beta   90.00
_cell.angle_gamma   90.00
#
_symmetry.space_group_name_H-M   'P 1'
#
loop_
_entity.id
_entity.type
_entity.pdbx_description
1 polymer 'ATP-dependent Clp protease ATP-binding subunit ClpX'
2 polymer 'unidentified portion of the substrate'
3 polymer 'ATP-dependent Clp protease proteolytic subunit'
4 non-polymer 'PHOSPHOTHIOPHOSPHORIC ACID-ADENYLATE ESTER'
5 non-polymer 'MAGNESIUM ION'
#
loop_
_entity_poly.entity_id
_entity_poly.type
_entity_poly.pdbx_seq_one_letter_code
_entity_poly.pdbx_strand_id
1 'polypeptide(L)'
;MTDKRKDGSGKLLYCSFCGKSQHEVRKLIAGPSVYICDECVDLCNDIIREEIKEVAPHRERSALPTPHEIRNHLDDYVIG
QEQAKKVLAVAVYNHYKRLRNGDTSNGVELGKSNILLIGPTGSGKTLLAETLARLLDVPFTMADATTLTEAGYVGEDVEN
IIQKLLQKCDYDVQKAQRGIVYIDEIDKISRKSDNPSITRDVSGEGVQQALLKLIEGTVAAVPPQGGRKHPQQEFLQVDT
SKILFICGGAFAGLDKVISHRVETGSGIGFGATVKAKSDKASEGELLAQVEPEDLIKFGLIPEFIGRLPVVATLNELSEE
ALIQILKEPKNALTKQYQALFNLEGVDLEFRDEALDAIAKKAMARKTGARGLRSIVEAALLDTMYDLPSMEDVEKVVIDE
SVIDGQSEPLLIYGKPEAQQASGE
;
A,B,C,D,E,F
2 'polyribonucleotide' (UNK)(UNK)(UNK)(UNK)(UNK)(UNK) G
3 'polypeptide(L)'
;LVPMVIEQTSRGERSFDIYSRLLKERVIFLTGQVEDHMANLIVAQMLFLEAENPEKDIYLYINSPGGVITAGMSIYDTMQ
FIKPDVSTICMGQAASMGAFLLTAGAKGKRFCLPNSRVMIHQPLGGYQGQATDIEIHAREILKVKGRMNELMALHTGQSL
EQIERDTERDRFLSAPEAVEYGLVDSILTHRNENLYFQSLEHHHHHH
;
H,I,J,K,L,M,N,O,P,Q,R,S,T,U
#
# COMPACT_ATOMS: atom_id res chain seq x y z
N LEU A 64 -76.34 8.80 -1.48
CA LEU A 64 -77.29 9.70 -2.10
C LEU A 64 -76.69 11.02 -2.64
N PRO A 65 -75.58 11.51 -2.04
CA PRO A 65 -75.01 12.76 -2.55
C PRO A 65 -74.02 12.54 -3.67
N THR A 66 -74.11 13.34 -4.72
CA THR A 66 -73.20 13.23 -5.85
C THR A 66 -71.80 13.67 -5.41
N PRO A 67 -70.76 13.20 -6.11
CA PRO A 67 -69.39 13.58 -5.71
C PRO A 67 -69.19 15.09 -5.63
N HIS A 68 -69.86 15.87 -6.48
CA HIS A 68 -69.70 17.32 -6.43
C HIS A 68 -70.30 17.90 -5.15
N GLU A 69 -71.45 17.37 -4.73
CA GLU A 69 -72.10 17.89 -3.52
C GLU A 69 -71.23 17.66 -2.29
N ILE A 70 -70.66 16.47 -2.15
CA ILE A 70 -69.82 16.18 -0.99
C ILE A 70 -68.57 17.06 -1.01
N ARG A 71 -68.00 17.30 -2.19
CA ARG A 71 -66.80 18.11 -2.26
C ARG A 71 -67.08 19.56 -1.88
N ASN A 72 -68.21 20.11 -2.33
CA ASN A 72 -68.54 21.49 -2.03
C ASN A 72 -68.74 21.69 -0.52
N HIS A 73 -69.49 20.80 0.11
CA HIS A 73 -69.75 20.90 1.54
C HIS A 73 -68.54 20.49 2.38
N LEU A 74 -67.65 19.68 1.83
CA LEU A 74 -66.47 19.24 2.59
C LEU A 74 -65.42 20.35 2.71
N ASP A 75 -65.22 21.12 1.63
CA ASP A 75 -64.24 22.19 1.66
C ASP A 75 -64.60 23.31 2.61
N ASP A 76 -65.86 23.37 3.06
CA ASP A 76 -66.27 24.43 3.98
C ASP A 76 -65.44 24.41 5.27
N TYR A 77 -64.91 23.24 5.64
CA TYR A 77 -64.10 23.08 6.84
C TYR A 77 -62.63 22.84 6.52
N VAL A 78 -62.33 21.91 5.62
CA VAL A 78 -60.96 21.59 5.24
C VAL A 78 -60.56 22.47 4.06
N ILE A 79 -59.28 22.88 4.05
CA ILE A 79 -58.74 23.73 3.00
C ILE A 79 -57.38 23.20 2.57
N GLY A 80 -57.04 23.43 1.31
CA GLY A 80 -55.76 23.00 0.77
C GLY A 80 -55.62 21.51 0.54
N GLN A 81 -56.73 20.78 0.39
CA GLN A 81 -56.69 19.35 0.16
C GLN A 81 -57.71 18.96 -0.91
N GLU A 82 -57.74 19.71 -2.01
CA GLU A 82 -58.70 19.42 -3.08
C GLU A 82 -58.52 18.00 -3.61
N GLN A 83 -57.28 17.57 -3.81
CA GLN A 83 -57.05 16.21 -4.32
C GLN A 83 -57.53 15.16 -3.34
N ALA A 84 -57.28 15.36 -2.04
CA ALA A 84 -57.71 14.38 -1.05
C ALA A 84 -59.23 14.22 -1.03
N LYS A 85 -59.96 15.34 -1.08
CA LYS A 85 -61.42 15.26 -1.06
C LYS A 85 -61.97 14.70 -2.35
N LYS A 86 -61.24 14.83 -3.47
CA LYS A 86 -61.74 14.29 -4.73
C LYS A 86 -61.69 12.77 -4.73
N VAL A 87 -60.56 12.20 -4.30
CA VAL A 87 -60.45 10.74 -4.27
C VAL A 87 -61.42 10.15 -3.25
N LEU A 88 -61.52 10.77 -2.07
CA LEU A 88 -62.43 10.26 -1.04
C LEU A 88 -63.88 10.36 -1.50
N ALA A 89 -64.22 11.43 -2.23
CA ALA A 89 -65.59 11.61 -2.69
C ALA A 89 -65.97 10.56 -3.72
N VAL A 90 -65.04 10.20 -4.61
CA VAL A 90 -65.34 9.21 -5.64
C VAL A 90 -65.50 7.82 -5.02
N ALA A 91 -64.59 7.44 -4.13
CA ALA A 91 -64.65 6.12 -3.51
C ALA A 91 -65.90 5.97 -2.65
N VAL A 92 -66.21 6.98 -1.83
CA VAL A 92 -67.38 6.90 -0.97
C VAL A 92 -68.66 6.87 -1.81
N TYR A 93 -68.70 7.68 -2.88
CA TYR A 93 -69.88 7.70 -3.73
C TYR A 93 -70.12 6.35 -4.39
N ASN A 94 -69.05 5.69 -4.84
CA ASN A 94 -69.20 4.40 -5.48
C ASN A 94 -69.78 3.37 -4.51
N HIS A 95 -69.30 3.39 -3.25
CA HIS A 95 -69.81 2.43 -2.28
C HIS A 95 -71.30 2.61 -2.06
N TYR A 96 -71.76 3.86 -1.99
CA TYR A 96 -73.19 4.10 -1.79
C TYR A 96 -74.01 3.55 -2.96
N LYS A 97 -73.46 3.61 -4.17
CA LYS A 97 -74.20 3.09 -5.32
C LYS A 97 -74.43 1.59 -5.17
N ARG A 98 -73.40 0.86 -4.74
CA ARG A 98 -73.55 -0.58 -4.55
C ARG A 98 -74.57 -0.89 -3.46
N LEU A 99 -74.55 -0.10 -2.38
CA LEU A 99 -75.51 -0.31 -1.30
C LEU A 99 -76.94 -0.06 -1.78
N ARG A 100 -77.12 0.93 -2.63
CA ARG A 100 -78.46 1.24 -3.14
C ARG A 100 -79.03 0.05 -3.91
N ASN A 101 -78.21 -0.58 -4.74
CA ASN A 101 -78.61 -1.74 -5.54
C ASN A 101 -77.57 -2.83 -5.31
N GLY A 102 -77.80 -3.65 -4.29
CA GLY A 102 -76.89 -4.72 -3.94
C GLY A 102 -77.01 -5.97 -4.79
N ASP A 103 -77.94 -5.99 -5.75
CA ASP A 103 -78.10 -7.17 -6.60
C ASP A 103 -76.84 -7.44 -7.41
N THR A 104 -76.08 -6.41 -7.74
CA THR A 104 -74.85 -6.51 -8.53
C THR A 104 -75.01 -7.54 -9.65
N SER A 105 -75.99 -7.28 -10.52
CA SER A 105 -76.25 -8.19 -11.64
C SER A 105 -75.01 -8.43 -12.48
N ASN A 106 -74.12 -7.45 -12.57
CA ASN A 106 -72.91 -7.61 -13.35
C ASN A 106 -72.09 -8.78 -12.84
N GLY A 107 -71.56 -9.58 -13.77
CA GLY A 107 -70.77 -10.75 -13.37
C GLY A 107 -69.57 -10.37 -12.53
N VAL A 108 -68.84 -9.33 -12.95
CA VAL A 108 -67.66 -8.90 -12.21
C VAL A 108 -68.10 -8.27 -10.90
N GLU A 109 -67.49 -8.72 -9.79
CA GLU A 109 -67.80 -8.22 -8.46
C GLU A 109 -66.78 -7.17 -8.09
N LEU A 110 -67.22 -5.91 -8.03
CA LEU A 110 -66.32 -4.82 -7.68
C LEU A 110 -65.80 -4.99 -6.26
N GLY A 111 -64.50 -4.77 -6.09
CA GLY A 111 -63.91 -4.92 -4.76
C GLY A 111 -64.42 -3.85 -3.80
N LYS A 112 -64.38 -4.19 -2.51
CA LYS A 112 -64.85 -3.26 -1.50
C LYS A 112 -64.03 -1.97 -1.56
N SER A 113 -64.73 -0.83 -1.51
CA SER A 113 -64.09 0.48 -1.57
C SER A 113 -63.82 0.97 -0.16
N ASN A 114 -62.60 0.74 0.32
CA ASN A 114 -62.16 1.17 1.63
C ASN A 114 -61.08 2.23 1.46
N ILE A 115 -61.36 3.45 1.89
CA ILE A 115 -60.43 4.56 1.75
C ILE A 115 -59.48 4.59 2.94
N LEU A 116 -58.21 4.86 2.66
CA LEU A 116 -57.17 4.94 3.67
C LEU A 116 -56.69 6.38 3.76
N LEU A 117 -56.73 6.96 4.95
CA LEU A 117 -56.31 8.34 5.18
C LEU A 117 -54.89 8.32 5.76
N ILE A 118 -53.91 8.62 4.92
CA ILE A 118 -52.51 8.66 5.30
C ILE A 118 -51.93 10.00 4.89
N GLY A 119 -51.23 10.66 5.82
CA GLY A 119 -50.64 11.95 5.53
C GLY A 119 -49.80 12.45 6.69
N PRO A 120 -49.16 13.60 6.48
CA PRO A 120 -48.32 14.18 7.54
C PRO A 120 -49.14 14.64 8.73
N THR A 121 -48.49 14.67 9.89
CA THR A 121 -49.16 15.09 11.12
C THR A 121 -49.64 16.53 10.98
N GLY A 122 -50.86 16.79 11.48
CA GLY A 122 -51.43 18.10 11.41
C GLY A 122 -52.11 18.44 10.09
N SER A 123 -52.10 17.52 9.12
CA SER A 123 -52.75 17.79 7.84
C SER A 123 -54.25 17.96 8.01
N GLY A 124 -54.87 17.19 8.90
CA GLY A 124 -56.30 17.28 9.13
C GLY A 124 -57.04 16.01 8.78
N LYS A 125 -56.36 14.86 8.91
CA LYS A 125 -57.01 13.59 8.60
C LYS A 125 -58.23 13.37 9.48
N THR A 126 -58.09 13.60 10.79
CA THR A 126 -59.23 13.45 11.68
C THR A 126 -60.32 14.45 11.35
N LEU A 127 -59.95 15.63 10.86
CA LEU A 127 -60.94 16.64 10.50
C LEU A 127 -61.81 16.16 9.35
N LEU A 128 -61.20 15.45 8.39
CA LEU A 128 -61.98 14.92 7.27
C LEU A 128 -63.03 13.93 7.74
N ALA A 129 -62.68 13.08 8.70
CA ALA A 129 -63.63 12.10 9.20
C ALA A 129 -64.82 12.75 9.88
N GLU A 130 -64.57 13.81 10.66
CA GLU A 130 -65.66 14.50 11.34
C GLU A 130 -66.55 15.26 10.37
N THR A 131 -65.94 15.93 9.38
CA THR A 131 -66.72 16.69 8.42
C THR A 131 -67.67 15.80 7.63
N LEU A 132 -67.17 14.67 7.11
CA LEU A 132 -68.02 13.77 6.35
C LEU A 132 -69.14 13.19 7.20
N ALA A 133 -68.94 13.10 8.52
CA ALA A 133 -69.98 12.55 9.39
C ALA A 133 -71.20 13.45 9.40
N ARG A 134 -70.99 14.77 9.43
CA ARG A 134 -72.13 15.69 9.45
C ARG A 134 -72.96 15.57 8.17
N LEU A 135 -72.29 15.48 7.03
CA LEU A 135 -73.02 15.36 5.76
C LEU A 135 -73.84 14.09 5.71
N LEU A 136 -73.27 12.97 6.16
CA LEU A 136 -73.98 11.69 6.15
C LEU A 136 -74.88 11.56 7.37
N ASP A 137 -75.94 10.78 7.23
CA ASP A 137 -76.89 10.54 8.30
C ASP A 137 -76.69 9.17 8.96
N VAL A 138 -75.94 8.27 8.34
CA VAL A 138 -75.69 6.95 8.89
C VAL A 138 -74.79 7.10 10.11
N PRO A 139 -74.83 6.16 11.07
CA PRO A 139 -73.98 6.29 12.26
C PRO A 139 -72.50 6.30 11.88
N PHE A 140 -71.73 7.11 12.61
CA PHE A 140 -70.29 7.24 12.38
C PHE A 140 -69.60 7.33 13.73
N THR A 141 -68.82 6.30 14.06
CA THR A 141 -68.10 6.24 15.32
C THR A 141 -66.59 6.21 15.04
N MET A 142 -65.83 6.89 15.90
CA MET A 142 -64.39 6.97 15.79
C MET A 142 -63.75 6.19 16.93
N ALA A 143 -62.75 5.37 16.60
CA ALA A 143 -62.04 4.56 17.59
C ALA A 143 -60.55 4.66 17.31
N ASP A 144 -59.77 4.86 18.38
CA ASP A 144 -58.32 4.96 18.27
C ASP A 144 -57.71 3.59 18.51
N ALA A 145 -56.86 3.15 17.57
CA ALA A 145 -56.23 1.84 17.68
C ALA A 145 -55.33 1.70 18.90
N THR A 146 -54.94 2.82 19.53
CA THR A 146 -54.08 2.73 20.70
C THR A 146 -54.76 1.96 21.83
N THR A 147 -56.05 2.24 22.06
CA THR A 147 -56.77 1.53 23.12
C THR A 147 -57.11 0.10 22.73
N LEU A 148 -57.26 -0.17 21.44
CA LEU A 148 -57.58 -1.51 20.99
C LEU A 148 -56.49 -2.50 21.40
N THR A 149 -56.91 -3.65 21.90
CA THR A 149 -55.99 -4.70 22.35
C THR A 149 -56.63 -6.05 22.08
N GLU A 150 -55.88 -7.11 22.40
CA GLU A 150 -56.38 -8.46 22.21
C GLU A 150 -57.44 -8.80 23.25
N ALA A 151 -58.31 -9.74 22.88
CA ALA A 151 -59.38 -10.15 23.79
C ALA A 151 -58.82 -10.93 24.97
N GLY A 152 -59.53 -10.85 26.09
CA GLY A 152 -59.12 -11.54 27.29
C GLY A 152 -58.10 -10.81 28.12
N TYR A 153 -57.98 -9.49 27.95
CA TYR A 153 -57.03 -8.68 28.70
C TYR A 153 -57.73 -7.43 29.21
N VAL A 154 -57.08 -6.75 30.16
CA VAL A 154 -57.64 -5.53 30.73
C VAL A 154 -57.83 -4.46 29.66
N GLY A 155 -57.05 -4.52 28.59
CA GLY A 155 -57.17 -3.54 27.53
C GLY A 155 -58.51 -3.61 26.84
N GLU A 156 -58.89 -2.48 26.23
CA GLU A 156 -60.16 -2.41 25.53
C GLU A 156 -60.20 -3.41 24.39
N ASP A 157 -61.23 -4.27 24.40
CA ASP A 157 -61.36 -5.29 23.37
C ASP A 157 -61.72 -4.68 22.02
N VAL A 158 -61.22 -5.30 20.96
CA VAL A 158 -61.49 -4.81 19.61
C VAL A 158 -62.89 -5.16 19.14
N GLU A 159 -63.53 -6.16 19.76
CA GLU A 159 -64.88 -6.54 19.35
C GLU A 159 -65.92 -5.51 19.76
N ASN A 160 -65.56 -4.52 20.58
CA ASN A 160 -66.50 -3.49 21.00
C ASN A 160 -66.70 -2.39 19.97
N ILE A 161 -65.87 -2.35 18.92
CA ILE A 161 -66.02 -1.30 17.91
C ILE A 161 -67.36 -1.42 17.21
N ILE A 162 -67.75 -2.65 16.84
CA ILE A 162 -69.03 -2.84 16.18
C ILE A 162 -70.17 -2.46 17.11
N GLN A 163 -70.02 -2.74 18.41
CA GLN A 163 -71.06 -2.38 19.36
C GLN A 163 -71.25 -0.87 19.42
N LYS A 164 -70.14 -0.12 19.34
CA LYS A 164 -70.23 1.34 19.39
C LYS A 164 -71.07 1.88 18.24
N LEU A 165 -71.09 1.17 17.11
CA LEU A 165 -71.89 1.62 15.97
C LEU A 165 -73.37 1.39 16.21
N LEU A 166 -73.72 0.35 16.97
CA LEU A 166 -75.13 0.07 17.23
C LEU A 166 -75.72 1.05 18.23
N GLN A 167 -74.97 1.40 19.28
CA GLN A 167 -75.49 2.32 20.28
C GLN A 167 -75.77 3.69 19.67
N LYS A 168 -74.89 4.16 18.78
CA LYS A 168 -75.09 5.47 18.16
C LYS A 168 -76.34 5.49 17.29
N CYS A 169 -76.83 4.33 16.84
CA CYS A 169 -78.02 4.24 16.01
C CYS A 169 -79.28 3.97 16.82
N ASP A 170 -79.20 4.08 18.15
CA ASP A 170 -80.36 3.84 19.02
C ASP A 170 -80.80 2.38 18.95
N TYR A 171 -79.83 1.46 18.97
CA TYR A 171 -80.08 0.02 18.92
C TYR A 171 -80.85 -0.38 17.66
N ASP A 172 -80.80 0.44 16.61
CA ASP A 172 -81.48 0.13 15.35
C ASP A 172 -80.57 -0.78 14.55
N VAL A 173 -80.67 -2.09 14.83
CA VAL A 173 -79.83 -3.06 14.15
C VAL A 173 -80.15 -3.09 12.65
N GLN A 174 -81.42 -3.01 12.30
CA GLN A 174 -81.81 -3.05 10.89
C GLN A 174 -81.14 -1.93 10.11
N LYS A 175 -81.18 -0.70 10.64
CA LYS A 175 -80.60 0.45 9.98
C LYS A 175 -79.11 0.60 10.25
N ALA A 176 -78.55 -0.15 11.20
CA ALA A 176 -77.13 -0.05 11.53
C ALA A 176 -76.25 -0.85 10.58
N GLN A 177 -76.83 -1.75 9.77
CA GLN A 177 -76.02 -2.54 8.84
C GLN A 177 -75.42 -1.70 7.73
N ARG A 178 -75.91 -0.47 7.54
CA ARG A 178 -75.41 0.44 6.50
C ARG A 178 -74.54 1.55 7.08
N GLY A 179 -74.04 1.37 8.31
CA GLY A 179 -73.22 2.37 8.95
C GLY A 179 -71.80 2.39 8.43
N ILE A 180 -71.04 3.37 8.92
CA ILE A 180 -69.64 3.57 8.56
C ILE A 180 -68.85 3.79 9.84
N VAL A 181 -67.70 3.14 9.94
CA VAL A 181 -66.83 3.25 11.11
C VAL A 181 -65.44 3.65 10.64
N TYR A 182 -64.83 4.60 11.36
CA TYR A 182 -63.51 5.10 11.05
C TYR A 182 -62.53 4.75 12.17
N ILE A 183 -61.31 4.39 11.78
CA ILE A 183 -60.25 4.02 12.71
C ILE A 183 -59.12 5.03 12.55
N ASP A 184 -58.61 5.55 13.65
CA ASP A 184 -57.54 6.52 13.66
C ASP A 184 -56.30 5.94 14.32
N GLU A 185 -55.13 6.38 13.86
CA GLU A 185 -53.84 5.95 14.38
C GLU A 185 -53.62 4.45 14.15
N ILE A 186 -53.79 4.03 12.90
CA ILE A 186 -53.61 2.63 12.55
C ILE A 186 -52.14 2.23 12.66
N ASP A 187 -51.24 3.14 12.30
CA ASP A 187 -49.81 2.84 12.35
C ASP A 187 -49.32 2.55 13.77
N LYS A 188 -50.07 2.96 14.80
CA LYS A 188 -49.64 2.72 16.17
C LYS A 188 -49.71 1.25 16.54
N ILE A 189 -50.53 0.45 15.86
CA ILE A 189 -50.64 -0.97 16.15
C ILE A 189 -49.80 -1.81 15.20
N SER A 190 -48.86 -1.18 14.49
CA SER A 190 -48.01 -1.93 13.57
C SER A 190 -47.25 -3.01 14.34
N ARG A 191 -47.16 -4.19 13.74
CA ARG A 191 -46.46 -5.29 14.40
C ARG A 191 -45.02 -4.91 14.71
N LYS A 192 -44.61 -5.16 15.94
CA LYS A 192 -43.26 -4.86 16.41
C LYS A 192 -42.68 -6.10 17.06
N SER A 193 -41.36 -6.23 16.99
CA SER A 193 -40.69 -7.37 17.61
C SER A 193 -41.01 -7.40 19.09
N ASP A 194 -41.41 -8.58 19.58
CA ASP A 194 -41.75 -8.77 20.98
C ASP A 194 -40.55 -9.14 21.84
N ASN A 195 -39.35 -8.77 21.42
CA ASN A 195 -38.16 -9.13 22.18
C ASN A 195 -38.11 -8.39 23.52
N PRO A 196 -37.91 -7.07 23.59
CA PRO A 196 -37.98 -6.41 24.92
C PRO A 196 -39.39 -6.21 25.44
N SER A 197 -40.42 -6.53 24.66
CA SER A 197 -41.79 -6.34 25.09
C SER A 197 -42.08 -7.13 26.37
N ILE A 198 -43.25 -6.87 26.95
CA ILE A 198 -43.69 -7.52 28.17
C ILE A 198 -43.92 -9.00 27.85
N THR A 199 -44.01 -9.83 28.90
CA THR A 199 -44.22 -11.26 28.74
C THR A 199 -45.12 -11.61 27.56
N ARG A 200 -46.29 -10.97 27.48
CA ARG A 200 -47.24 -11.20 26.41
C ARG A 200 -47.48 -9.88 25.69
N ASP A 201 -47.24 -9.88 24.37
CA ASP A 201 -47.44 -8.67 23.56
C ASP A 201 -48.93 -8.55 23.26
N VAL A 202 -49.66 -8.02 24.24
CA VAL A 202 -51.10 -7.86 24.09
C VAL A 202 -51.41 -6.90 22.94
N SER A 203 -50.66 -5.81 22.84
CA SER A 203 -50.86 -4.82 21.79
C SER A 203 -49.82 -5.01 20.70
N GLY A 204 -50.28 -5.09 19.45
CA GLY A 204 -49.39 -5.27 18.32
C GLY A 204 -50.04 -5.97 17.15
N GLU A 205 -49.37 -7.03 16.65
CA GLU A 205 -49.92 -7.76 15.51
C GLU A 205 -51.26 -8.40 15.84
N GLY A 206 -51.52 -8.68 17.12
CA GLY A 206 -52.79 -9.28 17.50
C GLY A 206 -53.97 -8.41 17.13
N VAL A 207 -53.85 -7.10 17.36
CA VAL A 207 -54.95 -6.18 17.04
C VAL A 207 -55.17 -6.13 15.53
N GLN A 208 -54.08 -6.10 14.76
CA GLN A 208 -54.22 -6.04 13.30
C GLN A 208 -54.93 -7.28 12.76
N GLN A 209 -54.57 -8.46 13.26
CA GLN A 209 -55.21 -9.68 12.77
C GLN A 209 -56.70 -9.71 13.13
N ALA A 210 -57.04 -9.28 14.34
CA ALA A 210 -58.44 -9.27 14.74
C ALA A 210 -59.25 -8.33 13.86
N LEU A 211 -58.71 -7.15 13.57
CA LEU A 211 -59.42 -6.20 12.71
C LEU A 211 -59.64 -6.78 11.32
N LEU A 212 -58.64 -7.50 10.80
CA LEU A 212 -58.77 -8.08 9.46
C LEU A 212 -59.98 -9.00 9.36
N LYS A 213 -60.39 -9.59 10.49
CA LYS A 213 -61.54 -10.49 10.47
C LYS A 213 -62.80 -9.73 10.04
N LEU A 214 -63.00 -8.53 10.59
CA LEU A 214 -64.18 -7.73 10.24
C LEU A 214 -64.04 -7.07 8.88
N ILE A 215 -62.82 -6.64 8.50
CA ILE A 215 -62.64 -5.99 7.21
C ILE A 215 -63.00 -6.94 6.08
N GLU A 216 -62.55 -8.19 6.16
CA GLU A 216 -62.87 -9.16 5.11
C GLU A 216 -64.37 -9.40 5.02
N GLY A 217 -65.07 -9.34 6.14
CA GLY A 217 -66.51 -9.55 6.16
C GLY A 217 -66.90 -10.84 6.86
N THR A 218 -67.34 -10.72 8.11
CA THR A 218 -67.75 -11.88 8.90
C THR A 218 -68.91 -11.48 9.79
N VAL A 219 -69.69 -12.47 10.21
CA VAL A 219 -70.84 -12.27 11.07
C VAL A 219 -70.43 -12.60 12.50
N ALA A 220 -70.54 -11.61 13.39
CA ALA A 220 -70.19 -11.80 14.78
C ALA A 220 -71.02 -10.87 15.64
N ALA A 221 -71.13 -11.20 16.92
CA ALA A 221 -71.90 -10.40 17.87
C ALA A 221 -70.97 -9.50 18.68
N PHE A 235 -76.87 -10.13 21.88
CA PHE A 235 -77.24 -9.14 20.87
C PHE A 235 -77.68 -9.82 19.57
N LEU A 236 -77.87 -9.03 18.53
CA LEU A 236 -78.27 -9.51 17.22
C LEU A 236 -77.07 -9.53 16.28
N GLN A 237 -76.89 -10.64 15.58
CA GLN A 237 -75.78 -10.77 14.66
C GLN A 237 -75.84 -9.68 13.60
N VAL A 238 -74.70 -9.04 13.34
CA VAL A 238 -74.59 -7.96 12.37
C VAL A 238 -73.57 -8.36 11.31
N ASP A 239 -73.95 -8.22 10.04
CA ASP A 239 -73.08 -8.55 8.92
C ASP A 239 -72.23 -7.33 8.58
N THR A 240 -70.91 -7.49 8.62
CA THR A 240 -69.98 -6.42 8.32
C THR A 240 -69.52 -6.40 6.87
N SER A 241 -70.06 -7.28 6.02
CA SER A 241 -69.63 -7.30 4.62
C SER A 241 -69.96 -5.99 3.91
N LYS A 242 -71.15 -5.45 4.17
CA LYS A 242 -71.60 -4.21 3.53
C LYS A 242 -71.33 -2.97 4.38
N ILE A 243 -70.69 -3.12 5.54
CA ILE A 243 -70.41 -1.96 6.40
C ILE A 243 -69.12 -1.31 5.90
N LEU A 244 -69.25 -0.07 5.42
CA LEU A 244 -68.09 0.65 4.92
C LEU A 244 -67.06 0.85 6.03
N PHE A 245 -65.80 0.60 5.70
CA PHE A 245 -64.69 0.74 6.64
C PHE A 245 -63.68 1.74 6.10
N ILE A 246 -63.32 2.71 6.93
CA ILE A 246 -62.37 3.76 6.58
C ILE A 246 -61.24 3.73 7.59
N CYS A 247 -60.01 3.72 7.11
CA CYS A 247 -58.83 3.70 7.95
C CYS A 247 -58.20 5.09 7.99
N GLY A 248 -57.38 5.32 9.00
CA GLY A 248 -56.70 6.60 9.18
C GLY A 248 -55.33 6.41 9.78
N GLY A 249 -54.91 7.41 10.55
CA GLY A 249 -53.61 7.36 11.19
C GLY A 249 -52.50 7.91 10.33
N ALA A 250 -51.59 8.67 10.93
CA ALA A 250 -50.45 9.26 10.22
C ALA A 250 -49.26 8.33 10.37
N PHE A 251 -48.86 7.70 9.26
CA PHE A 251 -47.73 6.78 9.25
C PHE A 251 -46.45 7.57 9.42
N ALA A 252 -45.87 7.53 10.62
CA ALA A 252 -44.63 8.23 10.92
C ALA A 252 -43.45 7.33 10.56
N GLY A 253 -42.61 7.79 9.64
CA GLY A 253 -41.47 7.03 9.20
C GLY A 253 -41.65 6.30 7.88
N LEU A 254 -42.89 6.21 7.38
CA LEU A 254 -43.12 5.53 6.11
C LEU A 254 -42.46 6.26 4.96
N ASP A 255 -42.21 7.57 5.09
CA ASP A 255 -41.56 8.32 4.02
C ASP A 255 -40.12 7.86 3.80
N LYS A 256 -39.51 7.22 4.80
CA LYS A 256 -38.13 6.76 4.63
C LYS A 256 -38.05 5.59 3.67
N VAL A 257 -38.95 4.61 3.81
CA VAL A 257 -38.93 3.45 2.92
C VAL A 257 -39.37 3.85 1.51
N ILE A 258 -40.38 4.72 1.40
CA ILE A 258 -40.85 5.15 0.09
C ILE A 258 -39.76 5.89 -0.65
N SER A 259 -39.06 6.80 0.04
CA SER A 259 -37.99 7.56 -0.60
C SER A 259 -36.81 6.68 -0.96
N HIS A 260 -36.53 5.65 -0.15
CA HIS A 260 -35.41 4.77 -0.44
C HIS A 260 -35.60 4.00 -1.74
N ARG A 261 -36.82 3.51 -1.98
CA ARG A 261 -37.09 2.73 -3.19
C ARG A 261 -37.15 3.61 -4.44
N VAL A 262 -37.84 4.74 -4.38
CA VAL A 262 -37.97 5.60 -5.55
C VAL A 262 -36.65 6.29 -5.89
N GLU A 263 -35.91 6.73 -4.88
CA GLU A 263 -34.65 7.43 -5.13
C GLU A 263 -33.66 6.53 -5.87
N THR A 264 -32.91 7.14 -6.78
CA THR A 264 -31.92 6.46 -7.58
C THR A 264 -30.56 7.13 -7.40
N GLY A 265 -29.51 6.43 -7.82
CA GLY A 265 -28.18 6.98 -7.70
C GLY A 265 -27.93 8.14 -8.64
N SER A 266 -26.86 8.87 -8.36
CA SER A 266 -26.46 10.03 -9.14
C SER A 266 -25.07 9.81 -9.70
N GLY A 267 -24.88 10.22 -10.95
CA GLY A 267 -23.58 10.06 -11.60
C GLY A 267 -22.55 11.02 -11.05
N ILE A 268 -21.31 10.79 -11.47
CA ILE A 268 -20.18 11.62 -11.04
C ILE A 268 -19.52 12.36 -12.19
N GLY A 269 -19.65 11.90 -13.43
CA GLY A 269 -19.03 12.57 -14.55
C GLY A 269 -19.70 13.89 -14.89
N PHE A 270 -19.11 14.57 -15.87
CA PHE A 270 -19.66 15.86 -16.30
C PHE A 270 -21.07 15.71 -16.83
N GLY A 271 -21.32 14.68 -17.63
CA GLY A 271 -22.65 14.45 -18.16
C GLY A 271 -23.52 13.63 -17.23
N ALA A 272 -23.62 14.05 -15.98
CA ALA A 272 -24.40 13.36 -14.97
C ALA A 272 -25.37 14.34 -14.31
N THR A 273 -26.51 13.81 -13.89
CA THR A 273 -27.54 14.62 -13.24
C THR A 273 -27.28 14.61 -11.74
N VAL A 274 -26.90 15.77 -11.20
CA VAL A 274 -26.61 15.93 -9.78
C VAL A 274 -27.71 16.79 -9.16
N LYS A 275 -28.35 16.28 -8.12
CA LYS A 275 -29.43 16.98 -7.43
C LYS A 275 -28.97 17.34 -6.02
N ALA A 276 -29.11 18.62 -5.68
CA ALA A 276 -28.71 19.08 -4.36
C ALA A 276 -29.65 18.52 -3.29
N LYS A 277 -29.11 18.40 -2.07
CA LYS A 277 -29.92 17.88 -0.96
C LYS A 277 -31.09 18.80 -0.67
N SER A 278 -30.87 20.11 -0.71
CA SER A 278 -31.95 21.05 -0.45
C SER A 278 -33.06 20.91 -1.49
N ASP A 279 -32.69 20.72 -2.76
CA ASP A 279 -33.66 20.57 -3.84
C ASP A 279 -34.06 19.09 -3.94
N LYS A 280 -34.74 18.63 -2.89
CA LYS A 280 -35.21 17.26 -2.80
C LYS A 280 -36.74 17.25 -2.83
N ALA A 281 -37.30 16.21 -3.44
CA ALA A 281 -38.76 16.10 -3.55
C ALA A 281 -39.42 16.23 -2.19
N SER A 282 -40.44 17.07 -2.11
CA SER A 282 -41.15 17.27 -0.86
C SER A 282 -41.90 16.00 -0.45
N GLU A 283 -42.17 15.90 0.85
CA GLU A 283 -42.87 14.72 1.36
C GLU A 283 -44.21 14.52 0.68
N GLY A 284 -44.83 15.60 0.18
CA GLY A 284 -46.10 15.46 -0.48
C GLY A 284 -46.03 14.59 -1.72
N GLU A 285 -44.96 14.74 -2.50
CA GLU A 285 -44.81 13.93 -3.70
C GLU A 285 -44.47 12.49 -3.37
N LEU A 286 -43.65 12.28 -2.32
CA LEU A 286 -43.28 10.91 -1.95
C LEU A 286 -44.50 10.10 -1.55
N LEU A 287 -45.40 10.69 -0.77
CA LEU A 287 -46.61 9.98 -0.36
C LEU A 287 -47.56 9.74 -1.53
N ALA A 288 -47.50 10.61 -2.55
CA ALA A 288 -48.37 10.45 -3.71
C ALA A 288 -48.09 9.16 -4.46
N GLN A 289 -46.87 8.61 -4.33
CA GLN A 289 -46.47 7.37 -4.98
C GLN A 289 -46.08 6.37 -3.91
N VAL A 290 -46.97 5.39 -3.67
CA VAL A 290 -46.74 4.36 -2.66
C VAL A 290 -47.05 3.00 -3.28
N GLU A 291 -46.43 1.97 -2.72
CA GLU A 291 -46.60 0.59 -3.16
C GLU A 291 -46.93 -0.28 -1.95
N PRO A 292 -47.60 -1.41 -2.16
CA PRO A 292 -47.94 -2.27 -1.02
C PRO A 292 -46.74 -2.76 -0.22
N GLU A 293 -45.61 -3.02 -0.88
CA GLU A 293 -44.44 -3.49 -0.14
C GLU A 293 -44.01 -2.50 0.93
N ASP A 294 -44.22 -1.21 0.71
CA ASP A 294 -43.85 -0.22 1.73
C ASP A 294 -44.66 -0.39 3.00
N LEU A 295 -45.98 -0.61 2.86
CA LEU A 295 -46.82 -0.78 4.03
C LEU A 295 -46.47 -2.05 4.80
N ILE A 296 -46.21 -3.14 4.09
CA ILE A 296 -45.85 -4.40 4.77
C ILE A 296 -44.56 -4.21 5.56
N LYS A 297 -43.56 -3.56 4.96
CA LYS A 297 -42.31 -3.32 5.66
C LYS A 297 -42.50 -2.45 6.88
N PHE A 298 -43.54 -1.59 6.86
CA PHE A 298 -43.79 -0.73 8.01
C PHE A 298 -44.32 -1.51 9.20
N GLY A 299 -45.04 -2.61 8.95
CA GLY A 299 -45.57 -3.42 10.02
C GLY A 299 -46.96 -3.96 9.74
N LEU A 300 -47.71 -3.28 8.87
CA LEU A 300 -49.06 -3.74 8.55
C LEU A 300 -49.00 -5.13 7.94
N ILE A 301 -49.91 -6.00 8.37
CA ILE A 301 -49.93 -7.36 7.82
C ILE A 301 -50.25 -7.28 6.33
N PRO A 302 -49.70 -8.17 5.49
CA PRO A 302 -49.97 -8.07 4.05
C PRO A 302 -51.44 -8.16 3.68
N GLU A 303 -52.23 -8.94 4.41
CA GLU A 303 -53.65 -9.07 4.07
C GLU A 303 -54.38 -7.75 4.26
N PHE A 304 -54.00 -6.97 5.28
CA PHE A 304 -54.68 -5.70 5.53
C PHE A 304 -54.53 -4.73 4.35
N ILE A 305 -53.34 -4.69 3.75
CA ILE A 305 -53.12 -3.78 2.63
C ILE A 305 -54.05 -4.12 1.46
N GLY A 306 -54.19 -5.41 1.16
CA GLY A 306 -55.05 -5.81 0.05
C GLY A 306 -56.50 -5.41 0.26
N ARG A 307 -56.97 -5.46 1.51
CA ARG A 307 -58.37 -5.12 1.78
C ARG A 307 -58.66 -3.64 1.55
N LEU A 308 -57.64 -2.79 1.44
CA LEU A 308 -57.86 -1.37 1.23
C LEU A 308 -57.41 -0.97 -0.16
N PRO A 309 -58.18 -1.28 -1.21
CA PRO A 309 -57.76 -0.89 -2.56
C PRO A 309 -57.65 0.62 -2.74
N VAL A 310 -58.49 1.39 -2.08
CA VAL A 310 -58.48 2.85 -2.18
C VAL A 310 -57.53 3.39 -1.13
N VAL A 311 -56.60 4.26 -1.55
CA VAL A 311 -55.63 4.87 -0.66
C VAL A 311 -55.65 6.37 -0.93
N ALA A 312 -56.37 7.11 -0.09
CA ALA A 312 -56.47 8.57 -0.23
C ALA A 312 -55.28 9.18 0.50
N THR A 313 -54.30 9.65 -0.26
CA THR A 313 -53.09 10.25 0.30
C THR A 313 -53.25 11.77 0.35
N LEU A 314 -52.97 12.34 1.51
CA LEU A 314 -53.04 13.78 1.72
C LEU A 314 -51.67 14.41 1.56
N ASN A 315 -51.65 15.74 1.52
CA ASN A 315 -50.42 16.50 1.37
C ASN A 315 -50.36 17.60 2.41
N GLU A 316 -49.14 17.92 2.85
CA GLU A 316 -48.96 18.97 3.84
C GLU A 316 -49.52 20.30 3.33
N LEU A 317 -50.18 21.03 4.21
CA LEU A 317 -50.76 22.31 3.84
C LEU A 317 -49.68 23.27 3.38
N SER A 318 -49.91 23.92 2.24
CA SER A 318 -48.96 24.88 1.69
C SER A 318 -49.11 26.23 2.40
N GLU A 319 -48.21 27.15 2.05
CA GLU A 319 -48.26 28.48 2.66
C GLU A 319 -49.58 29.18 2.34
N GLU A 320 -50.04 29.07 1.10
CA GLU A 320 -51.31 29.70 0.72
C GLU A 320 -52.48 29.08 1.47
N ALA A 321 -52.42 27.78 1.74
CA ALA A 321 -53.50 27.13 2.46
C ALA A 321 -53.49 27.48 3.94
N LEU A 322 -52.31 27.73 4.51
CA LEU A 322 -52.23 28.08 5.93
C LEU A 322 -52.90 29.41 6.21
N ILE A 323 -52.67 30.41 5.36
CA ILE A 323 -53.29 31.72 5.57
C ILE A 323 -54.81 31.61 5.48
N GLN A 324 -55.31 30.82 4.53
CA GLN A 324 -56.75 30.66 4.40
C GLN A 324 -57.34 30.02 5.65
N ILE A 325 -56.68 28.97 6.16
CA ILE A 325 -57.17 28.32 7.37
C ILE A 325 -56.99 29.22 8.58
N LEU A 326 -56.19 30.27 8.46
CA LEU A 326 -55.94 31.19 9.57
C LEU A 326 -57.02 32.25 9.70
N LYS A 327 -57.77 32.55 8.63
CA LYS A 327 -58.81 33.57 8.66
C LYS A 327 -60.19 33.04 8.31
N GLU A 328 -60.32 32.33 7.18
CA GLU A 328 -61.63 31.85 6.75
C GLU A 328 -62.34 30.98 7.78
N PRO A 329 -61.70 29.99 8.40
CA PRO A 329 -62.44 29.16 9.37
C PRO A 329 -63.08 29.99 10.47
N LYS A 330 -64.30 29.58 10.85
CA LYS A 330 -65.04 30.29 11.89
C LYS A 330 -64.29 30.25 13.22
N ASN A 331 -63.69 29.11 13.55
CA ASN A 331 -62.94 28.95 14.79
C ASN A 331 -61.45 29.21 14.60
N ALA A 332 -61.09 30.08 13.67
CA ALA A 332 -59.69 30.38 13.42
C ALA A 332 -59.04 30.93 14.68
N LEU A 333 -57.80 30.50 14.94
CA LEU A 333 -57.09 30.95 16.13
C LEU A 333 -56.96 32.47 16.17
N THR A 334 -56.91 33.13 15.02
CA THR A 334 -56.81 34.58 15.01
C THR A 334 -57.99 35.21 15.74
N LYS A 335 -59.21 34.74 15.43
CA LYS A 335 -60.39 35.27 16.11
C LYS A 335 -60.49 34.77 17.54
N GLN A 336 -59.87 33.61 17.84
CA GLN A 336 -59.91 33.11 19.21
C GLN A 336 -59.22 34.08 20.16
N TYR A 337 -58.05 34.59 19.76
CA TYR A 337 -57.34 35.54 20.61
C TYR A 337 -58.07 36.87 20.68
N GLN A 338 -58.69 37.29 19.57
CA GLN A 338 -59.43 38.55 19.57
C GLN A 338 -60.55 38.51 20.61
N ALA A 339 -61.27 37.39 20.68
CA ALA A 339 -62.33 37.27 21.67
C ALA A 339 -61.77 37.15 23.08
N LEU A 340 -60.57 36.58 23.21
CA LEU A 340 -59.95 36.44 24.52
C LEU A 340 -59.68 37.80 25.15
N PHE A 341 -59.18 38.74 24.35
CA PHE A 341 -58.89 40.08 24.87
C PHE A 341 -60.17 40.88 25.13
N ASN A 342 -61.29 40.49 24.51
CA ASN A 342 -62.53 41.22 24.73
C ASN A 342 -63.01 41.11 26.16
N LEU A 343 -62.50 40.14 26.93
CA LEU A 343 -62.91 40.00 28.32
C LEU A 343 -62.58 41.25 29.12
N GLU A 344 -61.40 41.83 28.88
CA GLU A 344 -60.97 43.03 29.58
C GLU A 344 -61.32 44.30 28.82
N GLY A 345 -62.01 44.19 27.70
CA GLY A 345 -62.39 45.37 26.93
C GLY A 345 -61.39 45.82 25.89
N VAL A 346 -60.47 44.95 25.48
CA VAL A 346 -59.46 45.29 24.49
C VAL A 346 -59.63 44.38 23.28
N ASP A 347 -59.26 44.91 22.11
CA ASP A 347 -59.34 44.18 20.85
C ASP A 347 -58.07 44.40 20.06
N LEU A 348 -57.76 43.45 19.18
CA LEU A 348 -56.57 43.53 18.34
C LEU A 348 -56.92 43.08 16.93
N GLU A 349 -56.11 43.53 15.98
CA GLU A 349 -56.26 43.20 14.57
C GLU A 349 -54.93 42.80 14.00
N PHE A 350 -54.94 41.79 13.12
CA PHE A 350 -53.74 41.28 12.48
C PHE A 350 -53.65 41.84 11.07
N ARG A 351 -52.54 42.52 10.76
CA ARG A 351 -52.35 43.09 9.44
C ARG A 351 -52.17 41.99 8.39
N ASP A 352 -52.54 42.31 7.16
CA ASP A 352 -52.40 41.34 6.07
C ASP A 352 -50.95 40.94 5.87
N GLU A 353 -50.03 41.90 5.95
CA GLU A 353 -48.61 41.59 5.79
C GLU A 353 -48.08 40.69 6.89
N ALA A 354 -48.83 40.53 7.99
CA ALA A 354 -48.41 39.67 9.09
C ALA A 354 -48.98 38.26 8.97
N LEU A 355 -50.16 38.10 8.36
CA LEU A 355 -50.75 36.78 8.23
C LEU A 355 -49.86 35.85 7.41
N ASP A 356 -49.35 36.34 6.27
CA ASP A 356 -48.50 35.51 5.44
C ASP A 356 -47.19 35.18 6.14
N ALA A 357 -46.66 36.11 6.93
CA ALA A 357 -45.41 35.85 7.64
C ALA A 357 -45.57 34.73 8.66
N ILE A 358 -46.73 34.69 9.32
CA ILE A 358 -46.97 33.63 10.30
C ILE A 358 -47.10 32.28 9.61
N ALA A 359 -47.70 32.27 8.41
CA ALA A 359 -47.87 31.02 7.68
C ALA A 359 -46.53 30.40 7.29
N LYS A 360 -45.60 31.22 6.79
CA LYS A 360 -44.30 30.68 6.40
C LYS A 360 -43.56 30.10 7.60
N LYS A 361 -43.62 30.78 8.75
CA LYS A 361 -42.93 30.28 9.93
C LYS A 361 -43.51 28.92 10.36
N ALA A 362 -44.83 28.77 10.26
CA ALA A 362 -45.46 27.50 10.63
C ALA A 362 -44.97 26.37 9.72
N MET A 363 -44.83 26.65 8.43
CA MET A 363 -44.36 25.64 7.50
C MET A 363 -42.97 25.15 7.89
N ALA A 364 -42.12 26.06 8.39
CA ALA A 364 -40.78 25.66 8.79
C ALA A 364 -40.82 24.67 9.96
N ARG A 365 -41.76 24.89 10.89
CA ARG A 365 -41.88 23.99 12.03
C ARG A 365 -42.30 22.58 11.61
N LYS A 366 -42.94 22.44 10.45
CA LYS A 366 -43.38 21.14 9.95
C LYS A 366 -44.37 20.48 10.91
N THR A 367 -45.16 21.30 11.61
CA THR A 367 -46.14 20.81 12.56
C THR A 367 -47.57 20.95 12.03
N GLY A 368 -47.74 21.30 10.76
CA GLY A 368 -49.07 21.46 10.22
C GLY A 368 -49.79 22.67 10.81
N ALA A 369 -51.13 22.57 10.83
CA ALA A 369 -51.94 23.66 11.37
C ALA A 369 -51.68 23.89 12.86
N ARG A 370 -51.19 22.88 13.58
CA ARG A 370 -50.92 23.04 15.01
C ARG A 370 -49.84 24.09 15.24
N GLY A 371 -48.92 24.26 14.29
CA GLY A 371 -47.86 25.24 14.46
C GLY A 371 -48.32 26.67 14.42
N LEU A 372 -49.46 26.94 13.80
CA LEU A 372 -49.96 28.31 13.74
C LEU A 372 -50.32 28.83 15.13
N ARG A 373 -50.95 27.99 15.95
CA ARG A 373 -51.31 28.42 17.31
C ARG A 373 -50.08 28.74 18.15
N SER A 374 -49.05 27.90 18.05
CA SER A 374 -47.84 28.12 18.84
C SER A 374 -47.13 29.41 18.44
N ILE A 375 -47.05 29.69 17.14
CA ILE A 375 -46.37 30.90 16.67
C ILE A 375 -47.06 32.15 17.19
N VAL A 376 -48.39 32.20 17.07
CA VAL A 376 -49.11 33.38 17.53
C VAL A 376 -49.03 33.51 19.05
N GLU A 377 -49.02 32.38 19.76
CA GLU A 377 -48.94 32.43 21.22
C GLU A 377 -47.63 33.07 21.68
N ALA A 378 -46.52 32.70 21.04
CA ALA A 378 -45.24 33.28 21.42
C ALA A 378 -45.16 34.76 21.07
N ALA A 379 -45.67 35.14 19.90
CA ALA A 379 -45.63 36.54 19.49
C ALA A 379 -46.44 37.41 20.44
N LEU A 380 -47.61 36.93 20.85
CA LEU A 380 -48.48 37.66 21.76
C LEU A 380 -48.22 37.32 23.22
N LEU A 381 -47.19 36.52 23.51
CA LEU A 381 -46.89 36.17 24.90
C LEU A 381 -46.62 37.43 25.72
N ASP A 382 -45.82 38.35 25.19
CA ASP A 382 -45.53 39.58 25.91
C ASP A 382 -46.75 40.47 26.00
N THR A 383 -47.60 40.47 24.97
CA THR A 383 -48.80 41.30 24.99
C THR A 383 -49.72 40.91 26.13
N MET A 384 -49.95 39.61 26.33
CA MET A 384 -50.82 39.15 27.39
C MET A 384 -50.17 39.24 28.76
N TYR A 385 -48.84 39.35 28.82
CA TYR A 385 -48.15 39.41 30.11
C TYR A 385 -48.27 40.78 30.77
N ASP A 386 -48.34 41.85 29.99
CA ASP A 386 -48.42 43.21 30.54
C ASP A 386 -49.69 43.97 30.16
N LEU A 387 -50.47 43.49 29.19
CA LEU A 387 -51.68 44.21 28.80
C LEU A 387 -52.66 44.36 29.94
N PRO A 388 -53.06 43.29 30.66
CA PRO A 388 -54.01 43.48 31.76
C PRO A 388 -53.49 44.40 32.85
N SER A 389 -52.18 44.36 33.13
CA SER A 389 -51.62 45.23 34.16
C SER A 389 -51.72 46.70 33.76
N MET A 390 -51.49 47.01 32.49
CA MET A 390 -51.57 48.38 32.02
C MET A 390 -53.01 48.87 32.05
N GLU A 391 -53.17 50.19 32.11
CA GLU A 391 -54.46 50.84 32.14
C GLU A 391 -54.58 51.83 30.99
N ASP A 392 -55.83 52.10 30.60
CA ASP A 392 -56.12 53.03 29.51
C ASP A 392 -55.69 52.47 28.16
N VAL A 393 -55.97 51.19 27.93
CA VAL A 393 -55.63 50.51 26.69
C VAL A 393 -56.90 50.42 25.84
N GLU A 394 -56.78 50.77 24.56
CA GLU A 394 -57.91 50.77 23.64
C GLU A 394 -57.79 49.69 22.56
N LYS A 395 -56.70 49.68 21.80
CA LYS A 395 -56.54 48.71 20.74
C LYS A 395 -55.07 48.36 20.58
N VAL A 396 -54.81 47.19 19.98
CA VAL A 396 -53.47 46.68 19.74
C VAL A 396 -53.35 46.35 18.27
N VAL A 397 -52.26 46.80 17.65
CA VAL A 397 -51.99 46.56 16.22
C VAL A 397 -50.70 45.76 16.12
N ILE A 398 -50.74 44.68 15.37
CA ILE A 398 -49.59 43.80 15.16
C ILE A 398 -49.33 43.70 13.66
N ASP A 399 -48.07 43.89 13.27
CA ASP A 399 -47.66 43.81 11.88
C ASP A 399 -46.58 42.74 11.74
N GLU A 400 -45.99 42.66 10.54
CA GLU A 400 -44.97 41.65 10.27
C GLU A 400 -43.74 41.86 11.15
N SER A 401 -43.34 43.10 11.38
CA SER A 401 -42.15 43.36 12.20
C SER A 401 -42.35 42.91 13.63
N VAL A 402 -43.54 43.16 14.20
CA VAL A 402 -43.80 42.78 15.59
C VAL A 402 -43.67 41.27 15.77
N ILE A 403 -44.30 40.49 14.91
CA ILE A 403 -44.23 39.04 15.03
C ILE A 403 -42.81 38.56 14.80
N ASP A 404 -42.08 39.21 13.89
CA ASP A 404 -40.69 38.83 13.61
C ASP A 404 -39.74 39.18 14.75
N GLY A 405 -40.20 39.94 15.73
CA GLY A 405 -39.35 40.34 16.85
C GLY A 405 -38.56 41.61 16.64
N GLN A 406 -38.69 42.26 15.48
CA GLN A 406 -37.94 43.48 15.23
C GLN A 406 -38.35 44.59 16.19
N SER A 407 -39.66 44.71 16.46
CA SER A 407 -40.18 45.74 17.35
C SER A 407 -41.30 45.15 18.19
N GLU A 408 -41.69 45.90 19.22
CA GLU A 408 -42.76 45.48 20.11
C GLU A 408 -44.12 45.81 19.51
N PRO A 409 -45.17 45.11 19.92
CA PRO A 409 -46.50 45.38 19.37
C PRO A 409 -46.95 46.80 19.65
N LEU A 410 -47.63 47.39 18.66
CA LEU A 410 -48.14 48.76 18.80
C LEU A 410 -49.41 48.76 19.64
N LEU A 411 -49.60 49.85 20.38
CA LEU A 411 -50.77 49.99 21.23
C LEU A 411 -51.14 51.46 21.32
N ILE A 412 -52.43 51.75 21.14
CA ILE A 412 -52.95 53.11 21.18
C ILE A 412 -53.81 53.24 22.43
N TYR A 413 -53.52 54.25 23.24
CA TYR A 413 -54.27 54.49 24.48
C TYR A 413 -55.56 55.24 24.18
N GLY A 414 -56.58 54.95 24.99
CA GLY A 414 -57.88 55.59 24.83
C GLY A 414 -58.84 55.24 25.96
N ALA B 63 -61.71 38.47 42.46
CA ALA B 63 -61.11 38.99 41.23
C ALA B 63 -60.03 38.05 40.72
N LEU B 64 -59.57 38.30 39.49
CA LEU B 64 -58.53 37.48 38.87
C LEU B 64 -57.21 38.25 38.88
N PRO B 65 -56.23 37.86 39.69
CA PRO B 65 -54.97 38.59 39.70
C PRO B 65 -54.30 38.61 38.33
N THR B 66 -53.69 39.73 38.01
CA THR B 66 -53.01 39.89 36.73
C THR B 66 -51.73 39.06 36.71
N PRO B 67 -51.16 38.82 35.53
CA PRO B 67 -49.91 38.04 35.46
C PRO B 67 -48.82 38.56 36.38
N HIS B 68 -48.70 39.89 36.51
CA HIS B 68 -47.69 40.46 37.40
C HIS B 68 -47.96 40.12 38.85
N GLU B 69 -49.23 40.17 39.27
CA GLU B 69 -49.58 39.87 40.64
C GLU B 69 -49.22 38.43 41.00
N ILE B 70 -49.55 37.48 40.13
CA ILE B 70 -49.22 36.09 40.41
C ILE B 70 -47.71 35.86 40.28
N ARG B 71 -47.05 36.65 39.43
CA ARG B 71 -45.61 36.47 39.25
C ARG B 71 -44.84 36.77 40.53
N ASN B 72 -45.21 37.85 41.23
CA ASN B 72 -44.50 38.19 42.46
C ASN B 72 -44.65 37.08 43.50
N HIS B 73 -45.79 36.37 43.50
CA HIS B 73 -45.97 35.28 44.44
C HIS B 73 -44.98 34.17 44.16
N LEU B 74 -44.77 33.85 42.88
CA LEU B 74 -43.81 32.80 42.52
C LEU B 74 -42.38 33.22 42.79
N ASP B 75 -42.10 34.53 42.86
CA ASP B 75 -40.75 35.00 43.12
C ASP B 75 -40.36 34.83 44.59
N ASP B 76 -41.34 34.64 45.47
CA ASP B 76 -41.03 34.48 46.89
C ASP B 76 -40.19 33.22 47.13
N TYR B 77 -40.52 32.13 46.44
CA TYR B 77 -39.79 30.87 46.58
C TYR B 77 -38.82 30.61 45.45
N VAL B 78 -39.23 30.86 44.21
CA VAL B 78 -38.39 30.65 43.04
C VAL B 78 -37.61 31.92 42.74
N ILE B 79 -36.39 31.76 42.27
CA ILE B 79 -35.52 32.88 41.93
C ILE B 79 -34.63 32.47 40.76
N GLY B 80 -34.34 33.44 39.88
CA GLY B 80 -33.50 33.21 38.74
C GLY B 80 -34.19 32.79 37.47
N GLN B 81 -35.52 32.74 37.44
CA GLN B 81 -36.27 32.35 36.26
C GLN B 81 -37.18 33.51 35.85
N GLU B 82 -37.11 33.88 34.57
CA GLU B 82 -37.92 34.96 34.03
C GLU B 82 -38.76 34.53 32.83
N GLN B 83 -38.21 33.70 31.94
CA GLN B 83 -38.98 33.26 30.79
C GLN B 83 -40.01 32.22 31.19
N ALA B 84 -39.64 31.29 32.07
CA ALA B 84 -40.59 30.27 32.51
C ALA B 84 -41.68 30.85 33.40
N LYS B 85 -41.34 31.85 34.22
CA LYS B 85 -42.35 32.45 35.08
C LYS B 85 -43.40 33.22 34.29
N LYS B 86 -42.99 33.94 33.24
CA LYS B 86 -43.95 34.69 32.44
C LYS B 86 -44.86 33.75 31.65
N VAL B 87 -44.29 32.69 31.08
CA VAL B 87 -45.12 31.75 30.31
C VAL B 87 -46.12 31.06 31.21
N LEU B 88 -45.69 30.62 32.40
CA LEU B 88 -46.60 29.96 33.32
C LEU B 88 -47.67 30.92 33.81
N ALA B 89 -47.31 32.19 34.03
CA ALA B 89 -48.29 33.17 34.50
C ALA B 89 -49.34 33.45 33.45
N VAL B 90 -48.94 33.51 32.18
CA VAL B 90 -49.90 33.79 31.11
C VAL B 90 -50.82 32.59 30.89
N ALA B 91 -50.26 31.38 30.94
CA ALA B 91 -51.08 30.18 30.73
C ALA B 91 -52.13 30.04 31.82
N VAL B 92 -51.72 30.18 33.08
CA VAL B 92 -52.66 30.05 34.18
C VAL B 92 -53.66 31.21 34.17
N TYR B 93 -53.18 32.41 33.81
CA TYR B 93 -54.06 33.57 33.76
C TYR B 93 -55.16 33.37 32.74
N ASN B 94 -54.84 32.80 31.58
CA ASN B 94 -55.85 32.55 30.56
C ASN B 94 -56.88 31.54 31.05
N HIS B 95 -56.45 30.57 31.84
CA HIS B 95 -57.38 29.58 32.37
C HIS B 95 -58.42 30.22 33.26
N TYR B 96 -58.01 31.19 34.09
CA TYR B 96 -58.96 31.86 34.97
C TYR B 96 -60.01 32.61 34.16
N LYS B 97 -59.58 33.30 33.10
CA LYS B 97 -60.53 34.05 32.28
C LYS B 97 -61.55 33.11 31.64
N ARG B 98 -61.10 31.97 31.11
CA ARG B 98 -62.01 31.03 30.49
C ARG B 98 -62.93 30.38 31.53
N LEU B 99 -62.49 30.30 32.78
CA LEU B 99 -63.32 29.71 33.82
C LEU B 99 -64.44 30.65 34.24
N ARG B 100 -64.16 31.95 34.31
CA ARG B 100 -65.18 32.92 34.69
C ARG B 100 -66.34 32.90 33.71
N ASN B 101 -66.03 32.93 32.41
CA ASN B 101 -67.05 32.91 31.36
C ASN B 101 -67.24 31.48 30.87
N GLY B 102 -67.77 30.64 31.75
CA GLY B 102 -67.99 29.25 31.40
C GLY B 102 -68.92 29.09 30.21
N ASP B 103 -69.96 29.92 30.13
CA ASP B 103 -70.90 29.84 29.03
C ASP B 103 -70.24 30.17 27.69
N THR B 104 -69.10 30.87 27.71
CA THR B 104 -68.38 31.25 26.49
C THR B 104 -69.28 32.08 25.57
N SER B 105 -69.64 33.26 26.07
CA SER B 105 -70.50 34.16 25.32
C SER B 105 -69.94 34.42 23.92
N ASN B 106 -68.62 34.54 23.81
CA ASN B 106 -67.99 34.76 22.51
C ASN B 106 -68.29 33.59 21.59
N GLY B 107 -68.60 33.90 20.34
CA GLY B 107 -68.91 32.84 19.38
C GLY B 107 -67.77 31.86 19.21
N VAL B 108 -66.55 32.38 19.04
CA VAL B 108 -65.39 31.52 18.86
C VAL B 108 -65.14 30.73 20.15
N GLU B 109 -64.89 29.43 19.99
CA GLU B 109 -64.64 28.55 21.13
C GLU B 109 -63.15 28.55 21.44
N LEU B 110 -62.76 29.16 22.55
CA LEU B 110 -61.36 29.21 22.94
C LEU B 110 -60.81 27.81 23.15
N GLY B 111 -59.60 27.59 22.66
CA GLY B 111 -58.93 26.30 22.77
C GLY B 111 -57.77 26.36 23.74
N LYS B 112 -57.47 25.23 24.37
CA LYS B 112 -56.38 25.15 25.33
C LYS B 112 -55.03 25.23 24.61
N SER B 113 -54.03 25.70 25.34
CA SER B 113 -52.65 25.84 24.84
C SER B 113 -51.73 25.18 25.85
N ASN B 114 -51.50 23.88 25.69
CA ASN B 114 -50.64 23.15 26.60
C ASN B 114 -49.24 23.74 26.60
N ILE B 115 -48.64 23.82 27.78
CA ILE B 115 -47.30 24.38 27.96
C ILE B 115 -46.35 23.25 28.34
N LEU B 116 -45.07 23.45 28.02
CA LEU B 116 -44.01 22.48 28.29
C LEU B 116 -42.94 23.15 29.15
N LEU B 117 -42.09 22.31 29.74
CA LEU B 117 -41.01 22.79 30.60
C LEU B 117 -39.78 21.93 30.36
N ILE B 118 -38.78 22.50 29.68
CA ILE B 118 -37.54 21.81 29.37
C ILE B 118 -36.40 22.60 30.01
N GLY B 119 -35.60 21.93 30.83
CA GLY B 119 -34.49 22.59 31.49
C GLY B 119 -33.59 21.61 32.22
N PRO B 120 -32.39 22.06 32.59
CA PRO B 120 -31.47 21.17 33.30
C PRO B 120 -32.02 20.76 34.66
N THR B 121 -31.58 19.59 35.12
CA THR B 121 -32.01 19.08 36.41
C THR B 121 -31.65 20.08 37.52
N GLY B 122 -32.58 20.28 38.45
CA GLY B 122 -32.36 21.20 39.54
C GLY B 122 -32.58 22.65 39.19
N SER B 123 -33.17 22.94 38.03
CA SER B 123 -33.42 24.32 37.62
C SER B 123 -34.65 24.93 38.27
N GLY B 124 -35.44 24.13 39.00
CA GLY B 124 -36.63 24.62 39.65
C GLY B 124 -37.94 24.30 38.96
N LYS B 125 -37.95 23.34 38.03
CA LYS B 125 -39.20 23.01 37.36
C LYS B 125 -40.23 22.47 38.33
N THR B 126 -39.82 21.59 39.24
CA THR B 126 -40.76 21.05 40.22
C THR B 126 -41.15 22.11 41.24
N LEU B 127 -40.21 22.98 41.60
CA LEU B 127 -40.50 24.03 42.57
C LEU B 127 -41.58 24.98 42.05
N LEU B 128 -41.53 25.29 40.75
CA LEU B 128 -42.53 26.18 40.17
C LEU B 128 -43.93 25.58 40.26
N ALA B 129 -44.05 24.28 40.01
CA ALA B 129 -45.35 23.64 40.09
C ALA B 129 -45.92 23.68 41.50
N GLU B 130 -45.07 23.43 42.51
CA GLU B 130 -45.55 23.45 43.89
C GLU B 130 -46.01 24.84 44.29
N THR B 131 -45.24 25.88 43.94
CA THR B 131 -45.62 27.24 44.30
C THR B 131 -46.93 27.64 43.61
N LEU B 132 -47.09 27.26 42.35
CA LEU B 132 -48.31 27.61 41.62
C LEU B 132 -49.53 26.98 42.27
N ALA B 133 -49.41 25.72 42.72
CA ALA B 133 -50.53 25.04 43.35
C ALA B 133 -50.94 25.75 44.64
N ARG B 134 -49.97 26.25 45.40
CA ARG B 134 -50.30 26.93 46.65
C ARG B 134 -51.16 28.16 46.41
N LEU B 135 -50.82 28.95 45.38
CA LEU B 135 -51.58 30.15 45.05
C LEU B 135 -52.75 29.88 44.11
N LEU B 136 -52.86 28.65 43.61
CA LEU B 136 -53.93 28.28 42.69
C LEU B 136 -55.09 27.68 43.47
N ASP B 137 -56.31 28.13 43.18
CA ASP B 137 -57.51 27.69 43.88
C ASP B 137 -58.26 26.59 43.16
N VAL B 138 -58.32 26.62 41.82
CA VAL B 138 -59.04 25.60 41.06
C VAL B 138 -58.41 24.24 41.32
N PRO B 139 -59.02 23.14 40.88
CA PRO B 139 -58.41 21.83 41.13
C PRO B 139 -57.03 21.73 40.49
N PHE B 140 -56.12 21.07 41.21
CA PHE B 140 -54.76 20.89 40.74
C PHE B 140 -54.25 19.53 41.20
N THR B 141 -53.47 18.87 40.36
CA THR B 141 -52.91 17.57 40.68
C THR B 141 -51.53 17.46 40.05
N MET B 142 -50.67 16.66 40.69
CA MET B 142 -49.31 16.42 40.23
C MET B 142 -49.06 14.92 40.23
N ALA B 143 -48.55 14.40 39.11
CA ALA B 143 -48.27 12.98 38.97
C ALA B 143 -46.88 12.81 38.34
N ASP B 144 -46.51 11.56 38.10
CA ASP B 144 -45.23 11.21 37.50
C ASP B 144 -45.46 10.23 36.36
N ALA B 145 -44.75 10.45 35.25
CA ALA B 145 -44.88 9.59 34.08
C ALA B 145 -44.18 8.25 34.27
N THR B 146 -43.15 8.19 35.11
CA THR B 146 -42.43 6.94 35.32
C THR B 146 -43.33 5.88 35.93
N THR B 147 -44.13 6.25 36.93
CA THR B 147 -45.01 5.27 37.57
C THR B 147 -46.03 4.71 36.59
N LEU B 148 -46.64 5.57 35.78
CA LEU B 148 -47.63 5.12 34.81
C LEU B 148 -46.96 4.56 33.58
N THR B 149 -47.70 3.70 32.86
CA THR B 149 -47.22 3.06 31.65
C THR B 149 -48.39 2.91 30.70
N GLU B 150 -48.12 2.31 29.53
CA GLU B 150 -49.18 2.11 28.54
C GLU B 150 -50.24 1.16 29.08
N ALA B 151 -51.49 1.43 28.72
CA ALA B 151 -52.60 0.60 29.18
C ALA B 151 -52.44 -0.84 28.71
N GLY B 152 -53.28 -1.71 29.26
CA GLY B 152 -53.26 -3.12 28.91
C GLY B 152 -52.21 -3.93 29.60
N TYR B 153 -51.52 -3.38 30.59
CA TYR B 153 -50.47 -4.08 31.33
C TYR B 153 -50.72 -3.94 32.83
N VAL B 154 -49.82 -4.52 33.62
CA VAL B 154 -49.95 -4.47 35.08
C VAL B 154 -49.83 -3.03 35.57
N GLY B 155 -48.94 -2.26 34.96
CA GLY B 155 -48.76 -0.88 35.39
C GLY B 155 -50.02 -0.06 35.22
N GLU B 156 -50.15 0.97 36.06
CA GLU B 156 -51.32 1.82 36.01
C GLU B 156 -51.40 2.55 34.66
N ASP B 157 -52.62 2.91 34.28
CA ASP B 157 -52.88 3.59 33.02
C ASP B 157 -52.90 5.10 33.23
N VAL B 158 -53.03 5.83 32.12
CA VAL B 158 -53.07 7.29 32.19
C VAL B 158 -54.33 7.78 32.88
N GLU B 159 -55.37 6.94 32.94
CA GLU B 159 -56.62 7.35 33.59
C GLU B 159 -56.45 7.59 35.08
N ASN B 160 -55.39 7.06 35.69
CA ASN B 160 -55.18 7.26 37.12
C ASN B 160 -54.96 8.74 37.46
N ILE B 161 -54.54 9.55 36.49
CA ILE B 161 -54.33 10.97 36.78
C ILE B 161 -55.66 11.68 37.00
N ILE B 162 -56.69 11.30 36.27
CA ILE B 162 -58.00 11.95 36.42
C ILE B 162 -58.57 11.69 37.81
N GLN B 163 -58.57 10.43 38.25
CA GLN B 163 -59.10 10.11 39.56
C GLN B 163 -58.38 10.90 40.65
N LYS B 164 -57.06 11.06 40.51
CA LYS B 164 -56.31 11.82 41.51
C LYS B 164 -56.79 13.26 41.56
N LEU B 165 -57.09 13.85 40.40
CA LEU B 165 -57.58 15.23 40.37
C LEU B 165 -58.91 15.35 41.09
N LEU B 166 -59.79 14.36 40.91
CA LEU B 166 -61.09 14.40 41.58
C LEU B 166 -60.94 14.39 43.10
N GLN B 167 -59.98 13.60 43.60
CA GLN B 167 -59.77 13.54 45.04
C GLN B 167 -59.51 14.92 45.64
N LYS B 168 -58.90 15.82 44.87
CA LYS B 168 -58.62 17.16 45.37
C LYS B 168 -59.89 18.01 45.41
N CYS B 169 -60.86 17.74 44.54
CA CYS B 169 -62.09 18.51 44.47
C CYS B 169 -63.24 17.85 45.24
N ASP B 170 -62.92 16.99 46.20
CA ASP B 170 -63.94 16.29 46.99
C ASP B 170 -64.87 15.46 46.10
N TYR B 171 -64.32 14.92 45.01
CA TYR B 171 -65.06 14.11 44.06
C TYR B 171 -66.26 14.88 43.49
N ASP B 172 -65.95 16.03 42.88
CA ASP B 172 -66.93 16.89 42.26
C ASP B 172 -66.67 16.92 40.76
N VAL B 173 -67.65 16.45 39.99
CA VAL B 173 -67.48 16.39 38.53
C VAL B 173 -67.45 17.79 37.93
N GLN B 174 -68.41 18.64 38.32
CA GLN B 174 -68.47 19.98 37.75
C GLN B 174 -67.20 20.78 38.07
N LYS B 175 -66.69 20.67 39.30
CA LYS B 175 -65.49 21.41 39.66
C LYS B 175 -64.26 20.85 38.95
N ALA B 176 -64.23 19.55 38.68
CA ALA B 176 -63.08 18.93 38.02
C ALA B 176 -63.09 19.12 36.51
N GLN B 177 -64.14 19.70 35.93
CA GLN B 177 -64.16 19.89 34.49
C GLN B 177 -63.02 20.78 34.03
N ARG B 178 -62.76 21.87 34.75
CA ARG B 178 -61.70 22.81 34.43
C ARG B 178 -60.67 22.80 35.55
N GLY B 179 -59.41 22.61 35.19
CA GLY B 179 -58.34 22.58 36.17
C GLY B 179 -57.00 22.57 35.49
N ILE B 180 -55.95 22.48 36.31
CA ILE B 180 -54.57 22.44 35.85
C ILE B 180 -53.95 21.13 36.30
N VAL B 181 -53.35 20.41 35.36
CA VAL B 181 -52.71 19.13 35.62
C VAL B 181 -51.24 19.26 35.25
N TYR B 182 -50.36 18.77 36.13
CA TYR B 182 -48.92 18.83 35.93
C TYR B 182 -48.34 17.43 36.00
N ILE B 183 -47.51 17.08 35.02
CA ILE B 183 -46.86 15.78 34.94
C ILE B 183 -45.35 16.01 34.97
N ASP B 184 -44.67 15.28 35.84
CA ASP B 184 -43.22 15.39 36.01
C ASP B 184 -42.52 14.18 35.39
N GLU B 185 -41.31 14.42 34.89
CA GLU B 185 -40.49 13.37 34.28
C GLU B 185 -41.10 12.89 32.96
N ILE B 186 -41.54 13.85 32.14
CA ILE B 186 -42.13 13.51 30.84
C ILE B 186 -41.07 12.98 29.88
N ASP B 187 -39.82 13.44 30.02
CA ASP B 187 -38.76 13.00 29.13
C ASP B 187 -38.48 11.50 29.26
N LYS B 188 -38.84 10.88 30.39
CA LYS B 188 -38.57 9.46 30.57
C LYS B 188 -39.33 8.61 29.57
N ILE B 189 -40.61 8.93 29.33
CA ILE B 189 -41.42 8.16 28.39
C ILE B 189 -41.04 8.40 26.94
N SER B 190 -40.18 9.37 26.67
CA SER B 190 -39.77 9.66 25.30
C SER B 190 -38.90 8.53 24.76
N ARG B 191 -38.86 8.44 23.43
CA ARG B 191 -38.07 7.41 22.76
C ARG B 191 -36.59 7.82 22.76
N LYS B 192 -35.76 7.07 22.03
CA LYS B 192 -34.34 7.36 21.95
C LYS B 192 -33.81 7.34 20.52
N SER B 193 -34.68 7.22 19.53
CA SER B 193 -34.26 7.19 18.14
C SER B 193 -35.33 7.86 17.27
N ASP B 194 -34.89 8.45 16.17
CA ASP B 194 -35.82 9.12 15.26
C ASP B 194 -36.65 8.10 14.47
N ASN B 195 -36.05 6.99 14.07
CA ASN B 195 -36.75 5.97 13.31
C ASN B 195 -37.71 5.20 14.22
N PRO B 196 -38.69 4.52 13.64
CA PRO B 196 -39.63 3.75 14.46
C PRO B 196 -38.91 2.70 15.29
N SER B 197 -39.37 2.51 16.52
CA SER B 197 -38.75 1.53 17.41
C SER B 197 -38.95 0.13 16.87
N ILE B 198 -37.90 -0.69 16.95
CA ILE B 198 -37.97 -2.07 16.48
C ILE B 198 -38.70 -2.99 17.43
N THR B 199 -39.20 -2.48 18.56
CA THR B 199 -39.89 -3.29 19.54
C THR B 199 -40.91 -2.44 20.28
N ARG B 200 -41.87 -3.12 20.90
CA ARG B 200 -42.90 -2.43 21.67
C ARG B 200 -42.28 -1.76 22.88
N ASP B 201 -42.69 -0.52 23.14
CA ASP B 201 -42.18 0.26 24.27
C ASP B 201 -43.31 0.38 25.29
N VAL B 202 -43.24 -0.44 26.34
CA VAL B 202 -44.26 -0.41 27.38
C VAL B 202 -44.23 0.93 28.11
N SER B 203 -43.04 1.37 28.52
CA SER B 203 -42.86 2.62 29.24
C SER B 203 -42.29 3.72 28.37
N GLY B 204 -42.15 3.49 27.06
CA GLY B 204 -41.61 4.50 26.16
C GLY B 204 -42.63 5.06 25.20
N GLU B 205 -42.51 4.68 23.92
CA GLU B 205 -43.43 5.18 22.91
C GLU B 205 -44.87 4.80 23.24
N GLY B 206 -45.08 3.66 23.88
CA GLY B 206 -46.44 3.24 24.22
C GLY B 206 -47.15 4.24 25.11
N VAL B 207 -46.44 4.77 26.10
CA VAL B 207 -47.06 5.75 27.02
C VAL B 207 -47.46 7.00 26.25
N GLN B 208 -46.59 7.48 25.36
CA GLN B 208 -46.90 8.68 24.59
C GLN B 208 -48.15 8.48 23.74
N GLN B 209 -48.27 7.32 23.09
CA GLN B 209 -49.42 7.07 22.23
C GLN B 209 -50.72 7.12 23.03
N ALA B 210 -50.73 6.49 24.21
CA ALA B 210 -51.93 6.49 25.04
C ALA B 210 -52.21 7.87 25.63
N LEU B 211 -51.19 8.72 25.76
CA LEU B 211 -51.38 10.05 26.32
C LEU B 211 -51.88 11.05 25.30
N LEU B 212 -51.81 10.73 24.00
CA LEU B 212 -52.30 11.66 22.99
C LEU B 212 -53.79 11.90 23.12
N LYS B 213 -54.55 10.83 23.36
CA LYS B 213 -56.00 10.94 23.49
C LYS B 213 -56.41 11.77 24.69
N LEU B 214 -55.55 11.89 25.70
CA LEU B 214 -55.89 12.64 26.91
C LEU B 214 -55.55 14.13 26.78
N ILE B 215 -54.32 14.45 26.41
CA ILE B 215 -53.92 15.85 26.29
C ILE B 215 -54.76 16.56 25.23
N GLU B 216 -55.01 15.88 24.10
CA GLU B 216 -55.81 16.50 23.04
C GLU B 216 -57.24 16.77 23.50
N GLY B 217 -57.77 15.93 24.39
CA GLY B 217 -59.14 16.10 24.88
C GLY B 217 -59.96 14.89 24.51
N THR B 218 -60.54 14.25 25.53
CA THR B 218 -61.35 13.07 25.32
C THR B 218 -62.28 12.87 26.51
N VAL B 219 -63.29 12.03 26.30
CA VAL B 219 -64.26 11.72 27.37
C VAL B 219 -63.67 10.52 28.10
N ALA B 220 -62.76 10.80 29.02
CA ALA B 220 -62.09 9.75 29.77
C ALA B 220 -63.04 9.13 30.78
N ALA B 221 -63.09 7.80 30.81
CA ALA B 221 -63.95 7.07 31.75
C ALA B 221 -63.17 6.82 33.03
N VAL B 222 -63.13 7.85 33.87
CA VAL B 222 -62.41 7.73 35.14
C VAL B 222 -63.03 6.60 35.96
N PRO B 223 -62.26 5.77 36.65
CA PRO B 223 -62.86 4.69 37.42
C PRO B 223 -63.81 5.24 38.47
N PRO B 224 -64.89 4.51 38.78
CA PRO B 224 -65.86 4.99 39.79
C PRO B 224 -65.35 4.82 41.22
N GLN B 225 -64.52 5.78 41.64
CA GLN B 225 -63.94 5.79 42.97
C GLN B 225 -64.21 7.12 43.68
N GLY B 226 -65.40 7.67 43.46
CA GLY B 226 -65.78 8.92 44.08
C GLY B 226 -66.22 8.73 45.51
N GLY B 227 -65.28 8.43 46.40
CA GLY B 227 -65.59 8.20 47.79
C GLY B 227 -65.97 6.75 47.99
N ARG B 228 -67.27 6.48 48.05
CA ARG B 228 -67.77 5.12 48.18
C ARG B 228 -68.60 4.80 46.95
N LYS B 229 -68.05 5.11 45.78
CA LYS B 229 -68.74 4.89 44.51
C LYS B 229 -68.60 3.45 44.02
N HIS B 230 -67.99 2.56 44.79
CA HIS B 230 -67.85 1.17 44.36
C HIS B 230 -69.18 0.57 43.93
N PRO B 231 -70.25 0.65 44.71
CA PRO B 231 -71.54 0.14 44.23
C PRO B 231 -72.06 1.04 43.11
N GLN B 232 -72.89 0.46 42.25
CA GLN B 232 -73.42 1.21 41.11
C GLN B 232 -72.27 1.77 40.27
N GLN B 233 -71.25 0.94 40.05
CA GLN B 233 -70.08 1.34 39.27
C GLN B 233 -70.48 1.52 37.81
N GLU B 234 -70.29 2.73 37.29
CA GLU B 234 -70.61 3.05 35.91
C GLU B 234 -69.47 3.76 35.18
N PHE B 235 -68.34 3.98 35.82
CA PHE B 235 -67.20 4.65 35.20
C PHE B 235 -67.62 6.02 34.67
N LEU B 236 -67.99 6.89 35.61
CA LEU B 236 -68.43 8.25 35.28
C LEU B 236 -67.48 8.88 34.27
N GLN B 237 -68.06 9.53 33.27
CA GLN B 237 -67.29 10.17 32.21
C GLN B 237 -66.94 11.61 32.56
N VAL B 238 -65.74 12.02 32.17
CA VAL B 238 -65.23 13.37 32.42
C VAL B 238 -64.52 13.84 31.15
N ASP B 239 -64.74 15.09 30.77
CA ASP B 239 -64.13 15.67 29.58
C ASP B 239 -62.86 16.42 29.98
N THR B 240 -61.76 16.08 29.33
CA THR B 240 -60.46 16.69 29.59
C THR B 240 -60.11 17.80 28.60
N SER B 241 -60.99 18.09 27.64
CA SER B 241 -60.70 19.15 26.67
C SER B 241 -60.65 20.52 27.32
N LYS B 242 -61.23 20.68 28.51
CA LYS B 242 -61.23 21.95 29.23
C LYS B 242 -60.18 21.99 30.32
N ILE B 243 -59.25 21.03 30.35
CA ILE B 243 -58.20 20.96 31.36
C ILE B 243 -56.87 21.23 30.67
N LEU B 244 -56.11 22.18 31.22
CA LEU B 244 -54.80 22.52 30.66
C LEU B 244 -53.75 21.54 31.18
N PHE B 245 -52.96 21.00 30.27
CA PHE B 245 -51.92 20.04 30.61
C PHE B 245 -50.55 20.71 30.58
N ILE B 246 -49.75 20.43 31.61
CA ILE B 246 -48.41 20.97 31.76
C ILE B 246 -47.44 19.80 31.82
N CYS B 247 -46.41 19.84 30.98
CA CYS B 247 -45.39 18.80 30.91
C CYS B 247 -44.05 19.36 31.33
N GLY B 248 -43.27 18.54 32.05
CA GLY B 248 -41.96 18.96 32.51
C GLY B 248 -40.97 17.82 32.63
N GLY B 249 -39.80 17.98 32.05
CA GLY B 249 -38.78 16.95 32.10
C GLY B 249 -37.41 17.52 31.83
N ALA B 250 -36.38 16.78 32.27
CA ALA B 250 -35.01 17.23 32.08
C ALA B 250 -34.60 17.14 30.61
N PHE B 251 -35.11 16.14 29.88
CA PHE B 251 -34.78 15.94 28.48
C PHE B 251 -33.26 15.85 28.28
N ALA B 252 -32.63 15.04 29.12
CA ALA B 252 -31.19 14.86 29.03
C ALA B 252 -30.80 14.32 27.66
N GLY B 253 -29.76 14.90 27.07
CA GLY B 253 -29.27 14.50 25.76
C GLY B 253 -29.81 15.33 24.62
N LEU B 254 -30.86 16.12 24.85
CA LEU B 254 -31.41 16.96 23.79
C LEU B 254 -30.44 18.03 23.33
N ASP B 255 -29.44 18.38 24.15
CA ASP B 255 -28.47 19.39 23.77
C ASP B 255 -27.68 18.97 22.55
N LYS B 256 -27.29 17.69 22.48
CA LYS B 256 -26.53 17.21 21.33
C LYS B 256 -27.34 17.29 20.05
N VAL B 257 -28.64 16.95 20.13
CA VAL B 257 -29.50 17.00 18.95
C VAL B 257 -29.55 18.42 18.40
N ILE B 258 -29.73 19.41 19.27
CA ILE B 258 -29.80 20.79 18.83
C ILE B 258 -28.42 21.36 18.49
N SER B 259 -27.35 20.72 18.96
CA SER B 259 -26.01 21.23 18.68
C SER B 259 -25.65 21.08 17.21
N HIS B 260 -25.87 19.90 16.64
CA HIS B 260 -25.54 19.69 15.23
C HIS B 260 -26.46 20.46 14.30
N ARG B 261 -27.71 20.68 14.70
CA ARG B 261 -28.64 21.41 13.85
C ARG B 261 -28.31 22.89 13.80
N VAL B 262 -28.02 23.49 14.96
CA VAL B 262 -27.73 24.92 15.00
C VAL B 262 -26.45 25.24 14.22
N GLU B 263 -25.39 24.47 14.46
CA GLU B 263 -24.11 24.68 13.80
C GLU B 263 -23.66 23.43 13.07
N THR B 264 -23.03 23.61 11.91
CA THR B 264 -22.53 22.52 11.10
C THR B 264 -21.20 22.97 10.47
N GLY B 265 -20.72 22.20 9.50
CA GLY B 265 -19.48 22.51 8.83
C GLY B 265 -18.22 22.03 9.52
N SER B 266 -18.34 21.35 10.66
CA SER B 266 -17.16 20.85 11.35
C SER B 266 -16.38 19.90 10.47
N GLY B 267 -15.06 20.08 10.44
CA GLY B 267 -14.22 19.24 9.62
C GLY B 267 -12.76 19.54 9.84
N ILE B 268 -11.94 19.06 8.91
CA ILE B 268 -10.49 19.25 8.96
C ILE B 268 -10.10 20.18 7.82
N GLY B 269 -9.35 21.22 8.15
CA GLY B 269 -8.91 22.20 7.17
C GLY B 269 -8.89 23.59 7.76
N PHE B 270 -8.20 24.50 7.07
CA PHE B 270 -8.12 25.88 7.54
C PHE B 270 -9.48 26.55 7.55
N GLY B 271 -10.28 26.32 6.49
CA GLY B 271 -11.60 26.92 6.41
C GLY B 271 -12.65 26.24 7.27
N ALA B 272 -12.39 25.03 7.74
CA ALA B 272 -13.35 24.33 8.57
C ALA B 272 -13.47 25.00 9.93
N THR B 273 -14.64 24.87 10.54
CA THR B 273 -14.91 25.45 11.84
C THR B 273 -14.47 24.49 12.94
N VAL B 274 -13.64 24.98 13.86
CA VAL B 274 -13.13 24.19 14.97
C VAL B 274 -13.24 25.03 16.24
N LYS B 275 -13.71 24.40 17.32
CA LYS B 275 -13.88 25.07 18.60
C LYS B 275 -13.27 24.20 19.70
N ALA B 276 -12.77 24.88 20.74
CA ALA B 276 -12.13 24.21 21.87
C ALA B 276 -13.12 23.60 22.85
N LYS B 277 -14.42 23.60 22.53
CA LYS B 277 -15.46 23.05 23.40
C LYS B 277 -15.72 23.97 24.59
N SER B 278 -14.94 25.05 24.70
CA SER B 278 -15.12 26.02 25.77
C SER B 278 -15.97 27.19 25.31
N ASP B 279 -15.80 27.61 24.05
CA ASP B 279 -16.57 28.70 23.48
C ASP B 279 -17.88 28.22 22.87
N LYS B 280 -18.11 26.91 22.80
CA LYS B 280 -19.35 26.40 22.23
C LYS B 280 -20.53 26.85 23.08
N ALA B 281 -21.69 26.96 22.44
CA ALA B 281 -22.89 27.37 23.15
C ALA B 281 -23.17 26.41 24.30
N SER B 282 -23.42 26.97 25.48
CA SER B 282 -23.70 26.15 26.65
C SER B 282 -25.07 25.49 26.51
N GLU B 283 -25.30 24.47 27.32
CA GLU B 283 -26.57 23.75 27.28
C GLU B 283 -27.73 24.68 27.58
N GLY B 284 -27.53 25.66 28.47
CA GLY B 284 -28.61 26.56 28.82
C GLY B 284 -29.07 27.44 27.67
N GLU B 285 -28.11 28.06 26.96
CA GLU B 285 -28.48 28.96 25.87
C GLU B 285 -28.96 28.20 24.64
N LEU B 286 -28.27 27.12 24.26
CA LEU B 286 -28.68 26.38 23.08
C LEU B 286 -30.02 25.69 23.28
N LEU B 287 -30.32 25.29 24.53
CA LEU B 287 -31.60 24.63 24.80
C LEU B 287 -32.78 25.56 24.55
N ALA B 288 -32.58 26.88 24.74
CA ALA B 288 -33.67 27.81 24.52
C ALA B 288 -34.13 27.80 23.07
N GLN B 289 -33.19 27.73 22.14
CA GLN B 289 -33.51 27.70 20.71
C GLN B 289 -33.79 26.26 20.29
N VAL B 290 -34.93 25.76 20.74
CA VAL B 290 -35.38 24.40 20.47
C VAL B 290 -36.59 24.47 19.55
N GLU B 291 -36.58 23.66 18.50
CA GLU B 291 -37.66 23.62 17.52
C GLU B 291 -38.35 22.25 17.56
N PRO B 292 -39.60 22.17 17.08
CA PRO B 292 -40.29 20.87 17.10
C PRO B 292 -39.52 19.76 16.39
N GLU B 293 -38.85 20.09 15.29
CA GLU B 293 -38.10 19.06 14.55
C GLU B 293 -36.99 18.46 15.42
N ASP B 294 -36.34 19.29 16.24
CA ASP B 294 -35.28 18.77 17.11
C ASP B 294 -35.82 17.73 18.08
N LEU B 295 -37.00 17.97 18.64
CA LEU B 295 -37.58 17.02 19.58
C LEU B 295 -37.93 15.70 18.91
N ILE B 296 -38.19 15.71 17.60
CA ILE B 296 -38.53 14.48 16.90
C ILE B 296 -37.37 13.49 17.00
N LYS B 297 -36.16 13.98 16.76
CA LYS B 297 -34.99 13.10 16.83
C LYS B 297 -34.71 12.66 18.27
N PHE B 298 -35.07 13.50 19.24
CA PHE B 298 -34.83 13.15 20.65
C PHE B 298 -35.60 11.90 21.04
N GLY B 299 -36.81 11.73 20.50
CA GLY B 299 -37.62 10.57 20.83
C GLY B 299 -39.11 10.85 20.88
N LEU B 300 -39.49 12.13 20.93
CA LEU B 300 -40.90 12.47 20.98
C LEU B 300 -41.55 12.25 19.62
N ILE B 301 -42.66 11.53 19.60
CA ILE B 301 -43.38 11.24 18.36
C ILE B 301 -43.96 12.54 17.82
N PRO B 302 -44.15 12.66 16.50
CA PRO B 302 -44.70 13.92 15.97
C PRO B 302 -46.05 14.29 16.55
N GLU B 303 -46.90 13.31 16.85
CA GLU B 303 -48.22 13.62 17.39
C GLU B 303 -48.12 14.25 18.77
N PHE B 304 -47.24 13.73 19.63
CA PHE B 304 -47.12 14.28 20.98
C PHE B 304 -46.65 15.73 20.94
N ILE B 305 -45.64 16.05 20.13
CA ILE B 305 -45.16 17.42 20.05
C ILE B 305 -46.25 18.33 19.51
N GLY B 306 -47.08 17.83 18.60
CA GLY B 306 -48.14 18.65 18.04
C GLY B 306 -49.11 19.13 19.11
N ARG B 307 -49.45 18.27 20.07
CA ARG B 307 -50.37 18.66 21.13
C ARG B 307 -49.77 19.73 22.04
N LEU B 308 -48.46 19.90 22.02
CA LEU B 308 -47.78 20.90 22.84
C LEU B 308 -47.34 22.06 21.94
N PRO B 309 -48.24 23.00 21.63
CA PRO B 309 -47.85 24.12 20.75
C PRO B 309 -46.81 25.03 21.37
N VAL B 310 -47.08 25.55 22.56
CA VAL B 310 -46.17 26.47 23.25
C VAL B 310 -45.31 25.66 24.21
N VAL B 311 -44.00 25.91 24.17
CA VAL B 311 -43.03 25.23 25.02
C VAL B 311 -42.16 26.28 25.70
N ALA B 312 -41.98 26.15 27.01
CA ALA B 312 -41.18 27.05 27.80
C ALA B 312 -39.89 26.36 28.20
N THR B 313 -38.76 27.03 28.00
CA THR B 313 -37.44 26.50 28.31
C THR B 313 -36.82 27.33 29.41
N LEU B 314 -36.42 26.68 30.51
CA LEU B 314 -35.79 27.37 31.62
C LEU B 314 -34.31 27.58 31.32
N ASN B 315 -33.70 28.49 32.10
CA ASN B 315 -32.29 28.82 31.95
C ASN B 315 -31.51 28.29 33.15
N GLU B 316 -30.36 27.69 32.87
CA GLU B 316 -29.52 27.14 33.93
C GLU B 316 -29.11 28.24 34.90
N LEU B 317 -29.15 27.92 36.19
CA LEU B 317 -28.76 28.89 37.21
C LEU B 317 -27.28 29.22 37.10
N SER B 318 -26.97 30.52 37.10
CA SER B 318 -25.60 30.97 37.00
C SER B 318 -25.01 31.16 38.41
N GLU B 319 -23.77 31.64 38.47
CA GLU B 319 -23.12 31.85 39.77
C GLU B 319 -23.89 32.89 40.58
N GLU B 320 -24.30 33.99 39.94
CA GLU B 320 -25.05 35.02 40.66
C GLU B 320 -26.40 34.49 41.12
N ALA B 321 -27.07 33.71 40.27
CA ALA B 321 -28.37 33.17 40.63
C ALA B 321 -28.28 32.25 41.85
N LEU B 322 -27.21 31.45 41.92
CA LEU B 322 -27.05 30.55 43.05
C LEU B 322 -26.91 31.33 44.35
N ILE B 323 -26.15 32.43 44.32
CA ILE B 323 -25.96 33.24 45.53
C ILE B 323 -27.31 33.78 46.01
N GLN B 324 -28.13 34.27 45.07
CA GLN B 324 -29.44 34.79 45.46
C GLN B 324 -30.31 33.70 46.06
N ILE B 325 -30.27 32.49 45.49
CA ILE B 325 -31.08 31.39 46.00
C ILE B 325 -30.65 30.96 47.39
N LEU B 326 -29.43 31.33 47.81
CA LEU B 326 -28.96 30.91 49.12
C LEU B 326 -29.60 31.70 50.26
N LYS B 327 -30.05 32.93 50.01
CA LYS B 327 -30.66 33.73 51.08
C LYS B 327 -32.01 34.34 50.73
N GLU B 328 -32.19 34.81 49.49
CA GLU B 328 -33.45 35.45 49.11
C GLU B 328 -34.66 34.53 49.26
N PRO B 329 -34.65 33.28 48.82
CA PRO B 329 -35.84 32.43 48.95
C PRO B 329 -36.29 32.31 50.39
N LYS B 330 -37.61 32.24 50.58
CA LYS B 330 -38.16 32.10 51.93
C LYS B 330 -37.62 30.87 52.62
N ASN B 331 -37.50 29.76 51.88
CA ASN B 331 -36.99 28.49 52.40
C ASN B 331 -35.58 28.26 51.88
N ALA B 332 -34.80 29.33 51.79
CA ALA B 332 -33.42 29.24 51.29
C ALA B 332 -32.64 28.18 52.05
N LEU B 333 -31.57 27.70 51.41
CA LEU B 333 -30.74 26.67 52.00
C LEU B 333 -30.06 27.15 53.28
N THR B 334 -29.52 28.38 53.26
CA THR B 334 -28.82 28.89 54.44
C THR B 334 -29.76 28.97 55.64
N LYS B 335 -30.97 29.49 55.44
CA LYS B 335 -31.91 29.61 56.55
C LYS B 335 -32.29 28.25 57.10
N GLN B 336 -32.35 27.22 56.25
CA GLN B 336 -32.70 25.89 56.73
C GLN B 336 -31.66 25.38 57.73
N TYR B 337 -30.37 25.53 57.39
CA TYR B 337 -29.32 25.07 58.30
C TYR B 337 -29.32 25.89 59.60
N GLN B 338 -29.50 27.21 59.49
CA GLN B 338 -29.52 28.04 60.69
C GLN B 338 -30.61 27.59 61.65
N ALA B 339 -31.76 27.17 61.12
CA ALA B 339 -32.84 26.71 61.97
C ALA B 339 -32.44 25.47 62.75
N LEU B 340 -31.71 24.55 62.11
CA LEU B 340 -31.28 23.34 62.80
C LEU B 340 -30.41 23.67 64.01
N PHE B 341 -29.46 24.60 63.83
CA PHE B 341 -28.61 24.99 64.96
C PHE B 341 -29.41 25.67 66.06
N ASN B 342 -30.46 26.40 65.69
CA ASN B 342 -31.25 27.09 66.70
C ASN B 342 -31.84 26.11 67.71
N LEU B 343 -32.27 24.94 67.24
CA LEU B 343 -32.83 23.95 68.17
C LEU B 343 -31.79 23.54 69.21
N GLU B 344 -30.54 23.35 68.79
CA GLU B 344 -29.49 22.98 69.74
C GLU B 344 -29.21 24.10 70.73
N GLY B 345 -29.38 25.35 70.31
CA GLY B 345 -29.13 26.48 71.18
C GLY B 345 -28.14 27.48 70.61
N VAL B 346 -27.48 27.11 69.52
CA VAL B 346 -26.49 27.95 68.86
C VAL B 346 -27.09 28.51 67.58
N ASP B 347 -26.62 29.69 67.18
CA ASP B 347 -27.07 30.35 65.95
C ASP B 347 -25.88 30.53 65.03
N LEU B 348 -26.05 30.12 63.77
CA LEU B 348 -25.00 30.20 62.77
C LEU B 348 -25.31 31.30 61.76
N GLU B 349 -24.30 32.09 61.42
CA GLU B 349 -24.43 33.18 60.46
C GLU B 349 -23.37 33.00 59.38
N PHE B 350 -23.78 33.12 58.13
CA PHE B 350 -22.88 32.98 57.00
C PHE B 350 -22.39 34.36 56.54
N ARG B 351 -21.09 34.46 56.29
CA ARG B 351 -20.51 35.71 55.84
C ARG B 351 -20.77 35.91 54.35
N ASP B 352 -20.56 37.15 53.89
CA ASP B 352 -20.80 37.45 52.48
C ASP B 352 -19.89 36.63 51.57
N GLU B 353 -18.61 36.52 51.92
CA GLU B 353 -17.69 35.74 51.10
C GLU B 353 -18.00 34.25 51.17
N ALA B 354 -18.55 33.77 52.28
CA ALA B 354 -18.87 32.35 52.40
C ALA B 354 -19.91 31.93 51.36
N LEU B 355 -20.96 32.74 51.17
CA LEU B 355 -21.98 32.40 50.19
C LEU B 355 -21.42 32.35 48.78
N ASP B 356 -20.54 33.30 48.43
CA ASP B 356 -19.96 33.31 47.10
C ASP B 356 -19.16 32.05 46.82
N ALA B 357 -18.36 31.60 47.79
CA ALA B 357 -17.57 30.40 47.59
C ALA B 357 -18.45 29.16 47.44
N ILE B 358 -19.53 29.08 48.22
CA ILE B 358 -20.42 27.93 48.15
C ILE B 358 -21.06 27.84 46.76
N ALA B 359 -21.53 28.97 46.23
CA ALA B 359 -22.15 28.97 44.92
C ALA B 359 -21.17 28.57 43.82
N LYS B 360 -19.93 29.05 43.91
CA LYS B 360 -18.94 28.72 42.89
C LYS B 360 -18.67 27.22 42.84
N LYS B 361 -18.51 26.59 44.00
CA LYS B 361 -18.24 25.15 44.01
C LYS B 361 -19.42 24.37 43.45
N ALA B 362 -20.65 24.77 43.81
CA ALA B 362 -21.83 24.07 43.31
C ALA B 362 -21.93 24.13 41.80
N MET B 363 -21.36 25.18 41.19
CA MET B 363 -21.42 25.29 39.73
C MET B 363 -20.69 24.12 39.06
N ALA B 364 -19.52 23.76 39.59
CA ALA B 364 -18.75 22.66 39.02
C ALA B 364 -19.43 21.31 39.22
N ARG B 365 -20.30 21.19 40.24
CA ARG B 365 -20.97 19.92 40.48
C ARG B 365 -21.95 19.55 39.38
N LYS B 366 -22.44 20.54 38.63
CA LYS B 366 -23.39 20.29 37.54
C LYS B 366 -24.63 19.56 38.03
N THR B 367 -25.10 19.94 39.23
CA THR B 367 -26.29 19.35 39.84
C THR B 367 -27.36 20.39 40.13
N GLY B 368 -27.28 21.57 39.50
CA GLY B 368 -28.27 22.60 39.76
C GLY B 368 -28.19 23.12 41.18
N ALA B 369 -29.34 23.59 41.68
CA ALA B 369 -29.40 24.12 43.03
C ALA B 369 -29.18 23.04 44.08
N ARG B 370 -29.33 21.76 43.71
CA ARG B 370 -29.13 20.68 44.67
C ARG B 370 -27.68 20.63 45.15
N GLY B 371 -26.74 21.08 44.32
CA GLY B 371 -25.34 21.04 44.72
C GLY B 371 -25.04 21.90 45.94
N LEU B 372 -25.75 23.03 46.08
CA LEU B 372 -25.51 23.90 47.23
C LEU B 372 -25.61 23.13 48.54
N ARG B 373 -26.56 22.20 48.62
CA ARG B 373 -26.72 21.43 49.86
C ARG B 373 -25.48 20.59 50.15
N SER B 374 -24.87 20.02 49.11
CA SER B 374 -23.68 19.19 49.31
C SER B 374 -22.53 19.99 49.89
N ILE B 375 -22.29 21.20 49.36
CA ILE B 375 -21.18 22.02 49.85
C ILE B 375 -21.39 22.38 51.32
N VAL B 376 -22.60 22.78 51.69
CA VAL B 376 -22.87 23.16 53.07
C VAL B 376 -22.69 21.97 54.01
N GLU B 377 -23.08 20.78 53.56
CA GLU B 377 -22.96 19.59 54.42
C GLU B 377 -21.50 19.30 54.74
N ALA B 378 -20.63 19.33 53.73
CA ALA B 378 -19.22 19.03 53.96
C ALA B 378 -18.55 20.09 54.83
N ALA B 379 -18.80 21.37 54.54
CA ALA B 379 -18.18 22.43 55.31
C ALA B 379 -18.62 22.40 56.77
N LEU B 380 -19.90 22.16 57.01
CA LEU B 380 -20.46 22.12 58.35
C LEU B 380 -20.49 20.72 58.95
N LEU B 381 -19.90 19.72 58.28
CA LEU B 381 -19.90 18.37 58.82
C LEU B 381 -19.18 18.32 60.17
N ASP B 382 -18.01 18.96 60.25
CA ASP B 382 -17.27 18.97 61.51
C ASP B 382 -17.97 19.80 62.56
N THR B 383 -18.60 20.91 62.15
CA THR B 383 -19.30 21.76 63.11
C THR B 383 -20.46 21.03 63.78
N MET B 384 -21.20 20.24 63.00
CA MET B 384 -22.33 19.49 63.54
C MET B 384 -21.92 18.23 64.26
N TYR B 385 -20.66 17.79 64.13
CA TYR B 385 -20.18 16.59 64.79
C TYR B 385 -19.63 16.86 66.18
N ASP B 386 -19.13 18.07 66.43
CA ASP B 386 -18.58 18.44 67.73
C ASP B 386 -19.43 19.43 68.51
N LEU B 387 -20.14 20.32 67.82
CA LEU B 387 -20.96 21.30 68.53
C LEU B 387 -21.98 20.65 69.45
N PRO B 388 -22.71 19.60 69.06
CA PRO B 388 -23.67 19.02 70.01
C PRO B 388 -23.04 18.55 71.31
N SER B 389 -21.83 17.99 71.24
CA SER B 389 -21.14 17.54 72.44
C SER B 389 -20.45 18.67 73.19
N MET B 390 -20.26 19.83 72.55
CA MET B 390 -19.61 20.98 73.18
C MET B 390 -20.70 21.94 73.63
N GLU B 391 -20.77 22.18 74.94
CA GLU B 391 -21.75 23.08 75.51
C GLU B 391 -21.18 24.50 75.57
N ASP B 392 -21.88 25.39 76.27
CA ASP B 392 -21.46 26.79 76.42
C ASP B 392 -21.09 27.41 75.06
N VAL B 393 -21.93 27.16 74.06
CA VAL B 393 -21.74 27.69 72.72
C VAL B 393 -22.93 28.59 72.42
N GLU B 394 -22.66 29.77 71.86
CA GLU B 394 -23.70 30.74 71.55
C GLU B 394 -23.82 31.08 70.07
N LYS B 395 -22.72 31.06 69.32
CA LYS B 395 -22.79 31.40 67.91
C LYS B 395 -21.64 30.74 67.15
N VAL B 396 -21.84 30.59 65.84
CA VAL B 396 -20.85 30.01 64.93
C VAL B 396 -20.77 30.91 63.71
N VAL B 397 -19.55 31.19 63.26
CA VAL B 397 -19.31 32.04 62.09
C VAL B 397 -18.68 31.21 61.00
N ILE B 398 -19.19 31.36 59.78
CA ILE B 398 -18.69 30.64 58.61
C ILE B 398 -17.96 31.64 57.72
N ASP B 399 -16.68 31.38 57.47
CA ASP B 399 -15.84 32.22 56.65
C ASP B 399 -15.51 31.51 55.34
N GLU B 400 -14.89 32.25 54.41
CA GLU B 400 -14.51 31.65 53.14
C GLU B 400 -13.48 30.55 53.33
N SER B 401 -12.66 30.64 54.37
CA SER B 401 -11.62 29.63 54.60
C SER B 401 -12.24 28.25 54.81
N VAL B 402 -13.22 28.14 55.71
CA VAL B 402 -13.83 26.84 55.97
C VAL B 402 -14.52 26.31 54.71
N ILE B 403 -15.04 27.21 53.87
CA ILE B 403 -15.70 26.76 52.64
C ILE B 403 -14.69 26.12 51.69
N ASP B 404 -13.48 26.67 51.63
CA ASP B 404 -12.44 26.14 50.75
C ASP B 404 -11.56 25.10 51.43
N GLY B 405 -11.90 24.69 52.66
CA GLY B 405 -11.14 23.67 53.36
C GLY B 405 -9.73 24.07 53.74
N GLN B 406 -9.56 25.27 54.29
CA GLN B 406 -8.26 25.77 54.72
C GLN B 406 -8.14 25.94 56.23
N SER B 407 -9.23 26.29 56.90
CA SER B 407 -9.21 26.48 58.35
C SER B 407 -10.42 25.82 59.00
N GLU B 408 -10.57 26.01 60.31
CA GLU B 408 -11.68 25.45 61.07
C GLU B 408 -12.73 26.51 61.34
N PRO B 409 -14.02 26.22 61.21
CA PRO B 409 -15.04 27.25 61.46
C PRO B 409 -14.99 27.75 62.89
N LEU B 410 -14.67 29.03 63.03
CA LEU B 410 -14.57 29.65 64.34
C LEU B 410 -15.93 29.70 65.03
N LEU B 411 -15.90 29.66 66.36
CA LEU B 411 -17.12 29.70 67.17
C LEU B 411 -16.86 30.55 68.40
N ILE B 412 -17.94 31.06 68.98
CA ILE B 412 -17.89 31.91 70.17
C ILE B 412 -18.59 31.18 71.31
N TYR B 413 -17.90 31.06 72.44
CA TYR B 413 -18.45 30.40 73.61
C TYR B 413 -19.27 31.38 74.43
N GLY B 414 -20.50 30.99 74.76
CA GLY B 414 -21.38 31.83 75.55
C GLY B 414 -22.42 31.03 76.31
N SER C 62 -34.59 15.17 73.99
CA SER C 62 -34.56 14.43 75.25
C SER C 62 -33.51 13.34 75.22
N ALA C 63 -33.81 12.24 74.54
CA ALA C 63 -32.89 11.12 74.42
C ALA C 63 -31.93 11.25 73.25
N LEU C 64 -32.06 12.31 72.44
CA LEU C 64 -31.20 12.52 71.29
C LEU C 64 -29.72 12.47 71.69
N PRO C 65 -28.98 11.45 71.27
CA PRO C 65 -27.56 11.38 71.63
C PRO C 65 -26.70 12.24 70.72
N THR C 66 -25.57 12.68 71.26
CA THR C 66 -24.65 13.50 70.48
C THR C 66 -23.95 12.65 69.43
N PRO C 67 -23.38 13.28 68.40
CA PRO C 67 -22.69 12.51 67.37
C PRO C 67 -21.60 11.60 67.92
N HIS C 68 -20.93 12.02 69.00
CA HIS C 68 -19.88 11.19 69.57
C HIS C 68 -20.48 9.96 70.26
N GLU C 69 -21.63 10.12 70.91
CA GLU C 69 -22.25 8.99 71.61
C GLU C 69 -22.73 7.94 70.61
N ILE C 70 -23.46 8.37 69.57
CA ILE C 70 -23.96 7.42 68.58
C ILE C 70 -22.79 6.75 67.88
N ARG C 71 -21.76 7.51 67.53
CA ARG C 71 -20.59 6.92 66.87
C ARG C 71 -19.85 5.98 67.80
N ASN C 72 -19.94 6.19 69.11
CA ASN C 72 -19.25 5.32 70.06
C ASN C 72 -19.76 3.89 69.94
N HIS C 73 -21.08 3.72 69.86
CA HIS C 73 -21.64 2.38 69.73
C HIS C 73 -21.21 1.75 68.40
N LEU C 74 -21.22 2.54 67.32
CA LEU C 74 -20.80 2.03 66.03
C LEU C 74 -19.34 1.59 66.05
N ASP C 75 -18.53 2.14 66.95
CA ASP C 75 -17.13 1.75 67.03
C ASP C 75 -16.95 0.38 67.68
N ASP C 76 -17.91 -0.04 68.52
CA ASP C 76 -17.80 -1.34 69.17
C ASP C 76 -17.87 -2.48 68.15
N TYR C 77 -18.80 -2.40 67.20
CA TYR C 77 -18.96 -3.43 66.19
C TYR C 77 -18.02 -3.22 65.01
N VAL C 78 -17.95 -1.99 64.51
CA VAL C 78 -17.09 -1.64 63.38
C VAL C 78 -15.94 -0.78 63.89
N ILE C 79 -14.80 -0.90 63.22
CA ILE C 79 -13.60 -0.15 63.57
C ILE C 79 -13.06 0.48 62.29
N GLY C 80 -12.56 1.71 62.40
CA GLY C 80 -12.04 2.41 61.25
C GLY C 80 -13.12 3.21 60.57
N GLN C 81 -12.84 3.59 59.32
CA GLN C 81 -13.78 4.36 58.51
C GLN C 81 -14.25 5.60 59.28
N GLU C 82 -13.27 6.42 59.66
CA GLU C 82 -13.58 7.63 60.44
C GLU C 82 -14.46 8.58 59.65
N GLN C 83 -14.16 8.78 58.36
CA GLN C 83 -14.95 9.69 57.55
C GLN C 83 -16.40 9.21 57.42
N ALA C 84 -16.58 7.92 57.15
CA ALA C 84 -17.93 7.39 56.99
C ALA C 84 -18.71 7.44 58.30
N LYS C 85 -18.05 7.15 59.42
CA LYS C 85 -18.73 7.16 60.71
C LYS C 85 -19.24 8.55 61.07
N LYS C 86 -18.42 9.58 60.83
CA LYS C 86 -18.85 10.93 61.16
C LYS C 86 -20.03 11.37 60.31
N VAL C 87 -20.03 11.03 59.02
CA VAL C 87 -21.11 11.43 58.14
C VAL C 87 -22.42 10.77 58.57
N LEU C 88 -22.37 9.48 58.92
CA LEU C 88 -23.58 8.78 59.34
C LEU C 88 -24.08 9.28 60.68
N ALA C 89 -23.17 9.57 61.61
CA ALA C 89 -23.57 10.05 62.93
C ALA C 89 -24.26 11.41 62.85
N VAL C 90 -23.71 12.32 62.05
CA VAL C 90 -24.29 13.64 61.92
C VAL C 90 -25.62 13.57 61.16
N ALA C 91 -25.69 12.71 60.14
CA ALA C 91 -26.92 12.60 59.35
C ALA C 91 -28.07 12.08 60.19
N VAL C 92 -27.83 11.02 60.97
CA VAL C 92 -28.90 10.46 61.80
C VAL C 92 -29.29 11.44 62.89
N TYR C 93 -28.32 12.14 63.47
CA TYR C 93 -28.62 13.12 64.51
C TYR C 93 -29.50 14.24 63.97
N ASN C 94 -29.23 14.69 62.75
CA ASN C 94 -30.03 15.75 62.15
C ASN C 94 -31.47 15.29 61.94
N HIS C 95 -31.65 14.01 61.56
CA HIS C 95 -32.99 13.48 61.36
C HIS C 95 -33.79 13.49 62.66
N TYR C 96 -33.12 13.16 63.78
CA TYR C 96 -33.82 13.13 65.06
C TYR C 96 -34.38 14.50 65.41
N LYS C 97 -33.59 15.56 65.24
CA LYS C 97 -34.08 16.90 65.56
C LYS C 97 -35.18 17.33 64.59
N ARG C 98 -35.10 16.91 63.33
CA ARG C 98 -36.12 17.28 62.35
C ARG C 98 -37.48 16.66 62.67
N LEU C 99 -37.52 15.63 63.51
CA LEU C 99 -38.76 14.98 63.91
C LEU C 99 -39.25 15.42 65.28
N ARG C 100 -38.34 15.59 66.24
CA ARG C 100 -38.74 16.04 67.57
C ARG C 100 -39.34 17.43 67.51
N ASN C 101 -38.73 18.32 66.73
CA ASN C 101 -39.18 19.69 66.56
C ASN C 101 -39.81 19.89 65.19
N GLY C 102 -40.54 18.88 64.72
CA GLY C 102 -41.19 18.95 63.42
C GLY C 102 -42.56 19.57 63.47
N ASP C 103 -42.86 20.28 64.57
CA ASP C 103 -44.15 20.94 64.74
C ASP C 103 -44.23 22.27 64.01
N THR C 104 -43.34 22.53 63.06
CA THR C 104 -43.32 23.77 62.30
C THR C 104 -43.00 24.97 63.20
N SER C 105 -42.03 24.79 64.10
CA SER C 105 -41.63 25.88 64.99
C SER C 105 -41.08 27.06 64.20
N ASN C 106 -40.27 26.77 63.17
CA ASN C 106 -39.68 27.78 62.33
C ASN C 106 -40.43 27.84 61.01
N GLY C 107 -40.62 29.05 60.48
CA GLY C 107 -41.33 29.20 59.22
C GLY C 107 -40.67 28.43 58.09
N VAL C 108 -39.34 28.39 58.08
CA VAL C 108 -38.61 27.69 57.04
C VAL C 108 -38.71 26.19 57.28
N GLU C 109 -39.17 25.46 56.27
CA GLU C 109 -39.30 24.01 56.39
C GLU C 109 -37.93 23.35 56.33
N LEU C 110 -37.78 22.27 57.09
CA LEU C 110 -36.54 21.52 57.14
C LEU C 110 -36.62 20.31 56.23
N GLY C 111 -35.64 20.17 55.35
CA GLY C 111 -35.58 19.07 54.40
C GLY C 111 -34.74 17.93 54.92
N LYS C 112 -34.35 17.05 54.00
CA LYS C 112 -33.52 15.88 54.30
C LYS C 112 -32.40 15.78 53.29
N SER C 113 -31.25 15.27 53.75
CA SER C 113 -30.07 15.09 52.92
C SER C 113 -29.69 13.62 52.92
N ASN C 114 -29.81 12.96 51.78
CA ASN C 114 -29.48 11.55 51.67
C ASN C 114 -27.96 11.37 51.71
N ILE C 115 -27.54 10.21 52.21
CA ILE C 115 -26.13 9.86 52.35
C ILE C 115 -25.81 8.72 51.39
N LEU C 116 -24.75 8.90 50.60
CA LEU C 116 -24.30 7.90 49.64
C LEU C 116 -22.95 7.35 50.08
N LEU C 117 -22.85 6.03 50.13
CA LEU C 117 -21.62 5.34 50.55
C LEU C 117 -20.98 4.69 49.34
N ILE C 118 -19.70 4.98 49.13
CA ILE C 118 -18.93 4.43 48.01
C ILE C 118 -17.63 3.88 48.57
N GLY C 119 -17.30 2.64 48.21
CA GLY C 119 -16.09 2.01 48.67
C GLY C 119 -15.91 0.62 48.08
N PRO C 120 -14.72 0.04 48.27
CA PRO C 120 -14.46 -1.30 47.73
C PRO C 120 -15.21 -2.37 48.52
N THR C 121 -15.20 -3.58 47.97
CA THR C 121 -15.87 -4.70 48.61
C THR C 121 -15.25 -4.99 49.98
N GLY C 122 -16.09 -5.40 50.91
CA GLY C 122 -15.63 -5.71 52.26
C GLY C 122 -15.12 -4.52 53.03
N SER C 123 -15.70 -3.35 52.84
CA SER C 123 -15.30 -2.13 53.52
C SER C 123 -16.20 -1.80 54.70
N GLY C 124 -17.15 -2.67 55.03
CA GLY C 124 -18.05 -2.44 56.13
C GLY C 124 -19.26 -1.57 55.81
N LYS C 125 -19.54 -1.33 54.53
CA LYS C 125 -20.70 -0.51 54.18
C LYS C 125 -21.99 -1.16 54.66
N THR C 126 -22.20 -2.43 54.31
CA THR C 126 -23.41 -3.11 54.74
C THR C 126 -23.43 -3.33 56.25
N LEU C 127 -22.25 -3.56 56.84
CA LEU C 127 -22.18 -3.77 58.28
C LEU C 127 -22.64 -2.54 59.05
N LEU C 128 -22.26 -1.35 58.58
CA LEU C 128 -22.66 -0.12 59.26
C LEU C 128 -24.17 0.03 59.29
N ALA C 129 -24.87 -0.54 58.30
CA ALA C 129 -26.33 -0.44 58.28
C ALA C 129 -26.95 -1.25 59.40
N GLU C 130 -26.51 -2.50 59.57
CA GLU C 130 -27.06 -3.34 60.64
C GLU C 130 -26.74 -2.77 62.01
N THR C 131 -25.50 -2.33 62.23
CA THR C 131 -25.11 -1.78 63.52
C THR C 131 -25.91 -0.51 63.84
N LEU C 132 -26.09 0.36 62.84
CA LEU C 132 -26.82 1.59 63.05
C LEU C 132 -28.30 1.34 63.34
N ALA C 133 -28.82 0.17 62.95
CA ALA C 133 -30.22 -0.16 63.20
C ALA C 133 -30.51 -0.49 64.65
N ARG C 134 -29.47 -0.70 65.47
CA ARG C 134 -29.68 -1.04 66.87
C ARG C 134 -30.05 0.16 67.72
N LEU C 135 -29.53 1.34 67.39
CA LEU C 135 -29.80 2.55 68.18
C LEU C 135 -31.00 3.34 67.70
N LEU C 136 -31.26 3.39 66.39
CA LEU C 136 -32.39 4.16 65.89
C LEU C 136 -33.70 3.65 66.49
N ASP C 137 -34.59 4.57 66.82
CA ASP C 137 -35.88 4.26 67.40
C ASP C 137 -37.02 4.42 66.39
N VAL C 138 -36.71 4.34 65.10
CA VAL C 138 -37.72 4.48 64.05
C VAL C 138 -37.59 3.29 63.12
N PRO C 139 -38.66 2.98 62.38
CA PRO C 139 -38.60 1.82 61.45
C PRO C 139 -37.42 1.93 60.50
N PHE C 140 -36.67 0.84 60.37
CA PHE C 140 -35.51 0.77 59.49
C PHE C 140 -35.60 -0.51 58.68
N THR C 141 -35.42 -0.38 57.36
CA THR C 141 -35.48 -1.52 56.45
C THR C 141 -34.30 -1.48 55.48
N MET C 142 -33.83 -2.66 55.11
CA MET C 142 -32.72 -2.82 54.17
C MET C 142 -33.26 -3.52 52.93
N ALA C 143 -33.26 -2.83 51.80
CA ALA C 143 -33.75 -3.36 50.55
C ALA C 143 -32.58 -3.66 49.61
N ASP C 144 -32.89 -4.41 48.55
CA ASP C 144 -31.92 -4.80 47.55
C ASP C 144 -32.25 -4.10 46.23
N ALA C 145 -31.27 -3.42 45.65
CA ALA C 145 -31.50 -2.70 44.41
C ALA C 145 -31.58 -3.65 43.22
N THR C 146 -30.86 -4.77 43.26
CA THR C 146 -30.90 -5.71 42.15
C THR C 146 -32.30 -6.27 41.94
N THR C 147 -32.98 -6.63 43.03
CA THR C 147 -34.34 -7.17 42.91
C THR C 147 -35.32 -6.15 42.36
N LEU C 148 -35.01 -4.86 42.46
CA LEU C 148 -35.90 -3.83 41.96
C LEU C 148 -35.93 -3.83 40.44
N THR C 149 -37.00 -3.27 39.88
CA THR C 149 -37.16 -3.18 38.44
C THR C 149 -38.07 -2.00 38.12
N GLU C 150 -38.06 -1.60 36.86
CA GLU C 150 -38.88 -0.48 36.41
C GLU C 150 -40.36 -0.82 36.54
N ALA C 151 -41.18 0.21 36.75
CA ALA C 151 -42.61 0.02 36.88
C ALA C 151 -43.20 -0.54 35.59
N GLY C 152 -44.28 -1.30 35.73
CA GLY C 152 -44.93 -1.91 34.58
C GLY C 152 -44.32 -3.21 34.12
N TYR C 153 -43.42 -3.79 34.91
CA TYR C 153 -42.77 -5.05 34.57
C TYR C 153 -42.77 -5.97 35.78
N VAL C 154 -42.69 -7.27 35.51
CA VAL C 154 -42.69 -8.24 36.60
C VAL C 154 -41.50 -7.99 37.51
N GLY C 155 -41.68 -8.27 38.80
CA GLY C 155 -40.66 -8.08 39.79
C GLY C 155 -40.98 -6.91 40.72
N GLU C 156 -40.28 -6.88 41.84
CA GLU C 156 -40.49 -5.82 42.82
C GLU C 156 -40.14 -4.47 42.22
N ASP C 157 -41.04 -3.50 42.39
CA ASP C 157 -40.86 -2.16 41.88
C ASP C 157 -40.42 -1.24 43.00
N VAL C 158 -40.30 0.06 42.68
CA VAL C 158 -39.88 1.04 43.68
C VAL C 158 -40.92 1.15 44.79
N GLU C 159 -42.20 1.02 44.44
CA GLU C 159 -43.24 1.10 45.46
C GLU C 159 -43.09 0.03 46.53
N ASN C 160 -42.55 -1.14 46.15
CA ASN C 160 -42.35 -2.21 47.13
C ASN C 160 -41.38 -1.81 48.23
N ILE C 161 -40.49 -0.84 47.96
CA ILE C 161 -39.56 -0.41 49.00
C ILE C 161 -40.34 0.14 50.18
N ILE C 162 -41.34 0.98 49.91
CA ILE C 162 -42.15 1.54 50.99
C ILE C 162 -42.99 0.45 51.62
N GLN C 163 -43.43 -0.54 50.84
CA GLN C 163 -44.24 -1.63 51.39
C GLN C 163 -43.46 -2.39 52.47
N LYS C 164 -42.18 -2.66 52.21
CA LYS C 164 -41.38 -3.35 53.22
C LYS C 164 -41.26 -2.49 54.48
N LEU C 165 -41.12 -1.18 54.31
CA LEU C 165 -41.04 -0.29 55.46
C LEU C 165 -42.31 -0.39 56.30
N LEU C 166 -43.46 -0.55 55.64
CA LEU C 166 -44.72 -0.67 56.37
C LEU C 166 -44.71 -1.92 57.24
N GLN C 167 -44.19 -3.03 56.71
CA GLN C 167 -44.12 -4.26 57.51
C GLN C 167 -43.31 -4.04 58.78
N LYS C 168 -42.28 -3.20 58.71
CA LYS C 168 -41.45 -2.91 59.88
C LYS C 168 -42.10 -1.89 60.80
N CYS C 169 -43.09 -1.14 60.33
CA CYS C 169 -43.78 -0.13 61.12
C CYS C 169 -45.22 -0.53 61.44
N ASP C 170 -45.49 -1.83 61.53
CA ASP C 170 -46.82 -2.37 61.84
C ASP C 170 -47.92 -1.65 61.07
N TYR C 171 -47.63 -1.24 59.83
CA TYR C 171 -48.60 -0.56 58.97
C TYR C 171 -49.21 0.65 59.68
N ASP C 172 -48.36 1.62 59.99
CA ASP C 172 -48.76 2.85 60.65
C ASP C 172 -48.25 4.02 59.83
N VAL C 173 -49.18 4.81 59.28
CA VAL C 173 -48.79 5.96 58.46
C VAL C 173 -48.03 6.98 59.28
N GLN C 174 -48.52 7.27 60.50
CA GLN C 174 -47.86 8.26 61.33
C GLN C 174 -46.41 7.86 61.64
N LYS C 175 -46.19 6.60 61.99
CA LYS C 175 -44.85 6.14 62.31
C LYS C 175 -44.00 5.91 61.07
N ALA C 176 -44.62 5.76 59.90
CA ALA C 176 -43.87 5.53 58.67
C ALA C 176 -43.21 6.81 58.17
N GLN C 177 -43.87 7.96 58.34
CA GLN C 177 -43.31 9.23 57.87
C GLN C 177 -42.03 9.60 58.61
N ARG C 178 -41.84 9.11 59.83
CA ARG C 178 -40.66 9.41 60.62
C ARG C 178 -39.59 8.32 60.52
N GLY C 179 -39.80 7.31 59.68
CA GLY C 179 -38.83 6.25 59.53
C GLY C 179 -37.71 6.59 58.56
N ILE C 180 -36.74 5.67 58.52
CA ILE C 180 -35.58 5.80 57.64
C ILE C 180 -35.46 4.51 56.84
N VAL C 181 -34.89 4.63 55.64
CA VAL C 181 -34.73 3.49 54.74
C VAL C 181 -33.29 3.43 54.27
N TYR C 182 -32.85 2.21 53.94
CA TYR C 182 -31.49 1.95 53.46
C TYR C 182 -31.57 1.05 52.23
N ILE C 183 -30.65 1.27 51.29
CA ILE C 183 -30.59 0.51 50.06
C ILE C 183 -29.16 0.02 49.87
N ASP C 184 -29.02 -1.24 49.46
CA ASP C 184 -27.73 -1.86 49.22
C ASP C 184 -27.61 -2.24 47.76
N GLU C 185 -26.37 -2.32 47.27
CA GLU C 185 -26.09 -2.67 45.88
C GLU C 185 -26.68 -1.63 44.93
N ILE C 186 -26.63 -0.36 45.33
CA ILE C 186 -27.18 0.71 44.50
C ILE C 186 -26.40 0.82 43.19
N ASP C 187 -25.09 0.59 43.22
CA ASP C 187 -24.28 0.67 42.01
C ASP C 187 -24.66 -0.36 40.97
N LYS C 188 -25.40 -1.41 41.34
CA LYS C 188 -25.78 -2.44 40.38
C LYS C 188 -26.84 -1.98 39.39
N ILE C 189 -27.60 -0.93 39.70
CA ILE C 189 -28.63 -0.43 38.81
C ILE C 189 -28.10 0.73 37.96
N SER C 190 -26.78 0.91 37.90
CA SER C 190 -26.21 1.99 37.11
C SER C 190 -26.39 1.71 35.62
N ARG C 191 -26.71 2.76 34.88
CA ARG C 191 -26.90 2.64 33.44
C ARG C 191 -25.59 2.27 32.75
N LYS C 192 -25.70 1.49 31.68
CA LYS C 192 -24.53 1.06 30.92
C LYS C 192 -24.19 2.16 29.92
N SER C 193 -23.41 3.14 30.40
CA SER C 193 -23.04 4.27 29.55
C SER C 193 -22.19 3.85 28.36
N ASP C 194 -21.48 2.72 28.45
CA ASP C 194 -20.66 2.27 27.33
C ASP C 194 -21.51 2.03 26.09
N ASN C 195 -22.65 1.36 26.25
CA ASN C 195 -23.55 1.07 25.14
C ASN C 195 -24.64 2.12 25.09
N PRO C 196 -24.80 2.85 23.99
CA PRO C 196 -25.86 3.87 23.94
C PRO C 196 -27.23 3.24 24.22
N SER C 197 -28.04 3.98 24.97
CA SER C 197 -29.37 3.49 25.32
C SER C 197 -30.23 3.30 24.08
N ILE C 198 -30.53 2.04 23.76
CA ILE C 198 -31.35 1.72 22.60
C ILE C 198 -32.60 0.93 22.98
N THR C 199 -32.60 0.23 24.11
CA THR C 199 -33.73 -0.56 24.56
C THR C 199 -34.04 -0.18 26.01
N ARG C 200 -35.32 -0.21 26.36
CA ARG C 200 -35.74 0.13 27.72
C ARG C 200 -35.00 -0.73 28.72
N ASP C 201 -34.13 -0.12 29.52
CA ASP C 201 -33.35 -0.83 30.53
C ASP C 201 -34.17 -0.89 31.82
N VAL C 202 -35.10 -1.84 31.85
CA VAL C 202 -35.97 -1.99 33.02
C VAL C 202 -35.16 -2.21 34.28
N SER C 203 -34.10 -3.01 34.20
CA SER C 203 -33.27 -3.29 35.37
C SER C 203 -32.22 -2.21 35.64
N GLY C 204 -31.99 -1.30 34.70
CA GLY C 204 -30.97 -0.27 34.88
C GLY C 204 -31.51 1.15 34.97
N GLU C 205 -31.43 1.88 33.86
CA GLU C 205 -31.89 3.27 33.82
C GLU C 205 -33.30 3.42 34.36
N GLY C 206 -34.20 2.50 33.98
CA GLY C 206 -35.57 2.59 34.44
C GLY C 206 -35.68 2.59 35.95
N VAL C 207 -34.87 1.78 36.63
CA VAL C 207 -34.93 1.72 38.09
C VAL C 207 -34.57 3.08 38.68
N GLN C 208 -33.51 3.71 38.17
CA GLN C 208 -33.10 5.01 38.70
C GLN C 208 -34.17 6.07 38.45
N GLN C 209 -34.77 6.06 37.25
CA GLN C 209 -35.79 7.06 36.94
C GLN C 209 -36.95 7.00 37.93
N ALA C 210 -37.41 5.79 38.24
CA ALA C 210 -38.50 5.65 39.19
C ALA C 210 -38.08 6.12 40.58
N LEU C 211 -36.82 5.87 40.95
CA LEU C 211 -36.33 6.29 42.25
C LEU C 211 -36.24 7.81 42.39
N LEU C 212 -36.24 8.54 41.26
CA LEU C 212 -36.12 10.00 41.34
C LEU C 212 -37.28 10.63 42.09
N LYS C 213 -38.46 10.01 42.07
CA LYS C 213 -39.63 10.61 42.72
C LYS C 213 -39.68 10.29 44.22
N LEU C 214 -39.78 9.01 44.57
CA LEU C 214 -39.88 8.63 45.99
C LEU C 214 -38.63 8.96 46.79
N ILE C 215 -37.46 9.06 46.15
CA ILE C 215 -36.24 9.36 46.90
C ILE C 215 -36.36 10.74 47.56
N GLU C 216 -36.87 11.72 46.82
CA GLU C 216 -37.03 13.07 47.33
C GLU C 216 -38.43 13.34 47.86
N GLY C 217 -39.38 12.42 47.63
CA GLY C 217 -40.74 12.60 48.09
C GLY C 217 -41.75 12.64 46.97
N THR C 218 -42.74 11.75 47.02
CA THR C 218 -43.77 11.70 45.99
C THR C 218 -44.94 10.90 46.55
N VAL C 219 -45.94 10.67 45.70
CA VAL C 219 -47.12 9.92 46.08
C VAL C 219 -47.82 9.38 44.84
N VAL C 238 -49.48 7.18 49.93
CA VAL C 238 -48.37 7.28 50.86
C VAL C 238 -47.39 8.33 50.38
N ASP C 239 -46.93 9.17 51.30
CA ASP C 239 -45.98 10.25 51.01
C ASP C 239 -44.63 9.90 51.62
N THR C 240 -43.58 10.07 50.83
CA THR C 240 -42.20 9.78 51.25
C THR C 240 -41.35 11.04 51.21
N SER C 241 -41.92 12.18 51.57
CA SER C 241 -41.23 13.45 51.58
C SER C 241 -40.65 13.81 52.95
N LYS C 242 -40.73 12.90 53.93
CA LYS C 242 -40.21 13.20 55.25
C LYS C 242 -39.44 12.03 55.86
N ILE C 243 -38.90 11.14 55.04
CA ILE C 243 -38.13 9.98 55.51
C ILE C 243 -36.75 10.03 54.88
N LEU C 244 -35.71 9.92 55.72
CA LEU C 244 -34.34 9.95 55.22
C LEU C 244 -34.02 8.68 54.44
N PHE C 245 -33.26 8.85 53.36
CA PHE C 245 -32.86 7.74 52.50
C PHE C 245 -31.35 7.66 52.45
N ILE C 246 -30.82 6.44 52.58
CA ILE C 246 -29.39 6.18 52.54
C ILE C 246 -29.14 5.12 51.47
N CYS C 247 -28.26 5.42 50.53
CA CYS C 247 -27.91 4.51 49.45
C CYS C 247 -26.46 4.08 49.59
N GLY C 248 -26.21 2.80 49.38
CA GLY C 248 -24.86 2.27 49.51
C GLY C 248 -24.62 1.16 48.49
N GLY C 249 -23.38 1.07 48.02
CA GLY C 249 -23.02 0.06 47.05
C GLY C 249 -21.54 0.05 46.77
N ALA C 250 -20.99 -1.14 46.52
CA ALA C 250 -19.56 -1.30 46.23
C ALA C 250 -19.33 -1.02 44.75
N PHE C 251 -19.22 0.27 44.43
CA PHE C 251 -19.00 0.69 43.05
C PHE C 251 -17.73 0.07 42.49
N ALA C 252 -17.89 -0.79 41.48
CA ALA C 252 -16.76 -1.46 40.85
C ALA C 252 -16.44 -0.77 39.53
N GLY C 253 -15.17 -0.38 39.38
CA GLY C 253 -14.72 0.30 38.18
C GLY C 253 -14.76 1.81 38.27
N LEU C 254 -15.35 2.37 39.32
CA LEU C 254 -15.40 3.82 39.46
C LEU C 254 -14.01 4.43 39.58
N ASP C 255 -13.06 3.68 40.15
CA ASP C 255 -11.71 4.19 40.30
C ASP C 255 -11.07 4.46 38.94
N LYS C 256 -11.41 3.67 37.93
CA LYS C 256 -10.84 3.88 36.60
C LYS C 256 -11.26 5.23 36.03
N VAL C 257 -12.54 5.59 36.20
CA VAL C 257 -13.03 6.86 35.67
C VAL C 257 -12.36 8.03 36.38
N ILE C 258 -12.22 7.94 37.71
CA ILE C 258 -11.60 9.02 38.47
C ILE C 258 -10.15 9.21 38.04
N SER C 259 -9.42 8.11 37.85
CA SER C 259 -8.03 8.20 37.45
C SER C 259 -7.89 8.84 36.08
N HIS C 260 -8.78 8.51 35.15
CA HIS C 260 -8.71 9.07 33.81
C HIS C 260 -8.91 10.59 33.80
N ARG C 261 -9.43 11.16 34.89
CA ARG C 261 -9.68 12.59 34.98
C ARG C 261 -8.57 13.32 35.73
N VAL C 262 -8.32 12.93 36.98
CA VAL C 262 -7.30 13.60 37.78
C VAL C 262 -5.92 13.42 37.15
N GLU C 263 -5.59 12.20 36.73
CA GLU C 263 -4.29 11.96 36.11
C GLU C 263 -4.13 12.74 34.83
N THR C 264 -5.11 12.61 33.91
CA THR C 264 -5.11 13.30 32.63
C THR C 264 -3.72 13.33 32.00
N GLY C 265 -3.00 12.22 32.08
CA GLY C 265 -1.67 12.16 31.51
C GLY C 265 -1.35 10.81 30.90
N SER C 266 -0.99 10.80 29.62
CA SER C 266 -0.65 9.58 28.91
C SER C 266 0.02 9.97 27.59
N GLY C 267 0.56 8.97 26.91
CA GLY C 267 1.23 9.19 25.64
C GLY C 267 2.43 8.31 25.42
N ILE C 268 3.11 8.49 24.29
CA ILE C 268 4.29 7.72 23.92
C ILE C 268 5.53 8.58 23.84
N GLY C 269 5.39 9.80 23.31
CA GLY C 269 6.53 10.70 23.16
C GLY C 269 7.22 11.07 24.47
N PHE C 270 8.24 11.92 24.36
CA PHE C 270 8.98 12.34 25.55
C PHE C 270 8.09 13.15 26.49
N GLY C 271 7.23 14.00 25.94
CA GLY C 271 6.36 14.82 26.76
C GLY C 271 5.25 14.07 27.45
N ALA C 272 5.05 12.79 27.11
CA ALA C 272 4.00 12.00 27.73
C ALA C 272 4.29 11.81 29.22
N THR C 273 3.31 11.24 29.92
CA THR C 273 3.41 10.97 31.36
C THR C 273 3.32 9.46 31.56
N VAL C 274 4.46 8.84 31.86
CA VAL C 274 4.55 7.41 32.09
C VAL C 274 5.10 7.18 33.49
N LYS C 275 4.41 6.35 34.27
CA LYS C 275 4.82 6.04 35.63
C LYS C 275 4.57 4.57 35.91
N ALA C 276 5.40 4.00 36.77
CA ALA C 276 5.27 2.59 37.13
C ALA C 276 4.03 2.37 37.99
N LYS C 277 3.57 1.11 38.01
CA LYS C 277 2.38 0.78 38.80
C LYS C 277 2.55 1.15 40.27
N SER C 278 3.78 1.05 40.78
CA SER C 278 4.02 1.40 42.18
C SER C 278 3.72 2.88 42.43
N ASP C 279 4.15 3.75 41.52
CA ASP C 279 3.90 5.18 41.68
C ASP C 279 2.46 5.57 41.34
N LYS C 280 1.73 4.72 40.62
CA LYS C 280 0.35 5.04 40.27
C LYS C 280 -0.52 5.08 41.52
N ALA C 281 -1.49 5.98 41.51
CA ALA C 281 -2.39 6.12 42.65
C ALA C 281 -3.19 4.85 42.87
N SER C 282 -3.28 4.42 44.12
CA SER C 282 -4.01 3.22 44.47
C SER C 282 -5.51 3.51 44.49
N GLU C 283 -6.30 2.43 44.52
CA GLU C 283 -7.75 2.59 44.54
C GLU C 283 -8.23 3.29 45.81
N GLY C 284 -7.53 3.09 46.92
CA GLY C 284 -7.95 3.73 48.16
C GLY C 284 -7.91 5.25 48.08
N GLU C 285 -6.81 5.80 47.57
CA GLU C 285 -6.69 7.25 47.46
C GLU C 285 -7.50 7.81 46.30
N LEU C 286 -7.69 7.03 45.23
CA LEU C 286 -8.46 7.51 44.10
C LEU C 286 -9.90 7.81 44.50
N LEU C 287 -10.51 6.93 45.28
CA LEU C 287 -11.87 7.14 45.73
C LEU C 287 -11.99 8.25 46.77
N ALA C 288 -10.87 8.73 47.30
CA ALA C 288 -10.93 9.80 48.30
C ALA C 288 -11.57 11.06 47.71
N GLN C 289 -11.22 11.39 46.46
CA GLN C 289 -11.77 12.55 45.78
C GLN C 289 -12.74 12.07 44.70
N VAL C 290 -13.99 12.52 44.79
CA VAL C 290 -15.02 12.14 43.83
C VAL C 290 -15.98 13.31 43.68
N GLU C 291 -16.44 13.53 42.46
CA GLU C 291 -17.36 14.60 42.13
C GLU C 291 -18.52 14.04 41.30
N PRO C 292 -19.63 14.76 41.22
CA PRO C 292 -20.77 14.26 40.44
C PRO C 292 -20.42 13.95 38.99
N GLU C 293 -19.48 14.69 38.39
CA GLU C 293 -19.12 14.43 37.00
C GLU C 293 -18.58 13.02 36.82
N ASP C 294 -17.93 12.46 37.85
CA ASP C 294 -17.40 11.10 37.75
C ASP C 294 -18.51 10.06 37.88
N LEU C 295 -19.50 10.32 38.75
CA LEU C 295 -20.59 9.37 38.95
C LEU C 295 -21.45 9.26 37.70
N ILE C 296 -21.73 10.37 37.03
CA ILE C 296 -22.57 10.32 35.83
C ILE C 296 -21.93 9.43 34.77
N LYS C 297 -20.62 9.55 34.57
CA LYS C 297 -19.95 8.72 33.58
C LYS C 297 -19.96 7.25 33.98
N PHE C 298 -19.92 6.96 35.29
CA PHE C 298 -19.93 5.58 35.74
C PHE C 298 -21.23 4.86 35.36
N GLY C 299 -22.31 5.60 35.14
CA GLY C 299 -23.58 4.99 34.77
C GLY C 299 -24.77 5.69 35.38
N LEU C 300 -24.55 6.45 36.46
CA LEU C 300 -25.65 7.15 37.09
C LEU C 300 -26.06 8.36 36.26
N ILE C 301 -27.21 8.92 36.61
CA ILE C 301 -27.76 10.09 35.90
C ILE C 301 -27.59 11.32 36.80
N PRO C 302 -27.42 12.51 36.23
CA PRO C 302 -27.23 13.70 37.08
C PRO C 302 -28.37 13.93 38.07
N GLU C 303 -29.62 13.69 37.65
CA GLU C 303 -30.75 13.92 38.54
C GLU C 303 -30.72 12.96 39.73
N PHE C 304 -30.39 11.69 39.49
CA PHE C 304 -30.36 10.72 40.59
C PHE C 304 -29.32 11.11 41.63
N ILE C 305 -28.12 11.51 41.19
CA ILE C 305 -27.08 11.90 42.13
C ILE C 305 -27.39 13.25 42.76
N GLY C 306 -28.30 14.02 42.17
CA GLY C 306 -28.64 15.31 42.75
C GLY C 306 -29.26 15.20 44.13
N ARG C 307 -30.05 14.15 44.36
CA ARG C 307 -30.68 13.92 45.65
C ARG C 307 -29.75 13.30 46.67
N LEU C 308 -28.45 13.21 46.37
CA LEU C 308 -27.45 12.64 47.27
C LEU C 308 -26.34 13.67 47.46
N PRO C 309 -26.62 14.74 48.21
CA PRO C 309 -25.61 15.79 48.40
C PRO C 309 -24.36 15.33 49.13
N VAL C 310 -24.51 14.79 50.33
CA VAL C 310 -23.36 14.32 51.10
C VAL C 310 -22.99 12.92 50.66
N VAL C 311 -21.72 12.74 50.32
CA VAL C 311 -21.18 11.47 49.86
C VAL C 311 -19.98 11.12 50.72
N ALA C 312 -20.06 9.99 51.42
CA ALA C 312 -18.98 9.52 52.29
C ALA C 312 -18.29 8.34 51.63
N THR C 313 -16.97 8.39 51.52
CA THR C 313 -16.17 7.34 50.92
C THR C 313 -15.41 6.59 52.00
N LEU C 314 -15.49 5.26 51.97
CA LEU C 314 -14.80 4.41 52.94
C LEU C 314 -13.42 4.04 52.42
N ASN C 315 -12.40 4.24 53.25
CA ASN C 315 -11.04 3.91 52.87
C ASN C 315 -10.82 2.40 52.87
N GLU C 316 -9.79 1.97 52.15
CA GLU C 316 -9.46 0.56 52.07
C GLU C 316 -8.76 0.11 53.34
N LEU C 317 -9.19 -1.03 53.88
CA LEU C 317 -8.60 -1.55 55.10
C LEU C 317 -7.12 -1.86 54.89
N SER C 318 -6.29 -1.45 55.84
CA SER C 318 -4.86 -1.69 55.79
C SER C 318 -4.51 -2.90 56.64
N GLU C 319 -3.20 -3.22 56.71
CA GLU C 319 -2.77 -4.37 57.49
C GLU C 319 -3.12 -4.18 58.97
N GLU C 320 -2.92 -2.97 59.49
CA GLU C 320 -3.24 -2.72 60.90
C GLU C 320 -4.73 -2.86 61.16
N ALA C 321 -5.56 -2.36 60.24
CA ALA C 321 -7.00 -2.45 60.41
C ALA C 321 -7.48 -3.90 60.45
N LEU C 322 -6.93 -4.74 59.57
CA LEU C 322 -7.34 -6.13 59.54
C LEU C 322 -7.04 -6.83 60.86
N ILE C 323 -5.88 -6.57 61.43
CA ILE C 323 -5.51 -7.20 62.71
C ILE C 323 -6.50 -6.78 63.80
N GLN C 324 -6.87 -5.50 63.83
CA GLN C 324 -7.80 -5.02 64.84
C GLN C 324 -9.17 -5.67 64.68
N ILE C 325 -9.63 -5.86 63.44
CA ILE C 325 -10.93 -6.45 63.19
C ILE C 325 -11.03 -7.85 63.80
N LEU C 326 -9.89 -8.51 64.04
CA LEU C 326 -9.90 -9.86 64.58
C LEU C 326 -10.23 -9.89 66.08
N LYS C 327 -9.87 -8.85 66.83
CA LYS C 327 -10.11 -8.86 68.27
C LYS C 327 -10.97 -7.70 68.76
N GLU C 328 -10.70 -6.46 68.33
CA GLU C 328 -11.46 -5.32 68.81
C GLU C 328 -12.97 -5.45 68.60
N PRO C 329 -13.47 -5.83 67.43
CA PRO C 329 -14.92 -5.92 67.25
C PRO C 329 -15.55 -6.90 68.24
N LYS C 330 -16.77 -6.57 68.69
CA LYS C 330 -17.47 -7.45 69.62
C LYS C 330 -17.72 -8.81 68.99
N ASN C 331 -18.02 -8.83 67.69
CA ASN C 331 -18.27 -10.06 66.94
C ASN C 331 -17.19 -10.12 65.87
N ALA C 332 -16.02 -10.66 66.23
CA ALA C 332 -14.89 -10.76 65.33
C ALA C 332 -14.76 -12.17 64.79
N LEU C 333 -13.87 -12.31 63.80
CA LEU C 333 -13.65 -13.62 63.17
C LEU C 333 -13.08 -14.62 64.19
N THR C 334 -12.08 -14.19 64.97
CA THR C 334 -11.48 -15.09 65.93
C THR C 334 -12.45 -15.46 67.04
N LYS C 335 -13.24 -14.49 67.51
CA LYS C 335 -14.19 -14.78 68.58
C LYS C 335 -15.24 -15.79 68.13
N GLN C 336 -15.68 -15.71 66.89
CA GLN C 336 -16.68 -16.65 66.38
C GLN C 336 -16.14 -18.07 66.35
N TYR C 337 -14.90 -18.24 65.88
CA TYR C 337 -14.32 -19.58 65.79
C TYR C 337 -14.11 -20.19 67.18
N GLN C 338 -13.52 -19.42 68.10
CA GLN C 338 -13.29 -19.95 69.44
C GLN C 338 -14.61 -20.34 70.10
N ALA C 339 -15.68 -19.58 69.84
CA ALA C 339 -16.97 -19.91 70.42
C ALA C 339 -17.48 -21.24 69.87
N LEU C 340 -17.28 -21.48 68.57
CA LEU C 340 -17.73 -22.74 67.99
C LEU C 340 -17.03 -23.92 68.64
N PHE C 341 -15.72 -23.82 68.85
CA PHE C 341 -15.00 -24.91 69.51
C PHE C 341 -15.49 -25.09 70.95
N ASN C 342 -15.75 -23.98 71.65
CA ASN C 342 -16.22 -24.08 73.02
C ASN C 342 -17.51 -24.89 73.11
N LEU C 343 -18.38 -24.76 72.10
CA LEU C 343 -19.63 -25.52 72.12
C LEU C 343 -19.35 -27.01 72.16
N GLU C 344 -18.32 -27.45 71.44
CA GLU C 344 -17.97 -28.88 71.45
C GLU C 344 -17.44 -29.30 72.81
N GLY C 345 -16.68 -28.43 73.48
CA GLY C 345 -16.12 -28.73 74.78
C GLY C 345 -14.64 -28.41 74.88
N VAL C 346 -14.07 -27.83 73.83
CA VAL C 346 -12.65 -27.47 73.78
C VAL C 346 -12.56 -25.99 73.44
N ASP C 347 -11.78 -25.25 74.23
CA ASP C 347 -11.60 -23.83 73.98
C ASP C 347 -10.46 -23.61 73.00
N LEU C 348 -10.44 -22.42 72.39
CA LEU C 348 -9.44 -22.04 71.41
C LEU C 348 -8.78 -20.74 71.82
N GLU C 349 -7.51 -20.59 71.42
CA GLU C 349 -6.74 -19.40 71.75
C GLU C 349 -5.78 -19.09 70.61
N PHE C 350 -5.54 -17.80 70.38
CA PHE C 350 -4.64 -17.33 69.33
C PHE C 350 -3.62 -16.38 69.94
N ARG C 351 -2.42 -16.36 69.36
CA ARG C 351 -1.35 -15.48 69.81
C ARG C 351 -1.25 -14.27 68.88
N ASP C 352 -0.52 -13.26 69.35
CA ASP C 352 -0.37 -12.03 68.56
C ASP C 352 0.33 -12.29 67.23
N GLU C 353 1.36 -13.12 67.25
CA GLU C 353 2.10 -13.40 66.01
C GLU C 353 1.22 -14.05 64.96
N ALA C 354 0.37 -14.99 65.37
CA ALA C 354 -0.49 -15.67 64.42
C ALA C 354 -1.46 -14.70 63.75
N LEU C 355 -2.04 -13.78 64.52
CA LEU C 355 -2.98 -12.82 63.95
C LEU C 355 -2.30 -11.94 62.91
N ASP C 356 -1.06 -11.50 63.19
CA ASP C 356 -0.36 -10.65 62.25
C ASP C 356 -0.12 -11.37 60.92
N ALA C 357 0.27 -12.64 60.98
CA ALA C 357 0.52 -13.39 59.76
C ALA C 357 -0.74 -13.53 58.91
N ILE C 358 -1.89 -13.76 59.57
CA ILE C 358 -3.14 -13.91 58.84
C ILE C 358 -3.48 -12.63 58.10
N ALA C 359 -3.30 -11.47 58.75
CA ALA C 359 -3.62 -10.20 58.10
C ALA C 359 -2.74 -9.95 56.88
N LYS C 360 -1.44 -10.25 57.00
CA LYS C 360 -0.54 -10.02 55.87
C LYS C 360 -0.93 -10.86 54.66
N LYS C 361 -1.26 -12.14 54.87
CA LYS C 361 -1.64 -13.00 53.76
C LYS C 361 -3.05 -12.74 53.27
N ALA C 362 -3.90 -12.10 54.07
CA ALA C 362 -5.27 -11.82 53.65
C ALA C 362 -5.35 -10.68 52.65
N MET C 363 -4.47 -9.68 52.77
CA MET C 363 -4.50 -8.56 51.84
C MET C 363 -4.23 -9.01 50.41
N ALA C 364 -3.44 -10.06 50.22
CA ALA C 364 -3.13 -10.54 48.88
C ALA C 364 -4.38 -11.00 48.16
N ARG C 365 -5.39 -11.50 48.90
CA ARG C 365 -6.61 -11.97 48.27
C ARG C 365 -7.41 -10.84 47.64
N LYS C 366 -7.21 -9.60 48.09
CA LYS C 366 -7.93 -8.45 47.55
C LYS C 366 -9.43 -8.57 47.78
N THR C 367 -9.83 -9.32 48.80
CA THR C 367 -11.24 -9.51 49.12
C THR C 367 -11.75 -8.57 50.22
N GLY C 368 -10.87 -8.09 51.08
CA GLY C 368 -11.27 -7.20 52.15
C GLY C 368 -11.43 -7.90 53.48
N ALA C 369 -12.46 -7.52 54.24
CA ALA C 369 -12.69 -8.15 55.54
C ALA C 369 -12.97 -9.64 55.40
N ARG C 370 -13.77 -10.01 54.39
CA ARG C 370 -14.10 -11.42 54.19
C ARG C 370 -12.86 -12.26 53.90
N GLY C 371 -11.78 -11.65 53.41
CA GLY C 371 -10.58 -12.41 53.12
C GLY C 371 -9.98 -13.07 54.35
N LEU C 372 -10.24 -12.50 55.53
CA LEU C 372 -9.71 -13.07 56.77
C LEU C 372 -10.34 -14.43 57.06
N ARG C 373 -11.64 -14.58 56.76
CA ARG C 373 -12.32 -15.84 57.04
C ARG C 373 -11.72 -16.99 56.22
N SER C 374 -11.42 -16.75 54.94
CA SER C 374 -10.87 -17.81 54.12
C SER C 374 -9.49 -18.24 54.59
N ILE C 375 -8.64 -17.29 54.99
CA ILE C 375 -7.29 -17.64 55.43
C ILE C 375 -7.35 -18.49 56.69
N VAL C 376 -8.18 -18.11 57.65
CA VAL C 376 -8.27 -18.88 58.90
C VAL C 376 -8.87 -20.26 58.64
N GLU C 377 -9.80 -20.37 57.70
CA GLU C 377 -10.43 -21.66 57.42
C GLU C 377 -9.39 -22.69 56.96
N ALA C 378 -8.52 -22.28 56.04
CA ALA C 378 -7.52 -23.22 55.52
C ALA C 378 -6.55 -23.66 56.61
N ALA C 379 -6.08 -22.72 57.44
CA ALA C 379 -5.14 -23.07 58.49
C ALA C 379 -5.77 -23.98 59.54
N LEU C 380 -7.04 -23.74 59.87
CA LEU C 380 -7.75 -24.52 60.88
C LEU C 380 -8.62 -25.61 60.27
N LEU C 381 -8.47 -25.90 58.97
CA LEU C 381 -9.28 -26.93 58.34
C LEU C 381 -8.88 -28.32 58.84
N ASP C 382 -7.59 -28.63 58.84
CA ASP C 382 -7.14 -29.94 59.27
C ASP C 382 -7.44 -30.18 60.74
N THR C 383 -7.13 -29.21 61.61
CA THR C 383 -7.38 -29.38 63.03
C THR C 383 -8.86 -29.48 63.33
N MET C 384 -9.68 -28.63 62.71
CA MET C 384 -11.12 -28.64 62.96
C MET C 384 -11.77 -29.95 62.53
N TYR C 385 -11.10 -30.74 61.68
CA TYR C 385 -11.68 -32.00 61.22
C TYR C 385 -11.46 -33.13 62.21
N ASP C 386 -10.21 -33.38 62.58
CA ASP C 386 -9.87 -34.47 63.50
C ASP C 386 -10.08 -34.10 64.97
N LEU C 387 -10.25 -32.82 65.29
CA LEU C 387 -10.43 -32.43 66.69
C LEU C 387 -11.67 -33.06 67.32
N PRO C 388 -12.87 -32.98 66.72
CA PRO C 388 -14.04 -33.59 67.38
C PRO C 388 -13.89 -35.09 67.62
N SER C 389 -13.26 -35.82 66.67
CA SER C 389 -13.09 -37.25 66.86
C SER C 389 -12.15 -37.56 68.02
N MET C 390 -11.06 -36.81 68.12
CA MET C 390 -10.10 -37.03 69.20
C MET C 390 -10.69 -36.60 70.53
N GLU C 391 -10.31 -37.31 71.60
CA GLU C 391 -10.77 -37.03 72.95
C GLU C 391 -9.57 -36.70 73.83
N ASP C 392 -9.86 -36.15 75.00
CA ASP C 392 -8.86 -35.75 76.00
C ASP C 392 -8.19 -34.43 75.64
N VAL C 393 -8.79 -33.64 74.76
CA VAL C 393 -8.25 -32.34 74.34
C VAL C 393 -9.08 -31.26 75.01
N GLU C 394 -8.40 -30.36 75.73
CA GLU C 394 -9.07 -29.28 76.43
C GLU C 394 -8.72 -27.88 75.91
N LYS C 395 -7.72 -27.76 75.05
CA LYS C 395 -7.36 -26.44 74.52
C LYS C 395 -6.47 -26.61 73.30
N VAL C 396 -6.58 -25.65 72.38
CA VAL C 396 -5.79 -25.63 71.15
C VAL C 396 -5.20 -24.23 71.00
N VAL C 397 -3.92 -24.17 70.68
CA VAL C 397 -3.19 -22.92 70.52
C VAL C 397 -2.69 -22.82 69.09
N ILE C 398 -2.96 -21.69 68.44
CA ILE C 398 -2.54 -21.44 67.07
C ILE C 398 -1.34 -20.50 67.12
N ASP C 399 -0.22 -20.94 66.56
CA ASP C 399 1.01 -20.15 66.54
C ASP C 399 1.18 -19.51 65.17
N GLU C 400 2.33 -18.86 64.97
CA GLU C 400 2.62 -18.21 63.70
C GLU C 400 3.23 -19.19 62.70
N SER C 401 3.95 -20.21 63.19
CA SER C 401 4.57 -21.17 62.30
C SER C 401 3.56 -22.14 61.68
N VAL C 402 2.33 -22.18 62.20
CA VAL C 402 1.32 -23.07 61.65
C VAL C 402 0.43 -22.39 60.61
N ILE C 403 0.34 -21.06 60.64
CA ILE C 403 -0.49 -20.36 59.66
C ILE C 403 0.05 -20.57 58.26
N ASP C 404 1.37 -20.47 58.08
CA ASP C 404 1.97 -20.64 56.77
C ASP C 404 2.06 -22.10 56.33
N GLY C 405 1.76 -23.05 57.22
CA GLY C 405 1.79 -24.45 56.89
C GLY C 405 3.07 -25.17 57.26
N GLN C 406 4.09 -24.46 57.74
CA GLN C 406 5.34 -25.11 58.11
C GLN C 406 5.12 -26.11 59.24
N SER C 407 4.30 -25.75 60.22
CA SER C 407 3.99 -26.60 61.36
C SER C 407 2.48 -26.80 61.45
N GLU C 408 2.08 -27.67 62.38
CA GLU C 408 0.67 -27.97 62.59
C GLU C 408 0.20 -27.38 63.92
N PRO C 409 -1.08 -27.00 64.02
CA PRO C 409 -1.56 -26.44 65.30
C PRO C 409 -1.30 -27.35 66.48
N LEU C 410 -0.75 -26.79 67.54
CA LEU C 410 -0.43 -27.57 68.74
C LEU C 410 -1.64 -27.65 69.67
N LEU C 411 -1.74 -28.77 70.38
CA LEU C 411 -2.83 -28.99 71.32
C LEU C 411 -2.26 -29.64 72.57
N ILE C 412 -2.91 -29.37 73.71
CA ILE C 412 -2.50 -29.88 75.00
C ILE C 412 -3.57 -30.84 75.52
N TYR C 413 -3.14 -32.00 75.97
CA TYR C 413 -4.05 -33.01 76.50
C TYR C 413 -4.23 -32.85 78.01
N GLY C 414 -5.28 -33.47 78.53
CA GLY C 414 -5.57 -33.41 79.95
C GLY C 414 -4.92 -34.52 80.74
N SER D 62 -27.81 -34.37 71.78
CA SER D 62 -28.00 -34.83 70.41
C SER D 62 -26.77 -35.60 69.94
N ALA D 63 -26.99 -36.60 69.08
CA ALA D 63 -25.91 -37.43 68.55
C ALA D 63 -25.54 -36.89 67.16
N LEU D 64 -24.74 -35.82 67.17
CA LEU D 64 -24.30 -35.22 65.92
C LEU D 64 -23.17 -36.04 65.32
N PRO D 65 -23.29 -36.49 64.06
CA PRO D 65 -22.21 -37.29 63.48
C PRO D 65 -20.91 -36.50 63.40
N THR D 66 -19.82 -37.15 63.76
CA THR D 66 -18.51 -36.52 63.72
C THR D 66 -18.01 -36.44 62.29
N PRO D 67 -17.11 -35.52 61.99
CA PRO D 67 -16.60 -35.40 60.61
C PRO D 67 -16.02 -36.71 60.07
N HIS D 68 -15.37 -37.52 60.90
CA HIS D 68 -14.81 -38.77 60.42
C HIS D 68 -15.89 -39.75 60.00
N GLU D 69 -16.96 -39.88 60.80
CA GLU D 69 -18.03 -40.81 60.49
C GLU D 69 -18.74 -40.41 59.20
N ILE D 70 -19.10 -39.13 59.08
CA ILE D 70 -19.80 -38.67 57.88
C ILE D 70 -18.90 -38.84 56.65
N ARG D 71 -17.60 -38.62 56.81
CA ARG D 71 -16.68 -38.77 55.69
C ARG D 71 -16.64 -40.22 55.22
N ASN D 72 -16.73 -41.17 56.14
CA ASN D 72 -16.71 -42.57 55.76
C ASN D 72 -17.87 -42.90 54.83
N HIS D 73 -19.06 -42.39 55.14
CA HIS D 73 -20.22 -42.64 54.29
C HIS D 73 -20.00 -42.06 52.90
N LEU D 74 -19.41 -40.86 52.82
CA LEU D 74 -19.15 -40.25 51.53
C LEU D 74 -18.19 -41.09 50.70
N ASP D 75 -17.26 -41.79 51.35
CA ASP D 75 -16.32 -42.63 50.62
C ASP D 75 -17.02 -43.78 49.91
N ASP D 76 -18.19 -44.19 50.42
CA ASP D 76 -18.92 -45.29 49.79
C ASP D 76 -19.35 -44.95 48.38
N TYR D 77 -19.81 -43.71 48.16
CA TYR D 77 -20.27 -43.28 46.84
C TYR D 77 -19.23 -42.49 46.06
N VAL D 78 -18.17 -42.01 46.71
CA VAL D 78 -17.13 -41.23 46.05
C VAL D 78 -15.78 -41.84 46.35
N ILE D 79 -14.89 -41.80 45.35
CA ILE D 79 -13.54 -42.35 45.47
C ILE D 79 -12.54 -41.35 44.91
N GLY D 80 -11.32 -41.41 45.41
CA GLY D 80 -10.27 -40.53 44.94
C GLY D 80 -10.51 -39.06 45.22
N GLN D 81 -11.00 -38.72 46.41
CA GLN D 81 -11.27 -37.34 46.77
C GLN D 81 -11.09 -37.21 48.28
N GLU D 82 -10.04 -36.51 48.70
CA GLU D 82 -9.75 -36.32 50.12
C GLU D 82 -9.83 -34.86 50.56
N GLN D 83 -9.39 -33.92 49.71
CA GLN D 83 -9.45 -32.51 50.08
C GLN D 83 -10.88 -32.00 50.09
N ALA D 84 -11.70 -32.46 49.15
CA ALA D 84 -13.09 -32.01 49.09
C ALA D 84 -13.95 -32.69 50.15
N LYS D 85 -13.69 -33.96 50.43
CA LYS D 85 -14.48 -34.67 51.44
C LYS D 85 -14.30 -34.06 52.83
N LYS D 86 -13.06 -33.71 53.18
CA LYS D 86 -12.82 -33.12 54.50
C LYS D 86 -13.42 -31.73 54.61
N VAL D 87 -13.36 -30.94 53.53
CA VAL D 87 -13.93 -29.60 53.56
C VAL D 87 -15.44 -29.66 53.75
N LEU D 88 -16.10 -30.55 53.01
CA LEU D 88 -17.55 -30.67 53.12
C LEU D 88 -17.95 -31.25 54.47
N ALA D 89 -17.14 -32.17 55.00
CA ALA D 89 -17.46 -32.78 56.30
C ALA D 89 -17.33 -31.76 57.44
N VAL D 90 -16.35 -30.86 57.35
CA VAL D 90 -16.16 -29.86 58.39
C VAL D 90 -17.28 -28.84 58.35
N ALA D 91 -17.65 -28.38 57.16
CA ALA D 91 -18.70 -27.37 57.03
C ALA D 91 -20.05 -27.92 57.50
N VAL D 92 -20.40 -29.14 57.07
CA VAL D 92 -21.67 -29.72 57.47
C VAL D 92 -21.71 -29.93 58.98
N TYR D 93 -20.61 -30.41 59.56
CA TYR D 93 -20.57 -30.61 61.00
C TYR D 93 -20.77 -29.29 61.73
N ASN D 94 -20.14 -28.21 61.23
CA ASN D 94 -20.31 -26.91 61.85
C ASN D 94 -21.75 -26.43 61.73
N HIS D 95 -22.44 -26.81 60.65
CA HIS D 95 -23.83 -26.42 60.47
C HIS D 95 -24.70 -26.98 61.58
N TYR D 96 -24.49 -28.26 61.92
CA TYR D 96 -25.27 -28.87 63.00
C TYR D 96 -24.96 -28.20 64.34
N LYS D 97 -23.69 -27.90 64.60
CA LYS D 97 -23.33 -27.26 65.85
C LYS D 97 -24.02 -25.91 66.00
N ARG D 98 -24.05 -25.12 64.92
CA ARG D 98 -24.72 -23.83 64.96
C ARG D 98 -26.22 -23.98 65.17
N LEU D 99 -26.80 -25.08 64.66
CA LEU D 99 -28.23 -25.31 64.85
C LEU D 99 -28.56 -25.49 66.32
N ARG D 100 -27.71 -26.22 67.06
CA ARG D 100 -27.97 -26.42 68.49
C ARG D 100 -27.96 -25.09 69.23
N ASN D 101 -27.01 -24.23 68.91
CA ASN D 101 -26.89 -22.91 69.54
C ASN D 101 -27.62 -21.86 68.69
N GLY D 102 -28.91 -22.12 68.47
CA GLY D 102 -29.72 -21.22 67.67
C GLY D 102 -29.82 -19.84 68.28
N ASP D 103 -29.97 -19.76 69.60
CA ASP D 103 -30.09 -18.48 70.30
C ASP D 103 -28.74 -17.81 70.51
N THR D 104 -27.64 -18.47 70.18
CA THR D 104 -26.29 -17.91 70.34
C THR D 104 -26.10 -17.36 71.75
N SER D 105 -26.14 -18.28 72.71
CA SER D 105 -25.98 -17.94 74.12
C SER D 105 -24.84 -16.94 74.32
N ASN D 106 -23.68 -17.23 73.75
CA ASN D 106 -22.55 -16.33 73.87
C ASN D 106 -22.81 -15.05 73.08
N GLY D 107 -22.17 -13.96 73.51
CA GLY D 107 -22.36 -12.69 72.84
C GLY D 107 -22.02 -12.74 71.36
N VAL D 108 -20.94 -13.44 71.02
CA VAL D 108 -20.52 -13.55 69.63
C VAL D 108 -21.51 -14.43 68.87
N GLU D 109 -21.93 -13.99 67.69
CA GLU D 109 -22.87 -14.72 66.85
C GLU D 109 -22.11 -15.51 65.81
N LEU D 110 -22.44 -16.80 65.69
CA LEU D 110 -21.77 -17.66 64.72
C LEU D 110 -22.33 -17.42 63.32
N GLY D 111 -21.43 -17.29 62.36
CA GLY D 111 -21.80 -17.06 60.97
C GLY D 111 -21.76 -18.33 60.16
N LYS D 112 -21.56 -18.16 58.85
CA LYS D 112 -21.50 -19.27 57.92
C LYS D 112 -20.35 -19.07 56.94
N SER D 113 -19.84 -20.17 56.40
CA SER D 113 -18.73 -20.16 55.45
C SER D 113 -19.15 -20.94 54.21
N ASN D 114 -19.47 -20.22 53.14
CA ASN D 114 -19.87 -20.86 51.90
C ASN D 114 -18.68 -21.54 51.23
N ILE D 115 -18.95 -22.62 50.51
CA ILE D 115 -17.92 -23.40 49.84
C ILE D 115 -18.02 -23.20 48.33
N LEU D 116 -16.88 -23.39 47.67
CA LEU D 116 -16.78 -23.28 46.22
C LEU D 116 -16.00 -24.49 45.72
N LEU D 117 -16.57 -25.20 44.74
CA LEU D 117 -15.96 -26.40 44.18
C LEU D 117 -15.49 -26.12 42.76
N ILE D 118 -14.22 -26.40 42.48
CA ILE D 118 -13.62 -26.21 41.18
C ILE D 118 -12.94 -27.50 40.76
N GLY D 119 -13.27 -27.99 39.57
CA GLY D 119 -12.68 -29.21 39.08
C GLY D 119 -13.13 -29.54 37.66
N PRO D 120 -12.41 -30.44 37.00
CA PRO D 120 -12.77 -30.81 35.62
C PRO D 120 -14.03 -31.66 35.60
N THR D 121 -14.57 -31.82 34.38
CA THR D 121 -15.77 -32.61 34.21
C THR D 121 -15.54 -34.05 34.65
N GLY D 122 -16.58 -34.66 35.22
CA GLY D 122 -16.49 -36.03 35.69
C GLY D 122 -15.54 -36.22 36.85
N SER D 123 -15.54 -35.29 37.81
CA SER D 123 -14.66 -35.38 38.97
C SER D 123 -15.42 -35.67 40.26
N GLY D 124 -16.75 -35.68 40.24
CA GLY D 124 -17.53 -35.95 41.42
C GLY D 124 -18.13 -34.74 42.11
N LYS D 125 -18.16 -33.58 41.45
CA LYS D 125 -18.73 -32.40 42.08
C LYS D 125 -20.22 -32.59 42.36
N THR D 126 -20.98 -33.02 41.36
CA THR D 126 -22.41 -33.23 41.55
C THR D 126 -22.67 -34.50 42.36
N LEU D 127 -21.83 -35.52 42.21
CA LEU D 127 -22.02 -36.76 42.95
C LEU D 127 -21.89 -36.52 44.45
N LEU D 128 -20.96 -35.64 44.84
CA LEU D 128 -20.77 -35.35 46.27
C LEU D 128 -22.02 -34.72 46.87
N ALA D 129 -22.67 -33.82 46.13
CA ALA D 129 -23.87 -33.17 46.66
C ALA D 129 -25.01 -34.17 46.84
N GLU D 130 -25.16 -35.11 45.89
CA GLU D 130 -26.25 -36.08 45.99
C GLU D 130 -26.04 -37.02 47.17
N THR D 131 -24.84 -37.60 47.30
CA THR D 131 -24.59 -38.52 48.40
C THR D 131 -24.69 -37.83 49.75
N LEU D 132 -24.19 -36.60 49.85
CA LEU D 132 -24.25 -35.87 51.11
C LEU D 132 -25.70 -35.55 51.50
N ALA D 133 -26.54 -35.24 50.51
CA ALA D 133 -27.93 -34.91 50.80
C ALA D 133 -28.65 -36.05 51.51
N ARG D 134 -28.22 -37.29 51.29
CA ARG D 134 -28.87 -38.41 51.95
C ARG D 134 -28.74 -38.32 53.47
N LEU D 135 -27.55 -38.00 53.97
CA LEU D 135 -27.35 -37.88 55.40
C LEU D 135 -27.91 -36.59 55.97
N LEU D 136 -27.88 -35.50 55.19
CA LEU D 136 -28.39 -34.22 55.65
C LEU D 136 -29.85 -34.31 56.05
N ASP D 137 -30.13 -34.17 57.34
CA ASP D 137 -31.51 -34.21 57.82
C ASP D 137 -32.25 -32.92 57.53
N VAL D 138 -31.54 -31.82 57.32
CA VAL D 138 -32.15 -30.52 57.03
C VAL D 138 -32.59 -30.54 55.57
N PRO D 139 -33.55 -29.71 55.16
CA PRO D 139 -33.97 -29.72 53.76
C PRO D 139 -32.83 -29.33 52.83
N PHE D 140 -32.58 -30.17 51.84
CA PHE D 140 -31.53 -29.96 50.86
C PHE D 140 -32.16 -29.73 49.48
N THR D 141 -31.59 -28.80 48.72
CA THR D 141 -32.10 -28.47 47.40
C THR D 141 -30.95 -28.32 46.42
N MET D 142 -31.24 -28.58 45.15
CA MET D 142 -30.28 -28.46 44.06
C MET D 142 -30.88 -27.54 43.00
N ALA D 143 -30.10 -26.55 42.57
CA ALA D 143 -30.54 -25.59 41.58
C ALA D 143 -29.48 -25.43 40.49
N ASP D 144 -29.94 -25.02 39.32
CA ASP D 144 -29.09 -24.80 38.16
C ASP D 144 -28.92 -23.31 37.94
N ALA D 145 -27.67 -22.87 37.83
CA ALA D 145 -27.40 -21.44 37.64
C ALA D 145 -27.73 -21.00 36.22
N THR D 146 -27.69 -21.91 35.25
CA THR D 146 -28.00 -21.53 33.87
C THR D 146 -29.42 -21.01 33.72
N THR D 147 -30.38 -21.69 34.36
CA THR D 147 -31.78 -21.26 34.26
C THR D 147 -31.99 -19.90 34.92
N LEU D 148 -31.29 -19.62 36.01
CA LEU D 148 -31.46 -18.34 36.70
C LEU D 148 -30.98 -17.18 35.83
N THR D 149 -31.65 -16.05 35.98
CA THR D 149 -31.34 -14.83 35.25
C THR D 149 -31.60 -13.64 36.17
N GLU D 150 -31.33 -12.44 35.66
CA GLU D 150 -31.54 -11.23 36.45
C GLU D 150 -33.03 -11.03 36.72
N ALA D 151 -33.32 -10.35 37.82
CA ALA D 151 -34.71 -10.10 38.21
C ALA D 151 -35.41 -9.25 37.16
N GLY D 152 -36.70 -9.50 36.99
CA GLY D 152 -37.49 -8.77 36.02
C GLY D 152 -37.51 -9.34 34.63
N TYR D 153 -37.14 -10.61 34.46
CA TYR D 153 -37.10 -11.26 33.16
C TYR D 153 -37.87 -12.57 33.22
N VAL D 154 -38.11 -13.16 32.05
CA VAL D 154 -38.86 -14.41 31.97
C VAL D 154 -38.15 -15.52 32.74
N GLY D 155 -36.82 -15.59 32.61
CA GLY D 155 -36.06 -16.61 33.29
C GLY D 155 -36.33 -16.65 34.78
N GLU D 156 -36.08 -17.80 35.40
CA GLU D 156 -36.32 -17.94 36.83
C GLU D 156 -35.42 -16.99 37.63
N ASP D 157 -35.99 -16.39 38.66
CA ASP D 157 -35.27 -15.47 39.52
C ASP D 157 -34.50 -16.22 40.60
N VAL D 158 -33.60 -15.51 41.28
CA VAL D 158 -32.80 -16.12 42.33
C VAL D 158 -33.70 -16.55 43.49
N GLU D 159 -34.83 -15.88 43.69
CA GLU D 159 -35.73 -16.24 44.78
C GLU D 159 -36.30 -17.65 44.62
N ASN D 160 -36.31 -18.19 43.40
CA ASN D 160 -36.85 -19.53 43.20
C ASN D 160 -36.04 -20.59 43.94
N ILE D 161 -34.78 -20.31 44.27
CA ILE D 161 -33.97 -21.29 44.99
C ILE D 161 -34.59 -21.57 46.36
N ILE D 162 -35.00 -20.51 47.07
CA ILE D 162 -35.62 -20.70 48.37
C ILE D 162 -36.97 -21.36 48.24
N GLN D 163 -37.70 -21.08 47.15
CA GLN D 163 -39.01 -21.68 46.96
C GLN D 163 -38.92 -23.20 46.90
N LYS D 164 -37.93 -23.72 46.17
CA LYS D 164 -37.78 -25.17 46.08
C LYS D 164 -37.46 -25.77 47.44
N LEU D 165 -36.64 -25.08 48.24
CA LEU D 165 -36.30 -25.59 49.56
C LEU D 165 -37.54 -25.71 50.45
N LEU D 166 -38.45 -24.74 50.35
CA LEU D 166 -39.67 -24.79 51.15
C LEU D 166 -40.46 -26.06 50.86
N GLN D 167 -40.51 -26.47 49.59
CA GLN D 167 -41.23 -27.69 49.24
C GLN D 167 -40.63 -28.90 49.95
N LYS D 168 -39.31 -28.95 50.05
CA LYS D 168 -38.67 -30.08 50.71
C LYS D 168 -38.94 -30.09 52.22
N CYS D 169 -39.17 -28.92 52.81
CA CYS D 169 -39.45 -28.80 54.23
C CYS D 169 -40.93 -28.82 54.55
N ASP D 170 -41.79 -29.07 53.56
CA ASP D 170 -43.24 -29.12 53.77
C ASP D 170 -43.76 -27.76 54.24
N TYR D 171 -43.57 -26.77 53.37
CA TYR D 171 -44.01 -25.39 53.62
C TYR D 171 -43.69 -24.93 55.04
N ASP D 172 -42.55 -25.36 55.58
CA ASP D 172 -42.13 -25.00 56.93
C ASP D 172 -41.06 -23.91 56.81
N VAL D 173 -41.46 -22.66 57.07
CA VAL D 173 -40.52 -21.55 56.96
C VAL D 173 -39.44 -21.67 58.03
N GLN D 174 -39.80 -22.13 59.22
CA GLN D 174 -38.81 -22.25 60.30
C GLN D 174 -37.71 -23.23 59.90
N LYS D 175 -38.06 -24.37 59.32
CA LYS D 175 -37.05 -25.33 58.91
C LYS D 175 -36.23 -24.80 57.75
N ALA D 176 -36.82 -23.98 56.88
CA ALA D 176 -36.09 -23.42 55.75
C ALA D 176 -34.93 -22.54 56.20
N GLN D 177 -35.01 -21.98 57.41
CA GLN D 177 -33.93 -21.13 57.89
C GLN D 177 -32.62 -21.91 58.00
N ARG D 178 -32.70 -23.14 58.51
CA ARG D 178 -31.53 -24.02 58.67
C ARG D 178 -31.57 -25.03 57.53
N GLY D 179 -31.02 -24.64 56.38
CA GLY D 179 -30.99 -25.51 55.22
C GLY D 179 -29.67 -25.36 54.47
N ILE D 180 -29.46 -26.31 53.55
CA ILE D 180 -28.26 -26.35 52.72
C ILE D 180 -28.70 -26.42 51.26
N VAL D 181 -28.08 -25.58 50.43
CA VAL D 181 -28.40 -25.54 49.00
C VAL D 181 -27.12 -25.81 48.22
N TYR D 182 -27.29 -26.34 47.01
CA TYR D 182 -26.17 -26.66 46.12
C TYR D 182 -26.47 -26.06 44.75
N ILE D 183 -25.81 -24.94 44.42
CA ILE D 183 -26.00 -24.26 43.15
C ILE D 183 -25.00 -24.87 42.18
N ASP D 184 -25.44 -25.88 41.43
CA ASP D 184 -24.59 -26.54 40.47
C ASP D 184 -24.38 -25.64 39.25
N GLU D 185 -23.27 -25.91 38.54
CA GLU D 185 -22.91 -25.15 37.34
C GLU D 185 -22.80 -23.65 37.64
N ILE D 186 -22.21 -23.34 38.80
CA ILE D 186 -22.06 -21.93 39.18
C ILE D 186 -21.14 -21.19 38.23
N ASP D 187 -20.17 -21.87 37.63
CA ASP D 187 -19.24 -21.24 36.71
C ASP D 187 -19.93 -20.70 35.46
N LYS D 188 -21.13 -21.20 35.15
CA LYS D 188 -21.85 -20.71 33.98
C LYS D 188 -22.20 -19.24 34.10
N ILE D 189 -22.56 -18.77 35.29
CA ILE D 189 -22.90 -17.37 35.46
C ILE D 189 -21.62 -16.61 35.79
N SER D 190 -20.86 -16.24 34.75
CA SER D 190 -19.60 -15.53 34.91
C SER D 190 -19.42 -14.56 33.76
N ARG D 191 -18.79 -13.42 34.05
CA ARG D 191 -18.54 -12.42 33.02
C ARG D 191 -17.70 -13.01 31.91
N LYS D 192 -18.26 -13.04 30.69
CA LYS D 192 -17.55 -13.54 29.54
C LYS D 192 -16.43 -12.57 29.17
N SER D 193 -15.85 -12.76 27.98
CA SER D 193 -14.79 -11.90 27.48
C SER D 193 -15.18 -10.44 27.68
N ASP D 194 -14.19 -9.59 27.94
CA ASP D 194 -14.49 -8.18 28.19
C ASP D 194 -15.35 -8.03 29.43
N ASN D 195 -14.80 -8.39 30.59
CA ASN D 195 -15.55 -8.29 31.85
C ASN D 195 -16.33 -6.99 31.99
N PRO D 196 -15.81 -5.81 31.63
CA PRO D 196 -16.62 -4.58 31.77
C PRO D 196 -18.06 -4.73 31.33
N SER D 197 -18.33 -5.58 30.34
CA SER D 197 -19.68 -5.86 29.86
C SER D 197 -20.42 -4.56 29.51
N ILE D 198 -19.91 -3.90 28.47
CA ILE D 198 -20.53 -2.67 27.99
C ILE D 198 -22.03 -2.86 27.82
N THR D 199 -22.46 -4.07 27.47
CA THR D 199 -23.87 -4.40 27.31
C THR D 199 -24.41 -4.97 28.62
N ARG D 200 -25.73 -4.93 28.75
CA ARG D 200 -26.37 -5.46 29.96
C ARG D 200 -26.41 -6.98 29.90
N ASP D 201 -25.91 -7.62 30.94
CA ASP D 201 -25.86 -9.06 31.05
C ASP D 201 -26.83 -9.51 32.13
N VAL D 202 -27.78 -10.36 31.76
CA VAL D 202 -28.77 -10.87 32.70
C VAL D 202 -28.52 -12.33 33.08
N SER D 203 -28.10 -13.17 32.13
CA SER D 203 -27.82 -14.57 32.41
C SER D 203 -26.41 -14.81 32.92
N GLY D 204 -25.57 -13.78 32.93
CA GLY D 204 -24.21 -13.90 33.40
C GLY D 204 -23.96 -13.10 34.66
N GLU D 205 -23.33 -11.93 34.50
CA GLU D 205 -23.04 -11.09 35.66
C GLU D 205 -24.31 -10.70 36.40
N GLY D 206 -25.44 -10.57 35.69
CA GLY D 206 -26.68 -10.20 36.35
C GLY D 206 -27.06 -11.19 37.44
N VAL D 207 -26.85 -12.49 37.18
CA VAL D 207 -27.18 -13.50 38.19
C VAL D 207 -26.30 -13.34 39.41
N GLN D 208 -25.00 -13.09 39.20
CA GLN D 208 -24.09 -12.93 40.32
C GLN D 208 -24.50 -11.77 41.21
N GLN D 209 -24.88 -10.64 40.60
CA GLN D 209 -25.29 -9.47 41.38
C GLN D 209 -26.50 -9.80 42.25
N ALA D 210 -27.49 -10.49 41.68
CA ALA D 210 -28.68 -10.85 42.45
C ALA D 210 -28.37 -11.87 43.53
N LEU D 211 -27.29 -12.64 43.38
CA LEU D 211 -26.89 -13.64 44.36
C LEU D 211 -26.01 -13.08 45.46
N LEU D 212 -25.61 -11.81 45.38
CA LEU D 212 -24.77 -11.23 46.44
C LEU D 212 -25.54 -11.13 47.75
N LYS D 213 -26.77 -10.60 47.70
CA LYS D 213 -27.56 -10.47 48.92
C LYS D 213 -28.18 -11.79 49.35
N LEU D 214 -28.48 -12.69 48.41
CA LEU D 214 -29.08 -13.97 48.77
C LEU D 214 -28.07 -14.88 49.44
N ILE D 215 -26.86 -14.98 48.88
CA ILE D 215 -25.83 -15.84 49.46
C ILE D 215 -25.38 -15.30 50.82
N GLU D 216 -25.13 -14.00 50.90
CA GLU D 216 -24.70 -13.40 52.16
C GLU D 216 -25.78 -13.52 53.22
N GLY D 217 -27.04 -13.28 52.84
CA GLY D 217 -28.15 -13.35 53.75
C GLY D 217 -29.06 -12.14 53.65
N THR D 218 -30.34 -12.39 53.39
CA THR D 218 -31.30 -11.30 53.26
C THR D 218 -32.70 -11.86 53.39
N VAL D 219 -33.66 -10.98 53.64
CA VAL D 219 -35.07 -11.35 53.80
C VAL D 219 -35.70 -11.27 52.41
N ALA D 220 -35.92 -12.42 51.79
CA ALA D 220 -36.52 -12.51 50.47
C ALA D 220 -37.97 -12.93 50.59
N ALA D 221 -38.86 -12.15 49.97
CA ALA D 221 -40.30 -12.43 50.00
C ALA D 221 -40.60 -13.52 48.96
N VAL D 222 -40.42 -14.77 49.39
CA VAL D 222 -40.67 -15.90 48.50
C VAL D 222 -42.15 -15.91 48.12
N PRO D 223 -42.50 -16.03 46.84
CA PRO D 223 -43.93 -16.06 46.47
C PRO D 223 -44.65 -17.23 47.13
N PRO D 224 -45.90 -17.03 47.55
CA PRO D 224 -46.64 -18.12 48.18
C PRO D 224 -47.24 -19.14 47.22
N GLN D 225 -46.87 -19.08 45.94
CA GLN D 225 -47.40 -20.00 44.93
C GLN D 225 -46.46 -21.20 44.83
N GLY D 226 -46.61 -21.99 43.77
CA GLY D 226 -45.77 -23.16 43.57
C GLY D 226 -46.12 -24.30 44.51
N GLY D 227 -47.32 -24.85 44.35
CA GLY D 227 -47.79 -25.94 45.18
C GLY D 227 -48.65 -25.53 46.35
N ARG D 228 -48.87 -24.22 46.55
CA ARG D 228 -49.69 -23.73 47.64
C ARG D 228 -50.76 -22.81 47.08
N LYS D 229 -51.48 -22.10 47.95
CA LYS D 229 -52.53 -21.20 47.52
C LYS D 229 -52.01 -20.23 46.47
N HIS D 230 -52.64 -20.24 45.29
CA HIS D 230 -52.25 -19.39 44.18
C HIS D 230 -52.69 -17.94 44.35
N PRO D 231 -53.92 -17.67 44.80
CA PRO D 231 -54.36 -16.28 44.97
C PRO D 231 -53.36 -15.42 45.74
N GLN D 232 -53.46 -14.10 45.59
CA GLN D 232 -52.54 -13.19 46.26
C GLN D 232 -52.83 -13.16 47.75
N GLN D 233 -51.78 -13.39 48.54
CA GLN D 233 -51.87 -13.37 50.00
C GLN D 233 -50.56 -12.84 50.56
N GLU D 234 -50.46 -12.78 51.89
CA GLU D 234 -49.26 -12.31 52.55
C GLU D 234 -48.06 -13.14 52.14
N PHE D 235 -47.12 -12.53 51.41
CA PHE D 235 -45.93 -13.25 50.98
C PHE D 235 -45.13 -13.74 52.17
N LEU D 236 -44.70 -14.99 52.12
CA LEU D 236 -43.91 -15.55 53.21
C LEU D 236 -42.54 -14.91 53.26
N GLN D 237 -42.08 -14.62 54.48
CA GLN D 237 -40.78 -14.00 54.69
C GLN D 237 -39.79 -15.07 55.14
N VAL D 238 -38.75 -15.29 54.33
CA VAL D 238 -37.72 -16.27 54.60
C VAL D 238 -36.38 -15.56 54.65
N ASP D 239 -35.63 -15.79 55.73
CA ASP D 239 -34.32 -15.18 55.92
C ASP D 239 -33.25 -16.21 55.56
N THR D 240 -32.35 -15.83 54.66
CA THR D 240 -31.27 -16.69 54.19
C THR D 240 -29.95 -16.39 54.91
N SER D 241 -30.03 -15.95 56.16
CA SER D 241 -28.83 -15.63 56.94
C SER D 241 -28.18 -16.86 57.55
N LYS D 242 -28.87 -18.00 57.59
CA LYS D 242 -28.32 -19.22 58.17
C LYS D 242 -28.28 -20.38 57.17
N ILE D 243 -28.65 -20.14 55.92
CA ILE D 243 -28.63 -21.20 54.91
C ILE D 243 -27.23 -21.33 54.36
N LEU D 244 -26.65 -22.52 54.48
CA LEU D 244 -25.29 -22.78 53.99
C LEU D 244 -25.36 -23.02 52.49
N PHE D 245 -24.80 -22.10 51.71
CA PHE D 245 -24.80 -22.20 50.25
C PHE D 245 -23.47 -22.77 49.78
N ILE D 246 -23.55 -23.79 48.93
CA ILE D 246 -22.39 -24.46 48.37
C ILE D 246 -22.50 -24.37 46.85
N CYS D 247 -21.57 -23.65 46.24
CA CYS D 247 -21.55 -23.47 44.79
C CYS D 247 -20.53 -24.43 44.18
N GLY D 248 -20.94 -25.12 43.12
CA GLY D 248 -20.06 -26.06 42.45
C GLY D 248 -20.14 -25.98 40.94
N GLY D 249 -19.00 -26.01 40.27
CA GLY D 249 -18.98 -25.94 38.82
C GLY D 249 -17.60 -26.22 38.30
N ALA D 250 -17.55 -26.60 37.01
CA ALA D 250 -16.31 -26.92 36.32
C ALA D 250 -15.89 -25.69 35.52
N PHE D 251 -15.01 -24.88 36.11
CA PHE D 251 -14.53 -23.66 35.45
C PHE D 251 -13.58 -24.01 34.31
N ALA D 252 -14.11 -24.12 33.10
CA ALA D 252 -13.28 -24.44 31.95
C ALA D 252 -12.42 -23.24 31.58
N GLY D 253 -11.12 -23.49 31.36
CA GLY D 253 -10.19 -22.45 31.01
C GLY D 253 -9.52 -21.76 32.19
N LEU D 254 -9.96 -22.05 33.42
CA LEU D 254 -9.36 -21.41 34.59
C LEU D 254 -7.90 -21.82 34.75
N ASP D 255 -7.52 -23.01 34.27
CA ASP D 255 -6.14 -23.45 34.39
C ASP D 255 -5.20 -22.53 33.62
N LYS D 256 -5.62 -22.06 32.45
CA LYS D 256 -4.78 -21.17 31.66
C LYS D 256 -4.50 -19.87 32.40
N VAL D 257 -5.51 -19.32 33.06
CA VAL D 257 -5.32 -18.08 33.81
C VAL D 257 -4.35 -18.28 34.96
N ILE D 258 -4.47 -19.41 35.67
CA ILE D 258 -3.59 -19.67 36.80
C ILE D 258 -2.14 -19.79 36.34
N SER D 259 -1.90 -20.49 35.23
CA SER D 259 -0.53 -20.64 34.74
C SER D 259 0.10 -19.29 34.40
N HIS D 260 -0.68 -18.39 33.78
CA HIS D 260 -0.14 -17.08 33.42
C HIS D 260 0.37 -16.31 34.63
N ARG D 261 -0.11 -16.63 35.83
CA ARG D 261 0.31 -15.92 37.04
C ARG D 261 1.44 -16.65 37.78
N VAL D 262 1.19 -17.90 38.19
CA VAL D 262 2.21 -18.64 38.95
C VAL D 262 3.40 -18.97 38.06
N GLU D 263 3.15 -19.46 36.85
CA GLU D 263 4.23 -19.81 35.94
C GLU D 263 4.69 -18.57 35.18
N THR D 264 5.93 -18.16 35.42
CA THR D 264 6.47 -16.98 34.76
C THR D 264 6.63 -17.25 33.26
N GLY D 265 6.36 -16.23 32.45
CA GLY D 265 6.48 -16.33 31.01
C GLY D 265 7.45 -15.31 30.48
N SER D 266 8.13 -15.66 29.39
CA SER D 266 9.11 -14.80 28.76
C SER D 266 8.94 -14.85 27.25
N GLY D 267 9.43 -13.82 26.58
CA GLY D 267 9.32 -13.73 25.13
C GLY D 267 10.47 -14.38 24.39
N ILE D 268 11.00 -13.67 23.39
CA ILE D 268 12.09 -14.14 22.56
C ILE D 268 13.30 -13.25 22.79
N GLY D 269 14.46 -13.85 23.03
CA GLY D 269 15.67 -13.09 23.26
C GLY D 269 16.85 -14.01 23.45
N PHE D 270 18.01 -13.38 23.70
CA PHE D 270 19.25 -14.12 23.91
C PHE D 270 19.52 -14.35 25.40
N GLY D 271 19.55 -13.27 26.18
CA GLY D 271 19.81 -13.38 27.62
C GLY D 271 18.60 -13.02 28.46
N ALA D 272 18.60 -13.49 29.71
CA ALA D 272 17.50 -13.22 30.64
C ALA D 272 16.16 -13.66 30.05
N THR D 273 16.17 -14.80 29.36
CA THR D 273 14.97 -15.36 28.74
C THR D 273 14.85 -16.83 29.12
N VAL D 274 13.65 -17.24 29.52
CA VAL D 274 13.38 -18.61 29.91
C VAL D 274 12.63 -19.28 28.77
N LYS D 275 13.17 -20.40 28.29
CA LYS D 275 12.53 -21.12 27.18
C LYS D 275 11.18 -21.69 27.58
N ALA D 276 11.08 -22.22 28.80
CA ALA D 276 9.83 -22.81 29.29
C ALA D 276 9.39 -23.95 28.36
N LYS D 277 10.20 -25.00 28.37
CA LYS D 277 9.95 -26.17 27.54
C LYS D 277 8.50 -26.62 27.67
N SER D 278 8.01 -27.29 26.62
CA SER D 278 6.61 -27.73 26.60
C SER D 278 6.28 -28.66 27.77
N ASP D 279 7.18 -29.59 28.09
CA ASP D 279 6.91 -30.52 29.18
C ASP D 279 7.00 -29.84 30.53
N LYS D 280 5.84 -29.39 31.05
CA LYS D 280 5.77 -28.72 32.34
C LYS D 280 4.74 -29.39 33.23
N ALA D 281 4.41 -28.76 34.35
CA ALA D 281 3.43 -29.32 35.27
C ALA D 281 2.07 -29.39 34.60
N SER D 282 1.31 -30.44 34.93
CA SER D 282 -0.02 -30.63 34.35
C SER D 282 -0.99 -29.61 34.94
N GLU D 283 -2.16 -29.50 34.28
CA GLU D 283 -3.18 -28.56 34.74
C GLU D 283 -3.68 -28.90 36.14
N GLY D 284 -3.56 -30.16 36.57
CA GLY D 284 -4.03 -30.51 37.90
C GLY D 284 -3.33 -29.74 39.00
N GLU D 285 -2.00 -29.58 38.87
CA GLU D 285 -1.27 -28.84 39.89
C GLU D 285 -1.71 -27.38 39.95
N LEU D 286 -1.98 -26.78 38.79
CA LEU D 286 -2.41 -25.38 38.77
C LEU D 286 -3.72 -25.20 39.52
N LEU D 287 -4.67 -26.12 39.32
CA LEU D 287 -5.95 -26.00 40.01
C LEU D 287 -5.78 -26.07 41.53
N ALA D 288 -4.84 -26.89 41.99
CA ALA D 288 -4.63 -27.01 43.44
C ALA D 288 -4.22 -25.66 44.04
N GLN D 289 -3.34 -24.93 43.37
CA GLN D 289 -2.89 -23.61 43.84
C GLN D 289 -3.73 -22.53 43.18
N VAL D 290 -4.99 -22.48 43.61
CA VAL D 290 -5.96 -21.52 43.09
C VAL D 290 -6.05 -20.35 44.06
N GLU D 291 -6.01 -19.14 43.52
CA GLU D 291 -6.09 -17.90 44.28
C GLU D 291 -7.33 -17.13 43.88
N PRO D 292 -7.97 -16.39 44.80
CA PRO D 292 -9.16 -15.63 44.41
C PRO D 292 -8.91 -14.65 43.29
N GLU D 293 -7.66 -14.16 43.15
CA GLU D 293 -7.36 -13.22 42.06
C GLU D 293 -7.61 -13.87 40.71
N ASP D 294 -7.23 -15.15 40.55
CA ASP D 294 -7.45 -15.83 39.28
C ASP D 294 -8.94 -15.94 38.96
N LEU D 295 -9.75 -16.23 39.97
CA LEU D 295 -11.19 -16.35 39.74
C LEU D 295 -11.77 -15.03 39.27
N ILE D 296 -11.30 -13.91 39.84
CA ILE D 296 -11.79 -12.60 39.42
C ILE D 296 -11.49 -12.37 37.95
N LYS D 297 -10.27 -12.71 37.52
CA LYS D 297 -9.90 -12.54 36.13
C LYS D 297 -10.73 -13.43 35.22
N PHE D 298 -11.21 -14.56 35.74
CA PHE D 298 -12.01 -15.47 34.92
C PHE D 298 -13.36 -14.88 34.56
N GLY D 299 -13.90 -13.98 35.39
CA GLY D 299 -15.18 -13.37 35.12
C GLY D 299 -16.01 -13.11 36.35
N LEU D 300 -15.64 -13.73 37.48
CA LEU D 300 -16.40 -13.51 38.71
C LEU D 300 -16.08 -12.15 39.29
N ILE D 301 -17.12 -11.41 39.66
CA ILE D 301 -16.95 -10.09 40.25
C ILE D 301 -16.28 -10.25 41.61
N PRO D 302 -15.43 -9.31 42.03
CA PRO D 302 -14.76 -9.48 43.34
C PRO D 302 -15.71 -9.65 44.50
N GLU D 303 -16.85 -8.94 44.49
CA GLU D 303 -17.80 -9.06 45.59
C GLU D 303 -18.49 -10.42 45.63
N PHE D 304 -18.48 -11.18 44.53
CA PHE D 304 -19.12 -12.48 44.52
C PHE D 304 -18.20 -13.55 45.10
N ILE D 305 -16.94 -13.56 44.67
CA ILE D 305 -15.99 -14.56 45.19
C ILE D 305 -15.79 -14.39 46.69
N GLY D 306 -15.94 -13.16 47.19
CA GLY D 306 -15.77 -12.94 48.61
C GLY D 306 -16.76 -13.70 49.46
N ARG D 307 -17.99 -13.88 48.96
CA ARG D 307 -19.01 -14.62 49.70
C ARG D 307 -18.61 -16.06 49.94
N LEU D 308 -17.70 -16.61 49.13
CA LEU D 308 -17.23 -17.99 49.26
C LEU D 308 -15.82 -18.00 49.82
N PRO D 309 -15.65 -17.94 51.15
CA PRO D 309 -14.30 -17.92 51.73
C PRO D 309 -13.51 -19.20 51.49
N VAL D 310 -14.07 -20.34 51.88
CA VAL D 310 -13.37 -21.62 51.71
C VAL D 310 -13.62 -22.13 50.30
N VAL D 311 -12.53 -22.52 49.63
CA VAL D 311 -12.59 -23.03 48.27
C VAL D 311 -11.87 -24.38 48.24
N ALA D 312 -12.59 -25.43 47.82
CA ALA D 312 -12.03 -26.77 47.72
C ALA D 312 -11.90 -27.13 46.24
N THR D 313 -10.75 -27.66 45.87
CA THR D 313 -10.46 -28.03 44.49
C THR D 313 -10.28 -29.54 44.38
N LEU D 314 -10.78 -30.11 43.29
CA LEU D 314 -10.69 -31.53 43.04
C LEU D 314 -9.44 -31.83 42.20
N ASN D 315 -9.22 -33.12 41.93
CA ASN D 315 -8.08 -33.57 41.13
C ASN D 315 -8.59 -34.53 40.07
N GLU D 316 -8.02 -34.43 38.87
CA GLU D 316 -8.42 -35.31 37.78
C GLU D 316 -8.20 -36.76 38.17
N LEU D 317 -9.18 -37.61 37.88
CA LEU D 317 -9.08 -39.02 38.21
C LEU D 317 -7.98 -39.68 37.37
N SER D 318 -7.11 -40.42 38.04
CA SER D 318 -6.01 -41.10 37.38
C SER D 318 -6.44 -42.53 37.02
N GLU D 319 -5.50 -43.29 36.43
CA GLU D 319 -5.82 -44.67 36.06
C GLU D 319 -6.18 -45.50 37.29
N GLU D 320 -5.43 -45.34 38.39
CA GLU D 320 -5.73 -46.09 39.59
C GLU D 320 -7.09 -45.70 40.17
N ALA D 321 -7.42 -44.40 40.12
CA ALA D 321 -8.70 -43.95 40.64
C ALA D 321 -9.86 -44.58 39.88
N LEU D 322 -9.74 -44.69 38.56
CA LEU D 322 -10.81 -45.27 37.75
C LEU D 322 -11.06 -46.71 38.14
N ILE D 323 -10.00 -47.49 38.39
CA ILE D 323 -10.17 -48.88 38.76
C ILE D 323 -10.98 -49.00 40.05
N GLN D 324 -10.65 -48.17 41.04
CA GLN D 324 -11.38 -48.21 42.31
C GLN D 324 -12.84 -47.84 42.11
N ILE D 325 -13.11 -46.83 41.28
CA ILE D 325 -14.48 -46.40 41.03
C ILE D 325 -15.31 -47.49 40.35
N LEU D 326 -14.66 -48.47 39.73
CA LEU D 326 -15.39 -49.53 39.05
C LEU D 326 -16.01 -50.54 40.00
N LYS D 327 -15.39 -50.78 41.15
CA LYS D 327 -15.91 -51.77 42.11
C LYS D 327 -16.21 -51.19 43.48
N GLU D 328 -15.30 -50.42 44.06
CA GLU D 328 -15.50 -49.89 45.40
C GLU D 328 -16.80 -49.12 45.59
N PRO D 329 -17.22 -48.23 44.69
CA PRO D 329 -18.47 -47.49 44.92
C PRO D 329 -19.66 -48.42 45.09
N LYS D 330 -20.59 -47.99 45.97
CA LYS D 330 -21.78 -48.78 46.21
C LYS D 330 -22.56 -49.01 44.92
N ASN D 331 -22.69 -47.96 44.10
CA ASN D 331 -23.36 -48.02 42.81
C ASN D 331 -22.29 -47.73 41.77
N ALA D 332 -21.54 -48.76 41.38
CA ALA D 332 -20.47 -48.63 40.42
C ALA D 332 -20.94 -49.00 39.02
N LEU D 333 -20.11 -48.66 38.03
CA LEU D 333 -20.46 -48.95 36.65
C LEU D 333 -20.55 -50.44 36.39
N THR D 334 -19.55 -51.20 36.86
CA THR D 334 -19.55 -52.64 36.63
C THR D 334 -20.73 -53.31 37.31
N LYS D 335 -21.04 -52.92 38.55
CA LYS D 335 -22.15 -53.53 39.26
C LYS D 335 -23.49 -53.21 38.61
N GLN D 336 -23.62 -52.00 38.03
CA GLN D 336 -24.86 -51.64 37.37
C GLN D 336 -25.14 -52.56 36.18
N TYR D 337 -24.12 -52.83 35.38
CA TYR D 337 -24.30 -53.70 34.22
C TYR D 337 -24.55 -55.14 34.66
N GLN D 338 -23.88 -55.59 35.73
CA GLN D 338 -24.10 -56.95 36.21
C GLN D 338 -25.55 -57.16 36.60
N ALA D 339 -26.14 -56.19 37.29
CA ALA D 339 -27.54 -56.32 37.69
C ALA D 339 -28.45 -56.34 36.47
N LEU D 340 -28.12 -55.54 35.46
CA LEU D 340 -28.94 -55.52 34.25
C LEU D 340 -28.98 -56.89 33.60
N PHE D 341 -27.82 -57.56 33.50
CA PHE D 341 -27.78 -58.89 32.91
C PHE D 341 -28.47 -59.91 33.79
N ASN D 342 -28.52 -59.66 35.11
CA ASN D 342 -29.17 -60.59 36.02
C ASN D 342 -30.68 -60.59 35.87
N LEU D 343 -31.26 -59.49 35.38
CA LEU D 343 -32.71 -59.42 35.22
C LEU D 343 -33.20 -60.48 34.23
N GLU D 344 -32.49 -60.65 33.11
CA GLU D 344 -32.89 -61.64 32.13
C GLU D 344 -32.56 -63.06 32.60
N GLY D 345 -31.52 -63.22 33.41
CA GLY D 345 -31.14 -64.53 33.91
C GLY D 345 -29.76 -65.00 33.51
N VAL D 346 -28.87 -64.06 33.22
CA VAL D 346 -27.49 -64.36 32.83
C VAL D 346 -26.55 -63.53 33.67
N ASP D 347 -25.54 -64.18 34.26
CA ASP D 347 -24.57 -63.49 35.09
C ASP D 347 -23.52 -62.81 34.22
N LEU D 348 -22.90 -61.78 34.80
CA LEU D 348 -21.86 -61.01 34.12
C LEU D 348 -20.66 -60.88 35.05
N GLU D 349 -19.46 -61.12 34.53
CA GLU D 349 -18.23 -61.02 35.28
C GLU D 349 -17.18 -60.28 34.47
N PHE D 350 -16.40 -59.45 35.15
CA PHE D 350 -15.35 -58.66 34.54
C PHE D 350 -13.99 -59.10 35.08
N ARG D 351 -13.09 -59.47 34.17
CA ARG D 351 -11.76 -59.90 34.58
C ARG D 351 -10.95 -58.73 35.10
N ASP D 352 -9.99 -59.02 35.97
CA ASP D 352 -9.15 -57.98 36.54
C ASP D 352 -8.37 -57.26 35.44
N GLU D 353 -7.83 -58.01 34.49
CA GLU D 353 -7.09 -57.39 33.40
C GLU D 353 -8.00 -56.54 32.53
N ALA D 354 -9.25 -56.98 32.34
CA ALA D 354 -10.19 -56.21 31.52
C ALA D 354 -10.44 -54.84 32.12
N LEU D 355 -10.58 -54.76 33.45
CA LEU D 355 -10.82 -53.48 34.09
C LEU D 355 -9.67 -52.51 33.83
N ASP D 356 -8.44 -53.02 33.79
CA ASP D 356 -7.28 -52.17 33.54
C ASP D 356 -7.32 -51.61 32.12
N ALA D 357 -7.73 -52.42 31.15
CA ALA D 357 -7.78 -51.96 29.76
C ALA D 357 -8.79 -50.84 29.58
N ILE D 358 -9.99 -50.98 30.16
CA ILE D 358 -11.00 -49.95 30.00
C ILE D 358 -10.57 -48.67 30.70
N ALA D 359 -9.96 -48.78 31.88
CA ALA D 359 -9.52 -47.58 32.59
C ALA D 359 -8.47 -46.81 31.81
N LYS D 360 -7.50 -47.53 31.22
CA LYS D 360 -6.45 -46.85 30.45
C LYS D 360 -7.04 -46.17 29.23
N LYS D 361 -7.97 -46.84 28.53
CA LYS D 361 -8.59 -46.25 27.35
C LYS D 361 -9.52 -45.10 27.70
N ALA D 362 -10.03 -45.07 28.95
CA ALA D 362 -10.94 -43.99 29.35
C ALA D 362 -10.20 -42.69 29.60
N MET D 363 -8.94 -42.75 30.04
CA MET D 363 -8.18 -41.54 30.30
C MET D 363 -8.00 -40.72 29.02
N ALA D 364 -7.70 -41.39 27.90
CA ALA D 364 -7.52 -40.69 26.64
C ALA D 364 -8.80 -40.02 26.17
N ARG D 365 -9.96 -40.45 26.68
CA ARG D 365 -11.22 -39.84 26.27
C ARG D 365 -11.31 -38.39 26.71
N LYS D 366 -10.69 -38.04 27.83
CA LYS D 366 -10.71 -36.67 28.36
C LYS D 366 -12.10 -36.23 28.77
N THR D 367 -12.99 -37.18 29.08
CA THR D 367 -14.36 -36.88 29.48
C THR D 367 -14.61 -37.20 30.95
N GLY D 368 -13.55 -37.38 31.74
CA GLY D 368 -13.72 -37.68 33.14
C GLY D 368 -14.23 -39.10 33.37
N ALA D 369 -14.89 -39.30 34.51
CA ALA D 369 -15.42 -40.61 34.84
C ALA D 369 -16.50 -41.06 33.87
N ARG D 370 -17.16 -40.14 33.18
CA ARG D 370 -18.20 -40.52 32.24
C ARG D 370 -17.66 -41.36 31.09
N GLY D 371 -16.35 -41.30 30.83
CA GLY D 371 -15.78 -42.09 29.75
C GLY D 371 -15.97 -43.58 29.95
N LEU D 372 -15.93 -44.05 31.20
CA LEU D 372 -16.11 -45.47 31.47
C LEU D 372 -17.45 -45.98 30.95
N ARG D 373 -18.49 -45.14 31.01
CA ARG D 373 -19.81 -45.56 30.54
C ARG D 373 -19.78 -45.92 29.07
N SER D 374 -19.09 -45.13 28.24
CA SER D 374 -19.04 -45.41 26.81
C SER D 374 -18.12 -46.59 26.49
N ILE D 375 -17.04 -46.77 27.27
CA ILE D 375 -16.12 -47.85 27.00
C ILE D 375 -16.79 -49.20 27.25
N VAL D 376 -17.46 -49.35 28.39
CA VAL D 376 -18.10 -50.63 28.71
C VAL D 376 -19.29 -50.88 27.79
N GLU D 377 -20.05 -49.83 27.47
CA GLU D 377 -21.21 -50.00 26.60
C GLU D 377 -20.80 -50.48 25.22
N ALA D 378 -19.74 -49.89 24.66
CA ALA D 378 -19.29 -50.29 23.33
C ALA D 378 -18.80 -51.73 23.32
N ALA D 379 -18.05 -52.13 24.35
CA ALA D 379 -17.53 -53.49 24.41
C ALA D 379 -18.67 -54.51 24.49
N LEU D 380 -19.71 -54.20 25.27
CA LEU D 380 -20.85 -55.08 25.45
C LEU D 380 -22.00 -54.75 24.50
N LEU D 381 -21.77 -53.89 23.50
CA LEU D 381 -22.84 -53.54 22.57
C LEU D 381 -23.36 -54.78 21.85
N ASP D 382 -22.44 -55.63 21.36
CA ASP D 382 -22.86 -56.83 20.65
C ASP D 382 -23.38 -57.90 21.61
N THR D 383 -22.85 -57.94 22.83
CA THR D 383 -23.30 -58.95 23.80
C THR D 383 -24.78 -58.79 24.12
N MET D 384 -25.18 -57.58 24.51
CA MET D 384 -26.57 -57.33 24.87
C MET D 384 -27.51 -57.43 23.68
N TYR D 385 -27.01 -57.24 22.45
CA TYR D 385 -27.88 -57.30 21.29
C TYR D 385 -28.28 -58.73 20.94
N ASP D 386 -27.45 -59.72 21.29
CA ASP D 386 -27.74 -61.11 20.97
C ASP D 386 -27.96 -61.99 22.19
N LEU D 387 -27.65 -61.51 23.40
CA LEU D 387 -27.83 -62.34 24.59
C LEU D 387 -29.29 -62.72 24.83
N PRO D 388 -30.25 -61.79 24.84
CA PRO D 388 -31.64 -62.20 25.09
C PRO D 388 -32.16 -63.19 24.06
N SER D 389 -31.78 -63.03 22.79
CA SER D 389 -32.25 -63.96 21.77
C SER D 389 -31.68 -65.35 21.99
N MET D 390 -30.39 -65.44 22.31
CA MET D 390 -29.76 -66.74 22.56
C MET D 390 -30.21 -67.30 23.89
N GLU D 391 -30.41 -68.62 23.93
CA GLU D 391 -30.84 -69.32 25.13
C GLU D 391 -29.72 -70.23 25.62
N ASP D 392 -29.97 -70.90 26.74
CA ASP D 392 -29.00 -71.81 27.35
C ASP D 392 -27.72 -71.08 27.74
N VAL D 393 -27.85 -69.80 28.11
CA VAL D 393 -26.72 -68.97 28.53
C VAL D 393 -26.84 -68.72 30.02
N GLU D 394 -25.74 -68.96 30.75
CA GLU D 394 -25.73 -68.78 32.20
C GLU D 394 -24.73 -67.75 32.70
N LYS D 395 -23.69 -67.42 31.92
CA LYS D 395 -22.71 -66.45 32.37
C LYS D 395 -21.89 -65.97 31.19
N VAL D 396 -21.34 -64.76 31.32
CA VAL D 396 -20.52 -64.13 30.30
C VAL D 396 -19.22 -63.68 30.95
N VAL D 397 -18.10 -63.97 30.30
CA VAL D 397 -16.77 -63.61 30.80
C VAL D 397 -16.12 -62.66 29.79
N ILE D 398 -15.63 -61.54 30.28
CA ILE D 398 -14.96 -60.53 29.46
C ILE D 398 -13.53 -60.40 29.96
N ASP D 399 -12.57 -60.55 29.05
CA ASP D 399 -11.16 -60.46 29.36
C ASP D 399 -10.54 -59.25 28.66
N GLU D 400 -9.22 -59.11 28.81
CA GLU D 400 -8.51 -58.00 28.19
C GLU D 400 -8.61 -58.05 26.68
N SER D 401 -8.61 -59.26 26.10
CA SER D 401 -8.68 -59.41 24.66
C SER D 401 -10.00 -58.94 24.08
N VAL D 402 -11.02 -58.73 24.92
CA VAL D 402 -12.32 -58.27 24.43
C VAL D 402 -12.45 -56.76 24.48
N ILE D 403 -11.74 -56.09 25.39
CA ILE D 403 -11.82 -54.64 25.49
C ILE D 403 -11.32 -53.98 24.22
N ASP D 404 -10.17 -54.45 23.71
CA ASP D 404 -9.61 -53.89 22.50
C ASP D 404 -10.39 -54.28 21.25
N GLY D 405 -11.32 -55.23 21.36
CA GLY D 405 -12.13 -55.65 20.23
C GLY D 405 -11.50 -56.70 19.33
N GLN D 406 -10.29 -57.18 19.66
CA GLN D 406 -9.66 -58.19 18.81
C GLN D 406 -10.35 -59.54 18.92
N SER D 407 -10.96 -59.83 20.07
CA SER D 407 -11.66 -61.09 20.29
C SER D 407 -13.06 -60.80 20.81
N GLU D 408 -14.03 -61.58 20.33
CA GLU D 408 -15.41 -61.40 20.75
C GLU D 408 -15.59 -61.86 22.19
N PRO D 409 -16.60 -61.33 22.89
CA PRO D 409 -16.81 -61.72 24.28
C PRO D 409 -17.03 -63.23 24.42
N LEU D 410 -16.49 -63.78 25.51
CA LEU D 410 -16.61 -65.20 25.77
C LEU D 410 -17.92 -65.52 26.47
N LEU D 411 -18.52 -66.64 26.12
CA LEU D 411 -19.77 -67.09 26.72
C LEU D 411 -19.70 -68.59 26.97
N ILE D 412 -20.41 -69.04 28.00
CA ILE D 412 -20.46 -70.44 28.37
C ILE D 412 -21.92 -70.88 28.44
N TYR D 413 -22.22 -72.02 27.83
CA TYR D 413 -23.57 -72.56 27.80
C TYR D 413 -23.73 -73.59 28.91
N GLY D 414 -24.78 -73.46 29.70
CA GLY D 414 -25.05 -74.37 30.79
C GLY D 414 -26.51 -74.44 31.17
N LEU E 64 -43.20 -57.41 25.94
CA LEU E 64 -41.83 -57.72 26.32
C LEU E 64 -40.94 -57.87 25.09
N PRO E 65 -40.79 -56.78 24.32
CA PRO E 65 -39.97 -56.84 23.12
C PRO E 65 -38.50 -57.07 23.44
N THR E 66 -37.81 -57.73 22.52
CA THR E 66 -36.40 -58.03 22.63
C THR E 66 -35.60 -57.28 21.57
N PRO E 67 -34.27 -57.20 21.70
CA PRO E 67 -33.49 -56.48 20.69
C PRO E 67 -33.72 -56.97 19.27
N HIS E 68 -33.85 -58.29 19.09
CA HIS E 68 -34.08 -58.81 17.74
C HIS E 68 -35.45 -58.42 17.22
N GLU E 69 -36.48 -58.47 18.08
CA GLU E 69 -37.82 -58.09 17.63
C GLU E 69 -37.87 -56.63 17.22
N ILE E 70 -37.21 -55.76 17.99
CA ILE E 70 -37.20 -54.35 17.65
C ILE E 70 -36.46 -54.12 16.33
N ARG E 71 -35.40 -54.90 16.10
CA ARG E 71 -34.64 -54.76 14.85
C ARG E 71 -35.49 -55.11 13.64
N ASN E 72 -36.28 -56.19 13.73
CA ASN E 72 -37.12 -56.59 12.61
C ASN E 72 -38.17 -55.53 12.30
N HIS E 73 -38.82 -54.99 13.33
CA HIS E 73 -39.83 -53.97 13.11
C HIS E 73 -39.24 -52.72 12.47
N LEU E 74 -38.06 -52.32 12.93
CA LEU E 74 -37.42 -51.12 12.37
C LEU E 74 -36.99 -51.33 10.92
N ASP E 75 -36.57 -52.55 10.58
CA ASP E 75 -36.15 -52.83 9.20
C ASP E 75 -37.31 -52.76 8.22
N ASP E 76 -38.55 -52.86 8.70
CA ASP E 76 -39.70 -52.81 7.79
C ASP E 76 -39.86 -51.45 7.15
N TYR E 77 -39.48 -50.37 7.84
CA TYR E 77 -39.62 -49.02 7.32
C TYR E 77 -38.33 -48.46 6.76
N VAL E 78 -37.20 -48.67 7.42
CA VAL E 78 -35.90 -48.17 6.98
C VAL E 78 -34.95 -49.35 6.83
N ILE E 79 -34.24 -49.38 5.71
CA ILE E 79 -33.29 -50.45 5.42
C ILE E 79 -31.88 -49.92 5.65
N GLY E 80 -30.93 -50.85 5.76
CA GLY E 80 -29.55 -50.47 5.98
C GLY E 80 -29.34 -49.92 7.38
N GLN E 81 -28.20 -49.24 7.55
CA GLN E 81 -27.82 -48.64 8.82
C GLN E 81 -27.87 -49.69 9.94
N GLU E 82 -27.30 -50.86 9.66
CA GLU E 82 -27.29 -51.93 10.65
C GLU E 82 -26.54 -51.53 11.91
N GLN E 83 -25.45 -50.77 11.76
CA GLN E 83 -24.67 -50.37 12.92
C GLN E 83 -25.50 -49.53 13.88
N ALA E 84 -26.25 -48.55 13.35
CA ALA E 84 -27.06 -47.71 14.20
C ALA E 84 -28.32 -48.42 14.69
N LYS E 85 -28.82 -49.38 13.91
CA LYS E 85 -30.03 -50.10 14.32
C LYS E 85 -29.79 -50.88 15.60
N LYS E 86 -28.61 -51.49 15.74
CA LYS E 86 -28.32 -52.25 16.95
C LYS E 86 -28.17 -51.34 18.16
N VAL E 87 -27.69 -50.10 17.95
CA VAL E 87 -27.51 -49.18 19.06
C VAL E 87 -28.87 -48.74 19.62
N LEU E 88 -29.81 -48.40 18.74
CA LEU E 88 -31.13 -47.98 19.21
C LEU E 88 -31.93 -49.15 19.77
N ALA E 89 -31.80 -50.32 19.15
CA ALA E 89 -32.56 -51.49 19.62
C ALA E 89 -32.12 -51.91 21.01
N VAL E 90 -30.80 -51.96 21.26
CA VAL E 90 -30.31 -52.37 22.56
C VAL E 90 -30.63 -51.32 23.62
N ALA E 91 -30.54 -50.04 23.26
CA ALA E 91 -30.84 -48.98 24.22
C ALA E 91 -32.28 -49.02 24.66
N VAL E 92 -33.21 -49.23 23.72
CA VAL E 92 -34.63 -49.28 24.07
C VAL E 92 -34.92 -50.48 24.96
N TYR E 93 -34.32 -51.63 24.65
CA TYR E 93 -34.54 -52.82 25.47
C TYR E 93 -34.06 -52.59 26.90
N ASN E 94 -32.89 -51.98 27.05
CA ASN E 94 -32.37 -51.71 28.39
C ASN E 94 -33.27 -50.73 29.14
N HIS E 95 -33.82 -49.75 28.42
CA HIS E 95 -34.70 -48.77 29.07
C HIS E 95 -35.94 -49.45 29.64
N TYR E 96 -36.52 -50.39 28.89
CA TYR E 96 -37.71 -51.08 29.37
C TYR E 96 -37.42 -51.86 30.65
N LYS E 97 -36.26 -52.52 30.71
CA LYS E 97 -35.92 -53.29 31.90
C LYS E 97 -35.78 -52.39 33.12
N ARG E 98 -35.14 -51.22 32.95
CA ARG E 98 -34.98 -50.30 34.07
C ARG E 98 -36.32 -49.80 34.58
N LEU E 99 -37.23 -49.47 33.66
CA LEU E 99 -38.55 -48.98 34.07
C LEU E 99 -39.32 -50.04 34.84
N ARG E 100 -39.24 -51.30 34.37
CA ARG E 100 -39.97 -52.37 35.05
C ARG E 100 -39.48 -52.55 36.49
N ASN E 101 -38.16 -52.49 36.70
CA ASN E 101 -37.57 -52.64 38.03
C ASN E 101 -36.59 -51.50 38.23
N GLY E 102 -36.92 -50.58 39.13
CA GLY E 102 -36.06 -49.45 39.42
C GLY E 102 -35.09 -49.74 40.55
N ASP E 103 -35.60 -50.30 41.65
CA ASP E 103 -34.75 -50.61 42.78
C ASP E 103 -33.84 -51.81 42.48
N THR E 104 -34.27 -52.70 41.59
CA THR E 104 -33.52 -53.89 41.19
C THR E 104 -33.40 -54.91 42.32
N SER E 105 -34.08 -54.69 43.45
CA SER E 105 -34.06 -55.59 44.60
C SER E 105 -32.65 -55.89 45.08
N ASN E 106 -31.69 -55.02 44.78
CA ASN E 106 -30.31 -55.22 45.22
C ASN E 106 -29.64 -53.94 45.69
N GLY E 107 -30.37 -52.83 45.80
CA GLY E 107 -29.77 -51.59 46.25
C GLY E 107 -28.80 -50.98 45.26
N VAL E 108 -29.00 -51.22 43.97
CA VAL E 108 -28.15 -50.70 42.91
C VAL E 108 -29.00 -49.83 42.00
N GLU E 109 -28.54 -48.61 41.74
CA GLU E 109 -29.25 -47.68 40.89
C GLU E 109 -28.76 -47.82 39.46
N LEU E 110 -29.67 -48.13 38.54
CA LEU E 110 -29.33 -48.30 37.13
C LEU E 110 -29.41 -46.96 36.42
N GLY E 111 -28.32 -46.59 35.75
CA GLY E 111 -28.25 -45.33 35.03
C GLY E 111 -28.77 -45.46 33.62
N LYS E 112 -28.64 -44.36 32.88
CA LYS E 112 -29.08 -44.28 31.49
C LYS E 112 -27.91 -43.84 30.62
N SER E 113 -27.86 -44.38 29.40
CA SER E 113 -26.81 -44.07 28.44
C SER E 113 -27.43 -43.38 27.24
N ASN E 114 -27.15 -42.08 27.09
CA ASN E 114 -27.68 -41.32 25.97
C ASN E 114 -26.96 -41.68 24.68
N ILE E 115 -27.66 -41.49 23.56
CA ILE E 115 -27.13 -41.79 22.24
C ILE E 115 -26.88 -40.50 21.49
N LEU E 116 -26.02 -40.60 20.48
CA LEU E 116 -25.67 -39.47 19.61
C LEU E 116 -25.54 -40.00 18.19
N LEU E 117 -26.32 -39.43 17.27
CA LEU E 117 -26.31 -39.85 15.88
C LEU E 117 -25.56 -38.83 15.03
N ILE E 118 -24.64 -39.32 14.21
CA ILE E 118 -23.83 -38.48 13.33
C ILE E 118 -23.92 -39.08 11.93
N GLY E 119 -24.68 -38.42 11.05
CA GLY E 119 -24.83 -38.89 9.69
C GLY E 119 -25.20 -37.76 8.74
N PRO E 120 -24.89 -37.93 7.46
CA PRO E 120 -25.23 -36.88 6.49
C PRO E 120 -26.73 -36.71 6.34
N THR E 121 -27.11 -35.56 5.78
CA THR E 121 -28.52 -35.28 5.56
C THR E 121 -29.12 -36.28 4.59
N GLY E 122 -30.39 -36.62 4.82
CA GLY E 122 -31.07 -37.58 3.98
C GLY E 122 -30.72 -39.02 4.25
N SER E 123 -29.98 -39.30 5.32
CA SER E 123 -29.57 -40.66 5.66
C SER E 123 -30.60 -41.39 6.50
N GLY E 124 -31.67 -40.73 6.92
CA GLY E 124 -32.70 -41.36 7.71
C GLY E 124 -32.56 -41.22 9.21
N LYS E 125 -31.82 -40.22 9.69
CA LYS E 125 -31.68 -40.05 11.14
C LYS E 125 -33.03 -39.80 11.78
N THR E 126 -33.85 -38.94 11.17
CA THR E 126 -35.17 -38.66 11.71
C THR E 126 -36.14 -39.81 11.45
N LEU E 127 -35.91 -40.55 10.35
CA LEU E 127 -36.79 -41.68 10.04
C LEU E 127 -36.70 -42.75 11.11
N LEU E 128 -35.50 -42.96 11.67
CA LEU E 128 -35.34 -43.97 12.71
C LEU E 128 -36.17 -43.63 13.95
N ALA E 129 -36.21 -42.35 14.33
CA ALA E 129 -36.97 -41.95 15.50
C ALA E 129 -38.47 -42.07 15.26
N GLU E 130 -38.94 -41.68 14.07
CA GLU E 130 -40.37 -41.75 13.77
C GLU E 130 -40.86 -43.19 13.75
N THR E 131 -40.17 -44.06 13.01
CA THR E 131 -40.58 -45.46 12.93
C THR E 131 -40.49 -46.13 14.30
N LEU E 132 -39.41 -45.86 15.04
CA LEU E 132 -39.24 -46.45 16.36
C LEU E 132 -40.28 -45.94 17.35
N ALA E 133 -40.83 -44.75 17.11
CA ALA E 133 -41.84 -44.20 18.02
C ALA E 133 -43.10 -45.05 18.04
N ARG E 134 -43.48 -45.60 16.88
CA ARG E 134 -44.69 -46.42 16.83
C ARG E 134 -44.58 -47.64 17.73
N LEU E 135 -43.41 -48.30 17.73
CA LEU E 135 -43.23 -49.47 18.57
C LEU E 135 -43.21 -49.11 20.05
N LEU E 136 -42.65 -47.94 20.37
CA LEU E 136 -42.57 -47.52 21.78
C LEU E 136 -43.97 -47.42 22.39
N ASP E 137 -44.12 -48.00 23.58
CA ASP E 137 -45.38 -47.97 24.31
C ASP E 137 -45.40 -46.89 25.38
N VAL E 138 -44.35 -46.08 25.48
CA VAL E 138 -44.26 -45.00 26.46
C VAL E 138 -44.36 -43.68 25.71
N PRO E 139 -44.71 -42.58 26.36
CA PRO E 139 -44.80 -41.30 25.64
C PRO E 139 -43.50 -40.94 24.97
N PHE E 140 -43.59 -40.39 23.76
CA PHE E 140 -42.44 -39.99 22.98
C PHE E 140 -42.71 -38.62 22.37
N THR E 141 -41.63 -37.88 22.09
CA THR E 141 -41.74 -36.55 21.53
C THR E 141 -40.51 -36.24 20.69
N MET E 142 -40.59 -35.16 19.93
CA MET E 142 -39.51 -34.71 19.06
C MET E 142 -39.20 -33.25 19.38
N ALA E 143 -37.96 -32.86 19.12
CA ALA E 143 -37.50 -31.51 19.38
C ALA E 143 -36.79 -30.97 18.14
N ASP E 144 -36.80 -29.64 18.01
CA ASP E 144 -36.18 -28.97 16.88
C ASP E 144 -34.69 -28.70 17.10
N ALA E 145 -34.32 -28.28 18.30
CA ALA E 145 -32.95 -27.95 18.72
C ALA E 145 -32.52 -26.60 18.16
N THR E 146 -33.30 -25.97 17.28
CA THR E 146 -32.97 -24.68 16.71
C THR E 146 -33.76 -23.53 17.32
N THR E 147 -34.97 -23.81 17.82
CA THR E 147 -35.79 -22.78 18.44
C THR E 147 -35.43 -22.56 19.91
N LEU E 148 -34.54 -23.37 20.47
CA LEU E 148 -34.16 -23.24 21.87
C LEU E 148 -33.31 -21.99 22.06
N THR E 149 -33.31 -21.49 23.30
CA THR E 149 -32.54 -20.30 23.64
C THR E 149 -32.14 -20.39 25.12
N GLU E 150 -31.11 -19.62 25.46
CA GLU E 150 -30.63 -19.61 26.84
C GLU E 150 -31.61 -18.85 27.73
N ALA E 151 -31.59 -19.18 29.02
CA ALA E 151 -32.47 -18.53 29.97
C ALA E 151 -32.26 -17.03 29.95
N GLY E 152 -33.36 -16.28 30.02
CA GLY E 152 -33.30 -14.84 30.01
C GLY E 152 -33.38 -14.21 28.64
N TYR E 153 -33.65 -14.99 27.60
CA TYR E 153 -33.74 -14.49 26.23
C TYR E 153 -35.02 -15.00 25.59
N VAL E 154 -35.57 -14.20 24.67
CA VAL E 154 -36.80 -14.61 23.99
C VAL E 154 -36.55 -15.87 23.19
N GLY E 155 -37.64 -16.53 22.81
CA GLY E 155 -37.56 -17.77 22.06
C GLY E 155 -38.26 -18.89 22.79
N GLU E 156 -37.50 -19.88 23.24
CA GLU E 156 -38.08 -21.01 23.97
C GLU E 156 -36.97 -21.66 24.77
N ASP E 157 -37.16 -21.73 26.09
CA ASP E 157 -36.16 -22.33 26.96
C ASP E 157 -36.02 -23.83 26.69
N VAL E 158 -34.90 -24.39 27.14
CA VAL E 158 -34.65 -25.82 26.95
C VAL E 158 -35.70 -26.65 27.68
N GLU E 159 -36.30 -26.09 28.74
CA GLU E 159 -37.30 -26.83 29.49
C GLU E 159 -38.51 -27.18 28.63
N ASN E 160 -38.70 -26.50 27.50
CA ASN E 160 -39.84 -26.79 26.64
C ASN E 160 -39.84 -28.23 26.14
N ILE E 161 -38.68 -28.89 26.14
CA ILE E 161 -38.63 -30.28 25.69
C ILE E 161 -39.42 -31.17 26.65
N ILE E 162 -39.27 -30.94 27.96
CA ILE E 162 -39.97 -31.76 28.94
C ILE E 162 -41.47 -31.55 28.83
N GLN E 163 -41.91 -30.29 28.83
CA GLN E 163 -43.35 -30.02 28.74
C GLN E 163 -43.93 -30.52 27.43
N LYS E 164 -43.13 -30.50 26.36
CA LYS E 164 -43.63 -31.00 25.07
C LYS E 164 -43.95 -32.49 25.17
N LEU E 165 -43.16 -33.23 25.94
CA LEU E 165 -43.41 -34.66 26.11
C LEU E 165 -44.74 -34.89 26.83
N LEU E 166 -45.10 -34.01 27.76
CA LEU E 166 -46.36 -34.15 28.46
C LEU E 166 -47.55 -34.08 27.53
N GLN E 167 -47.37 -33.52 26.33
CA GLN E 167 -48.48 -33.43 25.38
C GLN E 167 -49.03 -34.82 25.05
N LYS E 168 -48.14 -35.79 24.84
CA LYS E 168 -48.54 -37.16 24.54
C LYS E 168 -48.80 -38.00 25.77
N CYS E 169 -48.52 -37.47 26.96
CA CYS E 169 -48.73 -38.18 28.23
C CYS E 169 -49.89 -37.60 29.03
N ASP E 170 -50.88 -37.03 28.34
CA ASP E 170 -52.05 -36.43 28.97
C ASP E 170 -51.69 -35.60 30.19
N TYR E 171 -50.55 -34.94 30.14
CA TYR E 171 -50.07 -34.08 31.23
C TYR E 171 -50.07 -34.84 32.56
N ASP E 172 -49.27 -35.91 32.60
CA ASP E 172 -49.14 -36.74 33.77
C ASP E 172 -47.66 -36.87 34.11
N VAL E 173 -47.30 -36.56 35.35
CA VAL E 173 -45.90 -36.61 35.76
C VAL E 173 -45.42 -38.07 35.88
N GLN E 174 -46.28 -38.96 36.38
CA GLN E 174 -45.87 -40.35 36.54
C GLN E 174 -45.48 -40.98 35.20
N LYS E 175 -46.32 -40.80 34.17
CA LYS E 175 -46.01 -41.37 32.87
C LYS E 175 -44.93 -40.61 32.14
N ALA E 176 -44.78 -39.31 32.43
CA ALA E 176 -43.76 -38.51 31.75
C ALA E 176 -42.36 -38.90 32.18
N GLN E 177 -42.18 -39.27 33.45
CA GLN E 177 -40.85 -39.64 33.94
C GLN E 177 -40.31 -40.89 33.26
N ARG E 178 -41.18 -41.75 32.73
CA ARG E 178 -40.77 -42.97 32.07
C ARG E 178 -40.78 -42.86 30.55
N GLY E 179 -40.94 -41.65 30.01
CA GLY E 179 -40.97 -41.45 28.58
C GLY E 179 -39.58 -41.36 27.97
N ILE E 180 -39.56 -41.16 26.66
CA ILE E 180 -38.33 -41.03 25.88
C ILE E 180 -38.37 -39.71 25.13
N VAL E 181 -37.23 -39.03 25.07
CA VAL E 181 -37.10 -37.75 24.41
C VAL E 181 -36.03 -37.85 23.34
N TYR E 182 -36.34 -37.32 22.15
CA TYR E 182 -35.43 -37.31 21.02
C TYR E 182 -35.27 -35.88 20.53
N ILE E 183 -34.02 -35.45 20.35
CA ILE E 183 -33.70 -34.10 19.88
C ILE E 183 -32.95 -34.22 18.56
N ASP E 184 -33.43 -33.51 17.55
CA ASP E 184 -32.83 -33.51 16.22
C ASP E 184 -32.18 -32.17 15.93
N GLU E 185 -31.18 -32.19 15.06
CA GLU E 185 -30.46 -30.98 14.65
C GLU E 185 -29.55 -30.47 15.78
N ILE E 186 -28.96 -31.41 16.54
CA ILE E 186 -28.07 -31.04 17.62
C ILE E 186 -26.78 -30.40 17.12
N ASP E 187 -26.39 -30.70 15.88
CA ASP E 187 -25.15 -30.13 15.35
C ASP E 187 -25.21 -28.61 15.26
N LYS E 188 -26.36 -28.06 14.86
CA LYS E 188 -26.49 -26.62 14.73
C LYS E 188 -26.19 -25.89 16.03
N ILE E 189 -26.51 -26.51 17.17
CA ILE E 189 -26.26 -25.86 18.48
C ILE E 189 -24.84 -26.24 18.86
N SER E 190 -23.89 -25.47 18.35
CA SER E 190 -22.48 -25.71 18.63
C SER E 190 -21.72 -24.40 18.39
N ARG E 191 -20.74 -24.12 19.25
CA ARG E 191 -19.94 -22.90 19.12
C ARG E 191 -18.94 -23.08 17.99
N LYS E 192 -19.11 -22.31 16.92
CA LYS E 192 -18.20 -22.40 15.78
C LYS E 192 -16.79 -21.98 16.17
N SER E 193 -16.66 -20.93 16.98
CA SER E 193 -15.35 -20.44 17.40
C SER E 193 -14.61 -21.43 18.29
N ASP E 194 -15.29 -22.43 18.84
CA ASP E 194 -14.71 -23.44 19.72
C ASP E 194 -14.27 -22.86 21.06
N ASN E 195 -14.58 -21.60 21.34
CA ASN E 195 -14.20 -20.93 22.58
C ASN E 195 -15.20 -19.82 22.83
N PRO E 196 -15.32 -19.36 24.08
CA PRO E 196 -16.27 -18.28 24.35
C PRO E 196 -15.98 -17.05 23.51
N SER E 197 -17.04 -16.44 22.98
CA SER E 197 -16.93 -15.27 22.13
C SER E 197 -17.01 -13.99 22.97
N ILE E 198 -16.98 -12.85 22.28
CA ILE E 198 -17.06 -11.57 22.97
C ILE E 198 -18.37 -11.45 23.75
N THR E 199 -19.46 -11.97 23.18
CA THR E 199 -20.77 -11.94 23.79
C THR E 199 -21.27 -13.37 23.94
N ARG E 200 -21.87 -13.68 25.09
CA ARG E 200 -22.38 -15.01 25.35
C ARG E 200 -23.36 -15.43 24.27
N ASP E 201 -22.99 -16.47 23.52
CA ASP E 201 -23.87 -16.96 22.47
C ASP E 201 -25.16 -17.50 23.06
N VAL E 202 -26.29 -17.16 22.42
CA VAL E 202 -27.60 -17.59 22.89
C VAL E 202 -28.17 -18.73 22.05
N SER E 203 -27.40 -19.26 21.12
CA SER E 203 -27.87 -20.35 20.26
C SER E 203 -26.94 -21.55 20.25
N GLY E 204 -25.63 -21.32 20.29
CA GLY E 204 -24.68 -22.42 20.28
C GLY E 204 -24.12 -22.79 21.64
N GLU E 205 -23.69 -21.81 22.41
CA GLU E 205 -23.12 -22.06 23.74
C GLU E 205 -24.15 -21.95 24.85
N GLY E 206 -25.07 -21.00 24.76
CA GLY E 206 -26.06 -20.85 25.82
C GLY E 206 -26.96 -22.06 25.96
N VAL E 207 -27.40 -22.62 24.83
CA VAL E 207 -28.29 -23.79 24.89
C VAL E 207 -27.53 -25.01 25.39
N GLN E 208 -26.28 -25.18 24.97
CA GLN E 208 -25.51 -26.34 25.41
C GLN E 208 -25.33 -26.36 26.93
N GLN E 209 -25.01 -25.21 27.51
CA GLN E 209 -24.82 -25.16 28.96
C GLN E 209 -26.09 -25.57 29.70
N ALA E 210 -27.25 -25.09 29.25
CA ALA E 210 -28.49 -25.45 29.91
C ALA E 210 -28.77 -26.95 29.78
N LEU E 211 -28.45 -27.53 28.62
CA LEU E 211 -28.70 -28.96 28.41
C LEU E 211 -27.72 -29.83 29.18
N LEU E 212 -26.60 -29.28 29.66
CA LEU E 212 -25.64 -30.09 30.40
C LEU E 212 -26.28 -30.71 31.63
N LYS E 213 -26.94 -29.89 32.46
CA LYS E 213 -27.58 -30.37 33.68
C LYS E 213 -28.98 -30.93 33.43
N LEU E 214 -29.56 -30.69 32.26
CA LEU E 214 -30.90 -31.20 31.96
C LEU E 214 -30.88 -32.64 31.49
N ILE E 215 -29.72 -33.18 31.12
CA ILE E 215 -29.63 -34.55 30.63
C ILE E 215 -29.55 -35.58 31.75
N GLU E 216 -29.37 -35.17 33.00
CA GLU E 216 -29.28 -36.10 34.12
C GLU E 216 -29.99 -35.52 35.32
N GLY E 217 -31.06 -36.18 35.76
CA GLY E 217 -31.81 -35.70 36.91
C GLY E 217 -32.23 -34.26 36.73
N THR E 218 -31.97 -33.44 37.74
CA THR E 218 -32.29 -32.01 37.70
C THR E 218 -33.79 -31.80 37.47
N VAL E 219 -34.56 -32.18 38.50
CA VAL E 219 -36.01 -32.01 38.45
C VAL E 219 -36.30 -30.59 37.99
N ALA E 220 -36.99 -30.44 36.87
CA ALA E 220 -37.31 -29.14 36.30
C ALA E 220 -38.81 -28.89 36.35
N ALA E 221 -39.17 -27.62 36.49
CA ALA E 221 -40.56 -27.22 36.55
C ALA E 221 -41.22 -27.42 35.19
N VAL E 222 -42.55 -27.53 35.22
CA VAL E 222 -43.34 -27.73 34.00
C VAL E 222 -44.35 -26.60 33.90
N PRO E 223 -44.02 -25.48 33.25
CA PRO E 223 -44.98 -24.38 33.13
C PRO E 223 -46.28 -24.86 32.49
N PRO E 224 -47.43 -24.51 33.07
CA PRO E 224 -48.69 -24.95 32.47
C PRO E 224 -48.88 -24.36 31.08
N GLN E 225 -49.56 -25.14 30.23
CA GLN E 225 -49.83 -24.76 28.85
C GLN E 225 -48.66 -24.02 28.21
N GLN E 232 -51.98 -21.14 37.14
CA GLN E 232 -51.28 -20.74 35.93
C GLN E 232 -49.77 -20.65 36.18
N GLN E 233 -49.39 -20.63 37.46
CA GLN E 233 -47.98 -20.55 37.85
C GLN E 233 -47.62 -21.65 38.84
N GLU E 234 -48.33 -22.78 38.78
CA GLU E 234 -48.04 -23.88 39.70
C GLU E 234 -46.64 -24.43 39.48
N PHE E 235 -46.24 -24.60 38.22
CA PHE E 235 -44.91 -25.10 37.87
C PHE E 235 -44.67 -26.47 38.53
N LEU E 236 -45.49 -27.44 38.12
CA LEU E 236 -45.37 -28.79 38.66
C LEU E 236 -43.99 -29.36 38.34
N GLN E 237 -43.36 -29.97 39.35
CA GLN E 237 -42.04 -30.54 39.21
C GLN E 237 -42.11 -31.96 38.65
N VAL E 238 -41.22 -32.26 37.69
CA VAL E 238 -41.13 -33.56 37.06
C VAL E 238 -39.67 -33.99 37.03
N ASP E 239 -39.40 -35.22 37.43
CA ASP E 239 -38.04 -35.74 37.46
C ASP E 239 -37.62 -36.19 36.07
N THR E 240 -36.40 -35.82 35.69
CA THR E 240 -35.83 -36.17 34.39
C THR E 240 -34.68 -37.16 34.50
N SER E 241 -34.58 -37.86 35.63
CA SER E 241 -33.51 -38.82 35.83
C SER E 241 -33.74 -40.13 35.07
N LYS E 242 -35.00 -40.55 34.93
CA LYS E 242 -35.32 -41.79 34.23
C LYS E 242 -35.82 -41.57 32.81
N ILE E 243 -35.67 -40.37 32.26
CA ILE E 243 -36.10 -40.06 30.91
C ILE E 243 -34.89 -40.18 29.99
N LEU E 244 -34.90 -41.20 29.13
CA LEU E 244 -33.80 -41.41 28.21
C LEU E 244 -33.76 -40.29 27.18
N PHE E 245 -32.54 -39.89 26.79
CA PHE E 245 -32.33 -38.83 25.82
C PHE E 245 -31.53 -39.37 24.64
N ILE E 246 -32.03 -39.13 23.44
CA ILE E 246 -31.39 -39.56 22.19
C ILE E 246 -31.15 -38.31 21.36
N CYS E 247 -29.90 -38.13 20.93
CA CYS E 247 -29.50 -36.98 20.14
C CYS E 247 -29.14 -37.42 18.72
N GLY E 248 -29.25 -36.47 17.79
CA GLY E 248 -28.94 -36.73 16.41
C GLY E 248 -28.91 -35.48 15.55
N GLY E 249 -27.89 -35.34 14.71
CA GLY E 249 -27.77 -34.18 13.85
C GLY E 249 -26.74 -34.38 12.77
N ALA E 250 -26.91 -33.69 11.64
CA ALA E 250 -25.99 -33.79 10.51
C ALA E 250 -24.83 -32.84 10.76
N PHE E 251 -23.77 -33.36 11.37
CA PHE E 251 -22.58 -32.56 11.71
C PHE E 251 -21.81 -32.28 10.42
N ALA E 252 -22.19 -31.19 9.76
CA ALA E 252 -21.52 -30.80 8.53
C ALA E 252 -20.09 -30.36 8.83
N GLY E 253 -19.14 -30.87 8.05
CA GLY E 253 -17.74 -30.54 8.24
C GLY E 253 -17.04 -31.37 9.29
N LEU E 254 -17.78 -32.16 10.08
CA LEU E 254 -17.15 -32.98 11.11
C LEU E 254 -16.26 -34.05 10.49
N ASP E 255 -16.62 -34.58 9.33
CA ASP E 255 -15.80 -35.61 8.69
C ASP E 255 -14.38 -35.12 8.48
N LYS E 256 -14.18 -33.82 8.27
CA LYS E 256 -12.84 -33.29 8.07
C LYS E 256 -12.07 -33.24 9.39
N VAL E 257 -12.77 -33.03 10.51
CA VAL E 257 -12.09 -32.98 11.80
C VAL E 257 -11.47 -34.33 12.12
N ILE E 258 -12.22 -35.42 11.90
CA ILE E 258 -11.69 -36.75 12.18
C ILE E 258 -10.50 -37.05 11.27
N SER E 259 -10.61 -36.70 10.00
CA SER E 259 -9.52 -36.96 9.06
C SER E 259 -8.23 -36.27 9.49
N HIS E 260 -8.31 -34.96 9.77
CA HIS E 260 -7.12 -34.22 10.15
C HIS E 260 -6.41 -34.85 11.35
N ARG E 261 -7.16 -35.52 12.23
CA ARG E 261 -6.54 -36.14 13.40
C ARG E 261 -5.68 -37.33 13.02
N VAL E 262 -6.09 -38.11 12.00
CA VAL E 262 -5.35 -39.29 11.59
C VAL E 262 -4.95 -39.20 10.11
N GLU E 263 -4.74 -37.99 9.60
CA GLU E 263 -4.37 -37.80 8.20
C GLU E 263 -2.88 -37.50 8.05
N THR E 264 -2.37 -36.47 8.71
CA THR E 264 -0.97 -36.09 8.59
C THR E 264 -0.39 -35.76 9.95
N GLY E 265 0.83 -36.25 10.19
CA GLY E 265 1.54 -36.02 11.43
C GLY E 265 3.02 -35.83 11.19
N SER E 266 3.38 -35.45 9.97
CA SER E 266 4.77 -35.24 9.56
C SER E 266 5.03 -33.76 9.32
N GLY E 267 6.23 -33.47 8.84
CA GLY E 267 6.67 -32.12 8.53
C GLY E 267 6.54 -31.81 7.06
N ILE E 268 7.42 -30.92 6.58
CA ILE E 268 7.43 -30.49 5.19
C ILE E 268 8.80 -30.72 4.55
N GLY E 269 9.86 -30.24 5.21
CA GLY E 269 11.20 -30.38 4.69
C GLY E 269 11.79 -31.76 4.90
N PHE E 270 13.06 -31.88 4.53
CA PHE E 270 13.78 -33.14 4.67
C PHE E 270 13.80 -33.59 6.13
N GLY E 271 14.16 -34.86 6.32
CA GLY E 271 14.22 -35.41 7.67
C GLY E 271 12.88 -35.43 8.38
N ALA E 272 11.82 -35.77 7.66
CA ALA E 272 10.47 -35.84 8.21
C ALA E 272 9.88 -37.22 7.95
N THR E 273 9.18 -37.75 8.94
CA THR E 273 8.56 -39.06 8.83
C THR E 273 7.24 -38.92 8.07
N VAL E 274 7.37 -38.72 6.75
CA VAL E 274 6.19 -38.55 5.90
C VAL E 274 5.39 -39.85 5.88
N LYS E 275 4.08 -39.73 6.06
CA LYS E 275 3.18 -40.88 6.05
C LYS E 275 2.24 -40.79 4.86
N ALA E 276 2.05 -41.93 4.18
CA ALA E 276 1.17 -41.96 3.02
C ALA E 276 -0.27 -41.66 3.43
N LYS E 277 -0.89 -40.75 2.69
CA LYS E 277 -2.27 -40.37 2.98
C LYS E 277 -3.21 -41.53 2.63
N SER E 278 -4.19 -41.76 3.50
CA SER E 278 -5.15 -42.82 3.26
C SER E 278 -5.91 -42.58 1.97
N ASP E 279 -6.14 -43.65 1.21
CA ASP E 279 -6.87 -43.54 -0.04
C ASP E 279 -8.24 -42.92 0.20
N LYS E 280 -8.85 -42.46 -0.90
CA LYS E 280 -10.16 -41.83 -0.81
C LYS E 280 -11.12 -42.73 -0.05
N ALA E 281 -11.58 -42.25 1.10
CA ALA E 281 -12.51 -42.98 1.96
C ALA E 281 -13.83 -42.22 2.03
N SER E 282 -14.93 -42.96 1.97
CA SER E 282 -16.25 -42.34 2.02
C SER E 282 -16.45 -41.66 3.36
N GLU E 283 -17.43 -40.75 3.41
CA GLU E 283 -17.72 -40.02 4.64
C GLU E 283 -18.08 -40.97 5.77
N GLY E 284 -18.76 -42.06 5.47
CA GLY E 284 -19.14 -43.01 6.51
C GLY E 284 -17.94 -43.62 7.20
N GLU E 285 -16.89 -43.95 6.43
CA GLU E 285 -15.71 -44.56 7.02
C GLU E 285 -15.05 -43.62 8.03
N LEU E 286 -14.91 -42.35 7.67
CA LEU E 286 -14.29 -41.40 8.60
C LEU E 286 -15.11 -41.24 9.87
N LEU E 287 -16.43 -41.17 9.74
CA LEU E 287 -17.27 -41.02 10.93
C LEU E 287 -17.17 -42.23 11.84
N ALA E 288 -16.85 -43.41 11.29
CA ALA E 288 -16.74 -44.60 12.11
C ALA E 288 -15.61 -44.49 13.13
N GLN E 289 -14.62 -43.63 12.88
CA GLN E 289 -13.49 -43.44 13.79
C GLN E 289 -13.65 -42.20 14.67
N VAL E 290 -14.84 -41.62 14.70
CA VAL E 290 -15.07 -40.43 15.52
C VAL E 290 -14.84 -40.75 16.98
N GLU E 291 -14.25 -39.81 17.70
CA GLU E 291 -13.95 -39.94 19.12
C GLU E 291 -14.31 -38.64 19.81
N PRO E 292 -14.46 -38.64 21.14
CA PRO E 292 -14.80 -37.40 21.84
C PRO E 292 -13.84 -36.26 21.56
N GLU E 293 -12.56 -36.55 21.30
CA GLU E 293 -11.61 -35.49 21.02
C GLU E 293 -12.02 -34.71 19.79
N ASP E 294 -12.44 -35.40 18.74
CA ASP E 294 -12.87 -34.73 17.52
C ASP E 294 -14.09 -33.86 17.77
N LEU E 295 -15.04 -34.36 18.58
CA LEU E 295 -16.23 -33.58 18.87
C LEU E 295 -15.89 -32.29 19.61
N ILE E 296 -14.90 -32.35 20.50
CA ILE E 296 -14.50 -31.16 21.24
C ILE E 296 -14.01 -30.08 20.29
N LYS E 297 -13.19 -30.46 19.31
CA LYS E 297 -12.68 -29.49 18.34
C LYS E 297 -13.77 -29.00 17.40
N PHE E 298 -14.86 -29.75 17.25
CA PHE E 298 -15.94 -29.33 16.36
C PHE E 298 -16.76 -28.19 16.95
N GLY E 299 -16.73 -28.00 18.26
CA GLY E 299 -17.48 -26.93 18.90
C GLY E 299 -18.40 -27.42 20.00
N LEU E 300 -18.12 -28.60 20.54
CA LEU E 300 -18.91 -29.18 21.61
C LEU E 300 -18.07 -29.20 22.88
N ILE E 301 -18.58 -28.60 23.95
CA ILE E 301 -17.88 -28.54 25.22
C ILE E 301 -17.73 -29.96 25.76
N PRO E 302 -16.65 -30.27 26.47
CA PRO E 302 -16.48 -31.64 26.99
C PRO E 302 -17.62 -32.11 27.87
N GLU E 303 -18.25 -31.21 28.62
CA GLU E 303 -19.34 -31.62 29.50
C GLU E 303 -20.50 -32.21 28.71
N PHE E 304 -20.86 -31.57 27.59
CA PHE E 304 -21.97 -32.08 26.78
C PHE E 304 -21.64 -33.44 26.18
N ILE E 305 -20.41 -33.62 25.72
CA ILE E 305 -20.01 -34.90 25.13
C ILE E 305 -20.10 -36.01 26.16
N GLY E 306 -19.74 -35.71 27.41
CA GLY E 306 -19.80 -36.72 28.45
C GLY E 306 -21.21 -37.25 28.66
N ARG E 307 -22.21 -36.38 28.56
CA ARG E 307 -23.59 -36.80 28.74
C ARG E 307 -24.02 -37.81 27.68
N LEU E 308 -23.37 -37.82 26.52
CA LEU E 308 -23.71 -38.73 25.44
C LEU E 308 -22.62 -39.80 25.30
N PRO E 309 -22.66 -40.86 26.12
CA PRO E 309 -21.61 -41.89 25.99
C PRO E 309 -21.75 -42.73 24.73
N VAL E 310 -22.96 -43.14 24.39
CA VAL E 310 -23.16 -43.96 23.20
C VAL E 310 -23.05 -43.08 21.95
N VAL E 311 -22.22 -43.52 21.01
CA VAL E 311 -22.00 -42.79 19.75
C VAL E 311 -22.22 -43.76 18.60
N ALA E 312 -23.07 -43.36 17.66
CA ALA E 312 -23.39 -44.16 16.48
C ALA E 312 -23.29 -43.27 15.25
N THR E 313 -22.91 -43.88 14.13
CA THR E 313 -22.77 -43.16 12.87
C THR E 313 -23.45 -43.93 11.75
N LEU E 314 -23.92 -43.19 10.76
CA LEU E 314 -24.60 -43.75 9.60
C LEU E 314 -23.69 -43.71 8.38
N ASN E 315 -24.14 -44.33 7.30
CA ASN E 315 -23.41 -44.38 6.05
C ASN E 315 -24.25 -43.79 4.92
N GLU E 316 -23.62 -42.97 4.09
CA GLU E 316 -24.32 -42.35 2.98
C GLU E 316 -24.88 -43.41 2.04
N LEU E 317 -26.09 -43.18 1.56
CA LEU E 317 -26.73 -44.12 0.65
C LEU E 317 -25.98 -44.18 -0.67
N SER E 318 -25.83 -45.39 -1.19
CA SER E 318 -25.15 -45.63 -2.46
C SER E 318 -26.20 -45.94 -3.54
N GLU E 319 -25.72 -46.29 -4.73
CA GLU E 319 -26.65 -46.61 -5.82
C GLU E 319 -27.53 -47.80 -5.46
N GLU E 320 -26.93 -48.85 -4.90
CA GLU E 320 -27.71 -50.03 -4.53
C GLU E 320 -28.68 -49.73 -3.39
N ALA E 321 -28.24 -48.94 -2.40
CA ALA E 321 -29.12 -48.62 -1.28
C ALA E 321 -30.35 -47.86 -1.73
N LEU E 322 -30.18 -46.87 -2.62
CA LEU E 322 -31.32 -46.10 -3.09
C LEU E 322 -32.32 -46.99 -3.84
N ILE E 323 -31.82 -47.90 -4.67
CA ILE E 323 -32.71 -48.78 -5.42
C ILE E 323 -33.55 -49.61 -4.46
N GLN E 324 -32.93 -50.12 -3.38
CA GLN E 324 -33.66 -50.91 -2.41
C GLN E 324 -34.73 -50.07 -1.71
N ILE E 325 -34.42 -48.81 -1.41
CA ILE E 325 -35.38 -47.93 -0.75
C ILE E 325 -36.63 -47.72 -1.60
N LEU E 326 -36.53 -47.97 -2.90
CA LEU E 326 -37.68 -47.77 -3.78
C LEU E 326 -38.75 -48.85 -3.61
N LYS E 327 -38.36 -50.08 -3.28
CA LYS E 327 -39.32 -51.18 -3.14
C LYS E 327 -39.35 -51.81 -1.77
N GLU E 328 -38.19 -52.12 -1.19
CA GLU E 328 -38.15 -52.79 0.12
C GLU E 328 -38.92 -52.06 1.20
N PRO E 329 -38.78 -50.74 1.39
CA PRO E 329 -39.54 -50.08 2.46
C PRO E 329 -41.04 -50.21 2.26
N LYS E 330 -41.76 -50.37 3.36
CA LYS E 330 -43.21 -50.49 3.29
C LYS E 330 -43.84 -49.20 2.75
N ASN E 331 -43.34 -48.05 3.21
CA ASN E 331 -43.84 -46.74 2.79
C ASN E 331 -43.00 -46.13 1.67
N ALA E 332 -42.44 -46.97 0.79
CA ALA E 332 -41.63 -46.48 -0.30
C ALA E 332 -42.47 -45.65 -1.26
N LEU E 333 -41.81 -44.72 -1.95
CA LEU E 333 -42.53 -43.84 -2.88
C LEU E 333 -43.23 -44.64 -3.97
N THR E 334 -42.65 -45.76 -4.39
CA THR E 334 -43.28 -46.56 -5.44
C THR E 334 -44.61 -47.13 -4.96
N LYS E 335 -44.64 -47.70 -3.75
CA LYS E 335 -45.87 -48.26 -3.22
C LYS E 335 -46.93 -47.18 -3.02
N GLN E 336 -46.52 -46.00 -2.54
CA GLN E 336 -47.47 -44.93 -2.33
C GLN E 336 -48.15 -44.52 -3.63
N TYR E 337 -47.37 -44.42 -4.70
CA TYR E 337 -47.94 -44.04 -5.99
C TYR E 337 -48.85 -45.13 -6.53
N GLN E 338 -48.50 -46.40 -6.30
CA GLN E 338 -49.35 -47.50 -6.78
C GLN E 338 -50.74 -47.42 -6.15
N ALA E 339 -50.81 -47.15 -4.85
CA ALA E 339 -52.10 -47.04 -4.19
C ALA E 339 -52.84 -45.79 -4.66
N LEU E 340 -52.10 -44.71 -4.93
CA LEU E 340 -52.72 -43.47 -5.39
C LEU E 340 -53.45 -43.70 -6.72
N PHE E 341 -52.80 -44.41 -7.65
CA PHE E 341 -53.43 -44.69 -8.93
C PHE E 341 -54.63 -45.64 -8.77
N ASN E 342 -54.51 -46.62 -7.88
CA ASN E 342 -55.59 -47.56 -7.64
C ASN E 342 -56.82 -46.89 -7.06
N LEU E 343 -56.67 -45.73 -6.42
CA LEU E 343 -57.82 -45.05 -5.83
C LEU E 343 -58.84 -44.68 -6.89
N GLU E 344 -58.37 -44.16 -8.03
CA GLU E 344 -59.26 -43.77 -9.12
C GLU E 344 -59.59 -44.92 -10.07
N GLY E 345 -58.97 -46.09 -9.90
CA GLY E 345 -59.26 -47.23 -10.75
C GLY E 345 -58.22 -47.54 -11.81
N VAL E 346 -56.94 -47.44 -11.47
CA VAL E 346 -55.87 -47.74 -12.41
C VAL E 346 -54.69 -48.30 -11.64
N ASP E 347 -53.97 -49.23 -12.26
CA ASP E 347 -52.80 -49.86 -11.65
C ASP E 347 -51.53 -49.31 -12.27
N LEU E 348 -50.48 -49.22 -11.45
CA LEU E 348 -49.18 -48.70 -11.88
C LEU E 348 -48.10 -49.69 -11.50
N GLU E 349 -47.13 -49.87 -12.40
CA GLU E 349 -46.01 -50.78 -12.17
C GLU E 349 -44.73 -50.11 -12.63
N PHE E 350 -43.64 -50.36 -11.91
CA PHE E 350 -42.34 -49.80 -12.22
C PHE E 350 -41.39 -50.94 -12.59
N ARG E 351 -40.78 -50.84 -13.77
CA ARG E 351 -39.85 -51.86 -14.23
C ARG E 351 -38.53 -51.74 -13.47
N ASP E 352 -37.79 -52.86 -13.43
CA ASP E 352 -36.51 -52.87 -12.74
C ASP E 352 -35.55 -51.84 -13.33
N GLU E 353 -35.50 -51.76 -14.66
CA GLU E 353 -34.63 -50.78 -15.31
C GLU E 353 -35.03 -49.36 -14.96
N ALA E 354 -36.34 -49.10 -14.90
CA ALA E 354 -36.81 -47.75 -14.58
C ALA E 354 -36.35 -47.32 -13.19
N LEU E 355 -36.43 -48.23 -12.21
CA LEU E 355 -36.01 -47.89 -10.85
C LEU E 355 -34.53 -47.55 -10.81
N ASP E 356 -33.71 -48.30 -11.55
CA ASP E 356 -32.27 -48.03 -11.56
C ASP E 356 -31.97 -46.67 -12.17
N ALA E 357 -32.69 -46.30 -13.23
CA ALA E 357 -32.44 -45.02 -13.89
C ALA E 357 -32.72 -43.85 -12.95
N ILE E 358 -33.84 -43.90 -12.24
CA ILE E 358 -34.18 -42.80 -11.33
C ILE E 358 -33.19 -42.72 -10.19
N ALA E 359 -32.77 -43.87 -9.64
CA ALA E 359 -31.81 -43.86 -8.54
C ALA E 359 -30.49 -43.24 -8.96
N LYS E 360 -30.01 -43.59 -10.16
CA LYS E 360 -28.74 -43.04 -10.62
C LYS E 360 -28.83 -41.53 -10.82
N LYS E 361 -29.95 -41.05 -11.35
CA LYS E 361 -30.11 -39.61 -11.57
C LYS E 361 -30.11 -38.85 -10.25
N ALA E 362 -30.69 -39.43 -9.21
CA ALA E 362 -30.74 -38.74 -7.92
C ALA E 362 -29.33 -38.48 -7.39
N MET E 363 -28.44 -39.47 -7.47
CA MET E 363 -27.08 -39.28 -6.97
C MET E 363 -26.29 -38.33 -7.86
N ALA E 364 -26.65 -38.25 -9.15
CA ALA E 364 -25.93 -37.36 -10.06
C ALA E 364 -26.08 -35.91 -9.63
N ARG E 365 -27.29 -35.52 -9.22
CA ARG E 365 -27.57 -34.16 -8.79
C ARG E 365 -27.27 -33.92 -7.32
N LYS E 366 -26.84 -34.95 -6.58
CA LYS E 366 -26.52 -34.86 -5.16
C LYS E 366 -27.74 -34.53 -4.31
N THR E 367 -28.95 -34.64 -4.87
CA THR E 367 -30.15 -34.34 -4.12
C THR E 367 -30.38 -35.32 -2.96
N GLY E 368 -29.80 -36.51 -3.03
CA GLY E 368 -29.97 -37.49 -1.96
C GLY E 368 -31.28 -38.26 -2.04
N ALA E 369 -31.61 -38.88 -0.91
CA ALA E 369 -32.83 -39.67 -0.83
C ALA E 369 -34.08 -38.81 -1.05
N ARG E 370 -34.07 -37.59 -0.49
CA ARG E 370 -35.22 -36.71 -0.65
C ARG E 370 -35.51 -36.39 -2.12
N GLY E 371 -34.50 -36.50 -2.99
CA GLY E 371 -34.70 -36.22 -4.40
C GLY E 371 -35.46 -37.31 -5.14
N LEU E 372 -35.49 -38.52 -4.60
CA LEU E 372 -36.21 -39.61 -5.28
C LEU E 372 -37.66 -39.23 -5.53
N ARG E 373 -38.25 -38.43 -4.64
CA ARG E 373 -39.64 -38.01 -4.80
C ARG E 373 -39.80 -36.95 -5.88
N SER E 374 -38.79 -36.10 -6.06
CA SER E 374 -38.88 -35.05 -7.06
C SER E 374 -38.75 -35.60 -8.47
N ILE E 375 -37.78 -36.50 -8.70
CA ILE E 375 -37.58 -37.05 -10.03
C ILE E 375 -38.81 -37.84 -10.49
N VAL E 376 -39.35 -38.68 -9.61
CA VAL E 376 -40.52 -39.48 -9.95
C VAL E 376 -41.72 -38.59 -10.22
N GLU E 377 -41.88 -37.52 -9.45
CA GLU E 377 -43.01 -36.62 -9.65
C GLU E 377 -42.99 -35.99 -11.04
N ALA E 378 -41.82 -35.55 -11.50
CA ALA E 378 -41.73 -34.93 -12.81
C ALA E 378 -41.96 -35.95 -13.92
N ALA E 379 -41.43 -37.17 -13.76
CA ALA E 379 -41.59 -38.18 -14.79
C ALA E 379 -43.06 -38.55 -14.99
N LEU E 380 -43.82 -38.67 -13.90
CA LEU E 380 -45.23 -39.03 -13.96
C LEU E 380 -46.14 -37.81 -13.88
N LEU E 381 -45.60 -36.60 -13.99
CA LEU E 381 -46.43 -35.40 -13.92
C LEU E 381 -47.45 -35.35 -15.06
N ASP E 382 -46.99 -35.62 -16.29
CA ASP E 382 -47.90 -35.58 -17.43
C ASP E 382 -48.92 -36.71 -17.36
N THR E 383 -48.51 -37.90 -16.95
CA THR E 383 -49.44 -39.03 -16.89
C THR E 383 -50.56 -38.78 -15.89
N MET E 384 -50.23 -38.24 -14.71
CA MET E 384 -51.25 -37.98 -13.69
C MET E 384 -52.21 -36.89 -14.13
N TYR E 385 -51.76 -35.95 -14.96
CA TYR E 385 -52.64 -34.87 -15.39
C TYR E 385 -53.83 -35.41 -16.17
N ASP E 386 -53.59 -36.36 -17.07
CA ASP E 386 -54.64 -36.97 -17.89
C ASP E 386 -55.02 -38.37 -17.42
N LEU E 387 -54.56 -38.78 -16.22
CA LEU E 387 -54.91 -40.12 -15.73
C LEU E 387 -56.38 -40.23 -15.37
N PRO E 388 -56.88 -39.50 -14.37
CA PRO E 388 -58.32 -39.63 -14.03
C PRO E 388 -59.24 -39.30 -15.19
N SER E 389 -58.88 -38.31 -16.01
CA SER E 389 -59.73 -37.93 -17.14
C SER E 389 -59.84 -39.08 -18.13
N MET E 390 -58.71 -39.75 -18.40
CA MET E 390 -58.73 -40.86 -19.34
C MET E 390 -59.61 -41.98 -18.81
N GLU E 391 -60.32 -42.65 -19.72
CA GLU E 391 -61.23 -43.73 -19.37
C GLU E 391 -60.85 -44.98 -20.17
N ASP E 392 -61.23 -46.14 -19.63
CA ASP E 392 -60.95 -47.44 -20.24
C ASP E 392 -59.46 -47.76 -20.20
N VAL E 393 -58.82 -47.48 -19.06
CA VAL E 393 -57.41 -47.73 -18.84
C VAL E 393 -57.29 -48.79 -17.74
N GLU E 394 -56.46 -49.80 -17.98
CA GLU E 394 -56.28 -50.89 -17.04
C GLU E 394 -54.92 -50.92 -16.35
N LYS E 395 -53.85 -50.60 -17.07
CA LYS E 395 -52.52 -50.65 -16.46
C LYS E 395 -51.63 -49.60 -17.09
N VAL E 396 -50.61 -49.19 -16.33
CA VAL E 396 -49.62 -48.21 -16.75
C VAL E 396 -48.25 -48.84 -16.56
N VAL E 397 -47.43 -48.81 -17.60
CA VAL E 397 -46.10 -49.40 -17.59
C VAL E 397 -45.06 -48.28 -17.66
N ILE E 398 -44.08 -48.35 -16.76
CA ILE E 398 -42.99 -47.38 -16.69
C ILE E 398 -41.69 -48.11 -16.97
N ASP E 399 -40.94 -47.63 -17.95
CA ASP E 399 -39.66 -48.22 -18.35
C ASP E 399 -38.55 -47.18 -18.21
N GLU E 400 -37.35 -47.55 -18.66
CA GLU E 400 -36.21 -46.65 -18.59
C GLU E 400 -36.25 -45.57 -19.66
N SER E 401 -37.02 -45.77 -20.73
CA SER E 401 -37.10 -44.79 -21.81
C SER E 401 -37.95 -43.57 -21.43
N VAL E 402 -38.76 -43.67 -20.38
CA VAL E 402 -39.60 -42.55 -19.96
C VAL E 402 -38.95 -41.73 -18.84
N ILE E 403 -37.97 -42.28 -18.13
CA ILE E 403 -37.33 -41.53 -17.06
C ILE E 403 -36.66 -40.29 -17.62
N ASP E 404 -35.95 -40.42 -18.74
CA ASP E 404 -35.28 -39.30 -19.37
C ASP E 404 -36.23 -38.40 -20.16
N GLY E 405 -37.48 -38.80 -20.32
CA GLY E 405 -38.47 -38.01 -21.04
C GLY E 405 -38.43 -38.16 -22.55
N GLN E 406 -37.58 -39.02 -23.09
CA GLN E 406 -37.52 -39.18 -24.54
C GLN E 406 -38.71 -39.97 -25.08
N SER E 407 -39.32 -40.83 -24.26
CA SER E 407 -40.45 -41.63 -24.68
C SER E 407 -41.62 -41.46 -23.73
N GLU E 408 -42.81 -41.35 -24.29
CA GLU E 408 -44.02 -41.19 -23.48
C GLU E 408 -44.32 -42.50 -22.76
N PRO E 409 -44.73 -42.45 -21.49
CA PRO E 409 -45.00 -43.70 -20.77
C PRO E 409 -46.08 -44.53 -21.46
N LEU E 410 -45.88 -45.84 -21.47
CA LEU E 410 -46.82 -46.75 -22.11
C LEU E 410 -48.14 -46.79 -21.36
N LEU E 411 -49.24 -46.85 -22.10
CA LEU E 411 -50.57 -46.91 -21.54
C LEU E 411 -51.42 -47.87 -22.37
N ILE E 412 -52.14 -48.75 -21.70
CA ILE E 412 -52.99 -49.73 -22.37
C ILE E 412 -54.45 -49.41 -22.07
N TYR E 413 -55.33 -49.97 -22.90
CA TYR E 413 -56.76 -49.76 -22.75
C TYR E 413 -57.49 -51.10 -22.64
N PRO F 65 -62.66 -32.53 -8.12
CA PRO F 65 -62.48 -32.26 -9.55
C PRO F 65 -61.16 -32.78 -10.09
N THR F 66 -61.18 -33.32 -11.31
CA THR F 66 -59.98 -33.85 -11.92
C THR F 66 -59.05 -32.72 -12.35
N PRO F 67 -57.78 -33.02 -12.59
CA PRO F 67 -56.84 -31.97 -13.01
C PRO F 67 -57.31 -31.19 -14.23
N HIS F 68 -57.94 -31.85 -15.19
CA HIS F 68 -58.43 -31.15 -16.38
C HIS F 68 -59.45 -30.08 -16.00
N GLU F 69 -60.39 -30.42 -15.11
CA GLU F 69 -61.39 -29.46 -14.69
C GLU F 69 -60.74 -28.27 -13.98
N ILE F 70 -59.74 -28.55 -13.14
CA ILE F 70 -59.05 -27.48 -12.42
C ILE F 70 -58.40 -26.52 -13.40
N ARG F 71 -57.77 -27.07 -14.45
CA ARG F 71 -57.12 -26.22 -15.44
C ARG F 71 -58.10 -25.34 -16.18
N ASN F 72 -59.28 -25.88 -16.51
CA ASN F 72 -60.28 -25.10 -17.24
C ASN F 72 -60.75 -23.89 -16.44
N HIS F 73 -61.00 -24.07 -15.15
CA HIS F 73 -61.50 -22.97 -14.33
C HIS F 73 -60.43 -21.94 -14.02
N LEU F 74 -59.21 -22.38 -13.70
CA LEU F 74 -58.16 -21.44 -13.34
C LEU F 74 -57.73 -20.56 -14.51
N ASP F 75 -57.72 -21.10 -15.74
CA ASP F 75 -57.29 -20.29 -16.87
C ASP F 75 -58.23 -19.12 -17.14
N ASP F 76 -59.46 -19.17 -16.63
CA ASP F 76 -60.39 -18.08 -16.85
C ASP F 76 -60.01 -16.85 -16.05
N TYR F 77 -59.64 -17.04 -14.78
CA TYR F 77 -59.27 -15.92 -13.92
C TYR F 77 -57.87 -15.41 -14.23
N VAL F 78 -56.94 -16.30 -14.56
CA VAL F 78 -55.56 -15.93 -14.86
C VAL F 78 -55.20 -16.43 -16.25
N ILE F 79 -54.45 -15.62 -16.99
CA ILE F 79 -54.03 -15.94 -18.35
C ILE F 79 -52.52 -16.20 -18.34
N GLY F 80 -52.08 -16.97 -19.32
CA GLY F 80 -50.67 -17.29 -19.46
C GLY F 80 -50.23 -18.36 -18.47
N GLN F 81 -48.91 -18.52 -18.39
CA GLN F 81 -48.28 -19.50 -17.51
C GLN F 81 -48.88 -20.88 -17.73
N GLU F 82 -48.87 -21.32 -19.00
CA GLU F 82 -49.43 -22.63 -19.34
C GLU F 82 -48.67 -23.75 -18.62
N GLN F 83 -47.35 -23.69 -18.63
CA GLN F 83 -46.56 -24.74 -17.97
C GLN F 83 -46.80 -24.73 -16.47
N ALA F 84 -46.82 -23.55 -15.85
CA ALA F 84 -47.04 -23.48 -14.41
C ALA F 84 -48.42 -23.97 -14.02
N LYS F 85 -49.41 -23.81 -14.91
CA LYS F 85 -50.76 -24.26 -14.62
C LYS F 85 -50.86 -25.78 -14.64
N LYS F 86 -50.10 -26.44 -15.51
CA LYS F 86 -50.16 -27.90 -15.59
C LYS F 86 -49.52 -28.54 -14.37
N VAL F 87 -48.35 -28.06 -13.96
CA VAL F 87 -47.68 -28.63 -12.80
C VAL F 87 -48.42 -28.27 -11.52
N LEU F 88 -48.88 -27.03 -11.40
CA LEU F 88 -49.59 -26.61 -10.19
C LEU F 88 -50.91 -27.35 -10.03
N ALA F 89 -51.65 -27.53 -11.12
CA ALA F 89 -52.94 -28.23 -11.03
C ALA F 89 -52.75 -29.68 -10.59
N VAL F 90 -51.74 -30.35 -11.12
CA VAL F 90 -51.51 -31.75 -10.76
C VAL F 90 -51.05 -31.86 -9.31
N ALA F 91 -50.23 -30.91 -8.86
CA ALA F 91 -49.74 -30.95 -7.48
C ALA F 91 -50.88 -30.84 -6.47
N VAL F 92 -51.80 -29.90 -6.70
CA VAL F 92 -52.91 -29.72 -5.77
C VAL F 92 -53.86 -30.91 -5.82
N TYR F 93 -54.08 -31.47 -7.02
CA TYR F 93 -54.98 -32.62 -7.13
C TYR F 93 -54.42 -33.84 -6.44
N ASN F 94 -53.10 -34.04 -6.51
CA ASN F 94 -52.49 -35.20 -5.86
C ASN F 94 -52.50 -35.06 -4.35
N HIS F 95 -52.27 -33.85 -3.83
CA HIS F 95 -52.27 -33.65 -2.40
C HIS F 95 -53.66 -33.78 -1.80
N TYR F 96 -54.66 -33.16 -2.44
CA TYR F 96 -56.02 -33.21 -1.90
C TYR F 96 -56.63 -34.59 -2.05
N LYS F 97 -56.36 -35.28 -3.16
CA LYS F 97 -56.92 -36.62 -3.32
C LYS F 97 -56.41 -37.55 -2.22
N ARG F 98 -55.20 -37.29 -1.71
CA ARG F 98 -54.67 -38.11 -0.63
C ARG F 98 -55.36 -37.79 0.68
N LEU F 99 -55.60 -36.50 0.96
CA LEU F 99 -56.26 -36.11 2.20
C LEU F 99 -57.68 -36.65 2.26
N ARG F 100 -58.40 -36.61 1.14
CA ARG F 100 -59.76 -37.12 1.11
C ARG F 100 -59.80 -38.59 1.52
N ASN F 101 -58.71 -39.32 1.28
CA ASN F 101 -58.63 -40.74 1.66
C ASN F 101 -58.13 -40.86 3.10
N GLY F 102 -58.88 -40.23 4.00
CA GLY F 102 -58.52 -40.27 5.41
C GLY F 102 -58.48 -41.67 5.98
N ASP F 103 -59.32 -42.56 5.45
CA ASP F 103 -59.33 -43.94 5.95
C ASP F 103 -57.98 -44.60 5.72
N THR F 104 -57.39 -44.40 4.54
CA THR F 104 -56.09 -44.97 4.20
C THR F 104 -56.10 -46.49 4.41
N SER F 105 -56.94 -47.15 3.62
CA SER F 105 -57.05 -48.60 3.71
C SER F 105 -55.70 -49.27 3.54
N ASN F 106 -54.95 -48.85 2.52
CA ASN F 106 -53.62 -49.42 2.29
C ASN F 106 -52.68 -48.99 3.41
N GLY F 107 -51.84 -49.93 3.85
CA GLY F 107 -50.88 -49.64 4.91
C GLY F 107 -49.86 -48.59 4.54
N VAL F 108 -49.73 -48.26 3.26
CA VAL F 108 -48.75 -47.26 2.84
C VAL F 108 -49.24 -45.87 3.24
N GLU F 109 -48.37 -45.10 3.89
CA GLU F 109 -48.72 -43.77 4.32
C GLU F 109 -48.62 -42.79 3.17
N LEU F 110 -49.43 -41.73 3.22
CA LEU F 110 -49.47 -40.70 2.20
C LEU F 110 -48.69 -39.49 2.68
N GLY F 111 -47.64 -39.13 1.95
CA GLY F 111 -46.81 -38.00 2.30
C GLY F 111 -47.17 -36.77 1.50
N LYS F 112 -46.96 -35.60 2.10
CA LYS F 112 -47.28 -34.34 1.45
C LYS F 112 -46.28 -34.05 0.33
N SER F 113 -46.73 -33.26 -0.65
CA SER F 113 -45.92 -32.88 -1.81
C SER F 113 -45.89 -31.35 -1.88
N ASN F 114 -44.90 -30.75 -1.24
CA ASN F 114 -44.76 -29.31 -1.24
C ASN F 114 -44.47 -28.79 -2.65
N ILE F 115 -44.97 -27.60 -2.94
CA ILE F 115 -44.81 -26.97 -4.25
C ILE F 115 -43.87 -25.79 -4.12
N LEU F 116 -43.10 -25.56 -5.19
CA LEU F 116 -42.14 -24.47 -5.27
C LEU F 116 -42.45 -23.64 -6.50
N LEU F 117 -42.51 -22.32 -6.33
CA LEU F 117 -42.80 -21.39 -7.41
C LEU F 117 -41.61 -20.45 -7.60
N ILE F 118 -41.13 -20.36 -8.84
CA ILE F 118 -40.00 -19.50 -9.19
C ILE F 118 -40.41 -18.68 -10.40
N GLY F 119 -40.21 -17.36 -10.32
CA GLY F 119 -40.56 -16.47 -11.40
C GLY F 119 -40.22 -15.03 -11.09
N PRO F 120 -40.19 -14.18 -12.12
CA PRO F 120 -39.88 -12.77 -11.90
C PRO F 120 -40.97 -12.07 -11.12
N THR F 121 -40.57 -11.02 -10.40
CA THR F 121 -41.52 -10.25 -9.60
C THR F 121 -42.64 -9.71 -10.49
N GLY F 122 -43.87 -9.81 -9.98
CA GLY F 122 -45.02 -9.34 -10.73
C GLY F 122 -45.55 -10.30 -11.75
N SER F 123 -45.02 -11.53 -11.80
CA SER F 123 -45.48 -12.52 -12.77
C SER F 123 -46.79 -13.19 -12.37
N GLY F 124 -47.29 -12.92 -11.16
CA GLY F 124 -48.53 -13.51 -10.71
C GLY F 124 -48.39 -14.75 -9.88
N LYS F 125 -47.22 -14.99 -9.28
CA LYS F 125 -47.04 -16.18 -8.47
C LYS F 125 -48.02 -16.21 -7.30
N THR F 126 -48.20 -15.07 -6.63
CA THR F 126 -49.14 -15.03 -5.51
C THR F 126 -50.57 -15.20 -6.00
N LEU F 127 -50.91 -14.61 -7.15
CA LEU F 127 -52.27 -14.73 -7.68
C LEU F 127 -52.59 -16.16 -8.07
N LEU F 128 -51.59 -16.99 -8.39
CA LEU F 128 -51.86 -18.38 -8.76
C LEU F 128 -52.29 -19.19 -7.55
N ALA F 129 -51.66 -18.96 -6.40
CA ALA F 129 -52.02 -19.71 -5.19
C ALA F 129 -53.34 -19.23 -4.62
N GLU F 130 -53.59 -17.92 -4.62
CA GLU F 130 -54.83 -17.39 -4.07
C GLU F 130 -56.01 -17.75 -4.97
N THR F 131 -55.86 -17.55 -6.28
CA THR F 131 -56.95 -17.86 -7.21
C THR F 131 -57.28 -19.35 -7.19
N LEU F 132 -56.25 -20.20 -7.17
CA LEU F 132 -56.48 -21.64 -7.14
C LEU F 132 -57.18 -22.04 -5.84
N ALA F 133 -56.82 -21.39 -4.73
CA ALA F 133 -57.45 -21.69 -3.45
C ALA F 133 -58.92 -21.31 -3.46
N ARG F 134 -59.26 -20.21 -4.14
CA ARG F 134 -60.66 -19.78 -4.18
C ARG F 134 -61.53 -20.82 -4.88
N LEU F 135 -60.96 -21.59 -5.81
CA LEU F 135 -61.74 -22.62 -6.49
C LEU F 135 -62.29 -23.63 -5.49
N LEU F 136 -61.58 -23.83 -4.37
CA LEU F 136 -61.99 -24.74 -3.32
C LEU F 136 -62.46 -23.95 -2.12
N ASP F 137 -63.21 -24.62 -1.24
CA ASP F 137 -63.74 -24.00 -0.04
C ASP F 137 -62.74 -24.01 1.11
N VAL F 138 -61.56 -24.58 0.91
CA VAL F 138 -60.53 -24.64 1.95
C VAL F 138 -59.97 -23.25 2.21
N PRO F 139 -59.51 -22.95 3.42
CA PRO F 139 -58.95 -21.63 3.70
C PRO F 139 -57.54 -21.48 3.16
N PHE F 140 -57.18 -20.23 2.86
CA PHE F 140 -55.86 -19.90 2.32
C PHE F 140 -55.30 -18.69 3.05
N THR F 141 -54.05 -18.80 3.50
CA THR F 141 -53.36 -17.72 4.19
C THR F 141 -52.03 -17.47 3.51
N MET F 142 -51.45 -16.31 3.79
CA MET F 142 -50.17 -15.90 3.21
C MET F 142 -49.25 -15.38 4.29
N ALA F 143 -47.94 -15.53 4.05
CA ALA F 143 -46.91 -15.08 4.97
C ALA F 143 -45.77 -14.46 4.17
N ASP F 144 -44.92 -13.72 4.86
CA ASP F 144 -43.78 -13.06 4.25
C ASP F 144 -42.50 -13.47 4.98
N ALA F 145 -41.49 -13.88 4.22
CA ALA F 145 -40.21 -14.30 4.78
C ALA F 145 -39.22 -13.15 4.93
N THR F 146 -39.55 -11.96 4.43
CA THR F 146 -38.64 -10.83 4.55
C THR F 146 -38.47 -10.39 6.00
N THR F 147 -39.41 -10.72 6.88
CA THR F 147 -39.34 -10.36 8.29
C THR F 147 -38.61 -11.39 9.13
N LEU F 148 -38.06 -12.44 8.51
CA LEU F 148 -37.35 -13.49 9.24
C LEU F 148 -38.28 -14.17 10.24
N THR F 149 -39.41 -14.67 9.75
CA THR F 149 -40.39 -15.32 10.60
C THR F 149 -39.75 -16.47 11.37
N GLU F 150 -39.95 -16.46 12.69
CA GLU F 150 -39.40 -17.49 13.56
C GLU F 150 -39.90 -17.28 14.99
N ALA F 151 -39.94 -18.35 15.78
CA ALA F 151 -40.39 -18.27 17.17
C ALA F 151 -39.21 -17.88 18.04
N GLY F 152 -38.85 -16.60 17.98
CA GLY F 152 -37.75 -16.10 18.77
C GLY F 152 -37.36 -14.70 18.34
N TYR F 153 -36.15 -14.30 18.75
CA TYR F 153 -35.66 -12.97 18.42
C TYR F 153 -35.46 -12.78 16.91
N VAL F 154 -35.36 -13.88 16.16
CA VAL F 154 -35.17 -13.77 14.71
C VAL F 154 -36.34 -13.04 14.07
N GLY F 155 -37.55 -13.28 14.57
CA GLY F 155 -38.73 -12.63 14.03
C GLY F 155 -40.02 -13.13 14.64
N GLU F 156 -41.10 -13.10 13.85
CA GLU F 156 -42.42 -13.56 14.29
C GLU F 156 -42.73 -14.87 13.59
N ASP F 157 -42.92 -15.94 14.38
CA ASP F 157 -43.20 -17.25 13.83
C ASP F 157 -44.49 -17.22 13.02
N VAL F 158 -44.49 -17.94 11.90
CA VAL F 158 -45.66 -18.01 11.03
C VAL F 158 -46.74 -18.88 11.68
N GLU F 159 -46.43 -19.47 12.83
CA GLU F 159 -47.41 -20.29 13.52
C GLU F 159 -48.68 -19.50 13.78
N ASN F 160 -48.54 -18.19 14.06
CA ASN F 160 -49.72 -17.37 14.28
C ASN F 160 -50.57 -17.32 13.02
N ILE F 161 -49.92 -17.25 11.85
CA ILE F 161 -50.65 -17.27 10.59
C ILE F 161 -51.38 -18.59 10.42
N ILE F 162 -50.77 -19.68 10.89
CA ILE F 162 -51.43 -20.98 10.81
C ILE F 162 -52.74 -20.94 11.59
N GLN F 163 -52.72 -20.34 12.78
CA GLN F 163 -53.95 -20.21 13.55
C GLN F 163 -54.97 -19.36 12.81
N LYS F 164 -54.50 -18.38 12.04
CA LYS F 164 -55.43 -17.56 11.26
C LYS F 164 -56.17 -18.43 10.25
N LEU F 165 -55.46 -19.36 9.61
CA LEU F 165 -56.12 -20.27 8.67
C LEU F 165 -57.17 -21.09 9.40
N LEU F 166 -56.87 -21.51 10.62
CA LEU F 166 -57.82 -22.26 11.43
C LEU F 166 -59.07 -21.43 11.71
N GLN F 167 -58.88 -20.14 11.99
CA GLN F 167 -60.00 -19.27 12.28
C GLN F 167 -60.95 -19.16 11.09
N LYS F 168 -60.39 -19.04 9.88
CA LYS F 168 -61.24 -18.94 8.69
C LYS F 168 -62.17 -20.12 8.57
N CYS F 169 -61.74 -21.30 9.00
CA CYS F 169 -62.56 -22.51 8.94
C CYS F 169 -63.35 -22.70 10.25
N ASP F 170 -64.08 -21.66 10.64
CA ASP F 170 -64.89 -21.64 11.85
C ASP F 170 -64.12 -22.20 13.04
N TYR F 171 -62.81 -21.96 13.07
CA TYR F 171 -61.94 -22.42 14.15
C TYR F 171 -62.10 -23.93 14.37
N ASP F 172 -61.93 -24.69 13.28
CA ASP F 172 -62.04 -26.14 13.29
C ASP F 172 -60.72 -26.72 12.82
N VAL F 173 -60.01 -27.40 13.71
CA VAL F 173 -58.72 -27.99 13.37
C VAL F 173 -58.87 -29.05 12.28
N GLN F 174 -59.98 -29.79 12.30
CA GLN F 174 -60.18 -30.83 11.29
C GLN F 174 -60.12 -30.24 9.89
N LYS F 175 -60.81 -29.13 9.66
CA LYS F 175 -60.78 -28.50 8.34
C LYS F 175 -59.48 -27.75 8.11
N ALA F 176 -58.79 -27.32 9.17
CA ALA F 176 -57.54 -26.61 9.01
C ALA F 176 -56.45 -27.48 8.40
N GLN F 177 -56.61 -28.81 8.46
CA GLN F 177 -55.60 -29.70 7.88
C GLN F 177 -55.47 -29.52 6.38
N ARG F 178 -56.48 -28.95 5.72
CA ARG F 178 -56.46 -28.72 4.28
C ARG F 178 -55.96 -27.33 3.92
N GLY F 179 -55.11 -26.74 4.76
CA GLY F 179 -54.60 -25.41 4.47
C GLY F 179 -53.65 -25.38 3.29
N ILE F 180 -53.57 -24.22 2.65
CA ILE F 180 -52.71 -23.99 1.50
C ILE F 180 -51.76 -22.86 1.83
N VAL F 181 -51.33 -22.79 3.10
CA VAL F 181 -50.42 -21.74 3.56
C VAL F 181 -49.32 -21.52 2.53
N TYR F 182 -49.14 -20.27 2.13
CA TYR F 182 -48.13 -19.89 1.14
C TYR F 182 -47.17 -18.88 1.74
N ILE F 183 -45.87 -19.10 1.51
CA ILE F 183 -44.83 -18.22 2.00
C ILE F 183 -44.20 -17.53 0.80
N ASP F 184 -44.24 -16.20 0.79
CA ASP F 184 -43.70 -15.41 -0.29
C ASP F 184 -42.33 -14.84 0.09
N GLU F 185 -41.60 -14.37 -0.92
CA GLU F 185 -40.27 -13.81 -0.72
C GLU F 185 -39.34 -14.82 -0.06
N ILE F 186 -39.50 -16.10 -0.43
CA ILE F 186 -38.67 -17.14 0.14
C ILE F 186 -37.22 -16.99 -0.29
N ASP F 187 -36.98 -16.42 -1.48
CA ASP F 187 -35.63 -16.23 -1.97
C ASP F 187 -34.86 -15.16 -1.21
N LYS F 188 -35.53 -14.34 -0.41
CA LYS F 188 -34.86 -13.28 0.33
C LYS F 188 -34.08 -13.79 1.54
N ILE F 189 -34.29 -15.03 1.96
CA ILE F 189 -33.59 -15.60 3.10
C ILE F 189 -32.44 -16.51 2.65
N SER F 190 -31.98 -16.35 1.41
CA SER F 190 -30.90 -17.18 0.91
C SER F 190 -29.63 -16.97 1.73
N ARG F 191 -28.90 -18.06 1.95
CA ARG F 191 -27.67 -17.98 2.73
C ARG F 191 -26.65 -17.10 2.04
N LYS F 192 -25.94 -16.29 2.82
CA LYS F 192 -24.93 -15.38 2.29
C LYS F 192 -23.53 -15.97 2.48
N SER F 203 -30.22 -14.07 11.03
CA SER F 203 -29.41 -14.42 9.88
C SER F 203 -30.27 -15.02 8.76
N GLY F 204 -29.64 -15.31 7.63
CA GLY F 204 -30.34 -15.88 6.50
C GLY F 204 -30.47 -17.39 6.59
N GLU F 205 -29.36 -18.07 6.84
CA GLU F 205 -29.40 -19.53 6.94
C GLU F 205 -30.19 -19.98 8.16
N GLY F 206 -30.22 -19.17 9.23
CA GLY F 206 -30.96 -19.56 10.41
C GLY F 206 -32.44 -19.75 10.16
N VAL F 207 -33.02 -18.87 9.33
CA VAL F 207 -34.44 -18.98 9.03
C VAL F 207 -34.74 -20.28 8.29
N GLN F 208 -33.88 -20.64 7.32
CA GLN F 208 -34.09 -21.87 6.56
C GLN F 208 -34.04 -23.09 7.47
N GLN F 209 -33.06 -23.15 8.37
CA GLN F 209 -32.92 -24.29 9.26
C GLN F 209 -34.16 -24.45 10.14
N ALA F 210 -34.63 -23.36 10.73
CA ALA F 210 -35.82 -23.44 11.58
C ALA F 210 -37.07 -23.74 10.78
N LEU F 211 -37.06 -23.45 9.48
CA LEU F 211 -38.21 -23.71 8.62
C LEU F 211 -38.23 -25.11 8.04
N LEU F 212 -37.14 -25.88 8.20
CA LEU F 212 -37.11 -27.23 7.65
C LEU F 212 -38.19 -28.11 8.28
N LYS F 213 -38.22 -28.15 9.61
CA LYS F 213 -39.22 -28.98 10.29
C LYS F 213 -40.63 -28.50 10.03
N LEU F 214 -40.85 -27.18 10.06
CA LEU F 214 -42.19 -26.65 9.83
C LEU F 214 -42.73 -27.07 8.47
N ILE F 215 -41.87 -27.08 7.45
CA ILE F 215 -42.31 -27.48 6.13
C ILE F 215 -42.84 -28.91 6.15
N GLU F 216 -42.22 -29.76 6.96
CA GLU F 216 -42.63 -31.16 7.10
C GLU F 216 -43.51 -31.30 8.34
N GLY F 217 -43.91 -32.54 8.62
CA GLY F 217 -44.75 -32.82 9.77
C GLY F 217 -44.11 -32.46 11.09
N THR F 218 -44.84 -31.71 11.91
CA THR F 218 -44.34 -31.30 13.22
C THR F 218 -45.53 -30.93 14.10
N VAL F 219 -45.75 -31.68 15.18
CA VAL F 219 -46.86 -31.39 16.08
C VAL F 219 -46.64 -30.07 16.81
N ALA F 220 -45.38 -29.74 17.13
CA ALA F 220 -45.09 -28.50 17.84
C ALA F 220 -45.61 -27.29 17.07
N ALA F 221 -46.25 -26.38 17.79
CA ALA F 221 -46.81 -25.16 17.21
C ALA F 221 -47.35 -24.32 18.36
N VAL F 222 -47.78 -23.10 18.03
CA VAL F 222 -48.32 -22.22 19.08
C VAL F 222 -49.59 -22.85 19.65
N PRO F 223 -49.69 -23.05 20.96
CA PRO F 223 -50.90 -23.67 21.52
C PRO F 223 -52.13 -22.79 21.30
N PRO F 224 -53.15 -23.29 20.61
CA PRO F 224 -54.36 -22.49 20.41
C PRO F 224 -55.09 -22.25 21.72
N GLN F 225 -55.93 -21.22 21.72
CA GLN F 225 -56.71 -20.82 22.88
C GLN F 225 -58.19 -21.15 22.69
N GLY F 226 -58.47 -22.31 22.08
CA GLY F 226 -59.83 -22.74 21.86
C GLY F 226 -59.94 -24.21 21.52
N GLU F 234 -57.90 -24.82 27.77
CA GLU F 234 -57.68 -25.86 26.77
C GLU F 234 -56.63 -25.40 25.76
N PHE F 235 -55.62 -26.24 25.55
CA PHE F 235 -54.54 -25.93 24.61
C PHE F 235 -54.27 -27.18 23.79
N LEU F 236 -54.42 -27.06 22.47
CA LEU F 236 -54.20 -28.16 21.54
C LEU F 236 -52.83 -28.04 20.87
N GLN F 237 -52.47 -29.06 20.11
CA GLN F 237 -51.20 -29.11 19.37
C GLN F 237 -51.49 -29.83 18.05
N VAL F 238 -51.74 -29.04 17.00
CA VAL F 238 -52.02 -29.60 15.69
C VAL F 238 -50.71 -29.81 14.94
N ASP F 239 -50.71 -30.79 14.04
CA ASP F 239 -49.55 -31.12 13.24
C ASP F 239 -49.61 -30.41 11.90
N THR F 240 -48.43 -30.04 11.39
CA THR F 240 -48.30 -29.34 10.11
C THR F 240 -47.93 -30.28 8.97
N SER F 241 -48.39 -31.53 9.03
CA SER F 241 -48.08 -32.52 8.00
C SER F 241 -49.15 -32.57 6.92
N LYS F 242 -50.42 -32.47 7.29
CA LYS F 242 -51.52 -32.53 6.33
C LYS F 242 -51.77 -31.20 5.64
N ILE F 243 -51.25 -30.10 6.17
CA ILE F 243 -51.46 -28.79 5.56
C ILE F 243 -50.43 -28.58 4.45
N LEU F 244 -50.91 -28.30 3.24
CA LEU F 244 -50.01 -28.08 2.12
C LEU F 244 -49.21 -26.80 2.30
N PHE F 245 -47.93 -26.86 1.93
CA PHE F 245 -47.03 -25.72 2.01
C PHE F 245 -46.50 -25.40 0.63
N ILE F 246 -46.65 -24.14 0.23
CA ILE F 246 -46.20 -23.67 -1.08
C ILE F 246 -45.28 -22.48 -0.84
N CYS F 247 -44.01 -22.63 -1.21
CA CYS F 247 -43.01 -21.60 -1.05
C CYS F 247 -42.64 -21.05 -2.41
N GLY F 248 -42.72 -19.73 -2.58
CA GLY F 248 -42.40 -19.10 -3.84
C GLY F 248 -41.81 -17.71 -3.66
N GLY F 249 -40.75 -17.41 -4.41
CA GLY F 249 -40.11 -16.11 -4.31
C GLY F 249 -39.55 -15.69 -5.64
N ALA F 250 -39.39 -14.38 -5.79
CA ALA F 250 -38.86 -13.79 -7.02
C ALA F 250 -37.32 -13.82 -6.95
N PHE F 251 -36.77 -14.99 -7.26
CA PHE F 251 -35.33 -15.16 -7.23
C PHE F 251 -34.65 -14.16 -8.15
N ALA F 252 -33.62 -13.49 -7.63
CA ALA F 252 -32.86 -12.49 -8.37
C ALA F 252 -31.51 -13.09 -8.76
N GLY F 253 -31.20 -13.05 -10.05
CA GLY F 253 -29.95 -13.59 -10.54
C GLY F 253 -29.95 -15.08 -10.79
N LEU F 254 -31.07 -15.76 -10.54
CA LEU F 254 -31.11 -17.21 -10.76
C LEU F 254 -30.90 -17.54 -12.23
N ASP F 255 -31.33 -16.67 -13.14
CA ASP F 255 -31.15 -16.94 -14.56
C ASP F 255 -29.68 -16.92 -14.96
N LYS F 256 -28.83 -16.22 -14.21
CA LYS F 256 -27.42 -16.17 -14.55
C LYS F 256 -26.73 -17.49 -14.25
N VAL F 257 -27.01 -18.09 -13.09
CA VAL F 257 -26.39 -19.37 -12.75
C VAL F 257 -26.87 -20.47 -13.69
N ILE F 258 -28.15 -20.45 -14.04
CA ILE F 258 -28.68 -21.47 -14.95
C ILE F 258 -28.00 -21.37 -16.31
N SER F 259 -27.82 -20.14 -16.81
CA SER F 259 -27.18 -19.96 -18.11
C SER F 259 -25.75 -20.49 -18.09
N HIS F 260 -25.01 -20.19 -17.01
CA HIS F 260 -23.63 -20.64 -16.89
C HIS F 260 -23.50 -22.14 -16.76
N ARG F 261 -24.60 -22.86 -16.50
CA ARG F 261 -24.56 -24.31 -16.34
C ARG F 261 -24.86 -25.04 -17.66
N VAL F 262 -26.01 -24.74 -18.26
CA VAL F 262 -26.40 -25.40 -19.50
C VAL F 262 -26.00 -24.59 -20.73
N GLU F 263 -26.27 -23.29 -20.73
CA GLU F 263 -25.92 -22.45 -21.86
C GLU F 263 -24.43 -22.16 -21.88
N THR F 264 -23.88 -22.04 -23.09
CA THR F 264 -22.46 -21.76 -23.29
C THR F 264 -22.27 -20.30 -23.68
N GLY F 265 -21.02 -19.90 -23.83
CA GLY F 265 -20.67 -18.55 -24.21
C GLY F 265 -20.36 -17.69 -23.00
N SER F 266 -19.47 -16.72 -23.20
CA SER F 266 -19.06 -15.82 -22.14
C SER F 266 -20.03 -14.65 -22.03
N GLY F 267 -19.94 -13.94 -20.91
CA GLY F 267 -20.80 -12.79 -20.66
C GLY F 267 -20.12 -11.48 -20.95
N ILE F 268 -18.79 -11.49 -21.06
CA ILE F 268 -17.99 -10.30 -21.34
C ILE F 268 -17.04 -10.62 -22.47
N GLY F 269 -16.95 -9.72 -23.44
CA GLY F 269 -16.08 -9.88 -24.59
C GLY F 269 -16.83 -9.72 -25.89
N PHE F 270 -16.05 -9.64 -26.97
CA PHE F 270 -16.62 -9.49 -28.30
C PHE F 270 -17.51 -10.68 -28.65
N GLY F 271 -17.05 -11.89 -28.35
CA GLY F 271 -17.83 -13.08 -28.63
C GLY F 271 -18.90 -13.39 -27.60
N ALA F 272 -18.95 -12.63 -26.51
CA ALA F 272 -19.95 -12.87 -25.48
C ALA F 272 -21.35 -12.58 -26.01
N THR F 273 -22.32 -13.34 -25.51
CA THR F 273 -23.72 -13.19 -25.91
C THR F 273 -24.40 -12.27 -24.90
N VAL F 274 -24.34 -10.98 -25.15
CA VAL F 274 -24.96 -10.00 -24.26
C VAL F 274 -26.46 -10.00 -24.50
N LYS F 275 -27.24 -10.12 -23.44
CA LYS F 275 -28.69 -10.15 -23.52
C LYS F 275 -29.23 -8.72 -23.41
N ALA F 276 -30.01 -8.30 -24.40
CA ALA F 276 -30.59 -6.97 -24.38
C ALA F 276 -31.56 -6.82 -23.22
N LYS F 277 -31.47 -5.69 -22.53
CA LYS F 277 -32.37 -5.45 -21.39
C LYS F 277 -33.80 -5.17 -21.84
N SER F 278 -33.97 -4.51 -22.98
CA SER F 278 -35.28 -4.17 -23.51
C SER F 278 -35.74 -5.11 -24.62
N ASP F 279 -35.02 -6.19 -24.87
CA ASP F 279 -35.39 -7.12 -25.93
C ASP F 279 -34.82 -8.50 -25.62
N LYS F 280 -35.36 -9.50 -26.30
CA LYS F 280 -34.94 -10.89 -26.12
C LYS F 280 -35.17 -11.35 -24.67
N ALA F 281 -36.44 -11.33 -24.28
CA ALA F 281 -36.84 -11.74 -22.93
C ALA F 281 -36.96 -13.26 -22.90
N SER F 282 -35.79 -13.91 -22.80
CA SER F 282 -35.70 -15.36 -22.74
C SER F 282 -35.50 -15.88 -21.33
N GLU F 283 -35.70 -15.03 -20.32
CA GLU F 283 -35.52 -15.48 -18.94
C GLU F 283 -36.50 -16.57 -18.58
N GLY F 284 -37.76 -16.45 -19.02
CA GLY F 284 -38.75 -17.45 -18.71
C GLY F 284 -38.39 -18.83 -19.22
N GLU F 285 -37.91 -18.90 -20.47
CA GLU F 285 -37.54 -20.20 -21.04
C GLU F 285 -36.36 -20.81 -20.30
N LEU F 286 -35.38 -19.99 -19.92
CA LEU F 286 -34.21 -20.51 -19.22
C LEU F 286 -34.60 -21.06 -17.85
N LEU F 287 -35.52 -20.40 -17.16
CA LEU F 287 -35.93 -20.87 -15.84
C LEU F 287 -36.48 -22.30 -15.90
N ALA F 288 -37.13 -22.67 -17.01
CA ALA F 288 -37.67 -24.01 -17.12
C ALA F 288 -36.59 -25.08 -16.92
N GLN F 289 -35.36 -24.79 -17.36
CA GLN F 289 -34.25 -25.72 -17.22
C GLN F 289 -33.54 -25.49 -15.88
N VAL F 290 -34.30 -25.66 -14.81
CA VAL F 290 -33.81 -25.47 -13.44
C VAL F 290 -33.76 -26.83 -12.76
N GLU F 291 -32.66 -27.07 -12.04
CA GLU F 291 -32.43 -28.31 -11.32
C GLU F 291 -32.06 -27.98 -9.88
N PRO F 292 -32.15 -28.96 -8.98
CA PRO F 292 -31.80 -28.69 -7.57
C PRO F 292 -30.39 -28.15 -7.40
N GLU F 293 -29.46 -28.52 -8.29
CA GLU F 293 -28.09 -28.03 -8.17
C GLU F 293 -28.03 -26.51 -8.24
N ASP F 294 -28.83 -25.91 -9.13
CA ASP F 294 -28.83 -24.46 -9.25
C ASP F 294 -29.25 -23.80 -7.95
N LEU F 295 -30.29 -24.34 -7.30
CA LEU F 295 -30.75 -23.76 -6.04
C LEU F 295 -29.69 -23.88 -4.96
N ILE F 296 -28.86 -24.92 -5.01
CA ILE F 296 -27.81 -25.10 -4.01
C ILE F 296 -26.83 -23.93 -4.06
N LYS F 297 -26.41 -23.54 -5.27
CA LYS F 297 -25.48 -22.44 -5.40
C LYS F 297 -26.13 -21.10 -5.09
N PHE F 298 -27.44 -20.98 -5.30
CA PHE F 298 -28.12 -19.72 -5.02
C PHE F 298 -28.04 -19.36 -3.54
N GLY F 299 -27.96 -20.36 -2.66
CA GLY F 299 -27.86 -20.10 -1.23
C GLY F 299 -28.72 -21.04 -0.41
N LEU F 300 -29.78 -21.58 -1.02
CA LEU F 300 -30.66 -22.50 -0.31
C LEU F 300 -29.88 -23.73 0.14
N ILE F 301 -30.07 -24.10 1.40
CA ILE F 301 -29.39 -25.27 1.97
C ILE F 301 -29.98 -26.53 1.34
N PRO F 302 -29.23 -27.63 1.26
CA PRO F 302 -29.78 -28.85 0.65
C PRO F 302 -31.05 -29.36 1.33
N GLU F 303 -31.17 -29.18 2.64
CA GLU F 303 -32.36 -29.67 3.34
C GLU F 303 -33.61 -28.96 2.86
N PHE F 304 -33.55 -27.64 2.69
CA PHE F 304 -34.72 -26.89 2.24
C PHE F 304 -35.17 -27.34 0.85
N ILE F 305 -34.21 -27.53 -0.06
CA ILE F 305 -34.57 -27.95 -1.41
C ILE F 305 -35.24 -29.31 -1.39
N GLY F 306 -34.73 -30.23 -0.58
CA GLY F 306 -35.34 -31.56 -0.51
C GLY F 306 -36.78 -31.51 -0.04
N ARG F 307 -37.10 -30.58 0.87
CA ARG F 307 -38.47 -30.47 1.36
C ARG F 307 -39.43 -30.12 0.23
N LEU F 308 -38.97 -29.41 -0.80
CA LEU F 308 -39.82 -29.01 -1.90
C LEU F 308 -39.54 -29.87 -3.14
N PRO F 309 -40.21 -31.02 -3.28
CA PRO F 309 -39.95 -31.86 -4.47
C PRO F 309 -40.52 -31.27 -5.74
N VAL F 310 -41.75 -30.75 -5.70
CA VAL F 310 -42.38 -30.18 -6.88
C VAL F 310 -41.78 -28.81 -7.16
N VAL F 311 -41.38 -28.57 -8.40
CA VAL F 311 -40.79 -27.31 -8.82
C VAL F 311 -41.57 -26.79 -10.03
N ALA F 312 -41.84 -25.49 -10.04
CA ALA F 312 -42.56 -24.85 -11.12
C ALA F 312 -41.86 -23.55 -11.50
N THR F 313 -42.07 -23.12 -12.74
CA THR F 313 -41.46 -21.91 -13.26
C THR F 313 -42.52 -21.03 -13.91
N LEU F 314 -42.29 -19.72 -13.86
CA LEU F 314 -43.20 -18.73 -14.43
C LEU F 314 -42.42 -17.84 -15.38
N ASN F 315 -42.95 -17.63 -16.57
CA ASN F 315 -42.32 -16.78 -17.57
C ASN F 315 -42.78 -15.34 -17.41
N GLU F 316 -41.88 -14.42 -17.73
CA GLU F 316 -42.20 -13.01 -17.63
C GLU F 316 -43.29 -12.62 -18.63
N LEU F 317 -44.14 -11.69 -18.21
CA LEU F 317 -45.24 -11.22 -19.06
C LEU F 317 -44.71 -10.16 -20.02
N SER F 318 -44.81 -10.44 -21.31
CA SER F 318 -44.35 -9.51 -22.33
C SER F 318 -45.34 -8.36 -22.50
N GLU F 319 -44.94 -7.35 -23.27
CA GLU F 319 -45.81 -6.20 -23.49
C GLU F 319 -47.17 -6.64 -24.02
N GLU F 320 -47.19 -7.63 -24.91
CA GLU F 320 -48.47 -8.12 -25.43
C GLU F 320 -49.25 -8.89 -24.38
N ALA F 321 -48.56 -9.59 -23.49
CA ALA F 321 -49.24 -10.36 -22.45
C ALA F 321 -50.08 -9.45 -21.57
N LEU F 322 -49.53 -8.29 -21.17
CA LEU F 322 -50.29 -7.37 -20.33
C LEU F 322 -51.56 -6.90 -21.03
N ILE F 323 -51.52 -6.78 -22.36
CA ILE F 323 -52.71 -6.34 -23.09
C ILE F 323 -53.83 -7.37 -22.94
N GLN F 324 -53.50 -8.65 -23.03
CA GLN F 324 -54.52 -9.69 -22.88
C GLN F 324 -55.10 -9.68 -21.47
N ILE F 325 -54.29 -9.39 -20.46
CA ILE F 325 -54.78 -9.36 -19.09
C ILE F 325 -55.84 -8.30 -18.90
N LEU F 326 -55.91 -7.32 -19.80
CA LEU F 326 -56.90 -6.26 -19.68
C LEU F 326 -58.30 -6.69 -20.09
N LYS F 327 -58.43 -7.65 -21.03
CA LYS F 327 -59.74 -8.08 -21.50
C LYS F 327 -60.00 -9.56 -21.26
N GLU F 328 -59.06 -10.44 -21.61
CA GLU F 328 -59.27 -11.88 -21.47
C GLU F 328 -59.68 -12.31 -20.07
N PRO F 329 -59.04 -11.88 -18.99
CA PRO F 329 -59.46 -12.32 -17.65
C PRO F 329 -60.92 -11.96 -17.39
N LYS F 330 -61.62 -12.88 -16.71
CA LYS F 330 -63.02 -12.66 -16.40
C LYS F 330 -63.20 -11.40 -15.56
N ASN F 331 -62.44 -11.29 -14.47
CA ASN F 331 -62.49 -10.13 -13.59
C ASN F 331 -61.36 -9.16 -13.95
N ALA F 332 -61.35 -8.76 -15.22
CA ALA F 332 -60.34 -7.85 -15.72
C ALA F 332 -60.65 -6.41 -15.30
N LEU F 333 -59.62 -5.56 -15.38
CA LEU F 333 -59.79 -4.16 -14.99
C LEU F 333 -60.81 -3.46 -15.89
N THR F 334 -60.73 -3.68 -17.20
CA THR F 334 -61.67 -3.03 -18.11
C THR F 334 -63.10 -3.46 -17.82
N LYS F 335 -63.33 -4.75 -17.59
CA LYS F 335 -64.68 -5.23 -17.33
C LYS F 335 -65.22 -4.68 -16.02
N GLN F 336 -64.37 -4.52 -15.01
CA GLN F 336 -64.84 -4.00 -13.72
C GLN F 336 -65.29 -2.54 -13.84
N TYR F 337 -64.45 -1.69 -14.43
CA TYR F 337 -64.81 -0.28 -14.55
C TYR F 337 -66.02 -0.10 -15.47
N GLN F 338 -66.07 -0.84 -16.57
CA GLN F 338 -67.21 -0.72 -17.48
C GLN F 338 -68.50 -1.11 -16.78
N ALA F 339 -68.48 -2.18 -16.00
CA ALA F 339 -69.68 -2.61 -15.29
C ALA F 339 -70.13 -1.55 -14.29
N LEU F 340 -69.17 -0.92 -13.61
CA LEU F 340 -69.52 0.11 -12.65
C LEU F 340 -70.25 1.27 -13.32
N PHE F 341 -69.79 1.69 -14.50
CA PHE F 341 -70.45 2.78 -15.20
C PHE F 341 -71.81 2.36 -15.75
N ASN F 342 -71.98 1.06 -16.04
CA ASN F 342 -73.27 0.60 -16.55
C ASN F 342 -74.39 0.79 -15.55
N LEU F 343 -74.06 0.96 -14.27
CA LEU F 343 -75.10 1.13 -13.25
C LEU F 343 -75.89 2.42 -13.49
N GLU F 344 -75.22 3.48 -13.91
CA GLU F 344 -75.87 4.75 -14.17
C GLU F 344 -76.39 4.88 -15.60
N GLY F 345 -76.28 3.82 -16.40
CA GLY F 345 -76.74 3.85 -17.77
C GLY F 345 -75.73 4.32 -18.78
N VAL F 346 -74.49 4.60 -18.36
CA VAL F 346 -73.43 5.06 -19.25
C VAL F 346 -72.44 3.91 -19.41
N ASP F 347 -72.21 3.50 -20.66
CA ASP F 347 -71.30 2.41 -20.98
C ASP F 347 -70.04 2.97 -21.62
N LEU F 348 -68.88 2.53 -21.12
CA LEU F 348 -67.59 2.95 -21.63
C LEU F 348 -66.95 1.79 -22.36
N GLU F 349 -66.32 2.10 -23.50
CA GLU F 349 -65.67 1.09 -24.33
C GLU F 349 -64.20 1.46 -24.54
N PHE F 350 -63.32 0.50 -24.34
CA PHE F 350 -61.88 0.70 -24.53
C PHE F 350 -61.49 0.06 -25.86
N ARG F 351 -60.90 0.86 -26.75
CA ARG F 351 -60.48 0.34 -28.03
C ARG F 351 -59.10 -0.32 -27.92
N ASP F 352 -58.81 -1.18 -28.90
CA ASP F 352 -57.52 -1.88 -28.89
C ASP F 352 -56.35 -0.90 -28.88
N GLU F 353 -56.49 0.26 -29.51
CA GLU F 353 -55.41 1.23 -29.53
C GLU F 353 -55.10 1.74 -28.12
N ALA F 354 -56.13 1.98 -27.32
CA ALA F 354 -55.93 2.48 -25.97
C ALA F 354 -55.31 1.43 -25.06
N LEU F 355 -55.71 0.16 -25.22
CA LEU F 355 -55.16 -0.89 -24.36
C LEU F 355 -53.65 -1.01 -24.52
N ASP F 356 -53.16 -1.00 -25.77
CA ASP F 356 -51.72 -1.12 -25.96
C ASP F 356 -50.99 0.10 -25.42
N ALA F 357 -51.61 1.28 -25.48
CA ALA F 357 -50.96 2.48 -24.95
C ALA F 357 -50.72 2.36 -23.46
N ILE F 358 -51.69 1.81 -22.72
CA ILE F 358 -51.54 1.65 -21.28
C ILE F 358 -50.49 0.59 -20.97
N ALA F 359 -50.43 -0.47 -21.77
CA ALA F 359 -49.46 -1.54 -21.52
C ALA F 359 -48.02 -1.06 -21.73
N LYS F 360 -47.77 -0.27 -22.77
CA LYS F 360 -46.40 0.17 -23.03
C LYS F 360 -45.86 1.02 -21.89
N LYS F 361 -46.66 1.94 -21.36
CA LYS F 361 -46.18 2.77 -20.26
C LYS F 361 -46.07 1.96 -18.97
N ALA F 362 -46.92 0.96 -18.80
CA ALA F 362 -46.85 0.13 -17.59
C ALA F 362 -45.54 -0.63 -17.52
N MET F 363 -45.05 -1.12 -18.66
CA MET F 363 -43.79 -1.86 -18.67
C MET F 363 -42.64 -0.97 -18.23
N ALA F 364 -42.63 0.29 -18.65
CA ALA F 364 -41.56 1.21 -18.25
C ALA F 364 -41.56 1.42 -16.75
N ARG F 365 -42.74 1.55 -16.15
CA ARG F 365 -42.82 1.74 -14.71
C ARG F 365 -42.31 0.55 -13.91
N LYS F 366 -42.18 -0.61 -14.55
CA LYS F 366 -41.71 -1.87 -13.95
C LYS F 366 -42.68 -2.40 -12.90
N THR F 367 -43.84 -1.79 -12.73
CA THR F 367 -44.81 -2.26 -11.75
C THR F 367 -45.53 -3.53 -12.20
N GLY F 368 -45.45 -3.88 -13.48
CA GLY F 368 -46.13 -5.07 -13.95
C GLY F 368 -47.65 -4.93 -13.89
N ALA F 369 -48.32 -6.07 -13.76
CA ALA F 369 -49.78 -6.07 -13.69
C ALA F 369 -50.29 -5.35 -12.46
N ARG F 370 -49.48 -5.22 -11.41
CA ARG F 370 -49.93 -4.54 -10.20
C ARG F 370 -50.26 -3.09 -10.47
N GLY F 371 -49.42 -2.41 -11.24
CA GLY F 371 -49.64 -1.00 -11.55
C GLY F 371 -50.66 -0.74 -12.64
N LEU F 372 -51.17 -1.79 -13.30
CA LEU F 372 -52.15 -1.58 -14.35
C LEU F 372 -53.44 -0.97 -13.80
N ARG F 373 -53.87 -1.43 -12.62
CA ARG F 373 -55.10 -0.91 -12.04
C ARG F 373 -54.95 0.55 -11.60
N SER F 374 -53.77 0.92 -11.11
CA SER F 374 -53.56 2.29 -10.65
C SER F 374 -53.51 3.27 -11.82
N ILE F 375 -52.79 2.91 -12.88
CA ILE F 375 -52.67 3.81 -14.03
C ILE F 375 -54.01 3.96 -14.76
N VAL F 376 -54.71 2.85 -14.96
CA VAL F 376 -55.99 2.91 -15.67
C VAL F 376 -57.01 3.71 -14.87
N GLU F 377 -57.07 3.51 -13.56
CA GLU F 377 -58.02 4.23 -12.74
C GLU F 377 -57.75 5.73 -12.77
N ALA F 378 -56.49 6.14 -12.69
CA ALA F 378 -56.15 7.55 -12.71
C ALA F 378 -56.52 8.19 -14.04
N ALA F 379 -56.32 7.46 -15.15
CA ALA F 379 -56.64 8.02 -16.46
C ALA F 379 -58.12 8.37 -16.57
N LEU F 380 -59.00 7.50 -16.09
CA LEU F 380 -60.44 7.72 -16.15
C LEU F 380 -60.99 8.33 -14.87
N LEU F 381 -60.13 8.70 -13.92
CA LEU F 381 -60.59 9.28 -12.67
C LEU F 381 -61.20 10.66 -12.90
N ASP F 382 -60.61 11.46 -13.78
CA ASP F 382 -61.12 12.81 -14.03
C ASP F 382 -62.55 12.78 -14.56
N THR F 383 -62.82 11.93 -15.54
CA THR F 383 -64.18 11.85 -16.10
C THR F 383 -65.13 11.07 -15.19
N MET F 384 -64.61 10.12 -14.42
CA MET F 384 -65.48 9.35 -13.53
C MET F 384 -66.10 10.26 -12.47
N TYR F 385 -65.32 11.18 -11.93
CA TYR F 385 -65.84 12.09 -10.91
C TYR F 385 -66.92 13.01 -11.49
N ASP F 386 -66.73 13.48 -12.72
CA ASP F 386 -67.69 14.37 -13.35
C ASP F 386 -68.82 13.64 -14.05
N LEU F 387 -68.72 12.31 -14.21
CA LEU F 387 -69.78 11.58 -14.89
C LEU F 387 -71.12 11.66 -14.18
N PRO F 388 -71.23 11.37 -12.87
CA PRO F 388 -72.54 11.45 -12.22
C PRO F 388 -73.19 12.82 -12.27
N SER F 389 -72.41 13.90 -12.19
CA SER F 389 -72.98 15.24 -12.22
C SER F 389 -73.46 15.62 -13.62
N MET F 390 -72.70 15.25 -14.65
CA MET F 390 -73.08 15.60 -16.01
C MET F 390 -74.39 14.93 -16.40
N GLU F 391 -75.25 15.68 -17.08
CA GLU F 391 -76.55 15.21 -17.54
C GLU F 391 -76.54 15.03 -19.05
N ASP F 392 -77.52 14.27 -19.54
CA ASP F 392 -77.64 14.00 -20.98
C ASP F 392 -76.44 13.21 -21.48
N VAL F 393 -76.16 12.09 -20.82
CA VAL F 393 -75.05 11.21 -21.15
C VAL F 393 -75.60 9.83 -21.46
N GLU F 394 -75.18 9.27 -22.58
CA GLU F 394 -75.60 7.94 -23.02
C GLU F 394 -74.49 6.91 -22.91
N LYS F 395 -73.32 7.20 -23.48
CA LYS F 395 -72.19 6.29 -23.42
C LYS F 395 -70.93 7.06 -23.73
N VAL F 396 -69.89 6.84 -22.94
CA VAL F 396 -68.62 7.53 -23.11
C VAL F 396 -67.62 6.59 -23.78
N VAL F 397 -66.51 7.15 -24.25
CA VAL F 397 -65.47 6.37 -24.92
C VAL F 397 -64.13 7.05 -24.63
N ILE F 398 -63.09 6.24 -24.53
CA ILE F 398 -61.73 6.71 -24.27
C ILE F 398 -60.86 6.39 -25.47
N ASP F 399 -60.17 7.41 -25.98
CA ASP F 399 -59.29 7.27 -27.12
C ASP F 399 -57.83 7.13 -26.67
N GLU F 400 -56.97 6.76 -27.61
CA GLU F 400 -55.55 6.61 -27.29
C GLU F 400 -54.95 7.94 -26.83
N SER F 401 -55.31 9.03 -27.51
CA SER F 401 -54.77 10.33 -27.13
C SER F 401 -55.17 10.71 -25.71
N VAL F 402 -56.31 10.17 -25.22
CA VAL F 402 -56.75 10.48 -23.87
C VAL F 402 -55.75 9.96 -22.85
N ILE F 403 -55.22 8.75 -23.07
CA ILE F 403 -54.25 8.19 -22.15
C ILE F 403 -53.02 9.08 -22.06
N ASP F 404 -52.54 9.57 -23.20
CA ASP F 404 -51.37 10.45 -23.22
C ASP F 404 -51.67 11.83 -22.65
N GLY F 405 -52.93 12.16 -22.41
CA GLY F 405 -53.31 13.45 -21.87
C GLY F 405 -53.53 14.52 -22.90
N GLN F 406 -53.43 14.21 -24.20
CA GLN F 406 -53.63 15.22 -25.23
C GLN F 406 -55.07 15.74 -25.22
N SER F 407 -56.04 14.85 -25.03
CA SER F 407 -57.44 15.22 -25.01
C SER F 407 -58.12 14.50 -23.86
N GLU F 408 -59.45 14.56 -23.83
CA GLU F 408 -60.28 13.94 -22.81
C GLU F 408 -61.23 12.93 -23.45
N PRO F 409 -61.74 11.98 -22.67
CA PRO F 409 -62.67 10.99 -23.25
C PRO F 409 -63.83 11.62 -24.00
N LEU F 410 -64.04 11.20 -25.25
CA LEU F 410 -65.14 11.75 -26.03
C LEU F 410 -66.48 11.25 -25.48
N LEU F 411 -67.44 12.17 -25.40
CA LEU F 411 -68.77 11.86 -24.88
C LEU F 411 -69.79 12.07 -25.99
N ILE F 412 -70.66 11.09 -26.18
CA ILE F 412 -71.70 11.14 -27.19
C ILE F 412 -72.99 11.58 -26.52
N TYR F 413 -73.41 12.82 -26.80
CA TYR F 413 -74.64 13.33 -26.20
C TYR F 413 -75.84 12.54 -26.69
N GLY F 414 -76.77 12.27 -25.78
CA GLY F 414 -77.97 11.53 -26.12
C GLY F 414 -78.73 11.07 -24.89
N UNK G 1 -28.77 -12.08 22.32
CA UNK G 1 -29.04 -11.18 21.22
C UNK G 1 -30.25 -10.30 21.52
N UNK G 2 -31.20 -10.86 22.28
CA UNK G 2 -32.42 -10.12 22.64
C UNK G 2 -33.02 -10.76 23.87
N UNK G 3 -33.30 -9.95 24.88
CA UNK G 3 -33.88 -10.41 26.13
C UNK G 3 -35.34 -10.01 26.24
N UNK G 4 -36.05 -10.69 27.14
CA UNK G 4 -37.47 -10.44 27.38
C UNK G 4 -37.63 -9.69 28.70
N UNK G 5 -38.14 -8.47 28.62
CA UNK G 5 -38.35 -7.65 29.81
C UNK G 5 -39.72 -8.00 30.42
N UNK G 6 -39.77 -9.19 31.01
CA UNK G 6 -40.99 -9.68 31.64
C UNK G 6 -41.50 -8.70 32.67
N LEU H 1 -2.24 1.75 -12.51
CA LEU H 1 -3.36 1.36 -11.67
C LEU H 1 -4.31 0.45 -12.44
N VAL H 2 -4.93 -0.47 -11.73
CA VAL H 2 -5.87 -1.43 -12.30
C VAL H 2 -7.22 -1.23 -11.60
N PRO H 3 -8.27 -0.79 -12.29
CA PRO H 3 -9.56 -0.60 -11.62
C PRO H 3 -10.06 -1.90 -11.02
N MET H 4 -10.72 -1.79 -9.88
CA MET H 4 -11.28 -2.93 -9.15
C MET H 4 -12.80 -2.92 -9.31
N VAL H 5 -13.31 -3.91 -10.05
CA VAL H 5 -14.74 -4.03 -10.28
C VAL H 5 -15.31 -5.00 -9.25
N ILE H 6 -16.62 -4.90 -9.04
CA ILE H 6 -17.34 -5.75 -8.09
C ILE H 6 -18.45 -6.47 -8.83
N GLU H 7 -18.54 -7.78 -8.61
CA GLU H 7 -19.55 -8.62 -9.23
C GLU H 7 -20.62 -8.96 -8.21
N GLN H 8 -21.88 -8.74 -8.57
CA GLN H 8 -23.00 -9.02 -7.67
C GLN H 8 -23.41 -10.48 -7.83
N THR H 9 -23.42 -11.20 -6.72
CA THR H 9 -23.79 -12.61 -6.71
C THR H 9 -24.64 -12.88 -5.48
N SER H 10 -25.28 -14.06 -5.47
CA SER H 10 -26.14 -14.43 -4.35
C SER H 10 -25.33 -14.53 -3.06
N ARG H 11 -24.13 -15.09 -3.13
CA ARG H 11 -23.30 -15.23 -1.94
C ARG H 11 -23.00 -13.88 -1.32
N GLY H 12 -22.63 -12.90 -2.14
CA GLY H 12 -22.31 -11.58 -1.64
C GLY H 12 -21.36 -10.87 -2.59
N GLU H 13 -20.99 -9.66 -2.21
CA GLU H 13 -20.08 -8.86 -3.01
C GLU H 13 -18.70 -9.52 -3.06
N ARG H 14 -18.09 -9.48 -4.24
CA ARG H 14 -16.78 -10.07 -4.47
C ARG H 14 -15.86 -9.02 -5.07
N SER H 15 -14.59 -9.04 -4.67
CA SER H 15 -13.59 -8.09 -5.13
C SER H 15 -12.79 -8.70 -6.29
N PHE H 16 -12.69 -7.96 -7.38
CA PHE H 16 -11.96 -8.39 -8.56
C PHE H 16 -11.41 -7.18 -9.29
N ASP H 17 -10.44 -7.42 -10.16
CA ASP H 17 -9.84 -6.38 -10.98
C ASP H 17 -10.43 -6.46 -12.38
N ILE H 18 -10.02 -5.54 -13.25
CA ILE H 18 -10.55 -5.55 -14.62
C ILE H 18 -10.14 -6.80 -15.35
N TYR H 19 -8.87 -7.20 -15.23
CA TYR H 19 -8.40 -8.40 -15.92
C TYR H 19 -8.98 -9.67 -15.30
N SER H 20 -9.05 -9.73 -13.97
CA SER H 20 -9.58 -10.92 -13.31
C SER H 20 -11.06 -11.13 -13.64
N ARG H 21 -11.83 -10.04 -13.71
CA ARG H 21 -13.26 -10.18 -14.00
C ARG H 21 -13.47 -10.83 -15.36
N LEU H 22 -12.73 -10.39 -16.38
CA LEU H 22 -12.87 -10.97 -17.70
C LEU H 22 -12.35 -12.41 -17.73
N LEU H 23 -11.33 -12.71 -16.94
CA LEU H 23 -10.80 -14.08 -16.92
C LEU H 23 -11.85 -15.06 -16.43
N LYS H 24 -12.69 -14.64 -15.48
CA LYS H 24 -13.73 -15.53 -14.98
C LYS H 24 -14.72 -15.92 -16.07
N GLU H 25 -14.80 -15.13 -17.14
CA GLU H 25 -15.68 -15.40 -18.28
C GLU H 25 -14.95 -16.08 -19.43
N ARG H 26 -13.81 -16.72 -19.15
CA ARG H 26 -13.02 -17.41 -20.17
C ARG H 26 -12.50 -16.42 -21.21
N VAL H 27 -11.76 -15.42 -20.73
CA VAL H 27 -11.17 -14.39 -21.56
C VAL H 27 -9.71 -14.21 -21.15
N ILE H 28 -8.82 -14.18 -22.12
CA ILE H 28 -7.38 -14.02 -21.87
C ILE H 28 -6.87 -12.86 -22.71
N PHE H 29 -5.83 -12.21 -22.21
CA PHE H 29 -5.20 -11.08 -22.88
C PHE H 29 -3.73 -11.38 -23.17
N LEU H 30 -3.28 -10.97 -24.36
CA LEU H 30 -1.90 -11.17 -24.80
C LEU H 30 -1.39 -9.81 -25.26
N THR H 31 -0.83 -9.04 -24.32
CA THR H 31 -0.30 -7.71 -24.59
C THR H 31 1.18 -7.66 -24.24
N GLY H 32 1.93 -6.87 -25.00
CA GLY H 32 3.34 -6.72 -24.79
C GLY H 32 4.15 -7.74 -25.58
N GLN H 33 5.45 -7.45 -25.70
CA GLN H 33 6.34 -8.33 -26.44
C GLN H 33 6.32 -9.73 -25.83
N VAL H 34 6.24 -10.75 -26.70
CA VAL H 34 6.21 -12.12 -26.24
C VAL H 34 7.55 -12.49 -25.61
N GLU H 35 7.49 -13.12 -24.44
CA GLU H 35 8.68 -13.53 -23.72
C GLU H 35 8.35 -14.80 -22.93
N ASP H 36 9.33 -15.28 -22.16
CA ASP H 36 9.11 -16.49 -21.38
C ASP H 36 8.19 -16.24 -20.20
N HIS H 37 8.33 -15.10 -19.52
CA HIS H 37 7.49 -14.81 -18.36
C HIS H 37 6.04 -14.61 -18.75
N MET H 38 5.77 -13.75 -19.73
CA MET H 38 4.39 -13.49 -20.13
C MET H 38 3.78 -14.73 -20.80
N ALA H 39 4.56 -15.45 -21.59
CA ALA H 39 4.02 -16.64 -22.25
C ALA H 39 3.60 -17.69 -21.24
N ASN H 40 4.40 -17.89 -20.19
CA ASN H 40 4.05 -18.87 -19.16
C ASN H 40 2.75 -18.50 -18.48
N LEU H 41 2.55 -17.20 -18.22
CA LEU H 41 1.32 -16.76 -17.57
C LEU H 41 0.10 -17.11 -18.40
N ILE H 42 0.17 -16.90 -19.72
CA ILE H 42 -0.95 -17.21 -20.60
C ILE H 42 -1.26 -18.70 -20.56
N VAL H 43 -0.21 -19.53 -20.61
CA VAL H 43 -0.41 -20.98 -20.60
C VAL H 43 -1.13 -21.40 -19.32
N ALA H 44 -0.78 -20.80 -18.19
CA ALA H 44 -1.42 -21.15 -16.93
C ALA H 44 -2.90 -20.83 -16.97
N GLN H 45 -3.27 -19.69 -17.55
CA GLN H 45 -4.68 -19.31 -17.63
C GLN H 45 -5.47 -20.32 -18.45
N MET H 46 -4.90 -20.79 -19.56
CA MET H 46 -5.60 -21.76 -20.40
C MET H 46 -5.87 -23.06 -19.65
N LEU H 47 -4.88 -23.53 -18.89
CA LEU H 47 -5.05 -24.77 -18.14
C LEU H 47 -6.16 -24.64 -17.10
N PHE H 48 -6.19 -23.51 -16.39
CA PHE H 48 -7.22 -23.31 -15.37
C PHE H 48 -8.61 -23.32 -15.98
N LEU H 49 -8.79 -22.64 -17.12
CA LEU H 49 -10.10 -22.59 -17.75
C LEU H 49 -10.54 -23.98 -18.20
N GLU H 50 -9.61 -24.78 -18.73
CA GLU H 50 -9.98 -26.13 -19.17
C GLU H 50 -10.50 -26.96 -18.02
N ALA H 51 -9.85 -26.89 -16.86
CA ALA H 51 -10.30 -27.68 -15.71
C ALA H 51 -11.69 -27.26 -15.26
N GLU H 52 -11.97 -25.96 -15.24
CA GLU H 52 -13.28 -25.48 -14.82
C GLU H 52 -14.38 -26.01 -15.74
N ASN H 53 -14.16 -25.94 -17.06
CA ASN H 53 -15.12 -26.41 -18.03
C ASN H 53 -14.40 -26.79 -19.32
N PRO H 54 -14.24 -28.08 -19.61
CA PRO H 54 -13.55 -28.49 -20.84
C PRO H 54 -14.37 -28.37 -22.12
N GLU H 55 -15.51 -27.68 -22.09
CA GLU H 55 -16.36 -27.54 -23.27
C GLU H 55 -16.54 -26.09 -23.70
N LYS H 56 -16.63 -25.15 -22.75
CA LYS H 56 -16.80 -23.75 -23.10
C LYS H 56 -15.56 -23.21 -23.82
N ASP H 57 -15.79 -22.37 -24.82
CA ASP H 57 -14.70 -21.79 -25.58
C ASP H 57 -13.88 -20.85 -24.72
N ILE H 58 -12.60 -20.72 -25.05
CA ILE H 58 -11.67 -19.86 -24.35
C ILE H 58 -11.20 -18.80 -25.32
N TYR H 59 -11.54 -17.54 -25.05
CA TYR H 59 -11.15 -16.45 -25.91
C TYR H 59 -9.74 -15.98 -25.60
N LEU H 60 -9.11 -15.32 -26.58
CA LEU H 60 -7.75 -14.84 -26.42
C LEU H 60 -7.53 -13.70 -27.40
N TYR H 61 -7.34 -12.49 -26.87
CA TYR H 61 -7.11 -11.31 -27.70
C TYR H 61 -5.62 -11.15 -27.91
N ILE H 62 -5.19 -11.09 -29.16
CA ILE H 62 -3.78 -10.95 -29.52
C ILE H 62 -3.55 -9.52 -29.95
N ASN H 63 -2.71 -8.80 -29.19
CA ASN H 63 -2.35 -7.41 -29.47
C ASN H 63 -0.90 -7.22 -29.06
N SER H 64 0.01 -7.47 -30.00
CA SER H 64 1.44 -7.33 -29.72
C SER H 64 2.25 -7.44 -31.01
N PRO H 65 3.40 -6.76 -31.09
CA PRO H 65 4.23 -6.85 -32.30
C PRO H 65 4.99 -8.17 -32.43
N GLY H 66 5.06 -8.96 -31.38
CA GLY H 66 5.76 -10.23 -31.39
C GLY H 66 6.82 -10.29 -30.31
N GLY H 67 7.63 -11.35 -30.38
CA GLY H 67 8.69 -11.55 -29.41
C GLY H 67 9.52 -12.79 -29.68
N VAL H 68 9.90 -13.49 -28.60
CA VAL H 68 10.70 -14.69 -28.75
C VAL H 68 9.87 -15.78 -29.41
N ILE H 69 10.45 -16.41 -30.44
CA ILE H 69 9.74 -17.47 -31.15
C ILE H 69 9.53 -18.68 -30.26
N THR H 70 10.55 -19.07 -29.50
CA THR H 70 10.41 -20.23 -28.62
C THR H 70 9.29 -20.05 -27.61
N ALA H 71 9.20 -18.85 -27.03
CA ALA H 71 8.13 -18.59 -26.06
C ALA H 71 6.76 -18.71 -26.71
N GLY H 72 6.63 -18.23 -27.95
CA GLY H 72 5.34 -18.29 -28.63
C GLY H 72 4.90 -19.72 -28.93
N MET H 73 5.86 -20.59 -29.25
CA MET H 73 5.50 -21.97 -29.57
C MET H 73 4.80 -22.66 -28.42
N SER H 74 5.14 -22.32 -27.17
CA SER H 74 4.48 -22.95 -26.04
C SER H 74 3.00 -22.65 -26.03
N ILE H 75 2.63 -21.40 -26.33
CA ILE H 75 1.22 -21.02 -26.34
C ILE H 75 0.48 -21.77 -27.46
N TYR H 76 1.12 -21.90 -28.63
CA TYR H 76 0.48 -22.59 -29.74
C TYR H 76 0.16 -24.04 -29.37
N ASP H 77 1.11 -24.74 -28.76
CA ASP H 77 0.89 -26.13 -28.39
C ASP H 77 -0.24 -26.26 -27.38
N THR H 78 -0.30 -25.35 -26.40
CA THR H 78 -1.36 -25.41 -25.40
C THR H 78 -2.73 -25.25 -26.04
N MET H 79 -2.84 -24.34 -27.01
CA MET H 79 -4.12 -24.13 -27.68
C MET H 79 -4.59 -25.38 -28.41
N GLN H 80 -3.66 -26.07 -29.08
CA GLN H 80 -3.99 -27.28 -29.82
C GLN H 80 -4.10 -28.52 -28.93
N PHE H 81 -3.72 -28.42 -27.66
CA PHE H 81 -3.78 -29.56 -26.74
C PHE H 81 -5.06 -29.56 -25.91
N ILE H 82 -5.43 -28.41 -25.35
CA ILE H 82 -6.64 -28.34 -24.53
C ILE H 82 -7.86 -28.60 -25.39
N LYS H 83 -8.78 -29.43 -24.88
CA LYS H 83 -9.98 -29.75 -25.62
C LYS H 83 -10.79 -28.52 -26.01
N PRO H 84 -11.01 -27.53 -25.13
CA PRO H 84 -11.79 -26.36 -25.54
C PRO H 84 -11.17 -25.66 -26.73
N ASP H 85 -12.03 -25.18 -27.63
CA ASP H 85 -11.57 -24.45 -28.81
C ASP H 85 -11.17 -23.04 -28.41
N VAL H 86 -10.00 -22.61 -28.86
CA VAL H 86 -9.48 -21.29 -28.53
C VAL H 86 -9.85 -20.33 -29.64
N SER H 87 -10.61 -19.28 -29.31
CA SER H 87 -11.02 -18.26 -30.25
C SER H 87 -10.07 -17.09 -30.13
N THR H 88 -9.40 -16.74 -31.23
CA THR H 88 -8.42 -15.66 -31.25
C THR H 88 -8.99 -14.47 -32.01
N ILE H 89 -8.91 -13.30 -31.40
CA ILE H 89 -9.40 -12.05 -31.99
C ILE H 89 -8.24 -11.05 -31.98
N CYS H 90 -7.91 -10.51 -33.14
CA CYS H 90 -6.83 -9.55 -33.28
C CYS H 90 -7.32 -8.14 -32.96
N MET H 91 -6.63 -7.47 -32.05
CA MET H 91 -6.97 -6.11 -31.64
C MET H 91 -5.72 -5.24 -31.79
N GLY H 92 -5.86 -4.15 -32.54
CA GLY H 92 -4.74 -3.24 -32.74
C GLY H 92 -3.78 -3.73 -33.80
N GLN H 93 -2.96 -4.72 -33.46
CA GLN H 93 -2.00 -5.26 -34.40
C GLN H 93 -1.58 -6.65 -33.95
N ALA H 94 -1.07 -7.43 -34.91
CA ALA H 94 -0.61 -8.79 -34.64
C ALA H 94 0.48 -9.09 -35.67
N ALA H 95 1.74 -8.91 -35.26
CA ALA H 95 2.87 -9.12 -36.13
C ALA H 95 3.84 -10.13 -35.51
N SER H 96 4.62 -10.77 -36.37
CA SER H 96 5.62 -11.76 -35.98
C SER H 96 4.90 -12.90 -35.27
N MET H 97 5.21 -13.22 -34.02
CA MET H 97 4.53 -14.32 -33.33
C MET H 97 3.04 -14.04 -33.18
N GLY H 98 2.65 -12.77 -33.08
CA GLY H 98 1.23 -12.45 -32.94
C GLY H 98 0.41 -12.95 -34.12
N ALA H 99 0.92 -12.77 -35.34
CA ALA H 99 0.19 -13.22 -36.52
C ALA H 99 0.07 -14.74 -36.53
N PHE H 100 1.12 -15.44 -36.15
CA PHE H 100 1.08 -16.90 -36.14
C PHE H 100 0.01 -17.41 -35.19
N LEU H 101 -0.08 -16.83 -34.00
CA LEU H 101 -1.09 -17.26 -33.03
C LEU H 101 -2.49 -16.89 -33.50
N LEU H 102 -2.63 -15.82 -34.27
CA LEU H 102 -3.95 -15.40 -34.75
C LEU H 102 -4.56 -16.48 -35.64
N THR H 103 -3.77 -17.06 -36.52
CA THR H 103 -4.26 -18.10 -37.42
C THR H 103 -4.26 -19.49 -36.78
N ALA H 104 -3.73 -19.61 -35.57
CA ALA H 104 -3.68 -20.89 -34.88
C ALA H 104 -4.99 -21.23 -34.15
N GLY H 105 -5.95 -20.32 -34.14
CA GLY H 105 -7.21 -20.58 -33.46
C GLY H 105 -8.04 -21.62 -34.18
N ALA H 106 -9.07 -22.10 -33.49
CA ALA H 106 -9.95 -23.11 -34.06
C ALA H 106 -10.59 -22.59 -35.34
N LYS H 107 -10.67 -23.46 -36.34
CA LYS H 107 -11.26 -23.08 -37.61
C LYS H 107 -12.71 -22.63 -37.41
N GLY H 108 -13.07 -21.54 -38.08
CA GLY H 108 -14.41 -20.99 -37.99
C GLY H 108 -14.65 -20.10 -36.79
N LYS H 109 -13.64 -19.87 -35.96
CA LYS H 109 -13.79 -19.02 -34.78
C LYS H 109 -12.73 -17.92 -34.72
N ARG H 110 -12.08 -17.62 -35.85
CA ARG H 110 -11.07 -16.58 -35.92
C ARG H 110 -11.71 -15.29 -36.40
N PHE H 111 -11.48 -14.21 -35.66
CA PHE H 111 -12.04 -12.91 -35.99
C PHE H 111 -10.97 -11.84 -35.84
N CYS H 112 -11.28 -10.64 -36.35
CA CYS H 112 -10.37 -9.52 -36.28
C CYS H 112 -11.17 -8.23 -36.40
N LEU H 113 -10.64 -7.16 -35.83
CA LEU H 113 -11.30 -5.87 -35.89
C LEU H 113 -11.19 -5.28 -37.29
N PRO H 114 -12.12 -4.40 -37.66
CA PRO H 114 -12.05 -3.81 -39.01
C PRO H 114 -10.77 -3.06 -39.29
N ASN H 115 -10.18 -2.42 -38.29
CA ASN H 115 -8.95 -1.66 -38.46
C ASN H 115 -7.71 -2.42 -38.01
N SER H 116 -7.84 -3.70 -37.65
CA SER H 116 -6.69 -4.47 -37.22
C SER H 116 -5.76 -4.74 -38.39
N ARG H 117 -4.47 -4.89 -38.09
CA ARG H 117 -3.45 -5.15 -39.08
C ARG H 117 -2.62 -6.35 -38.65
N VAL H 118 -2.29 -7.21 -39.62
CA VAL H 118 -1.50 -8.42 -39.37
C VAL H 118 -0.29 -8.40 -40.29
N MET H 119 0.88 -8.66 -39.73
CA MET H 119 2.13 -8.69 -40.47
C MET H 119 2.81 -10.03 -40.25
N ILE H 120 3.35 -10.61 -41.32
CA ILE H 120 4.02 -11.90 -41.28
C ILE H 120 5.40 -11.75 -41.89
N HIS H 121 6.39 -12.36 -41.24
CA HIS H 121 7.77 -12.31 -41.71
C HIS H 121 8.50 -13.57 -41.27
N GLN H 122 9.62 -13.83 -41.91
CA GLN H 122 10.40 -15.02 -41.60
C GLN H 122 11.08 -14.88 -40.23
N PRO H 123 11.49 -15.98 -39.63
CA PRO H 123 12.14 -15.92 -38.31
C PRO H 123 13.40 -15.07 -38.34
N LEU H 124 13.66 -14.40 -37.21
CA LEU H 124 14.82 -13.55 -37.03
C LEU H 124 15.69 -14.13 -35.93
N GLY H 125 16.99 -14.21 -36.18
CA GLY H 125 17.94 -14.75 -35.22
C GLY H 125 19.32 -14.21 -35.46
N GLY H 126 20.32 -14.98 -35.05
CA GLY H 126 21.71 -14.58 -35.22
C GLY H 126 22.61 -15.13 -34.13
N TYR H 127 23.78 -15.63 -34.50
CA TYR H 127 24.73 -16.19 -33.55
C TYR H 127 26.14 -15.76 -33.93
N GLN H 128 27.00 -15.66 -32.93
CA GLN H 128 28.39 -15.27 -33.10
C GLN H 128 29.29 -16.26 -32.38
N GLY H 129 30.40 -16.62 -33.01
CA GLY H 129 31.32 -17.57 -32.40
C GLY H 129 32.17 -18.25 -33.48
N GLN H 130 32.58 -19.48 -33.17
CA GLN H 130 33.40 -20.24 -34.10
C GLN H 130 32.59 -20.63 -35.34
N ALA H 131 33.32 -21.04 -36.39
CA ALA H 131 32.66 -21.41 -37.63
C ALA H 131 31.74 -22.62 -37.43
N THR H 132 32.20 -23.63 -36.69
CA THR H 132 31.38 -24.80 -36.46
C THR H 132 30.10 -24.45 -35.71
N ASP H 133 30.20 -23.61 -34.68
CA ASP H 133 29.02 -23.22 -33.92
C ASP H 133 28.05 -22.43 -34.79
N ILE H 134 28.56 -21.54 -35.63
CA ILE H 134 27.69 -20.75 -36.50
C ILE H 134 26.91 -21.65 -37.45
N GLU H 135 27.55 -22.72 -37.93
CA GLU H 135 26.87 -23.63 -38.84
C GLU H 135 25.70 -24.33 -38.14
N ILE H 136 25.91 -24.75 -36.89
CA ILE H 136 24.85 -25.44 -36.16
C ILE H 136 23.66 -24.50 -35.95
N HIS H 137 23.94 -23.27 -35.54
CA HIS H 137 22.86 -22.32 -35.30
C HIS H 137 22.13 -21.97 -36.60
N ALA H 138 22.87 -21.88 -37.70
CA ALA H 138 22.23 -21.57 -38.99
C ALA H 138 21.26 -22.66 -39.38
N ARG H 139 21.62 -23.92 -39.16
CA ARG H 139 20.73 -25.03 -39.49
C ARG H 139 19.51 -25.03 -38.58
N GLU H 140 19.70 -24.67 -37.30
CA GLU H 140 18.59 -24.65 -36.36
C GLU H 140 17.53 -23.62 -36.76
N ILE H 141 17.97 -22.41 -37.09
CA ILE H 141 17.01 -21.37 -37.47
C ILE H 141 16.30 -21.75 -38.77
N LEU H 142 17.03 -22.37 -39.69
CA LEU H 142 16.41 -22.78 -40.96
C LEU H 142 15.32 -23.81 -40.72
N LYS H 143 15.56 -24.76 -39.82
CA LYS H 143 14.54 -25.77 -39.53
C LYS H 143 13.30 -25.13 -38.93
N VAL H 144 13.48 -24.16 -38.04
CA VAL H 144 12.34 -23.48 -37.43
C VAL H 144 11.54 -22.75 -38.49
N LYS H 145 12.22 -22.17 -39.47
CA LYS H 145 11.51 -21.45 -40.54
C LYS H 145 10.62 -22.39 -41.32
N GLY H 146 11.12 -23.59 -41.65
CA GLY H 146 10.30 -24.53 -42.39
C GLY H 146 9.10 -25.01 -41.61
N ARG H 147 9.28 -25.31 -40.32
CA ARG H 147 8.17 -25.76 -39.51
C ARG H 147 7.09 -24.70 -39.39
N MET H 148 7.50 -23.44 -39.20
CA MET H 148 6.53 -22.36 -39.08
C MET H 148 5.72 -22.20 -40.36
N ASN H 149 6.40 -22.30 -41.52
CA ASN H 149 5.70 -22.16 -42.79
C ASN H 149 4.66 -23.26 -42.98
N GLU H 150 5.00 -24.49 -42.60
CA GLU H 150 4.05 -25.59 -42.76
C GLU H 150 2.82 -25.38 -41.89
N LEU H 151 3.01 -24.93 -40.64
CA LEU H 151 1.87 -24.69 -39.77
C LEU H 151 0.98 -23.59 -40.30
N MET H 152 1.58 -22.52 -40.84
CA MET H 152 0.79 -21.43 -41.38
C MET H 152 -0.07 -21.90 -42.54
N ALA H 153 0.48 -22.73 -43.43
CA ALA H 153 -0.28 -23.23 -44.56
C ALA H 153 -1.41 -24.15 -44.11
N LEU H 154 -1.24 -24.85 -42.99
CA LEU H 154 -2.28 -25.75 -42.51
C LEU H 154 -3.54 -24.99 -42.12
N HIS H 155 -3.39 -23.84 -41.46
CA HIS H 155 -4.56 -23.06 -41.03
C HIS H 155 -5.12 -22.20 -42.17
N THR H 156 -4.28 -21.34 -42.75
CA THR H 156 -4.74 -20.47 -43.82
C THR H 156 -5.20 -21.25 -45.04
N GLY H 157 -4.73 -22.47 -45.22
CA GLY H 157 -5.10 -23.28 -46.35
C GLY H 157 -4.30 -23.03 -47.62
N GLN H 158 -3.36 -22.09 -47.59
CA GLN H 158 -2.56 -21.78 -48.75
C GLN H 158 -1.48 -22.86 -48.95
N SER H 159 -0.86 -22.83 -50.13
CA SER H 159 0.18 -23.79 -50.45
C SER H 159 1.46 -23.44 -49.69
N LEU H 160 2.29 -24.47 -49.47
CA LEU H 160 3.55 -24.26 -48.75
C LEU H 160 4.45 -23.30 -49.51
N GLU H 161 4.52 -23.43 -50.83
CA GLU H 161 5.38 -22.54 -51.62
C GLU H 161 4.91 -21.09 -51.50
N GLN H 162 3.59 -20.87 -51.50
CA GLN H 162 3.07 -19.51 -51.41
C GLN H 162 3.47 -18.87 -50.09
N ILE H 163 3.40 -19.62 -48.99
CA ILE H 163 3.75 -19.08 -47.68
C ILE H 163 5.23 -18.69 -47.64
N GLU H 164 6.10 -19.54 -48.19
CA GLU H 164 7.53 -19.25 -48.16
C GLU H 164 7.85 -17.95 -48.91
N ARG H 165 7.26 -17.77 -50.10
CA ARG H 165 7.53 -16.57 -50.87
C ARG H 165 7.03 -15.33 -50.16
N ASP H 166 5.85 -15.40 -49.54
CA ASP H 166 5.30 -14.24 -48.84
C ASP H 166 6.03 -13.93 -47.55
N THR H 167 6.74 -14.90 -46.98
CA THR H 167 7.47 -14.71 -45.74
C THR H 167 8.90 -14.24 -45.96
N GLU H 168 9.35 -14.11 -47.21
CA GLU H 168 10.71 -13.65 -47.45
C GLU H 168 10.94 -12.25 -46.91
N ARG H 169 9.89 -11.44 -46.86
CA ARG H 169 10.00 -10.07 -46.36
C ARG H 169 8.70 -9.71 -45.66
N ASP H 170 8.75 -8.65 -44.85
CA ASP H 170 7.58 -8.19 -44.13
C ASP H 170 6.45 -7.89 -45.08
N ARG H 171 5.25 -8.38 -44.76
CA ARG H 171 4.06 -8.19 -45.58
C ARG H 171 2.93 -7.70 -44.67
N PHE H 172 2.41 -6.52 -44.98
CA PHE H 172 1.32 -5.92 -44.20
C PHE H 172 0.00 -6.16 -44.92
N LEU H 173 -0.96 -6.75 -44.22
CA LEU H 173 -2.28 -7.04 -44.77
C LEU H 173 -3.33 -6.47 -43.83
N SER H 174 -4.28 -5.74 -44.41
CA SER H 174 -5.36 -5.15 -43.62
C SER H 174 -6.36 -6.23 -43.23
N ALA H 175 -7.36 -5.84 -42.44
CA ALA H 175 -8.37 -6.81 -42.01
C ALA H 175 -9.10 -7.45 -43.20
N PRO H 176 -9.58 -6.68 -44.19
CA PRO H 176 -10.26 -7.34 -45.32
C PRO H 176 -9.37 -8.33 -46.06
N GLU H 177 -8.07 -8.02 -46.17
CA GLU H 177 -7.16 -8.92 -46.87
C GLU H 177 -6.84 -10.15 -46.05
N ALA H 178 -6.92 -10.07 -44.73
CA ALA H 178 -6.64 -11.22 -43.88
C ALA H 178 -7.64 -12.34 -44.11
N VAL H 179 -8.91 -11.99 -44.28
CA VAL H 179 -9.94 -13.01 -44.50
C VAL H 179 -9.65 -13.79 -45.78
N GLU H 180 -9.33 -13.08 -46.86
CA GLU H 180 -9.05 -13.75 -48.13
C GLU H 180 -7.80 -14.62 -48.04
N TYR H 181 -6.77 -14.12 -47.35
CA TYR H 181 -5.53 -14.89 -47.23
C TYR H 181 -5.74 -16.17 -46.44
N GLY H 182 -6.65 -16.17 -45.47
CA GLY H 182 -6.94 -17.33 -44.65
C GLY H 182 -6.53 -17.20 -43.20
N LEU H 183 -5.88 -16.10 -42.82
CA LEU H 183 -5.47 -15.93 -41.43
C LEU H 183 -6.68 -15.89 -40.51
N VAL H 184 -7.74 -15.20 -40.92
CA VAL H 184 -8.95 -15.06 -40.13
C VAL H 184 -10.13 -15.52 -40.99
N ASP H 185 -11.30 -15.62 -40.35
CA ASP H 185 -12.52 -16.05 -41.01
C ASP H 185 -13.45 -14.88 -41.36
N SER H 186 -13.78 -14.04 -40.39
CA SER H 186 -14.66 -12.91 -40.61
C SER H 186 -14.13 -11.70 -39.85
N ILE H 187 -14.83 -10.58 -39.98
CA ILE H 187 -14.46 -9.32 -39.33
C ILE H 187 -15.64 -8.88 -38.47
N LEU H 188 -15.36 -8.54 -37.22
CA LEU H 188 -16.39 -8.09 -36.28
C LEU H 188 -16.42 -6.56 -36.30
N THR H 189 -17.35 -6.01 -37.08
CA THR H 189 -17.49 -4.55 -37.20
C THR H 189 -18.41 -3.99 -36.13
N HIS H 190 -19.66 -4.48 -36.09
CA HIS H 190 -20.63 -4.02 -35.11
C HIS H 190 -21.36 -5.23 -34.53
N ARG H 191 -21.82 -5.09 -33.29
CA ARG H 191 -22.54 -6.16 -32.62
C ARG H 191 -23.95 -6.28 -33.17
N ASN H 192 -24.36 -7.51 -33.48
CA ASN H 192 -25.68 -7.77 -34.02
C ASN H 192 -26.44 -8.76 -33.15
N LEU I 1 0.94 -8.14 -13.82
CA LEU I 1 -0.25 -8.47 -13.06
C LEU I 1 -0.50 -9.98 -13.12
N VAL I 2 -0.97 -10.53 -12.00
CA VAL I 2 -1.27 -11.95 -11.87
C VAL I 2 -2.77 -12.09 -11.63
N PRO I 3 -3.53 -12.68 -12.54
CA PRO I 3 -4.98 -12.82 -12.32
C PRO I 3 -5.26 -13.63 -11.05
N MET I 4 -6.34 -13.25 -10.37
CA MET I 4 -6.76 -13.89 -9.13
C MET I 4 -8.00 -14.73 -9.42
N VAL I 5 -7.86 -16.04 -9.31
CA VAL I 5 -8.97 -16.97 -9.55
C VAL I 5 -9.59 -17.34 -8.21
N ILE I 6 -10.83 -17.83 -8.27
CA ILE I 6 -11.57 -18.24 -7.08
C ILE I 6 -11.99 -19.68 -7.25
N GLU I 7 -11.78 -20.48 -6.21
CA GLU I 7 -12.12 -21.89 -6.20
C GLU I 7 -13.36 -22.10 -5.33
N GLN I 8 -14.35 -22.79 -5.87
CA GLN I 8 -15.60 -23.06 -5.16
C GLN I 8 -15.44 -24.33 -4.33
N THR I 9 -15.69 -24.22 -3.03
CA THR I 9 -15.57 -25.35 -2.11
C THR I 9 -16.73 -25.30 -1.12
N SER I 10 -16.90 -26.39 -0.38
CA SER I 10 -17.97 -26.46 0.60
C SER I 10 -17.81 -25.40 1.69
N ARG I 11 -16.57 -25.20 2.15
CA ARG I 11 -16.33 -24.20 3.19
C ARG I 11 -16.75 -22.81 2.74
N GLY I 12 -16.38 -22.43 1.52
CA GLY I 12 -16.73 -21.13 1.00
C GLY I 12 -15.74 -20.70 -0.06
N GLU I 13 -15.95 -19.47 -0.55
CA GLU I 13 -15.07 -18.93 -1.58
C GLU I 13 -13.67 -18.73 -1.02
N ARG I 14 -12.66 -19.02 -1.86
CA ARG I 14 -11.27 -18.88 -1.49
C ARG I 14 -10.55 -18.05 -2.53
N SER I 15 -9.61 -17.22 -2.08
CA SER I 15 -8.85 -16.34 -2.96
C SER I 15 -7.51 -16.96 -3.29
N PHE I 16 -7.18 -17.01 -4.58
CA PHE I 16 -5.92 -17.58 -5.06
C PHE I 16 -5.53 -16.90 -6.36
N ASP I 17 -4.26 -17.05 -6.72
CA ASP I 17 -3.74 -16.51 -7.96
C ASP I 17 -3.66 -17.64 -8.99
N ILE I 18 -3.24 -17.29 -10.21
CA ILE I 18 -3.16 -18.31 -11.25
C ILE I 18 -2.12 -19.36 -10.91
N TYR I 19 -0.94 -18.94 -10.43
CA TYR I 19 0.10 -19.90 -10.08
C TYR I 19 -0.27 -20.71 -8.84
N SER I 20 -0.85 -20.05 -7.83
CA SER I 20 -1.22 -20.76 -6.61
C SER I 20 -2.30 -21.81 -6.87
N ARG I 21 -3.27 -21.49 -7.73
CA ARG I 21 -4.35 -22.44 -8.00
C ARG I 21 -3.79 -23.73 -8.59
N LEU I 22 -2.88 -23.62 -9.56
CA LEU I 22 -2.29 -24.82 -10.16
C LEU I 22 -1.39 -25.55 -9.17
N LEU I 23 -0.73 -24.82 -8.27
CA LEU I 23 0.14 -25.46 -7.29
C LEU I 23 -0.67 -26.39 -6.39
N LYS I 24 -1.91 -26.02 -6.08
CA LYS I 24 -2.74 -26.87 -5.22
C LYS I 24 -3.02 -28.21 -5.88
N GLU I 25 -2.92 -28.30 -7.20
CA GLU I 25 -3.15 -29.54 -7.94
C GLU I 25 -1.84 -30.26 -8.25
N ARG I 26 -0.78 -29.99 -7.49
CA ARG I 26 0.52 -30.61 -7.69
C ARG I 26 1.10 -30.25 -9.06
N VAL I 27 1.24 -28.94 -9.28
CA VAL I 27 1.79 -28.40 -10.52
C VAL I 27 2.82 -27.35 -10.15
N ILE I 28 3.99 -27.42 -10.80
CA ILE I 28 5.07 -26.48 -10.57
C ILE I 28 5.52 -25.93 -11.91
N PHE I 29 6.04 -24.69 -11.89
CA PHE I 29 6.52 -24.01 -13.08
C PHE I 29 7.99 -23.64 -12.91
N LEU I 30 8.75 -23.76 -14.01
CA LEU I 30 10.17 -23.44 -14.03
C LEU I 30 10.40 -22.53 -15.23
N THR I 31 10.26 -21.22 -15.01
CA THR I 31 10.43 -20.22 -16.04
C THR I 31 11.54 -19.25 -15.65
N GLY I 32 12.25 -18.76 -16.65
CA GLY I 32 13.35 -17.83 -16.43
C GLY I 32 14.68 -18.54 -16.23
N GLN I 33 15.75 -17.77 -16.36
CA GLN I 33 17.08 -18.32 -16.21
C GLN I 33 17.24 -18.94 -14.82
N VAL I 34 17.82 -20.13 -14.77
CA VAL I 34 18.01 -20.83 -13.51
C VAL I 34 19.02 -20.07 -12.66
N GLU I 35 18.68 -19.88 -11.38
CA GLU I 35 19.53 -19.17 -10.45
C GLU I 35 19.30 -19.75 -9.06
N ASP I 36 19.97 -19.17 -8.07
CA ASP I 36 19.83 -19.66 -6.70
C ASP I 36 18.47 -19.30 -6.11
N HIS I 37 17.97 -18.08 -6.38
CA HIS I 37 16.70 -17.67 -5.82
C HIS I 37 15.53 -18.48 -6.39
N MET I 38 15.45 -18.58 -7.73
CA MET I 38 14.35 -19.32 -8.33
C MET I 38 14.46 -20.80 -8.06
N ALA I 39 15.68 -21.35 -8.06
CA ALA I 39 15.86 -22.78 -7.80
C ALA I 39 15.39 -23.14 -6.39
N ASN I 40 15.72 -22.30 -5.41
CA ASN I 40 15.30 -22.57 -4.04
C ASN I 40 13.78 -22.58 -3.93
N LEU I 41 13.12 -21.67 -4.64
CA LEU I 41 11.66 -21.62 -4.59
C LEU I 41 11.04 -22.91 -5.10
N ILE I 42 11.59 -23.45 -6.20
CA ILE I 42 11.05 -24.69 -6.76
C ILE I 42 11.23 -25.84 -5.76
N VAL I 43 12.40 -25.92 -5.12
CA VAL I 43 12.64 -26.99 -4.16
C VAL I 43 11.62 -26.93 -3.03
N ALA I 44 11.29 -25.71 -2.58
CA ALA I 44 10.32 -25.58 -1.49
C ALA I 44 8.96 -26.11 -1.90
N GLN I 45 8.54 -25.84 -3.15
CA GLN I 45 7.24 -26.33 -3.61
C GLN I 45 7.20 -27.86 -3.63
N MET I 46 8.29 -28.49 -4.07
CA MET I 46 8.31 -29.94 -4.12
C MET I 46 8.16 -30.55 -2.73
N LEU I 47 8.85 -29.98 -1.74
CA LEU I 47 8.75 -30.50 -0.38
C LEU I 47 7.34 -30.38 0.16
N PHE I 48 6.67 -29.26 -0.10
CA PHE I 48 5.30 -29.08 0.38
C PHE I 48 4.36 -30.11 -0.23
N LEU I 49 4.48 -30.35 -1.54
CA LEU I 49 3.61 -31.33 -2.19
C LEU I 49 3.83 -32.73 -1.64
N GLU I 50 5.10 -33.09 -1.38
CA GLU I 50 5.38 -34.42 -0.86
C GLU I 50 4.69 -34.66 0.47
N ALA I 51 4.74 -33.68 1.37
CA ALA I 51 4.10 -33.83 2.67
C ALA I 51 2.59 -33.97 2.54
N GLU I 52 1.98 -33.18 1.64
CA GLU I 52 0.54 -33.26 1.46
C GLU I 52 0.11 -34.66 1.00
N ASN I 53 0.84 -35.22 0.04
CA ASN I 53 0.53 -36.56 -0.47
C ASN I 53 1.79 -37.16 -1.07
N PRO I 54 2.50 -38.04 -0.36
CA PRO I 54 3.73 -38.64 -0.90
C PRO I 54 3.51 -39.68 -1.99
N GLU I 55 2.29 -39.84 -2.50
CA GLU I 55 1.99 -40.81 -3.54
C GLU I 55 1.57 -40.17 -4.86
N LYS I 56 0.82 -39.07 -4.82
CA LYS I 56 0.39 -38.41 -6.04
C LYS I 56 1.58 -37.82 -6.79
N ASP I 57 1.53 -37.90 -8.12
CA ASP I 57 2.60 -37.37 -8.95
C ASP I 57 2.67 -35.85 -8.86
N ILE I 58 3.87 -35.32 -9.02
CA ILE I 58 4.12 -33.88 -8.97
C ILE I 58 4.59 -33.46 -10.37
N TYR I 59 3.78 -32.63 -11.03
CA TYR I 59 4.13 -32.15 -12.35
C TYR I 59 5.09 -30.97 -12.27
N LEU I 60 5.86 -30.78 -13.35
CA LEU I 60 6.84 -29.70 -13.40
C LEU I 60 7.08 -29.36 -14.86
N TYR I 61 6.67 -28.16 -15.28
CA TYR I 61 6.87 -27.70 -16.65
C TYR I 61 8.20 -26.97 -16.74
N ILE I 62 9.07 -27.41 -17.63
CA ILE I 62 10.38 -26.83 -17.82
C ILE I 62 10.34 -25.98 -19.08
N ASN I 63 10.55 -24.66 -18.92
CA ASN I 63 10.55 -23.71 -20.03
C ASN I 63 11.57 -22.63 -19.68
N SER I 64 12.82 -22.86 -20.09
CA SER I 64 13.89 -21.92 -19.83
C SER I 64 15.15 -22.29 -20.59
N PRO I 65 15.99 -21.31 -20.97
CA PRO I 65 17.22 -21.64 -21.70
C PRO I 65 18.32 -22.20 -20.83
N GLY I 66 18.18 -22.14 -19.50
CA GLY I 66 19.17 -22.63 -18.57
C GLY I 66 19.65 -21.55 -17.64
N GLY I 67 20.69 -21.89 -16.88
CA GLY I 67 21.27 -20.96 -15.93
C GLY I 67 22.46 -21.53 -15.19
N VAL I 68 22.56 -21.22 -13.90
CA VAL I 68 23.68 -21.71 -13.09
C VAL I 68 23.56 -23.22 -12.93
N ILE I 69 24.66 -23.92 -13.19
CA ILE I 69 24.66 -25.38 -13.07
C ILE I 69 24.46 -25.80 -11.63
N THR I 70 25.14 -25.15 -10.69
CA THR I 70 25.01 -25.52 -9.28
C THR I 70 23.57 -25.39 -8.82
N ALA I 71 22.88 -24.33 -9.20
CA ALA I 71 21.49 -24.15 -8.80
C ALA I 71 20.62 -25.28 -9.35
N GLY I 72 20.89 -25.70 -10.58
CA GLY I 72 20.09 -26.77 -11.17
C GLY I 72 20.27 -28.10 -10.48
N MET I 73 21.48 -28.38 -10.00
CA MET I 73 21.73 -29.65 -9.33
C MET I 73 20.85 -29.83 -8.10
N SER I 74 20.55 -28.74 -7.39
CA SER I 74 19.71 -28.84 -6.21
C SER I 74 18.32 -29.37 -6.56
N ILE I 75 17.75 -28.89 -7.66
CA ILE I 75 16.44 -29.35 -8.09
C ILE I 75 16.48 -30.83 -8.46
N TYR I 76 17.54 -31.25 -9.14
CA TYR I 76 17.67 -32.66 -9.54
C TYR I 76 17.68 -33.57 -8.33
N ASP I 77 18.44 -33.21 -7.29
CA ASP I 77 18.51 -34.05 -6.10
C ASP I 77 17.15 -34.15 -5.42
N THR I 78 16.41 -33.04 -5.34
CA THR I 78 15.10 -33.06 -4.70
C THR I 78 14.15 -33.98 -5.45
N MET I 79 14.19 -33.96 -6.79
CA MET I 79 13.31 -34.81 -7.57
C MET I 79 13.60 -36.29 -7.32
N GLN I 80 14.88 -36.65 -7.22
CA GLN I 80 15.27 -38.03 -7.00
C GLN I 80 15.16 -38.47 -5.54
N PHE I 81 14.92 -37.54 -4.61
CA PHE I 81 14.81 -37.86 -3.20
C PHE I 81 13.36 -38.03 -2.74
N ILE I 82 12.48 -37.11 -3.15
CA ILE I 82 11.08 -37.19 -2.75
C ILE I 82 10.46 -38.44 -3.33
N LYS I 83 9.70 -39.16 -2.51
CA LYS I 83 9.06 -40.38 -2.97
C LYS I 83 8.16 -40.17 -4.18
N PRO I 84 7.34 -39.12 -4.25
CA PRO I 84 6.49 -38.94 -5.43
C PRO I 84 7.30 -38.83 -6.70
N ASP I 85 6.77 -39.42 -7.78
CA ASP I 85 7.43 -39.37 -9.08
C ASP I 85 7.18 -38.01 -9.70
N VAL I 86 8.26 -37.36 -10.14
CA VAL I 86 8.17 -36.03 -10.75
C VAL I 86 8.03 -36.19 -12.26
N SER I 87 6.93 -35.69 -12.80
CA SER I 87 6.65 -35.74 -14.23
C SER I 87 7.07 -34.40 -14.83
N THR I 88 8.01 -34.43 -15.75
CA THR I 88 8.54 -33.23 -16.40
C THR I 88 8.02 -33.13 -17.82
N ILE I 89 7.44 -31.99 -18.17
CA ILE I 89 6.91 -31.73 -19.50
C ILE I 89 7.59 -30.48 -20.03
N CYS I 90 8.20 -30.59 -21.21
CA CYS I 90 8.91 -29.48 -21.83
C CYS I 90 7.93 -28.61 -22.62
N MET I 91 7.93 -27.32 -22.33
CA MET I 91 7.07 -26.35 -23.01
C MET I 91 7.93 -25.23 -23.55
N GLY I 92 7.81 -24.95 -24.84
CA GLY I 92 8.58 -23.90 -25.47
C GLY I 92 9.99 -24.32 -25.80
N GLN I 93 10.85 -24.41 -24.78
CA GLN I 93 12.24 -24.79 -25.00
C GLN I 93 12.83 -25.28 -23.68
N ALA I 94 13.87 -26.09 -23.80
CA ALA I 94 14.57 -26.62 -22.63
C ALA I 94 16.02 -26.85 -23.05
N ALA I 95 16.89 -25.89 -22.74
CA ALA I 95 18.30 -25.94 -23.09
C ALA I 95 19.17 -25.78 -21.86
N SER I 96 20.40 -26.30 -21.97
CA SER I 96 21.39 -26.25 -20.90
C SER I 96 20.83 -26.99 -19.69
N MET I 97 20.67 -26.35 -18.53
CA MET I 97 20.15 -27.05 -17.37
C MET I 97 18.71 -27.53 -17.61
N GLY I 98 17.95 -26.81 -18.43
CA GLY I 98 16.58 -27.23 -18.69
C GLY I 98 16.50 -28.62 -19.30
N ALA I 99 17.39 -28.90 -20.27
CA ALA I 99 17.38 -30.22 -20.90
C ALA I 99 17.73 -31.31 -19.90
N PHE I 100 18.70 -31.04 -19.02
CA PHE I 100 19.10 -32.05 -18.03
C PHE I 100 17.93 -32.40 -17.11
N LEU I 101 17.19 -31.39 -16.65
CA LEU I 101 16.06 -31.65 -15.77
C LEU I 101 14.93 -32.37 -16.51
N LEU I 102 14.80 -32.14 -17.81
CA LEU I 102 13.75 -32.79 -18.58
C LEU I 102 13.92 -34.31 -18.57
N THR I 103 15.15 -34.78 -18.73
CA THR I 103 15.42 -36.22 -18.73
C THR I 103 15.55 -36.79 -17.33
N ALA I 104 15.57 -35.94 -16.30
CA ALA I 104 15.70 -36.41 -14.93
C ALA I 104 14.38 -36.86 -14.32
N GLY I 105 13.27 -36.72 -15.04
CA GLY I 105 11.98 -37.14 -14.51
C GLY I 105 11.87 -38.65 -14.42
N ALA I 106 10.83 -39.08 -13.70
CA ALA I 106 10.61 -40.52 -13.53
C ALA I 106 10.43 -41.19 -14.87
N LYS I 107 11.05 -42.37 -15.01
CA LYS I 107 10.95 -43.11 -16.26
C LYS I 107 9.49 -43.44 -16.58
N GLY I 108 9.14 -43.29 -17.85
CA GLY I 108 7.79 -43.55 -18.30
C GLY I 108 6.81 -42.42 -18.10
N LYS I 109 7.24 -41.29 -17.52
CA LYS I 109 6.37 -40.14 -17.28
C LYS I 109 6.91 -38.86 -17.88
N ARG I 110 7.90 -38.95 -18.77
CA ARG I 110 8.47 -37.77 -19.41
C ARG I 110 7.73 -37.49 -20.71
N PHE I 111 7.29 -36.25 -20.88
CA PHE I 111 6.55 -35.84 -22.06
C PHE I 111 7.10 -34.50 -22.57
N CYS I 112 6.67 -34.14 -23.78
CA CYS I 112 7.10 -32.90 -24.40
C CYS I 112 6.06 -32.50 -25.44
N LEU I 113 5.93 -31.19 -25.66
CA LEU I 113 5.00 -30.69 -26.64
C LEU I 113 5.48 -31.01 -28.05
N PRO I 114 4.57 -31.07 -29.03
CA PRO I 114 5.00 -31.39 -30.40
C PRO I 114 6.00 -30.41 -30.96
N ASN I 115 5.91 -29.13 -30.61
CA ASN I 115 6.82 -28.11 -31.12
C ASN I 115 7.93 -27.75 -30.13
N SER I 116 8.06 -28.50 -29.03
CA SER I 116 9.10 -28.21 -28.06
C SER I 116 10.46 -28.57 -28.63
N ARG I 117 11.48 -27.84 -28.17
CA ARG I 117 12.86 -28.04 -28.61
C ARG I 117 13.76 -28.21 -27.40
N VAL I 118 14.70 -29.14 -27.49
CA VAL I 118 15.64 -29.42 -26.41
C VAL I 118 17.06 -29.31 -26.96
N MET I 119 17.91 -28.59 -26.25
CA MET I 119 19.30 -28.40 -26.64
C MET I 119 20.21 -28.84 -25.49
N ILE I 120 21.28 -29.54 -25.83
CA ILE I 120 22.23 -30.05 -24.85
C ILE I 120 23.63 -29.60 -25.25
N HIS I 121 24.40 -29.13 -24.26
CA HIS I 121 25.76 -28.67 -24.49
C HIS I 121 26.58 -28.91 -23.23
N GLN I 122 27.90 -28.87 -23.40
CA GLN I 122 28.80 -29.09 -22.29
C GLN I 122 28.78 -27.91 -21.32
N PRO I 123 29.23 -28.12 -20.08
CA PRO I 123 29.21 -27.02 -19.10
C PRO I 123 30.04 -25.83 -19.56
N LEU I 124 29.60 -24.64 -19.17
CA LEU I 124 30.26 -23.39 -19.49
C LEU I 124 30.73 -22.73 -18.21
N GLY I 125 31.97 -22.28 -18.20
CA GLY I 125 32.56 -21.64 -17.03
C GLY I 125 33.68 -20.70 -17.42
N GLY I 126 34.61 -20.50 -16.50
CA GLY I 126 35.75 -19.62 -16.75
C GLY I 126 36.24 -18.95 -15.49
N TYR I 127 37.56 -18.90 -15.30
CA TYR I 127 38.16 -18.29 -14.14
C TYR I 127 39.40 -17.50 -14.56
N GLN I 128 39.70 -16.45 -13.79
CA GLN I 128 40.84 -15.58 -14.04
C GLN I 128 41.61 -15.40 -12.74
N GLY I 129 42.94 -15.43 -12.84
CA GLY I 129 43.79 -15.27 -11.68
C GLY I 129 45.16 -15.88 -11.92
N GLN I 130 45.77 -16.33 -10.82
CA GLN I 130 47.09 -16.94 -10.90
C GLN I 130 47.02 -18.29 -11.61
N ALA I 131 48.18 -18.77 -12.04
CA ALA I 131 48.23 -20.05 -12.74
C ALA I 131 47.75 -21.20 -11.86
N THR I 132 48.17 -21.21 -10.59
CA THR I 132 47.74 -22.28 -9.70
C THR I 132 46.23 -22.29 -9.52
N ASP I 133 45.63 -21.11 -9.34
CA ASP I 133 44.18 -21.05 -9.16
C ASP I 133 43.46 -21.50 -10.43
N ILE I 134 43.96 -21.10 -11.59
CA ILE I 134 43.33 -21.48 -12.85
C ILE I 134 43.31 -22.99 -13.00
N GLU I 135 44.38 -23.67 -12.57
CA GLU I 135 44.45 -25.12 -12.68
C GLU I 135 43.37 -25.79 -11.82
N ILE I 136 43.17 -25.28 -10.61
CA ILE I 136 42.17 -25.86 -9.72
C ILE I 136 40.77 -25.71 -10.32
N HIS I 137 40.46 -24.51 -10.83
CA HIS I 137 39.14 -24.29 -11.42
C HIS I 137 38.95 -25.14 -12.67
N ALA I 138 40.01 -25.32 -13.47
CA ALA I 138 39.89 -26.13 -14.67
C ALA I 138 39.54 -27.57 -14.32
N ARG I 139 40.16 -28.10 -13.26
CA ARG I 139 39.86 -29.47 -12.85
C ARG I 139 38.42 -29.58 -12.32
N GLU I 140 37.96 -28.54 -11.61
CA GLU I 140 36.61 -28.57 -11.07
C GLU I 140 35.56 -28.63 -12.17
N ILE I 141 35.70 -27.78 -13.19
CA ILE I 141 34.72 -27.78 -14.27
C ILE I 141 34.76 -29.10 -15.03
N LEU I 142 35.95 -29.67 -15.22
CA LEU I 142 36.05 -30.95 -15.92
C LEU I 142 35.33 -32.05 -15.17
N LYS I 143 35.46 -32.07 -13.84
CA LYS I 143 34.77 -33.10 -13.05
C LYS I 143 33.26 -32.96 -13.18
N VAL I 144 32.76 -31.72 -13.16
CA VAL I 144 31.32 -31.51 -13.30
C VAL I 144 30.84 -32.00 -14.65
N LYS I 145 31.65 -31.81 -15.70
CA LYS I 145 31.27 -32.26 -17.02
C LYS I 145 31.10 -33.77 -17.06
N GLY I 146 32.02 -34.51 -16.43
CA GLY I 146 31.93 -35.95 -16.42
C GLY I 146 30.71 -36.45 -15.67
N ARG I 147 30.43 -35.85 -14.51
CA ARG I 147 29.28 -36.27 -13.71
C ARG I 147 27.98 -36.03 -14.47
N MET I 148 27.86 -34.87 -15.13
CA MET I 148 26.65 -34.58 -15.89
C MET I 148 26.44 -35.58 -17.01
N ASN I 149 27.52 -35.94 -17.71
CA ASN I 149 27.40 -36.90 -18.81
C ASN I 149 26.91 -38.26 -18.31
N GLU I 150 27.43 -38.70 -17.16
CA GLU I 150 27.01 -40.00 -16.63
C GLU I 150 25.53 -39.99 -16.28
N LEU I 151 25.05 -38.91 -15.66
CA LEU I 151 23.63 -38.84 -15.30
C LEU I 151 22.76 -38.84 -16.54
N MET I 152 23.16 -38.12 -17.58
CA MET I 152 22.37 -38.08 -18.81
C MET I 152 22.25 -39.47 -19.41
N ALA I 153 23.35 -40.23 -19.44
CA ALA I 153 23.31 -41.58 -20.01
C ALA I 153 22.43 -42.51 -19.19
N LEU I 154 22.33 -42.27 -17.88
CA LEU I 154 21.51 -43.14 -17.03
C LEU I 154 20.03 -43.04 -17.39
N HIS I 155 19.54 -41.84 -17.69
CA HIS I 155 18.14 -41.67 -18.03
C HIS I 155 17.86 -41.98 -19.49
N THR I 156 18.54 -41.30 -20.41
CA THR I 156 18.33 -41.53 -21.83
C THR I 156 18.66 -42.97 -22.24
N GLY I 157 19.52 -43.64 -21.48
CA GLY I 157 19.91 -45.00 -21.80
C GLY I 157 21.04 -45.13 -22.80
N GLN I 158 21.55 -44.02 -23.33
CA GLN I 158 22.64 -44.05 -24.29
C GLN I 158 23.96 -44.34 -23.59
N SER I 159 24.97 -44.66 -24.39
CA SER I 159 26.29 -44.96 -23.86
C SER I 159 26.97 -43.67 -23.40
N LEU I 160 27.91 -43.83 -22.46
CA LEU I 160 28.63 -42.67 -21.95
C LEU I 160 29.43 -41.98 -23.05
N GLU I 161 30.07 -42.77 -23.92
CA GLU I 161 30.85 -42.18 -25.00
C GLU I 161 29.97 -41.38 -25.95
N GLN I 162 28.77 -41.88 -26.25
CA GLN I 162 27.87 -41.17 -27.14
C GLN I 162 27.48 -39.82 -26.57
N ILE I 163 27.20 -39.76 -25.27
CA ILE I 163 26.81 -38.50 -24.65
C ILE I 163 27.94 -37.48 -24.73
N GLU I 164 29.18 -37.92 -24.46
CA GLU I 164 30.31 -37.00 -24.49
C GLU I 164 30.49 -36.39 -25.88
N ARG I 165 30.41 -37.21 -26.92
CA ARG I 165 30.59 -36.70 -28.28
C ARG I 165 29.49 -35.72 -28.65
N ASP I 166 28.25 -36.02 -28.28
CA ASP I 166 27.13 -35.14 -28.61
C ASP I 166 27.14 -33.85 -27.80
N THR I 167 27.82 -33.83 -26.65
CA THR I 167 27.88 -32.65 -25.80
C THR I 167 29.06 -31.75 -26.12
N GLU I 168 29.92 -32.13 -27.07
CA GLU I 168 31.05 -31.28 -27.42
C GLU I 168 30.60 -29.92 -27.94
N ARG I 169 29.43 -29.87 -28.57
CA ARG I 169 28.90 -28.63 -29.10
C ARG I 169 27.38 -28.65 -28.99
N ASP I 170 26.78 -27.47 -29.12
CA ASP I 170 25.33 -27.35 -29.02
C ASP I 170 24.67 -28.25 -30.06
N ARG I 171 23.64 -28.98 -29.62
CA ARG I 171 22.90 -29.89 -30.48
C ARG I 171 21.41 -29.64 -30.28
N PHE I 172 20.72 -29.27 -31.36
CA PHE I 172 19.30 -28.99 -31.32
C PHE I 172 18.53 -30.20 -31.83
N LEU I 173 17.60 -30.69 -31.02
CA LEU I 173 16.78 -31.85 -31.37
C LEU I 173 15.31 -31.48 -31.19
N SER I 174 14.51 -31.78 -32.21
CA SER I 174 13.08 -31.50 -32.16
C SER I 174 12.38 -32.51 -31.26
N ALA I 175 11.09 -32.30 -31.03
CA ALA I 175 10.34 -33.23 -30.18
C ALA I 175 10.39 -34.65 -30.70
N PRO I 176 10.15 -34.93 -31.98
CA PRO I 176 10.23 -36.33 -32.44
C PRO I 176 11.60 -36.95 -32.22
N GLU I 177 12.67 -36.17 -32.35
CA GLU I 177 14.01 -36.70 -32.16
C GLU I 177 14.32 -36.92 -30.69
N ALA I 178 13.68 -36.17 -29.80
CA ALA I 178 13.94 -36.33 -28.37
C ALA I 178 13.51 -37.70 -27.89
N VAL I 179 12.37 -38.21 -28.38
CA VAL I 179 11.89 -39.51 -27.96
C VAL I 179 12.89 -40.60 -28.33
N GLU I 180 13.39 -40.57 -29.57
CA GLU I 180 14.35 -41.57 -30.01
C GLU I 180 15.65 -41.48 -29.22
N TYR I 181 16.12 -40.26 -28.94
CA TYR I 181 17.36 -40.09 -28.20
C TYR I 181 17.25 -40.63 -26.78
N GLY I 182 16.06 -40.54 -26.17
CA GLY I 182 15.84 -41.01 -24.83
C GLY I 182 15.56 -39.92 -23.81
N LEU I 183 15.63 -38.65 -24.21
CA LEU I 183 15.36 -37.57 -23.26
C LEU I 183 13.92 -37.63 -22.75
N VAL I 184 12.98 -37.92 -23.64
CA VAL I 184 11.56 -38.01 -23.30
C VAL I 184 11.03 -39.36 -23.73
N ASP I 185 9.80 -39.66 -23.32
CA ASP I 185 9.15 -40.92 -23.65
C ASP I 185 8.14 -40.80 -24.79
N SER I 186 7.21 -39.86 -24.69
CA SER I 186 6.20 -39.65 -25.73
C SER I 186 5.98 -38.16 -25.93
N ILE I 187 5.09 -37.83 -26.86
CA ILE I 187 4.75 -36.45 -27.19
C ILE I 187 3.26 -36.27 -26.97
N LEU I 188 2.90 -35.20 -26.25
CA LEU I 188 1.49 -34.89 -25.95
C LEU I 188 1.00 -33.89 -27.00
N THR I 189 0.32 -34.41 -28.03
CA THR I 189 -0.21 -33.57 -29.09
C THR I 189 -1.60 -33.06 -28.75
N HIS I 190 -2.54 -33.97 -28.50
CA HIS I 190 -3.90 -33.62 -28.17
C HIS I 190 -4.36 -34.46 -26.98
N ARG I 191 -5.33 -33.93 -26.23
CA ARG I 191 -5.86 -34.64 -25.08
C ARG I 191 -6.86 -35.68 -25.53
N ASN I 192 -6.64 -36.94 -25.15
CA ASN I 192 -7.51 -38.04 -25.53
C ASN I 192 -8.22 -38.60 -24.30
N LEU J 1 7.16 -13.93 -7.76
CA LEU J 1 5.92 -14.30 -7.10
C LEU J 1 6.17 -15.45 -6.12
N VAL J 2 5.47 -15.42 -4.99
CA VAL J 2 5.58 -16.45 -3.97
C VAL J 2 4.26 -17.19 -3.85
N PRO J 3 4.18 -18.47 -4.18
CA PRO J 3 2.90 -19.18 -4.07
C PRO J 3 2.38 -19.16 -2.64
N MET J 4 1.06 -19.08 -2.51
CA MET J 4 0.39 -19.05 -1.22
C MET J 4 -0.30 -20.39 -0.98
N VAL J 5 0.16 -21.12 0.02
CA VAL J 5 -0.40 -22.40 0.38
C VAL J 5 -1.37 -22.22 1.54
N ILE J 6 -2.27 -23.18 1.69
CA ILE J 6 -3.28 -23.15 2.75
C ILE J 6 -3.13 -24.42 3.59
N GLU J 7 -3.11 -24.25 4.90
CA GLU J 7 -2.98 -25.36 5.84
C GLU J 7 -4.34 -25.62 6.48
N GLN J 8 -4.78 -26.88 6.45
CA GLN J 8 -6.05 -27.27 7.03
C GLN J 8 -5.86 -27.58 8.51
N THR J 9 -6.60 -26.87 9.36
CA THR J 9 -6.52 -27.05 10.80
C THR J 9 -7.92 -27.05 11.38
N SER J 10 -8.02 -27.45 12.65
CA SER J 10 -9.32 -27.50 13.31
C SER J 10 -9.95 -26.11 13.41
N ARG J 11 -9.13 -25.09 13.71
CA ARG J 11 -9.66 -23.74 13.83
C ARG J 11 -10.27 -23.27 12.51
N GLY J 12 -9.60 -23.53 11.40
CA GLY J 12 -10.09 -23.13 10.10
C GLY J 12 -8.94 -22.93 9.14
N GLU J 13 -9.30 -22.53 7.92
CA GLU J 13 -8.31 -22.29 6.88
C GLU J 13 -7.39 -21.15 7.29
N ARG J 14 -6.11 -21.31 6.97
CA ARG J 14 -5.09 -20.31 7.29
C ARG J 14 -4.30 -19.99 6.03
N SER J 15 -3.94 -18.72 5.88
CA SER J 15 -3.20 -18.24 4.72
C SER J 15 -1.71 -18.14 5.04
N PHE J 16 -0.88 -18.74 4.18
CA PHE J 16 0.56 -18.72 4.36
C PHE J 16 1.22 -18.81 2.99
N ASP J 17 2.49 -18.43 2.95
CA ASP J 17 3.29 -18.50 1.74
C ASP J 17 4.13 -19.77 1.77
N ILE J 18 4.88 -20.01 0.71
CA ILE J 18 5.71 -21.22 0.65
C ILE J 18 6.77 -21.20 1.74
N TYR J 19 7.44 -20.06 1.92
CA TYR J 19 8.49 -19.97 2.92
C TYR J 19 7.91 -20.00 4.34
N SER J 20 6.78 -19.32 4.56
CA SER J 20 6.19 -19.29 5.90
C SER J 20 5.71 -20.67 6.32
N ARG J 21 5.14 -21.44 5.37
CA ARG J 21 4.64 -22.76 5.72
C ARG J 21 5.77 -23.65 6.24
N LEU J 22 6.92 -23.64 5.58
CA LEU J 22 8.04 -24.46 6.04
C LEU J 22 8.61 -23.94 7.35
N LEU J 23 8.58 -22.62 7.56
CA LEU J 23 9.10 -22.06 8.81
C LEU J 23 8.31 -22.56 10.01
N LYS J 24 7.00 -22.78 9.84
CA LYS J 24 6.19 -23.27 10.95
C LYS J 24 6.64 -24.65 11.41
N GLU J 25 7.31 -25.41 10.56
CA GLU J 25 7.80 -26.74 10.89
C GLU J 25 9.28 -26.73 11.26
N ARG J 26 9.80 -25.59 11.71
CA ARG J 26 11.20 -25.45 12.10
C ARG J 26 12.13 -25.69 10.92
N VAL J 27 11.93 -24.90 9.86
CA VAL J 27 12.73 -24.97 8.65
C VAL J 27 13.15 -23.55 8.28
N ILE J 28 14.44 -23.36 7.98
CA ILE J 28 14.98 -22.06 7.61
C ILE J 28 15.73 -22.21 6.29
N PHE J 29 15.78 -21.12 5.52
CA PHE J 29 16.45 -21.08 4.24
C PHE J 29 17.54 -20.03 4.25
N LEU J 30 18.67 -20.34 3.61
CA LEU J 30 19.82 -19.45 3.51
C LEU J 30 20.20 -19.38 2.03
N THR J 31 19.57 -18.46 1.31
CA THR J 31 19.80 -18.28 -0.12
C THR J 31 20.32 -16.87 -0.39
N GLY J 32 21.19 -16.77 -1.39
CA GLY J 32 21.78 -15.50 -1.76
C GLY J 32 23.05 -15.20 -0.99
N GLN J 33 23.80 -14.22 -1.51
CA GLN J 33 25.04 -13.83 -0.87
C GLN J 33 24.80 -13.39 0.56
N VAL J 34 25.66 -13.86 1.46
CA VAL J 34 25.52 -13.52 2.87
C VAL J 34 25.80 -12.03 3.07
N GLU J 35 24.93 -11.37 3.83
CA GLU J 35 25.07 -9.94 4.11
C GLU J 35 24.48 -9.68 5.48
N ASP J 36 24.48 -8.40 5.87
CA ASP J 36 23.96 -8.02 7.18
C ASP J 36 22.43 -8.15 7.24
N HIS J 37 21.75 -7.75 6.17
CA HIS J 37 20.29 -7.80 6.16
C HIS J 37 19.77 -9.23 6.19
N MET J 38 20.28 -10.08 5.28
CA MET J 38 19.81 -11.47 5.24
C MET J 38 20.25 -12.24 6.48
N ALA J 39 21.48 -11.99 6.95
CA ALA J 39 21.96 -12.70 8.13
C ALA J 39 21.10 -12.38 9.35
N ASN J 40 20.72 -11.12 9.52
CA ASN J 40 19.88 -10.75 10.65
C ASN J 40 18.53 -11.45 10.60
N LEU J 41 17.97 -11.58 9.39
CA LEU J 41 16.68 -12.26 9.26
C LEU J 41 16.77 -13.71 9.71
N ILE J 42 17.84 -14.40 9.34
CA ILE J 42 18.00 -15.80 9.73
C ILE J 42 18.10 -15.92 11.25
N VAL J 43 18.86 -15.02 11.89
CA VAL J 43 19.00 -15.07 13.34
C VAL J 43 17.64 -14.92 14.01
N ALA J 44 16.80 -14.03 13.49
CA ALA J 44 15.49 -13.83 14.08
C ALA J 44 14.65 -15.11 14.01
N GLN J 45 14.72 -15.82 12.88
CA GLN J 45 13.95 -17.06 12.76
C GLN J 45 14.38 -18.09 13.77
N MET J 46 15.70 -18.22 13.99
CA MET J 46 16.19 -19.20 14.95
C MET J 46 15.68 -18.91 16.36
N LEU J 47 15.70 -17.64 16.77
CA LEU J 47 15.24 -17.28 18.10
C LEU J 47 13.76 -17.59 18.27
N PHE J 48 12.94 -17.30 17.26
CA PHE J 48 11.51 -17.57 17.35
C PHE J 48 11.24 -19.06 17.52
N LEU J 49 11.93 -19.90 16.74
CA LEU J 49 11.71 -21.34 16.85
C LEU J 49 12.13 -21.86 18.22
N GLU J 50 13.22 -21.31 18.77
CA GLU J 50 13.69 -21.76 20.08
C GLU J 50 12.63 -21.51 21.15
N ALA J 51 12.01 -20.32 21.14
CA ALA J 51 11.00 -20.01 22.14
C ALA J 51 9.80 -20.94 22.01
N GLU J 52 9.37 -21.24 20.78
CA GLU J 52 8.22 -22.12 20.58
C GLU J 52 8.48 -23.50 21.17
N ASN J 53 9.65 -24.06 20.92
CA ASN J 53 10.00 -25.38 21.44
C ASN J 53 11.53 -25.49 21.57
N PRO J 54 12.07 -25.46 22.80
CA PRO J 54 13.52 -25.55 22.97
C PRO J 54 14.10 -26.95 22.83
N GLU J 55 13.34 -27.92 22.31
CA GLU J 55 13.82 -29.29 22.16
C GLU J 55 13.80 -29.77 20.71
N LYS J 56 12.80 -29.37 19.93
CA LYS J 56 12.73 -29.82 18.54
C LYS J 56 13.88 -29.23 17.72
N ASP J 57 14.42 -30.04 16.83
CA ASP J 57 15.53 -29.60 15.99
C ASP J 57 15.09 -28.53 15.02
N ILE J 58 16.01 -27.63 14.69
CA ILE J 58 15.78 -26.53 13.77
C ILE J 58 16.62 -26.78 12.52
N TYR J 59 15.97 -27.01 11.38
CA TYR J 59 16.67 -27.26 10.14
C TYR J 59 17.08 -25.96 9.48
N LEU J 60 18.13 -26.04 8.66
CA LEU J 60 18.66 -24.87 7.95
C LEU J 60 19.35 -25.35 6.68
N TYR J 61 18.81 -24.95 5.53
CA TYR J 61 19.38 -25.33 4.24
C TYR J 61 20.34 -24.23 3.79
N ILE J 62 21.58 -24.62 3.52
CA ILE J 62 22.62 -23.68 3.10
C ILE J 62 22.81 -23.82 1.59
N ASN J 63 22.55 -22.75 0.86
CA ASN J 63 22.71 -22.74 -0.61
C ASN J 63 23.10 -21.32 -1.01
N SER J 64 24.40 -21.07 -1.05
CA SER J 64 24.92 -19.76 -1.42
C SER J 64 26.44 -19.80 -1.59
N PRO J 65 27.01 -18.98 -2.47
CA PRO J 65 28.47 -18.98 -2.64
C PRO J 65 29.23 -18.32 -1.49
N GLY J 66 28.55 -17.62 -0.60
CA GLY J 66 29.16 -16.95 0.53
C GLY J 66 28.83 -15.47 0.54
N GLY J 67 29.54 -14.75 1.41
CA GLY J 67 29.35 -13.33 1.54
C GLY J 67 30.24 -12.70 2.59
N VAL J 68 29.70 -11.71 3.32
CA VAL J 68 30.49 -11.03 4.34
C VAL J 68 30.79 -11.99 5.47
N ILE J 69 32.07 -12.05 5.88
CA ILE J 69 32.47 -12.96 6.95
C ILE J 69 31.84 -12.53 8.27
N THR J 70 31.83 -11.22 8.56
CA THR J 70 31.27 -10.76 9.82
C THR J 70 29.79 -11.14 9.94
N ALA J 71 29.03 -10.99 8.86
CA ALA J 71 27.62 -11.34 8.91
C ALA J 71 27.45 -12.83 9.17
N GLY J 72 28.33 -13.66 8.61
CA GLY J 72 28.22 -15.09 8.82
C GLY J 72 28.50 -15.51 10.25
N MET J 73 29.42 -14.82 10.93
CA MET J 73 29.75 -15.19 12.30
C MET J 73 28.54 -15.06 13.23
N SER J 74 27.67 -14.09 12.98
CA SER J 74 26.49 -13.93 13.85
C SER J 74 25.61 -15.17 13.79
N ILE J 75 25.41 -15.73 12.60
CA ILE J 75 24.58 -16.93 12.47
C ILE J 75 25.23 -18.09 13.22
N TYR J 76 26.55 -18.23 13.12
CA TYR J 76 27.24 -19.32 13.80
C TYR J 76 27.04 -19.24 15.31
N ASP J 77 27.16 -18.04 15.88
CA ASP J 77 26.99 -17.90 17.32
C ASP J 77 25.58 -18.27 17.75
N THR J 78 24.57 -17.86 16.98
CA THR J 78 23.19 -18.19 17.32
C THR J 78 22.97 -19.69 17.32
N MET J 79 23.54 -20.39 16.34
CA MET J 79 23.37 -21.84 16.27
C MET J 79 23.97 -22.53 17.50
N GLN J 80 25.14 -22.07 17.93
CA GLN J 80 25.81 -22.66 19.08
C GLN J 80 25.27 -22.17 20.42
N PHE J 81 24.40 -21.15 20.42
CA PHE J 81 23.83 -20.61 21.64
C PHE J 81 22.46 -21.20 21.96
N ILE J 82 21.58 -21.29 20.96
CA ILE J 82 20.24 -21.84 21.18
C ILE J 82 20.35 -23.30 21.56
N LYS J 83 19.59 -23.70 22.59
CA LYS J 83 19.62 -25.09 23.04
C LYS J 83 19.26 -26.08 21.94
N PRO J 84 18.24 -25.86 21.11
CA PRO J 84 17.92 -26.84 20.06
C PRO J 84 19.10 -27.04 19.11
N ASP J 85 19.29 -28.29 18.70
CA ASP J 85 20.37 -28.63 17.77
C ASP J 85 19.98 -28.19 16.37
N VAL J 86 20.87 -27.49 15.69
CA VAL J 86 20.64 -26.99 14.35
C VAL J 86 21.17 -28.01 13.34
N SER J 87 20.28 -28.50 12.49
CA SER J 87 20.64 -29.46 11.44
C SER J 87 20.84 -28.69 10.15
N THR J 88 22.03 -28.80 9.58
CA THR J 88 22.39 -28.11 8.35
C THR J 88 22.47 -29.09 7.20
N ILE J 89 21.78 -28.78 6.10
CA ILE J 89 21.77 -29.61 4.90
C ILE J 89 22.20 -28.73 3.73
N CYS J 90 23.22 -29.19 3.01
CA CYS J 90 23.74 -28.45 1.86
C CYS J 90 22.98 -28.80 0.61
N MET J 91 22.46 -27.78 -0.07
CA MET J 91 21.70 -27.96 -1.31
C MET J 91 22.31 -27.08 -2.39
N GLY J 92 22.66 -27.68 -3.51
CA GLY J 92 23.25 -26.95 -4.62
C GLY J 92 24.73 -26.71 -4.43
N GLN J 93 25.09 -25.76 -3.56
CA GLN J 93 26.48 -25.45 -3.30
C GLN J 93 26.60 -24.73 -1.96
N ALA J 94 27.80 -24.80 -1.40
CA ALA J 94 28.10 -24.15 -0.12
C ALA J 94 29.58 -23.80 -0.13
N ALA J 95 29.89 -22.56 -0.47
CA ALA J 95 31.26 -22.09 -0.56
C ALA J 95 31.47 -20.86 0.31
N SER J 96 32.72 -20.65 0.72
CA SER J 96 33.12 -19.52 1.55
C SER J 96 32.37 -19.62 2.88
N MET J 97 31.57 -18.63 3.26
CA MET J 97 30.86 -18.71 4.54
C MET J 97 29.87 -19.87 4.55
N GLY J 98 29.33 -20.25 3.39
CA GLY J 98 28.40 -21.35 3.35
C GLY J 98 29.00 -22.65 3.84
N ALA J 99 30.24 -22.93 3.43
CA ALA J 99 30.90 -24.16 3.87
C ALA J 99 31.12 -24.15 5.38
N PHE J 100 31.52 -23.01 5.93
CA PHE J 100 31.76 -22.92 7.37
C PHE J 100 30.49 -23.23 8.16
N LEU J 101 29.36 -22.68 7.74
CA LEU J 101 28.11 -22.94 8.44
C LEU J 101 27.66 -24.38 8.28
N LEU J 102 28.01 -25.01 7.16
CA LEU J 102 27.62 -26.40 6.94
C LEU J 102 28.23 -27.32 7.99
N THR J 103 29.51 -27.11 8.32
CA THR J 103 30.18 -27.93 9.33
C THR J 103 29.91 -27.46 10.74
N ALA J 104 29.23 -26.32 10.91
CA ALA J 104 28.92 -25.79 12.24
C ALA J 104 27.69 -26.43 12.86
N GLY J 105 26.98 -27.28 12.14
CA GLY J 105 25.80 -27.91 12.67
C GLY J 105 26.13 -28.92 13.75
N ALA J 106 25.09 -29.33 14.48
CA ALA J 106 25.26 -30.30 15.55
C ALA J 106 25.86 -31.59 15.02
N LYS J 107 26.81 -32.14 15.78
CA LYS J 107 27.47 -33.37 15.36
C LYS J 107 26.45 -34.49 15.22
N GLY J 108 26.60 -35.27 14.15
CA GLY J 108 25.69 -36.37 13.88
C GLY J 108 24.41 -35.99 13.17
N LYS J 109 24.23 -34.71 12.82
CA LYS J 109 23.03 -34.26 12.14
C LYS J 109 23.33 -33.47 10.87
N ARG J 110 24.57 -33.50 10.38
CA ARG J 110 24.94 -32.79 9.18
C ARG J 110 24.74 -33.70 7.96
N PHE J 111 24.03 -33.20 6.96
CA PHE J 111 23.75 -33.95 5.75
C PHE J 111 24.01 -33.07 4.53
N CYS J 112 24.03 -33.72 3.36
CA CYS J 112 24.26 -33.03 2.11
C CYS J 112 23.69 -33.86 0.97
N LEU J 113 23.31 -33.19 -0.11
CA LEU J 113 22.75 -33.87 -1.26
C LEU J 113 23.86 -34.62 -2.00
N PRO J 114 23.49 -35.68 -2.74
CA PRO J 114 24.53 -36.44 -3.47
C PRO J 114 25.32 -35.60 -4.47
N ASN J 115 24.70 -34.60 -5.08
CA ASN J 115 25.37 -33.76 -6.06
C ASN J 115 25.80 -32.42 -5.48
N SER J 116 25.69 -32.23 -4.17
CA SER J 116 26.10 -30.98 -3.57
C SER J 116 27.62 -30.84 -3.60
N ARG J 117 28.09 -29.58 -3.63
CA ARG J 117 29.51 -29.27 -3.66
C ARG J 117 29.83 -28.26 -2.58
N VAL J 118 30.98 -28.43 -1.93
CA VAL J 118 31.43 -27.55 -0.86
C VAL J 118 32.83 -27.07 -1.19
N MET J 119 33.05 -25.76 -1.08
CA MET J 119 34.34 -25.15 -1.35
C MET J 119 34.78 -24.36 -0.14
N ILE J 120 36.07 -24.47 0.21
CA ILE J 120 36.64 -23.78 1.36
C ILE J 120 37.86 -23.00 0.90
N HIS J 121 37.97 -21.76 1.39
CA HIS J 121 39.09 -20.90 1.03
C HIS J 121 39.37 -19.95 2.19
N GLN J 122 40.55 -19.35 2.17
CA GLN J 122 40.94 -18.42 3.22
C GLN J 122 40.16 -17.11 3.11
N PRO J 123 40.09 -16.34 4.19
CA PRO J 123 39.36 -15.08 4.16
C PRO J 123 39.89 -14.13 3.09
N LEU J 124 38.98 -13.34 2.53
CA LEU J 124 39.29 -12.36 1.51
C LEU J 124 38.97 -10.97 2.03
N GLY J 125 39.90 -10.04 1.86
CA GLY J 125 39.72 -8.67 2.32
C GLY J 125 40.56 -7.72 1.51
N GLY J 126 40.92 -6.60 2.13
CA GLY J 126 41.73 -5.59 1.47
C GLY J 126 41.43 -4.19 1.98
N TYR J 127 42.48 -3.40 2.21
CA TYR J 127 42.33 -2.03 2.69
C TYR J 127 43.32 -1.13 1.99
N GLN J 128 42.94 0.14 1.85
CA GLN J 128 43.77 1.15 1.20
C GLN J 128 43.84 2.38 2.08
N GLY J 129 45.03 2.97 2.16
CA GLY J 129 45.24 4.16 2.98
C GLY J 129 46.70 4.30 3.35
N GLN J 130 46.92 4.92 4.52
CA GLN J 130 48.28 5.14 5.01
C GLN J 130 48.92 3.81 5.40
N ALA J 131 50.25 3.84 5.53
CA ALA J 131 50.97 2.63 5.90
C ALA J 131 50.55 2.11 7.26
N THR J 132 50.40 3.02 8.24
CA THR J 132 50.00 2.59 9.58
C THR J 132 48.63 1.92 9.56
N ASP J 133 47.67 2.51 8.84
CA ASP J 133 46.33 1.92 8.77
C ASP J 133 46.36 0.56 8.09
N ILE J 134 47.15 0.42 7.03
CA ILE J 134 47.23 -0.85 6.31
C ILE J 134 47.75 -1.94 7.23
N GLU J 135 48.71 -1.60 8.11
CA GLU J 135 49.25 -2.60 9.02
C GLU J 135 48.19 -3.10 9.99
N ILE J 136 47.36 -2.19 10.50
CA ILE J 136 46.31 -2.59 11.45
C ILE J 136 45.31 -3.52 10.78
N HIS J 137 44.89 -3.18 9.57
CA HIS J 137 43.92 -4.01 8.85
C HIS J 137 44.52 -5.37 8.51
N ALA J 138 45.82 -5.40 8.16
CA ALA J 138 46.46 -6.67 7.84
C ALA J 138 46.45 -7.60 9.04
N ARG J 139 46.71 -7.07 10.23
CA ARG J 139 46.70 -7.90 11.43
C ARG J 139 45.29 -8.39 11.74
N GLU J 140 44.28 -7.55 11.50
CA GLU J 140 42.91 -7.94 11.78
C GLU J 140 42.48 -9.13 10.91
N ILE J 141 42.76 -9.06 9.61
CA ILE J 141 42.36 -10.15 8.72
C ILE J 141 43.12 -11.43 9.07
N LEU J 142 44.39 -11.30 9.45
CA LEU J 142 45.15 -12.49 9.81
C LEU J 142 44.57 -13.18 11.04
N LYS J 143 44.15 -12.39 12.03
CA LYS J 143 43.55 -12.97 13.24
C LYS J 143 42.26 -13.70 12.89
N VAL J 144 41.44 -13.13 12.02
CA VAL J 144 40.20 -13.79 11.63
C VAL J 144 40.48 -15.11 10.94
N LYS J 145 41.54 -15.16 10.13
CA LYS J 145 41.89 -16.39 9.44
C LYS J 145 42.23 -17.49 10.43
N GLY J 146 43.00 -17.16 11.47
CA GLY J 146 43.35 -18.17 12.46
C GLY J 146 42.15 -18.68 13.23
N ARG J 147 41.25 -17.78 13.63
CA ARG J 147 40.07 -18.19 14.37
C ARG J 147 39.19 -19.11 13.53
N MET J 148 39.00 -18.78 12.26
CA MET J 148 38.17 -19.61 11.39
C MET J 148 38.77 -21.00 11.24
N ASN J 149 40.09 -21.09 11.09
CA ASN J 149 40.73 -22.40 10.93
C ASN J 149 40.53 -23.26 12.18
N GLU J 150 40.64 -22.66 13.37
CA GLU J 150 40.47 -23.43 14.60
C GLU J 150 39.05 -23.98 14.69
N LEU J 151 38.05 -23.17 14.35
CA LEU J 151 36.66 -23.62 14.42
C LEU J 151 36.41 -24.75 13.44
N MET J 152 36.98 -24.64 12.23
CA MET J 152 36.79 -25.69 11.23
C MET J 152 37.35 -27.02 11.72
N ALA J 153 38.53 -27.00 12.33
CA ALA J 153 39.13 -28.24 12.82
C ALA J 153 38.33 -28.83 13.97
N LEU J 154 37.63 -28.00 14.74
CA LEU J 154 36.85 -28.50 15.87
C LEU J 154 35.70 -29.38 15.39
N HIS J 155 35.02 -28.99 14.32
CA HIS J 155 33.89 -29.77 13.82
C HIS J 155 34.35 -30.93 12.94
N THR J 156 35.12 -30.64 11.89
CA THR J 156 35.58 -31.70 10.99
C THR J 156 36.47 -32.71 11.71
N GLY J 157 37.10 -32.34 12.82
CA GLY J 157 37.98 -33.23 13.54
C GLY J 157 39.39 -33.30 13.02
N GLN J 158 39.72 -32.58 11.96
CA GLN J 158 41.06 -32.59 11.41
C GLN J 158 42.00 -31.76 12.28
N SER J 159 43.28 -31.80 11.93
CA SER J 159 44.29 -31.04 12.65
C SER J 159 44.30 -29.59 12.18
N LEU J 160 44.79 -28.70 13.06
CA LEU J 160 44.86 -27.29 12.71
C LEU J 160 45.79 -27.05 11.52
N GLU J 161 46.93 -27.74 11.50
CA GLU J 161 47.87 -27.57 10.38
C GLU J 161 47.25 -28.02 9.07
N GLN J 162 46.50 -29.13 9.09
CA GLN J 162 45.88 -29.62 7.86
C GLN J 162 44.88 -28.60 7.31
N ILE J 163 44.09 -27.97 8.18
CA ILE J 163 43.12 -26.98 7.72
C ILE J 163 43.81 -25.80 7.08
N GLU J 164 44.88 -25.31 7.70
CA GLU J 164 45.58 -24.15 7.17
C GLU J 164 46.12 -24.42 5.76
N ARG J 165 46.73 -25.58 5.56
CA ARG J 165 47.28 -25.90 4.24
C ARG J 165 46.19 -26.02 3.20
N ASP J 166 45.05 -26.61 3.56
CA ASP J 166 43.96 -26.78 2.60
C ASP J 166 43.24 -25.47 2.30
N THR J 167 43.35 -24.47 3.17
CA THR J 167 42.68 -23.19 2.97
C THR J 167 43.56 -22.18 2.22
N GLU J 168 44.81 -22.54 1.90
CA GLU J 168 45.67 -21.60 1.19
C GLU J 168 45.08 -21.23 -0.16
N ARG J 169 44.31 -22.13 -0.77
CA ARG J 169 43.70 -21.88 -2.07
C ARG J 169 42.35 -22.58 -2.11
N ASP J 170 41.52 -22.16 -3.07
CA ASP J 170 40.20 -22.76 -3.22
C ASP J 170 40.31 -24.26 -3.42
N ARG J 171 39.49 -25.01 -2.69
CA ARG J 171 39.48 -26.48 -2.76
C ARG J 171 38.04 -26.93 -2.95
N PHE J 172 37.77 -27.64 -4.03
CA PHE J 172 36.44 -28.15 -4.34
C PHE J 172 36.37 -29.62 -3.95
N LEU J 173 35.38 -29.96 -3.12
CA LEU J 173 35.18 -31.33 -2.67
C LEU J 173 33.73 -31.73 -2.93
N SER J 174 33.55 -32.89 -3.54
CA SER J 174 32.22 -33.40 -3.83
C SER J 174 31.56 -33.91 -2.55
N ALA J 175 30.29 -34.31 -2.67
CA ALA J 175 29.58 -34.81 -1.50
C ALA J 175 30.26 -36.02 -0.90
N PRO J 176 30.65 -37.05 -1.66
CA PRO J 176 31.34 -38.19 -1.04
C PRO J 176 32.61 -37.81 -0.31
N GLU J 177 33.36 -36.84 -0.85
CA GLU J 177 34.59 -36.41 -0.21
C GLU J 177 34.33 -35.59 1.04
N ALA J 178 33.19 -34.91 1.11
CA ALA J 178 32.88 -34.09 2.28
C ALA J 178 32.74 -34.96 3.53
N VAL J 179 32.12 -36.13 3.39
CA VAL J 179 31.93 -37.01 4.55
C VAL J 179 33.27 -37.43 5.12
N GLU J 180 34.21 -37.83 4.25
CA GLU J 180 35.52 -38.26 4.72
C GLU J 180 36.28 -37.11 5.37
N TYR J 181 36.19 -35.92 4.77
CA TYR J 181 36.89 -34.77 5.32
C TYR J 181 36.38 -34.39 6.71
N GLY J 182 35.09 -34.60 6.95
CA GLY J 182 34.48 -34.27 8.23
C GLY J 182 33.49 -33.13 8.19
N LEU J 183 33.32 -32.47 7.04
CA LEU J 183 32.38 -31.36 6.96
C LEU J 183 30.96 -31.84 7.22
N VAL J 184 30.59 -33.00 6.68
CA VAL J 184 29.26 -33.57 6.84
C VAL J 184 29.41 -34.98 7.40
N ASP J 185 28.26 -35.57 7.77
CA ASP J 185 28.22 -36.91 8.34
C ASP J 185 27.78 -37.97 7.34
N SER J 186 26.66 -37.76 6.66
CA SER J 186 26.14 -38.70 5.68
C SER J 186 25.58 -37.94 4.50
N ILE J 187 25.09 -38.68 3.51
CA ILE J 187 24.51 -38.13 2.29
C ILE J 187 23.08 -38.65 2.16
N LEU J 188 22.14 -37.74 1.92
CA LEU J 188 20.73 -38.08 1.76
C LEU J 188 20.45 -38.26 0.28
N THR J 189 20.46 -39.50 -0.19
CA THR J 189 20.21 -39.81 -1.60
C THR J 189 18.72 -40.00 -1.87
N HIS J 190 18.10 -40.94 -1.16
CA HIS J 190 16.68 -41.22 -1.31
C HIS J 190 16.04 -41.36 0.06
N ARG J 191 14.74 -41.09 0.12
CA ARG J 191 14.00 -41.18 1.37
C ARG J 191 13.68 -42.64 1.68
N ASN J 192 14.06 -43.09 2.87
CA ASN J 192 13.83 -44.46 3.30
C ASN J 192 12.88 -44.50 4.49
N LEU K 1 11.97 -11.42 1.38
CA LEU K 1 10.70 -11.80 1.98
C LEU K 1 10.84 -11.93 3.49
N VAL K 2 9.83 -11.47 4.22
CA VAL K 2 9.79 -11.52 5.67
C VAL K 2 8.79 -12.60 6.07
N PRO K 3 9.24 -13.73 6.65
CA PRO K 3 8.28 -14.76 7.04
C PRO K 3 7.26 -14.24 8.05
N MET K 4 6.04 -14.75 7.93
CA MET K 4 4.95 -14.36 8.81
C MET K 4 4.69 -15.45 9.83
N VAL K 5 4.82 -15.12 11.11
CA VAL K 5 4.59 -16.06 12.19
C VAL K 5 3.23 -15.77 12.81
N ILE K 6 2.71 -16.74 13.55
CA ILE K 6 1.41 -16.64 14.20
C ILE K 6 1.60 -16.87 15.69
N GLU K 7 1.02 -16.00 16.51
CA GLU K 7 1.09 -16.08 17.96
C GLU K 7 -0.27 -16.50 18.49
N GLN K 8 -0.29 -17.54 19.32
CA GLN K 8 -1.53 -18.06 19.91
C GLN K 8 -1.81 -17.31 21.21
N THR K 9 -2.84 -16.48 21.21
CA THR K 9 -3.25 -15.70 22.37
C THR K 9 -4.64 -16.14 22.81
N SER K 10 -5.07 -15.58 23.94
CA SER K 10 -6.38 -15.92 24.48
C SER K 10 -7.50 -15.52 23.53
N ARG K 11 -7.41 -14.32 22.94
CA ARG K 11 -8.46 -13.86 22.03
C ARG K 11 -8.53 -14.74 20.79
N GLY K 12 -7.39 -15.07 20.20
CA GLY K 12 -7.38 -15.90 19.01
C GLY K 12 -6.09 -15.73 18.24
N GLU K 13 -6.04 -16.38 17.08
CA GLU K 13 -4.86 -16.30 16.23
C GLU K 13 -4.58 -14.87 15.81
N ARG K 14 -3.31 -14.48 15.87
CA ARG K 14 -2.87 -13.15 15.50
C ARG K 14 -1.77 -13.25 14.45
N SER K 15 -1.82 -12.38 13.46
CA SER K 15 -0.84 -12.36 12.37
C SER K 15 0.25 -11.34 12.64
N PHE K 16 1.49 -11.77 12.50
CA PHE K 16 2.66 -10.91 12.72
C PHE K 16 3.80 -11.41 11.85
N ASP K 17 4.79 -10.54 11.66
CA ASP K 17 5.98 -10.88 10.90
C ASP K 17 7.08 -11.28 11.88
N ILE K 18 8.25 -11.65 11.34
CA ILE K 18 9.34 -12.08 12.20
C ILE K 18 9.82 -10.92 13.08
N TYR K 19 9.95 -9.73 12.49
CA TYR K 19 10.42 -8.58 13.27
C TYR K 19 9.36 -8.10 14.25
N SER K 20 8.10 -8.08 13.84
CA SER K 20 7.03 -7.61 14.73
C SER K 20 6.86 -8.55 15.92
N ARG K 21 6.98 -9.86 15.70
CA ARG K 21 6.81 -10.82 16.79
C ARG K 21 7.83 -10.57 17.89
N LEU K 22 9.09 -10.35 17.51
CA LEU K 22 10.12 -10.09 18.52
C LEU K 22 9.94 -8.71 19.15
N LEU K 23 9.45 -7.74 18.39
CA LEU K 23 9.24 -6.40 18.94
C LEU K 23 8.22 -6.42 20.07
N LYS K 24 7.20 -7.29 19.97
CA LYS K 24 6.20 -7.38 21.03
C LYS K 24 6.81 -7.82 22.35
N GLU K 25 7.97 -8.48 22.31
CA GLU K 25 8.66 -8.94 23.50
C GLU K 25 9.79 -8.00 23.91
N ARG K 26 9.71 -6.73 23.51
CA ARG K 26 10.71 -5.73 23.85
C ARG K 26 12.07 -6.07 23.24
N VAL K 27 12.08 -6.21 21.91
CA VAL K 27 13.27 -6.53 21.15
C VAL K 27 13.35 -5.56 19.98
N ILE K 28 14.53 -4.98 19.77
CA ILE K 28 14.77 -4.02 18.70
C ILE K 28 16.01 -4.45 17.93
N PHE K 29 15.97 -4.28 16.61
CA PHE K 29 17.07 -4.64 15.73
C PHE K 29 17.67 -3.40 15.08
N LEU K 30 18.99 -3.35 15.04
CA LEU K 30 19.75 -2.23 14.46
C LEU K 30 20.65 -2.83 13.38
N THR K 31 20.13 -2.92 12.16
CA THR K 31 20.85 -3.47 11.03
C THR K 31 20.98 -2.42 9.93
N GLY K 32 22.12 -2.47 9.24
CA GLY K 32 22.39 -1.54 8.17
C GLY K 32 23.10 -0.27 8.65
N GLN K 33 23.65 0.46 7.69
CA GLN K 33 24.35 1.69 8.01
C GLN K 33 23.41 2.67 8.73
N VAL K 34 23.93 3.30 9.78
CA VAL K 34 23.14 4.25 10.54
C VAL K 34 22.84 5.48 9.69
N GLU K 35 21.59 5.91 9.68
CA GLU K 35 21.15 7.07 8.92
C GLU K 35 20.00 7.72 9.66
N ASP K 36 19.47 8.80 9.08
CA ASP K 36 18.36 9.51 9.71
C ASP K 36 17.07 8.71 9.68
N HIS K 37 16.80 8.04 8.55
CA HIS K 37 15.56 7.27 8.44
C HIS K 37 15.53 6.08 9.38
N MET K 38 16.58 5.26 9.37
CA MET K 38 16.61 4.08 10.23
C MET K 38 16.73 4.48 11.70
N ALA K 39 17.52 5.51 12.00
CA ALA K 39 17.69 5.94 13.39
C ALA K 39 16.36 6.41 13.98
N ASN K 40 15.58 7.16 13.20
CA ASN K 40 14.29 7.63 13.70
C ASN K 40 13.36 6.46 14.00
N LEU K 41 13.40 5.42 13.17
CA LEU K 41 12.55 4.26 13.38
C LEU K 41 12.87 3.59 14.72
N ILE K 42 14.16 3.45 15.03
CA ILE K 42 14.55 2.81 16.29
C ILE K 42 14.07 3.64 17.48
N VAL K 43 14.20 4.96 17.41
CA VAL K 43 13.77 5.81 18.51
C VAL K 43 12.28 5.63 18.76
N ALA K 44 11.49 5.51 17.70
CA ALA K 44 10.05 5.33 17.87
C ALA K 44 9.74 4.04 18.62
N GLN K 45 10.46 2.96 18.29
CA GLN K 45 10.21 1.69 18.96
C GLN K 45 10.50 1.78 20.45
N MET K 46 11.58 2.47 20.83
CA MET K 46 11.91 2.59 22.24
C MET K 46 10.81 3.32 23.01
N LEU K 47 10.27 4.39 22.43
CA LEU K 47 9.23 5.15 23.11
C LEU K 47 7.97 4.29 23.31
N PHE K 48 7.60 3.50 22.30
CA PHE K 48 6.42 2.66 22.41
C PHE K 48 6.57 1.64 23.53
N LEU K 49 7.75 1.01 23.62
CA LEU K 49 7.96 0.01 24.67
C LEU K 49 7.91 0.63 26.06
N GLU K 50 8.45 1.84 26.21
CA GLU K 50 8.44 2.49 27.52
C GLU K 50 7.02 2.71 28.02
N ALA K 51 6.13 3.19 27.15
CA ALA K 51 4.75 3.43 27.56
C ALA K 51 4.04 2.14 27.93
N GLU K 52 4.28 1.07 27.17
CA GLU K 52 3.62 -0.20 27.46
C GLU K 52 4.02 -0.72 28.84
N ASN K 53 5.31 -0.68 29.16
CA ASN K 53 5.80 -1.14 30.46
C ASN K 53 7.08 -0.38 30.77
N PRO K 54 7.04 0.60 31.68
CA PRO K 54 8.25 1.37 32.02
C PRO K 54 9.24 0.65 32.92
N GLU K 55 9.09 -0.65 33.14
CA GLU K 55 9.99 -1.42 34.00
C GLU K 55 10.73 -2.51 33.27
N LYS K 56 10.07 -3.24 32.38
CA LYS K 56 10.72 -4.32 31.66
C LYS K 56 11.86 -3.79 30.79
N ASP K 57 12.96 -4.53 30.74
CA ASP K 57 14.11 -4.12 29.95
C ASP K 57 13.79 -4.17 28.46
N ILE K 58 14.48 -3.32 27.69
CA ILE K 58 14.31 -3.23 26.25
C ILE K 58 15.62 -3.66 25.61
N TYR K 59 15.59 -4.77 24.89
CA TYR K 59 16.77 -5.28 24.23
C TYR K 59 17.02 -4.54 22.93
N LEU K 60 18.28 -4.57 22.48
CA LEU K 60 18.66 -3.88 21.24
C LEU K 60 19.93 -4.55 20.71
N TYR K 61 19.79 -5.29 19.61
CA TYR K 61 20.92 -5.98 18.99
C TYR K 61 21.58 -5.03 17.99
N ILE K 62 22.86 -4.75 18.20
CA ILE K 62 23.61 -3.84 17.35
C ILE K 62 24.47 -4.69 16.40
N ASN K 63 24.19 -4.56 15.10
CA ASN K 63 24.91 -5.29 14.06
C ASN K 63 24.99 -4.37 12.84
N SER K 64 26.04 -3.55 12.78
CA SER K 64 26.23 -2.62 11.69
C SER K 64 27.62 -1.98 11.74
N PRO K 65 28.20 -1.62 10.60
CA PRO K 65 29.52 -0.99 10.60
C PRO K 65 29.51 0.47 11.05
N GLY K 66 28.34 1.07 11.18
CA GLY K 66 28.21 2.46 11.60
C GLY K 66 27.53 3.30 10.53
N GLY K 67 27.51 4.60 10.78
CA GLY K 67 26.90 5.53 9.84
C GLY K 67 27.06 6.98 10.25
N VAL K 68 26.04 7.79 10.01
CA VAL K 68 26.10 9.21 10.35
C VAL K 68 26.18 9.36 11.87
N ILE K 69 27.13 10.19 12.32
CA ILE K 69 27.30 10.40 13.76
C ILE K 69 26.08 11.10 14.35
N THR K 70 25.57 12.13 13.67
CA THR K 70 24.41 12.85 14.19
C THR K 70 23.22 11.92 14.35
N ALA K 71 22.97 11.05 13.37
CA ALA K 71 21.85 10.13 13.48
C ALA K 71 21.99 9.20 14.67
N GLY K 72 23.22 8.73 14.93
CA GLY K 72 23.43 7.84 16.06
C GLY K 72 23.21 8.48 17.41
N MET K 73 23.57 9.77 17.54
CA MET K 73 23.39 10.46 18.82
C MET K 73 21.94 10.46 19.27
N SER K 74 20.99 10.47 18.32
CA SER K 74 19.58 10.48 18.70
C SER K 74 19.22 9.21 19.46
N ILE K 75 19.73 8.06 19.01
CA ILE K 75 19.43 6.80 19.68
C ILE K 75 20.06 6.78 21.07
N TYR K 76 21.27 7.32 21.20
CA TYR K 76 21.92 7.33 22.51
C TYR K 76 21.12 8.12 23.53
N ASP K 77 20.62 9.29 23.14
CA ASP K 77 19.84 10.11 24.07
C ASP K 77 18.56 9.39 24.50
N THR K 78 17.89 8.72 23.56
CA THR K 78 16.66 8.02 23.90
C THR K 78 16.93 6.91 24.91
N MET K 79 18.04 6.18 24.73
CA MET K 79 18.36 5.10 25.66
C MET K 79 18.59 5.63 27.07
N GLN K 80 19.27 6.76 27.19
CA GLN K 80 19.57 7.34 28.49
C GLN K 80 18.40 8.14 29.08
N PHE K 81 17.33 8.34 28.31
CA PHE K 81 16.17 9.09 28.79
C PHE K 81 15.05 8.19 29.27
N ILE K 82 14.70 7.17 28.49
CA ILE K 82 13.62 6.26 28.90
C ILE K 82 14.00 5.55 30.18
N LYS K 83 13.05 5.47 31.10
CA LYS K 83 13.31 4.81 32.37
C LYS K 83 13.76 3.36 32.22
N PRO K 84 13.15 2.54 31.37
CA PRO K 84 13.62 1.15 31.24
C PRO K 84 15.07 1.08 30.80
N ASP K 85 15.80 0.13 31.37
CA ASP K 85 17.20 -0.06 31.04
C ASP K 85 17.32 -0.74 29.68
N VAL K 86 18.15 -0.19 28.81
CA VAL K 86 18.33 -0.73 27.47
C VAL K 86 19.52 -1.69 27.49
N SER K 87 19.25 -2.96 27.16
CA SER K 87 20.28 -3.98 27.10
C SER K 87 20.75 -4.11 25.66
N THR K 88 22.04 -3.88 25.44
CA THR K 88 22.64 -3.94 24.11
C THR K 88 23.50 -5.19 23.98
N ILE K 89 23.27 -5.95 22.91
CA ILE K 89 24.00 -7.17 22.62
C ILE K 89 24.59 -7.04 21.22
N CYS K 90 25.90 -7.21 21.12
CA CYS K 90 26.60 -7.10 19.84
C CYS K 90 26.55 -8.42 19.09
N MET K 91 26.07 -8.38 17.85
CA MET K 91 25.97 -9.55 17.00
C MET K 91 26.67 -9.26 15.68
N GLY K 92 27.60 -10.13 15.29
CA GLY K 92 28.32 -9.96 14.05
C GLY K 92 29.46 -8.96 14.16
N GLN K 93 29.13 -7.68 14.20
CA GLN K 93 30.14 -6.62 14.31
C GLN K 93 29.48 -5.35 14.81
N ALA K 94 30.30 -4.46 15.34
CA ALA K 94 29.85 -3.16 15.86
C ALA K 94 31.01 -2.20 15.74
N ALA K 95 31.04 -1.42 14.66
CA ALA K 95 32.10 -0.47 14.41
C ALA K 95 31.54 0.93 14.22
N SER K 96 32.40 1.92 14.48
CA SER K 96 32.05 3.34 14.37
C SER K 96 30.89 3.63 15.31
N MET K 97 29.74 4.11 14.83
CA MET K 97 28.63 4.40 15.73
C MET K 97 28.14 3.14 16.44
N GLY K 98 28.26 1.98 15.80
CA GLY K 98 27.80 0.75 16.44
C GLY K 98 28.53 0.47 17.73
N ALA K 99 29.84 0.68 17.75
CA ALA K 99 30.61 0.44 18.97
C ALA K 99 30.19 1.39 20.08
N PHE K 100 29.95 2.66 19.75
CA PHE K 100 29.55 3.64 20.75
C PHE K 100 28.23 3.24 21.40
N LEU K 101 27.26 2.80 20.60
CA LEU K 101 25.97 2.40 21.16
C LEU K 101 26.09 1.13 21.99
N LEU K 102 27.05 0.26 21.66
CA LEU K 102 27.23 -0.97 22.42
C LEU K 102 27.59 -0.68 23.87
N THR K 103 28.49 0.29 24.09
CA THR K 103 28.89 0.64 25.44
C THR K 103 27.93 1.61 26.11
N ALA K 104 26.93 2.11 25.39
CA ALA K 104 25.95 3.04 25.94
C ALA K 104 24.83 2.35 26.69
N GLY K 105 24.79 1.02 26.69
CA GLY K 105 23.75 0.31 27.40
C GLY K 105 23.89 0.41 28.91
N ALA K 106 22.84 0.01 29.60
CA ALA K 106 22.84 0.05 31.05
C ALA K 106 23.97 -0.79 31.61
N LYS K 107 24.65 -0.26 32.63
CA LYS K 107 25.77 -0.97 33.24
C LYS K 107 25.30 -2.31 33.80
N GLY K 108 26.10 -3.34 33.58
CA GLY K 108 25.79 -4.67 34.05
C GLY K 108 24.86 -5.46 33.16
N LYS K 109 24.44 -4.90 32.02
CA LYS K 109 23.54 -5.59 31.09
C LYS K 109 24.08 -5.62 29.67
N ARG K 110 25.36 -5.30 29.47
CA ARG K 110 25.95 -5.32 28.14
C ARG K 110 26.56 -6.70 27.87
N PHE K 111 26.20 -7.28 26.73
CA PHE K 111 26.68 -8.60 26.34
C PHE K 111 27.15 -8.56 24.89
N CYS K 112 27.82 -9.63 24.49
CA CYS K 112 28.32 -9.76 23.13
C CYS K 112 28.54 -11.23 22.82
N LEU K 113 28.41 -11.57 21.55
CA LEU K 113 28.59 -12.95 21.12
C LEU K 113 30.06 -13.33 21.19
N PRO K 114 30.37 -14.62 21.34
CA PRO K 114 31.78 -15.03 21.42
C PRO K 114 32.59 -14.64 20.21
N ASN K 115 31.99 -14.63 19.01
CA ASN K 115 32.68 -14.28 17.78
C ASN K 115 32.34 -12.87 17.29
N SER K 116 32.06 -11.95 18.21
CA SER K 116 31.73 -10.58 17.86
C SER K 116 32.97 -9.71 17.93
N ARG K 117 33.03 -8.73 17.03
CA ARG K 117 34.17 -7.81 16.95
C ARG K 117 33.65 -6.38 17.04
N VAL K 118 34.38 -5.55 17.78
CA VAL K 118 34.04 -4.15 17.99
C VAL K 118 35.23 -3.30 17.56
N MET K 119 34.97 -2.28 16.75
CA MET K 119 35.99 -1.37 16.26
C MET K 119 35.63 0.05 16.66
N ILE K 120 36.64 0.80 17.13
CA ILE K 120 36.46 2.18 17.57
C ILE K 120 37.45 3.06 16.83
N HIS K 121 36.99 4.21 16.37
CA HIS K 121 37.84 5.16 15.64
C HIS K 121 37.32 6.56 15.85
N GLN K 122 38.15 7.54 15.53
CA GLN K 122 37.79 8.93 15.68
C GLN K 122 36.75 9.34 14.63
N PRO K 123 36.03 10.44 14.87
CA PRO K 123 35.02 10.87 13.89
C PRO K 123 35.63 11.16 12.53
N LEU K 124 34.84 10.90 11.49
CA LEU K 124 35.25 11.12 10.11
C LEU K 124 34.33 12.16 9.48
N GLY K 125 34.93 13.13 8.80
CA GLY K 125 34.15 14.18 8.16
C GLY K 125 34.93 14.83 7.04
N GLY K 126 34.54 16.06 6.72
CA GLY K 126 35.20 16.81 5.67
C GLY K 126 34.30 17.88 5.07
N TYR K 127 34.89 19.04 4.78
CA TYR K 127 34.16 20.16 4.20
C TYR K 127 35.03 20.85 3.17
N GLN K 128 34.37 21.45 2.17
CA GLN K 128 35.05 22.17 1.09
C GLN K 128 34.38 23.52 0.89
N GLY K 129 35.19 24.55 0.70
CA GLY K 129 34.67 25.89 0.49
C GLY K 129 35.72 26.94 0.81
N GLN K 130 35.24 28.11 1.23
CA GLN K 130 36.13 29.20 1.57
C GLN K 130 36.94 28.86 2.82
N ALA K 131 38.02 29.64 3.03
CA ALA K 131 38.87 29.40 4.19
C ALA K 131 38.12 29.60 5.50
N THR K 132 37.29 30.66 5.57
CA THR K 132 36.55 30.91 6.80
C THR K 132 35.57 29.77 7.10
N ASP K 133 34.88 29.28 6.07
CA ASP K 133 33.93 28.18 6.27
C ASP K 133 34.65 26.92 6.72
N ILE K 134 35.80 26.63 6.13
CA ILE K 134 36.55 25.43 6.49
C ILE K 134 36.95 25.47 7.96
N GLU K 135 37.31 26.67 8.46
CA GLU K 135 37.70 26.79 9.85
C GLU K 135 36.54 26.47 10.78
N ILE K 136 35.34 26.94 10.43
CA ILE K 136 34.17 26.68 11.29
C ILE K 136 33.87 25.19 11.34
N HIS K 137 33.91 24.52 10.19
CA HIS K 137 33.63 23.09 10.16
C HIS K 137 34.71 22.31 10.90
N ALA K 138 35.96 22.76 10.81
CA ALA K 138 37.04 22.07 11.50
C ALA K 138 36.84 22.10 13.00
N ARG K 139 36.39 23.25 13.52
CA ARG K 139 36.15 23.36 14.96
C ARG K 139 34.95 22.49 15.37
N GLU K 140 33.95 22.40 14.51
CA GLU K 140 32.76 21.60 14.83
C GLU K 140 33.11 20.13 14.97
N ILE K 141 33.87 19.58 14.01
CA ILE K 141 34.23 18.16 14.08
C ILE K 141 35.10 17.89 15.29
N LEU K 142 36.02 18.81 15.61
CA LEU K 142 36.89 18.62 16.77
C LEU K 142 36.07 18.57 18.06
N LYS K 143 35.08 19.43 18.19
CA LYS K 143 34.24 19.43 19.39
C LYS K 143 33.49 18.12 19.52
N VAL K 144 32.97 17.59 18.41
CA VAL K 144 32.25 16.31 18.46
C VAL K 144 33.18 15.19 18.90
N LYS K 145 34.44 15.25 18.46
CA LYS K 145 35.40 14.21 18.84
C LYS K 145 35.61 14.20 20.36
N GLY K 146 35.74 15.39 20.95
CA GLY K 146 35.95 15.45 22.39
C GLY K 146 34.76 14.94 23.17
N ARG K 147 33.55 15.31 22.75
CA ARG K 147 32.36 14.85 23.45
C ARG K 147 32.23 13.33 23.38
N MET K 148 32.49 12.74 22.21
CA MET K 148 32.39 11.29 22.08
C MET K 148 33.39 10.59 22.97
N ASN K 149 34.62 11.12 23.07
CA ASN K 149 35.62 10.49 23.92
C ASN K 149 35.20 10.50 25.38
N GLU K 150 34.63 11.62 25.84
CA GLU K 150 34.20 11.70 27.24
C GLU K 150 33.10 10.68 27.54
N LEU K 151 32.14 10.53 26.63
CA LEU K 151 31.07 9.57 26.85
C LEU K 151 31.60 8.15 26.88
N MET K 152 32.55 7.83 26.00
CA MET K 152 33.12 6.49 25.98
C MET K 152 33.80 6.16 27.31
N ALA K 153 34.57 7.11 27.85
CA ALA K 153 35.26 6.88 29.11
C ALA K 153 34.28 6.71 30.27
N LEU K 154 33.12 7.36 30.19
CA LEU K 154 32.13 7.25 31.27
C LEU K 154 31.61 5.82 31.40
N HIS K 155 31.36 5.16 30.28
CA HIS K 155 30.83 3.80 30.32
C HIS K 155 31.93 2.76 30.54
N THR K 156 32.93 2.74 29.66
CA THR K 156 34.01 1.77 29.79
C THR K 156 34.80 1.95 31.08
N GLY K 157 34.75 3.13 31.69
CA GLY K 157 35.46 3.38 32.92
C GLY K 157 36.92 3.76 32.75
N GLN K 158 37.41 3.83 31.51
CA GLN K 158 38.80 4.19 31.27
C GLN K 158 38.99 5.69 31.41
N SER K 159 40.25 6.12 31.35
CA SER K 159 40.57 7.53 31.47
C SER K 159 40.34 8.23 30.13
N LEU K 160 40.13 9.55 30.21
CA LEU K 160 39.90 10.33 28.99
C LEU K 160 41.11 10.28 28.08
N GLU K 161 42.31 10.39 28.65
CA GLU K 161 43.52 10.34 27.83
C GLU K 161 43.67 9.00 27.13
N GLN K 162 43.36 7.91 27.81
CA GLN K 162 43.47 6.59 27.20
C GLN K 162 42.55 6.45 26.00
N ILE K 163 41.31 6.94 26.11
CA ILE K 163 40.36 6.84 25.01
C ILE K 163 40.86 7.63 23.80
N GLU K 164 41.38 8.84 24.03
CA GLU K 164 41.85 9.67 22.92
C GLU K 164 42.98 8.97 22.15
N ARG K 165 43.94 8.40 22.87
CA ARG K 165 45.06 7.73 22.20
C ARG K 165 44.58 6.52 21.41
N ASP K 166 43.65 5.75 21.98
CA ASP K 166 43.15 4.57 21.29
C ASP K 166 42.26 4.91 20.10
N THR K 167 41.69 6.10 20.06
CA THR K 167 40.83 6.52 18.96
C THR K 167 41.58 7.21 17.84
N GLU K 168 42.90 7.39 17.96
CA GLU K 168 43.65 8.05 16.90
C GLU K 168 43.58 7.26 15.60
N ARG K 169 43.44 5.94 15.69
CA ARG K 169 43.36 5.09 14.51
C ARG K 169 42.43 3.92 14.81
N ASP K 170 41.97 3.27 13.75
CA ASP K 170 41.08 2.13 13.91
C ASP K 170 41.72 1.06 14.78
N ARG K 171 40.95 0.56 15.75
CA ARG K 171 41.41 -0.47 16.68
C ARG K 171 40.39 -1.59 16.69
N PHE K 172 40.85 -2.81 16.40
CA PHE K 172 39.98 -3.98 16.37
C PHE K 172 40.20 -4.79 17.64
N LEU K 173 39.11 -5.06 18.37
CA LEU K 173 39.15 -5.82 19.61
C LEU K 173 38.15 -6.96 19.52
N SER K 174 38.59 -8.16 19.87
CA SER K 174 37.74 -9.33 19.84
C SER K 174 36.79 -9.30 21.03
N ALA K 175 35.87 -10.26 21.09
CA ALA K 175 34.92 -10.31 22.20
C ALA K 175 35.63 -10.42 23.55
N PRO K 176 36.59 -11.33 23.74
CA PRO K 176 37.26 -11.38 25.05
C PRO K 176 37.94 -10.09 25.44
N GLU K 177 38.50 -9.37 24.46
CA GLU K 177 39.18 -8.11 24.75
C GLU K 177 38.19 -6.99 25.06
N ALA K 178 36.97 -7.08 24.54
CA ALA K 178 35.97 -6.05 24.80
C ALA K 178 35.61 -6.00 26.27
N VAL K 179 35.49 -7.16 26.93
CA VAL K 179 35.13 -7.19 28.34
C VAL K 179 36.18 -6.47 29.17
N GLU K 180 37.46 -6.76 28.91
CA GLU K 180 38.53 -6.12 29.66
C GLU K 180 38.57 -4.62 29.42
N TYR K 181 38.36 -4.20 28.17
CA TYR K 181 38.39 -2.78 27.85
C TYR K 181 37.27 -2.02 28.54
N GLY K 182 36.12 -2.66 28.74
CA GLY K 182 34.98 -2.04 29.39
C GLY K 182 33.79 -1.80 28.49
N LEU K 183 33.92 -2.08 27.19
CA LEU K 183 32.79 -1.86 26.28
C LEU K 183 31.61 -2.75 26.64
N VAL K 184 31.88 -4.00 27.02
CA VAL K 184 30.85 -4.96 27.39
C VAL K 184 31.18 -5.51 28.78
N ASP K 185 30.24 -6.29 29.32
CA ASP K 185 30.38 -6.88 30.65
C ASP K 185 30.73 -8.36 30.59
N SER K 186 29.97 -9.16 29.86
CA SER K 186 30.22 -10.60 29.75
C SER K 186 29.97 -11.04 28.31
N ILE K 187 30.17 -12.33 28.07
CA ILE K 187 30.00 -12.93 26.75
C ILE K 187 28.98 -14.05 26.88
N LEU K 188 27.98 -14.06 25.99
CA LEU K 188 26.93 -15.07 25.99
C LEU K 188 27.33 -16.16 25.01
N THR K 189 27.91 -17.25 25.53
CA THR K 189 28.34 -18.36 24.70
C THR K 189 27.22 -19.38 24.51
N HIS K 190 26.68 -19.90 25.61
CA HIS K 190 25.62 -20.89 25.57
C HIS K 190 24.55 -20.51 26.58
N ARG K 191 23.32 -20.97 26.32
CA ARG K 191 22.19 -20.70 27.20
C ARG K 191 22.23 -21.65 28.38
N ASN K 192 22.41 -21.10 29.58
CA ASN K 192 22.46 -21.90 30.80
C ASN K 192 21.19 -21.72 31.62
N LEU L 1 11.26 -1.90 6.35
CA LEU L 1 10.13 -2.51 7.03
C LEU L 1 9.71 -1.67 8.23
N VAL L 2 8.40 -1.48 8.38
CA VAL L 2 7.82 -0.70 9.47
C VAL L 2 7.15 -1.69 10.42
N PRO L 3 7.63 -1.84 11.67
CA PRO L 3 6.99 -2.78 12.59
C PRO L 3 5.53 -2.40 12.83
N MET L 4 4.69 -3.42 13.00
CA MET L 4 3.26 -3.24 13.24
C MET L 4 2.96 -3.56 14.70
N VAL L 5 2.50 -2.54 15.43
CA VAL L 5 2.16 -2.70 16.83
C VAL L 5 0.65 -2.85 16.94
N ILE L 6 0.20 -3.39 18.07
CA ILE L 6 -1.21 -3.60 18.34
C ILE L 6 -1.57 -2.89 19.64
N GLU L 7 -2.67 -2.14 19.62
CA GLU L 7 -3.15 -1.40 20.78
C GLU L 7 -4.37 -2.11 21.36
N GLN L 8 -4.34 -2.37 22.66
CA GLN L 8 -5.43 -3.05 23.34
C GLN L 8 -6.47 -2.02 23.77
N THR L 9 -7.71 -2.22 23.33
CA THR L 9 -8.82 -1.33 23.66
C THR L 9 -10.05 -2.17 23.97
N SER L 10 -11.08 -1.49 24.50
CA SER L 10 -12.31 -2.18 24.86
C SER L 10 -12.98 -2.77 23.61
N ARG L 11 -12.97 -2.04 22.50
CA ARG L 11 -13.59 -2.54 21.28
C ARG L 11 -12.93 -3.83 20.82
N GLY L 12 -11.60 -3.86 20.82
CA GLY L 12 -10.88 -5.04 20.40
C GLY L 12 -9.50 -4.66 19.88
N GLU L 13 -8.79 -5.68 19.39
CA GLU L 13 -7.46 -5.47 18.86
C GLU L 13 -7.51 -4.59 17.62
N ARG L 14 -6.54 -3.68 17.50
CA ARG L 14 -6.45 -2.77 16.37
C ARG L 14 -5.06 -2.86 15.77
N SER L 15 -4.98 -2.78 14.45
CA SER L 15 -3.73 -2.87 13.72
C SER L 15 -3.20 -1.47 13.41
N PHE L 16 -1.93 -1.24 13.74
CA PHE L 16 -1.29 0.04 13.51
C PHE L 16 0.21 -0.19 13.33
N ASP L 17 0.87 0.81 12.75
CA ASP L 17 2.31 0.77 12.54
C ASP L 17 2.98 1.61 13.64
N ILE L 18 4.31 1.63 13.63
CA ILE L 18 5.03 2.38 14.65
C ILE L 18 4.72 3.87 14.55
N TYR L 19 4.72 4.41 13.32
CA TYR L 19 4.45 5.83 13.15
C TYR L 19 2.98 6.16 13.43
N SER L 20 2.06 5.31 12.99
CA SER L 20 0.64 5.56 13.20
C SER L 20 0.29 5.53 14.68
N ARG L 21 0.88 4.62 15.44
CA ARG L 21 0.58 4.52 16.86
C ARG L 21 0.92 5.81 17.58
N LEU L 22 2.10 6.37 17.30
CA LEU L 22 2.49 7.62 17.94
C LEU L 22 1.64 8.79 17.44
N LEU L 23 1.21 8.76 16.18
CA LEU L 23 0.39 9.84 15.65
C LEU L 23 -0.94 9.93 16.39
N LYS L 24 -1.48 8.79 16.83
CA LYS L 24 -2.74 8.81 17.57
C LYS L 24 -2.62 9.56 18.89
N GLU L 25 -1.40 9.70 19.41
CA GLU L 25 -1.15 10.41 20.65
C GLU L 25 -0.64 11.83 20.42
N ARG L 26 -0.94 12.41 19.26
CA ARG L 26 -0.51 13.77 18.92
C ARG L 26 1.01 13.87 18.85
N VAL L 27 1.61 13.04 17.99
CA VAL L 27 3.05 13.00 17.78
C VAL L 27 3.30 13.00 16.28
N ILE L 28 4.23 13.85 15.85
CA ILE L 28 4.58 13.97 14.43
C ILE L 28 6.09 13.85 14.30
N PHE L 29 6.53 13.35 13.14
CA PHE L 29 7.95 13.16 12.86
C PHE L 29 8.33 13.95 11.62
N LEU L 30 9.51 14.58 11.66
CA LEU L 30 10.05 15.38 10.56
C LEU L 30 11.45 14.84 10.27
N THR L 31 11.52 13.83 9.41
CA THR L 31 12.77 13.19 9.04
C THR L 31 13.01 13.34 7.54
N GLY L 32 14.28 13.48 7.17
CA GLY L 32 14.65 13.64 5.79
C GLY L 32 14.67 15.09 5.34
N GLN L 33 15.31 15.33 4.20
CA GLN L 33 15.40 16.67 3.66
C GLN L 33 14.01 17.25 3.43
N VAL L 34 13.83 18.51 3.82
CA VAL L 34 12.54 19.18 3.66
C VAL L 34 12.25 19.37 2.17
N GLU L 35 11.04 19.03 1.75
CA GLU L 35 10.62 19.17 0.37
C GLU L 35 9.12 19.44 0.35
N ASP L 36 8.56 19.54 -0.86
CA ASP L 36 7.14 19.82 -0.99
C ASP L 36 6.29 18.62 -0.58
N HIS L 37 6.71 17.41 -0.97
CA HIS L 37 5.93 16.23 -0.65
C HIS L 37 5.90 15.95 0.85
N MET L 38 7.07 15.92 1.49
CA MET L 38 7.12 15.65 2.93
C MET L 38 6.49 16.77 3.73
N ALA L 39 6.72 18.02 3.31
CA ALA L 39 6.15 19.15 4.04
C ALA L 39 4.63 19.11 4.03
N ASN L 40 4.04 18.78 2.88
CA ASN L 40 2.59 18.71 2.78
C ASN L 40 2.04 17.63 3.70
N LEU L 41 2.75 16.50 3.82
CA LEU L 41 2.29 15.43 4.69
C LEU L 41 2.23 15.88 6.14
N ILE L 42 3.25 16.63 6.59
CA ILE L 42 3.26 17.11 7.97
C ILE L 42 2.09 18.05 8.22
N VAL L 43 1.83 18.96 7.28
CA VAL L 43 0.73 19.90 7.45
C VAL L 43 -0.59 19.17 7.60
N ALA L 44 -0.79 18.09 6.83
CA ALA L 44 -2.03 17.34 6.93
C ALA L 44 -2.21 16.73 8.32
N GLN L 45 -1.12 16.21 8.89
CA GLN L 45 -1.20 15.62 10.22
C GLN L 45 -1.60 16.64 11.27
N MET L 46 -1.05 17.86 11.18
CA MET L 46 -1.39 18.90 12.15
C MET L 46 -2.87 19.25 12.09
N LEU L 47 -3.44 19.37 10.88
CA LEU L 47 -4.85 19.70 10.76
C LEU L 47 -5.73 18.62 11.36
N PHE L 48 -5.39 17.35 11.13
CA PHE L 48 -6.19 16.26 11.66
C PHE L 48 -6.18 16.26 13.19
N LEU L 49 -5.02 16.50 13.80
CA LEU L 49 -4.94 16.52 15.26
C LEU L 49 -5.76 17.67 15.84
N GLU L 50 -5.75 18.83 15.18
CA GLU L 50 -6.51 19.96 15.69
C GLU L 50 -8.00 19.66 15.75
N ALA L 51 -8.54 19.02 14.71
CA ALA L 51 -9.96 18.69 14.70
C ALA L 51 -10.32 17.71 15.80
N GLU L 52 -9.48 16.69 16.01
CA GLU L 52 -9.77 15.71 17.05
C GLU L 52 -9.81 16.36 18.43
N ASN L 53 -8.84 17.21 18.72
CA ASN L 53 -8.77 17.91 20.00
C ASN L 53 -7.97 19.19 19.81
N PRO L 54 -8.63 20.33 19.62
CA PRO L 54 -7.88 21.59 19.41
C PRO L 54 -7.28 22.16 20.68
N GLU L 55 -7.29 21.41 21.78
CA GLU L 55 -6.73 21.85 23.05
C GLU L 55 -5.45 21.13 23.44
N LYS L 56 -5.36 19.83 23.19
CA LYS L 56 -4.17 19.08 23.55
C LYS L 56 -2.98 19.51 22.68
N ASP L 57 -1.80 19.53 23.29
CA ASP L 57 -0.59 19.92 22.57
C ASP L 57 -0.24 18.91 21.50
N ILE L 58 0.40 19.39 20.44
CA ILE L 58 0.82 18.57 19.31
C ILE L 58 2.35 18.58 19.28
N TYR L 59 2.95 17.41 19.50
CA TYR L 59 4.40 17.31 19.49
C TYR L 59 4.92 17.15 18.06
N LEU L 60 6.18 17.52 17.88
CA LEU L 60 6.83 17.44 16.57
C LEU L 60 8.33 17.32 16.77
N TYR L 61 8.91 16.22 16.31
CA TYR L 61 10.34 15.99 16.43
C TYR L 61 11.03 16.42 15.14
N ILE L 62 11.99 17.34 15.26
CA ILE L 62 12.72 17.87 14.11
C ILE L 62 14.09 17.19 14.08
N ASN L 63 14.34 16.41 13.02
CA ASN L 63 15.61 15.70 12.83
C ASN L 63 15.88 15.68 11.33
N SER L 64 16.56 16.71 10.84
CA SER L 64 16.89 16.81 9.43
C SER L 64 17.86 17.95 9.17
N PRO L 65 18.72 17.85 8.15
CA PRO L 65 19.66 18.93 7.86
C PRO L 65 19.03 20.15 7.20
N GLY L 66 17.79 20.03 6.74
CA GLY L 66 17.08 21.11 6.09
C GLY L 66 16.62 20.73 4.71
N GLY L 67 16.16 21.73 3.96
CA GLY L 67 15.68 21.52 2.61
C GLY L 67 15.21 22.78 1.93
N VAL L 68 14.14 22.68 1.15
CA VAL L 68 13.60 23.84 0.45
C VAL L 68 13.02 24.81 1.46
N ILE L 69 13.40 26.09 1.33
CA ILE L 69 12.92 27.11 2.25
C ILE L 69 11.40 27.30 2.10
N THR L 70 10.92 27.35 0.85
CA THR L 70 9.49 27.55 0.63
C THR L 70 8.68 26.43 1.27
N ALA L 71 9.13 25.18 1.15
CA ALA L 71 8.41 24.08 1.76
C ALA L 71 8.35 24.22 3.27
N GLY L 72 9.44 24.68 3.88
CA GLY L 72 9.46 24.86 5.33
C GLY L 72 8.52 25.94 5.82
N MET L 73 8.34 27.00 5.04
CA MET L 73 7.47 28.09 5.47
C MET L 73 6.04 27.63 5.67
N SER L 74 5.56 26.69 4.86
CA SER L 74 4.19 26.21 5.02
C SER L 74 4.00 25.57 6.39
N ILE L 75 4.97 24.79 6.84
CA ILE L 75 4.86 24.15 8.16
C ILE L 75 4.84 25.21 9.25
N TYR L 76 5.66 26.26 9.12
CA TYR L 76 5.68 27.30 10.15
C TYR L 76 4.33 27.99 10.26
N ASP L 77 3.70 28.30 9.13
CA ASP L 77 2.40 28.96 9.17
C ASP L 77 1.35 28.08 9.84
N THR L 78 1.36 26.78 9.54
CA THR L 78 0.40 25.88 10.14
C THR L 78 0.55 25.83 11.66
N MET L 79 1.80 25.80 12.14
CA MET L 79 2.04 25.76 13.57
C MET L 79 1.50 27.01 14.27
N GLN L 80 1.69 28.17 13.65
CA GLN L 80 1.22 29.43 14.23
C GLN L 80 -0.26 29.69 13.98
N PHE L 81 -0.92 28.89 13.14
CA PHE L 81 -2.33 29.07 12.84
C PHE L 81 -3.23 28.17 13.69
N ILE L 82 -2.88 26.90 13.83
CA ILE L 82 -3.68 25.98 14.62
C ILE L 82 -3.66 26.41 16.08
N LYS L 83 -4.83 26.40 16.71
CA LYS L 83 -4.91 26.79 18.11
C LYS L 83 -4.01 25.97 19.02
N PRO L 84 -3.90 24.64 18.89
CA PRO L 84 -3.02 23.88 19.78
C PRO L 84 -1.59 24.35 19.69
N ASP L 85 -0.91 24.37 20.85
CA ASP L 85 0.49 24.78 20.90
C ASP L 85 1.35 23.63 20.40
N VAL L 86 2.25 23.93 19.47
CA VAL L 86 3.12 22.92 18.88
C VAL L 86 4.42 22.88 19.67
N SER L 87 4.72 21.72 20.25
CA SER L 87 5.94 21.51 21.02
C SER L 87 6.97 20.86 20.10
N THR L 88 8.10 21.51 19.91
CA THR L 88 9.16 21.03 19.04
C THR L 88 10.33 20.54 19.87
N ILE L 89 10.80 19.33 19.57
CA ILE L 89 11.92 18.71 20.27
C ILE L 89 12.95 18.32 19.21
N CYS L 90 14.18 18.78 19.39
CA CYS L 90 15.26 18.50 18.45
C CYS L 90 15.93 17.19 18.80
N MET L 91 16.00 16.28 17.83
CA MET L 91 16.63 14.98 18.01
C MET L 91 17.68 14.78 16.92
N GLY L 92 18.90 14.47 17.33
CA GLY L 92 19.98 14.26 16.38
C GLY L 92 20.60 15.55 15.90
N GLN L 93 19.89 16.26 15.00
CA GLN L 93 20.39 17.52 14.48
C GLN L 93 19.23 18.31 13.90
N ALA L 94 19.43 19.63 13.79
CA ALA L 94 18.42 20.53 13.24
C ALA L 94 19.18 21.70 12.62
N ALA L 95 19.39 21.64 11.31
CA ALA L 95 20.13 22.68 10.60
C ALA L 95 19.29 23.23 9.46
N SER L 96 19.60 24.46 9.06
CA SER L 96 18.93 25.17 7.97
C SER L 96 17.46 25.31 8.35
N MET L 97 16.50 24.79 7.57
CA MET L 97 15.09 24.93 7.93
C MET L 97 14.78 24.24 9.24
N GLY L 98 15.50 23.18 9.58
CA GLY L 98 15.24 22.48 10.83
C GLY L 98 15.41 23.38 12.04
N ALA L 99 16.46 24.19 12.04
CA ALA L 99 16.70 25.09 13.17
C ALA L 99 15.59 26.14 13.27
N PHE L 100 15.13 26.66 12.14
CA PHE L 100 14.07 27.67 12.16
C PHE L 100 12.80 27.10 12.78
N LEU L 101 12.42 25.88 12.41
CA LEU L 101 11.22 25.28 12.96
C LEU L 101 11.38 24.95 14.44
N LEU L 102 12.61 24.67 14.88
CA LEU L 102 12.84 24.35 16.28
C LEU L 102 12.47 25.53 17.18
N THR L 103 12.86 26.75 16.78
CA THR L 103 12.56 27.93 17.56
C THR L 103 11.17 28.48 17.29
N ALA L 104 10.44 27.91 16.33
CA ALA L 104 9.10 28.37 15.99
C ALA L 104 8.03 27.78 16.90
N GLY L 105 8.39 26.87 17.81
CA GLY L 105 7.42 26.27 18.70
C GLY L 105 6.91 27.27 19.74
N ALA L 106 5.84 26.85 20.41
CA ALA L 106 5.24 27.69 21.43
C ALA L 106 6.26 28.01 22.53
N LYS L 107 6.25 29.27 22.98
CA LYS L 107 7.18 29.68 24.02
C LYS L 107 6.97 28.85 25.28
N GLY L 108 8.07 28.44 25.91
CA GLY L 108 8.03 27.65 27.12
C GLY L 108 7.82 26.17 26.90
N LYS L 109 7.76 25.70 25.64
CA LYS L 109 7.57 24.30 25.34
C LYS L 109 8.62 23.75 24.38
N ARG L 110 9.70 24.49 24.15
CA ARG L 110 10.75 24.04 23.25
C ARG L 110 11.80 23.28 24.04
N PHE L 111 12.15 22.07 23.58
CA PHE L 111 13.12 21.23 24.24
C PHE L 111 14.10 20.68 23.21
N CYS L 112 15.18 20.09 23.71
CA CYS L 112 16.21 19.51 22.85
C CYS L 112 16.97 18.46 23.66
N LEU L 113 17.51 17.47 22.96
CA LEU L 113 18.27 16.42 23.62
C LEU L 113 19.62 16.97 24.07
N PRO L 114 20.23 16.35 25.08
CA PRO L 114 21.53 16.85 25.54
C PRO L 114 22.61 16.85 24.48
N ASN L 115 22.59 15.87 23.56
CA ASN L 115 23.59 15.78 22.51
C ASN L 115 23.10 16.34 21.18
N SER L 116 21.94 16.98 21.15
CA SER L 116 21.43 17.56 19.91
C SER L 116 22.26 18.78 19.51
N ARG L 117 22.29 19.04 18.21
CA ARG L 117 23.03 20.15 17.65
C ARG L 117 22.13 20.94 16.70
N VAL L 118 22.28 22.26 16.72
CA VAL L 118 21.48 23.16 15.89
C VAL L 118 22.44 24.06 15.12
N MET L 119 22.20 24.20 13.81
CA MET L 119 23.01 25.04 12.95
C MET L 119 22.11 26.01 12.22
N ILE L 120 22.55 27.27 12.14
CA ILE L 120 21.79 28.33 11.48
C ILE L 120 22.68 29.00 10.44
N HIS L 121 22.12 29.26 9.26
CA HIS L 121 22.85 29.90 8.19
C HIS L 121 21.87 30.69 7.33
N GLN L 122 22.42 31.58 6.51
CA GLN L 122 21.60 32.42 5.64
C GLN L 122 21.00 31.59 4.50
N PRO L 123 19.95 32.10 3.86
CA PRO L 123 19.32 31.35 2.77
C PRO L 123 20.30 31.09 1.62
N LEU L 124 20.11 29.95 0.97
CA LEU L 124 20.94 29.53 -0.15
C LEU L 124 20.07 29.44 -1.40
N GLY L 125 20.55 30.01 -2.49
CA GLY L 125 19.82 29.99 -3.74
C GLY L 125 20.75 30.12 -4.92
N GLY L 126 20.22 30.67 -6.02
CA GLY L 126 20.99 30.86 -7.22
C GLY L 126 20.15 30.77 -8.49
N TYR L 127 20.38 31.70 -9.43
CA TYR L 127 19.64 31.72 -10.68
C TYR L 127 20.60 32.05 -11.82
N GLN L 128 20.26 31.56 -13.00
CA GLN L 128 21.05 31.77 -14.21
C GLN L 128 20.14 32.23 -15.34
N GLY L 129 20.61 33.20 -16.11
CA GLY L 129 19.83 33.72 -17.22
C GLY L 129 20.29 35.11 -17.60
N GLN L 130 19.35 35.90 -18.12
CA GLN L 130 19.65 37.26 -18.53
C GLN L 130 19.92 38.14 -17.31
N ALA L 131 20.53 39.30 -17.57
CA ALA L 131 20.86 40.22 -16.47
C ALA L 131 19.61 40.69 -15.75
N THR L 132 18.56 41.04 -16.50
CA THR L 132 17.32 41.51 -15.87
C THR L 132 16.73 40.44 -14.97
N ASP L 133 16.68 39.19 -15.43
CA ASP L 133 16.12 38.12 -14.62
C ASP L 133 16.94 37.88 -13.37
N ILE L 134 18.28 37.94 -13.49
CA ILE L 134 19.15 37.72 -12.34
C ILE L 134 18.89 38.77 -11.27
N GLU L 135 18.63 40.01 -11.69
CA GLU L 135 18.38 41.07 -10.72
C GLU L 135 17.10 40.80 -9.93
N ILE L 136 16.05 40.32 -10.60
CA ILE L 136 14.79 40.04 -9.91
C ILE L 136 14.99 38.93 -8.90
N HIS L 137 15.68 37.85 -9.29
CA HIS L 137 15.90 36.75 -8.37
C HIS L 137 16.76 37.17 -7.19
N ALA L 138 17.76 38.04 -7.43
CA ALA L 138 18.61 38.49 -6.34
C ALA L 138 17.80 39.25 -5.30
N ARG L 139 16.87 40.10 -5.75
CA ARG L 139 16.04 40.84 -4.82
C ARG L 139 15.11 39.91 -4.05
N GLU L 140 14.61 38.87 -4.71
CA GLU L 140 13.71 37.93 -4.04
C GLU L 140 14.40 37.21 -2.90
N ILE L 141 15.60 36.67 -3.15
CA ILE L 141 16.32 35.95 -2.11
C ILE L 141 16.67 36.89 -0.96
N LEU L 142 17.04 38.13 -1.27
CA LEU L 142 17.37 39.08 -0.21
C LEU L 142 16.18 39.35 0.69
N LYS L 143 14.99 39.49 0.10
CA LYS L 143 13.80 39.74 0.90
C LYS L 143 13.51 38.56 1.83
N VAL L 144 13.68 37.34 1.32
CA VAL L 144 13.44 36.16 2.14
C VAL L 144 14.41 36.12 3.31
N LYS L 145 15.65 36.54 3.08
CA LYS L 145 16.64 36.54 4.16
C LYS L 145 16.23 37.48 5.28
N GLY L 146 15.73 38.67 4.93
CA GLY L 146 15.31 39.61 5.95
C GLY L 146 14.13 39.11 6.76
N ARG L 147 13.14 38.52 6.07
CA ARG L 147 11.96 38.01 6.77
C ARG L 147 12.34 36.90 7.74
N MET L 148 13.22 35.98 7.31
CA MET L 148 13.64 34.89 8.18
C MET L 148 14.35 35.42 9.42
N ASN L 149 15.21 36.43 9.26
CA ASN L 149 15.93 36.98 10.40
C ASN L 149 14.97 37.60 11.40
N GLU L 150 13.95 38.32 10.92
CA GLU L 150 12.99 38.93 11.84
C GLU L 150 12.24 37.88 12.65
N LEU L 151 11.82 36.80 11.99
CA LEU L 151 11.10 35.74 12.70
C LEU L 151 11.98 35.09 13.75
N MET L 152 13.25 34.84 13.42
CA MET L 152 14.15 34.22 14.38
C MET L 152 14.31 35.09 15.63
N ALA L 153 14.46 36.41 15.44
CA ALA L 153 14.62 37.30 16.57
C ALA L 153 13.36 37.35 17.43
N LEU L 154 12.19 37.14 16.83
CA LEU L 154 10.94 37.18 17.59
C LEU L 154 10.87 36.06 18.61
N HIS L 155 11.33 34.85 18.24
CA HIS L 155 11.27 33.72 19.15
C HIS L 155 12.45 33.71 20.12
N THR L 156 13.67 33.71 19.59
CA THR L 156 14.85 33.69 20.44
C THR L 156 14.96 34.92 21.33
N GLY L 157 14.33 36.02 20.94
CA GLY L 157 14.38 37.24 21.71
C GLY L 157 15.59 38.11 21.47
N GLN L 158 16.51 37.68 20.60
CA GLN L 158 17.70 38.46 20.31
C GLN L 158 17.37 39.63 19.39
N SER L 159 18.31 40.56 19.28
CA SER L 159 18.13 41.71 18.42
C SER L 159 18.24 41.32 16.95
N LEU L 160 17.61 42.12 16.09
CA LEU L 160 17.64 41.83 14.66
C LEU L 160 19.07 41.90 14.12
N GLU L 161 19.84 42.89 14.57
CA GLU L 161 21.23 43.01 14.11
C GLU L 161 22.05 41.79 14.51
N GLN L 162 21.84 41.29 15.73
CA GLN L 162 22.59 40.13 16.19
C GLN L 162 22.33 38.91 15.32
N ILE L 163 21.06 38.70 14.94
CA ILE L 163 20.71 37.54 14.12
C ILE L 163 21.38 37.64 12.76
N GLU L 164 21.37 38.83 12.15
CA GLU L 164 21.97 39.00 10.83
C GLU L 164 23.46 38.67 10.84
N ARG L 165 24.18 39.17 11.86
CA ARG L 165 25.61 38.92 11.92
C ARG L 165 25.91 37.43 12.12
N ASP L 166 25.12 36.76 12.97
CA ASP L 166 25.34 35.35 13.22
C ASP L 166 24.94 34.47 12.05
N THR L 167 24.09 34.96 11.16
CA THR L 167 23.63 34.19 10.00
C THR L 167 24.51 34.38 8.77
N GLU L 168 25.53 35.24 8.85
CA GLU L 168 26.41 35.45 7.70
C GLU L 168 27.12 34.16 7.30
N ARG L 169 27.37 33.28 8.25
CA ARG L 169 28.05 32.01 7.99
C ARG L 169 27.49 30.95 8.92
N ASP L 170 27.74 29.70 8.56
CA ASP L 170 27.25 28.58 9.37
C ASP L 170 27.77 28.70 10.80
N ARG L 171 26.88 28.51 11.76
CA ARG L 171 27.20 28.59 13.17
C ARG L 171 26.66 27.35 13.86
N PHE L 172 27.55 26.58 14.51
CA PHE L 172 27.18 25.36 15.20
C PHE L 172 27.09 25.65 16.70
N LEU L 173 25.94 25.34 17.29
CA LEU L 173 25.71 25.56 18.72
C LEU L 173 25.22 24.26 19.34
N SER L 174 25.84 23.87 20.45
CA SER L 174 25.46 22.65 21.15
C SER L 174 24.15 22.88 21.91
N ALA L 175 23.65 21.82 22.53
CA ALA L 175 22.40 21.95 23.28
C ALA L 175 22.51 22.97 24.40
N PRO L 176 23.54 22.97 25.25
CA PRO L 176 23.60 24.00 26.30
C PRO L 176 23.63 25.41 25.75
N GLU L 177 24.29 25.62 24.61
CA GLU L 177 24.37 26.95 24.02
C GLU L 177 23.04 27.37 23.40
N ALA L 178 22.23 26.40 22.96
CA ALA L 178 20.95 26.74 22.35
C ALA L 178 20.02 27.40 23.35
N VAL L 179 20.02 26.94 24.60
CA VAL L 179 19.14 27.52 25.61
C VAL L 179 19.49 28.99 25.83
N GLU L 180 20.78 29.29 25.96
CA GLU L 180 21.19 30.67 26.18
C GLU L 180 20.87 31.55 24.98
N TYR L 181 21.07 31.03 23.77
CA TYR L 181 20.79 31.80 22.57
C TYR L 181 19.31 32.13 22.45
N GLY L 182 18.44 31.25 22.91
CA GLY L 182 17.00 31.45 22.85
C GLY L 182 16.28 30.50 21.91
N LEU L 183 16.99 29.65 21.17
CA LEU L 183 16.34 28.73 20.26
C LEU L 183 15.43 27.76 21.01
N VAL L 184 15.91 27.26 22.15
CA VAL L 184 15.16 26.32 22.98
C VAL L 184 15.06 26.88 24.39
N ASP L 185 14.24 26.22 25.22
CA ASP L 185 14.01 26.62 26.60
C ASP L 185 14.80 25.79 27.60
N SER L 186 14.68 24.47 27.53
CA SER L 186 15.37 23.58 28.45
C SER L 186 15.89 22.38 27.68
N ILE L 187 16.58 21.48 28.39
CA ILE L 187 17.15 20.27 27.83
C ILE L 187 16.58 19.07 28.58
N LEU L 188 16.09 18.08 27.84
CA LEU L 188 15.52 16.87 28.42
C LEU L 188 16.60 15.81 28.47
N THR L 189 17.23 15.67 29.64
CA THR L 189 18.30 14.69 29.84
C THR L 189 17.73 13.33 30.27
N HIS L 190 16.99 13.31 31.38
CA HIS L 190 16.39 12.09 31.90
C HIS L 190 14.94 12.37 32.30
N ARG L 191 14.14 11.31 32.29
CA ARG L 191 12.73 11.43 32.65
C ARG L 191 12.60 11.49 34.16
N ASN L 192 11.97 12.54 34.67
CA ASN L 192 11.78 12.71 36.11
C ASN L 192 10.30 12.60 36.47
N LEU M 1 6.03 6.77 3.68
CA LEU M 1 4.95 6.15 4.45
C LEU M 1 3.82 7.14 4.69
N VAL M 2 2.59 6.66 4.63
CA VAL M 2 1.40 7.49 4.83
C VAL M 2 0.72 7.05 6.12
N PRO M 3 0.66 7.90 7.15
CA PRO M 3 0.00 7.48 8.39
C PRO M 3 -1.46 7.14 8.15
N MET M 4 -1.94 6.13 8.89
CA MET M 4 -3.32 5.66 8.78
C MET M 4 -4.10 6.12 10.02
N VAL M 5 -5.09 6.96 9.80
CA VAL M 5 -5.93 7.47 10.88
C VAL M 5 -7.22 6.67 10.90
N ILE M 6 -7.90 6.71 12.05
CA ILE M 6 -9.15 6.00 12.25
C ILE M 6 -10.22 7.00 12.67
N GLU M 7 -11.38 6.92 12.03
CA GLU M 7 -12.50 7.81 12.31
C GLU M 7 -13.56 7.04 13.07
N GLN M 8 -14.01 7.60 14.19
CA GLN M 8 -15.02 6.98 15.03
C GLN M 8 -16.41 7.37 14.52
N THR M 9 -17.23 6.37 14.21
CA THR M 9 -18.57 6.60 13.71
C THR M 9 -19.52 5.60 14.38
N SER M 10 -20.81 5.83 14.19
CA SER M 10 -21.81 4.94 14.78
C SER M 10 -21.70 3.54 14.23
N ARG M 11 -21.46 3.40 12.92
CA ARG M 11 -21.34 2.08 12.32
C ARG M 11 -20.18 1.30 12.93
N GLY M 12 -19.04 1.94 13.09
CA GLY M 12 -17.88 1.29 13.67
C GLY M 12 -16.61 1.95 13.19
N GLU M 13 -15.49 1.37 13.62
CA GLU M 13 -14.18 1.90 13.25
C GLU M 13 -13.97 1.76 11.75
N ARG M 14 -13.37 2.79 11.15
CA ARG M 14 -13.09 2.82 9.72
C ARG M 14 -11.62 3.13 9.51
N SER M 15 -11.03 2.49 8.49
CA SER M 15 -9.61 2.67 8.17
C SER M 15 -9.46 3.68 7.04
N PHE M 16 -8.59 4.66 7.26
CA PHE M 16 -8.32 5.70 6.26
C PHE M 16 -6.89 6.18 6.44
N ASP M 17 -6.39 6.85 5.40
CA ASP M 17 -5.06 7.44 5.42
C ASP M 17 -5.18 8.93 5.71
N ILE M 18 -4.04 9.61 5.82
CA ILE M 18 -4.07 11.03 6.11
C ILE M 18 -4.75 11.81 4.98
N TYR M 19 -4.42 11.48 3.74
CA TYR M 19 -5.02 12.20 2.61
C TYR M 19 -6.48 11.83 2.43
N SER M 20 -6.83 10.55 2.60
CA SER M 20 -8.22 10.14 2.43
C SER M 20 -9.12 10.76 3.49
N ARG M 21 -8.64 10.87 4.73
CA ARG M 21 -9.45 11.44 5.80
C ARG M 21 -9.85 12.87 5.47
N LEU M 22 -8.89 13.67 5.00
CA LEU M 22 -9.20 15.05 4.65
C LEU M 22 -10.08 15.13 3.41
N LEU M 23 -9.93 14.17 2.48
CA LEU M 23 -10.75 14.18 1.28
C LEU M 23 -12.22 14.02 1.62
N LYS M 24 -12.53 13.24 2.65
CA LYS M 24 -13.92 13.05 3.05
C LYS M 24 -14.55 14.35 3.52
N GLU M 25 -13.74 15.33 3.95
CA GLU M 25 -14.22 16.62 4.40
C GLU M 25 -14.15 17.67 3.30
N ARG M 26 -14.12 17.24 2.03
CA ARG M 26 -14.06 18.15 0.89
C ARG M 26 -12.77 18.96 0.89
N VAL M 27 -11.65 18.24 0.91
CA VAL M 27 -10.32 18.84 0.91
C VAL M 27 -9.48 18.13 -0.15
N ILE M 28 -8.78 18.90 -0.97
CA ILE M 28 -7.93 18.37 -2.03
C ILE M 28 -6.54 18.97 -1.88
N PHE M 29 -5.54 18.21 -2.32
CA PHE M 29 -4.14 18.63 -2.25
C PHE M 29 -3.54 18.66 -3.66
N LEU M 30 -2.75 19.70 -3.92
CA LEU M 30 -2.07 19.88 -5.21
C LEU M 30 -0.59 20.07 -4.89
N THR M 31 0.14 18.97 -4.82
CA THR M 31 1.56 18.97 -4.52
C THR M 31 2.35 18.36 -5.67
N GLY M 32 3.54 18.89 -5.91
CA GLY M 32 4.39 18.41 -6.97
C GLY M 32 4.15 19.13 -8.29
N GLN M 33 5.10 18.97 -9.20
CA GLN M 33 4.98 19.61 -10.50
C GLN M 33 3.71 19.16 -11.21
N VAL M 34 3.02 20.12 -11.82
CA VAL M 34 1.78 19.81 -12.53
C VAL M 34 2.10 18.98 -13.77
N GLU M 35 1.32 17.92 -13.96
CA GLU M 35 1.49 17.03 -15.10
C GLU M 35 0.13 16.44 -15.47
N ASP M 36 0.12 15.56 -16.46
CA ASP M 36 -1.14 14.96 -16.89
C ASP M 36 -1.66 13.96 -15.86
N HIS M 37 -0.77 13.15 -15.27
CA HIS M 37 -1.22 12.16 -14.30
C HIS M 37 -1.77 12.80 -13.04
N MET M 38 -1.02 13.72 -12.44
CA MET M 38 -1.50 14.35 -11.21
C MET M 38 -2.70 15.24 -11.47
N ALA M 39 -2.72 15.96 -12.60
CA ALA M 39 -3.85 16.82 -12.90
C ALA M 39 -5.13 16.01 -13.05
N ASN M 40 -5.06 14.86 -13.71
CA ASN M 40 -6.24 14.03 -13.88
C ASN M 40 -6.77 13.56 -12.53
N LEU M 41 -5.86 13.23 -11.60
CA LEU M 41 -6.28 12.77 -10.28
C LEU M 41 -7.07 13.86 -9.56
N ILE M 42 -6.61 15.11 -9.64
CA ILE M 42 -7.31 16.20 -8.97
C ILE M 42 -8.71 16.38 -9.56
N VAL M 43 -8.83 16.32 -10.89
CA VAL M 43 -10.13 16.49 -11.53
C VAL M 43 -11.09 15.42 -11.04
N ALA M 44 -10.63 14.19 -10.88
CA ALA M 44 -11.50 13.11 -10.42
C ALA M 44 -12.02 13.41 -9.01
N GLN M 45 -11.16 13.93 -8.13
CA GLN M 45 -11.59 14.23 -6.77
C GLN M 45 -12.69 15.30 -6.77
N MET M 46 -12.53 16.33 -7.60
CA MET M 46 -13.54 17.39 -7.64
C MET M 46 -14.89 16.84 -8.09
N LEU M 47 -14.91 15.98 -9.09
CA LEU M 47 -16.17 15.42 -9.57
C LEU M 47 -16.85 14.59 -8.48
N PHE M 48 -16.07 13.79 -7.75
CA PHE M 48 -16.64 12.96 -6.70
C PHE M 48 -17.29 13.81 -5.61
N LEU M 49 -16.61 14.89 -5.20
CA LEU M 49 -17.17 15.75 -4.16
C LEU M 49 -18.46 16.42 -4.62
N GLU M 50 -18.52 16.83 -5.89
CA GLU M 50 -19.73 17.47 -6.40
C GLU M 50 -20.92 16.53 -6.33
N ALA M 51 -20.74 15.27 -6.70
CA ALA M 51 -21.83 14.31 -6.65
C ALA M 51 -22.33 14.10 -5.23
N GLU M 52 -21.41 14.00 -4.27
CA GLU M 52 -21.81 13.80 -2.88
C GLU M 52 -22.64 14.97 -2.38
N ASN M 53 -22.20 16.19 -2.66
CA ASN M 53 -22.92 17.39 -2.23
C ASN M 53 -22.60 18.54 -3.19
N PRO M 54 -23.50 18.91 -4.09
CA PRO M 54 -23.22 20.00 -5.03
C PRO M 54 -23.32 21.40 -4.45
N GLU M 55 -23.37 21.54 -3.12
CA GLU M 55 -23.47 22.86 -2.49
C GLU M 55 -22.32 23.17 -1.56
N LYS M 56 -21.81 22.18 -0.82
CA LYS M 56 -20.71 22.42 0.10
C LYS M 56 -19.46 22.83 -0.66
N ASP M 57 -18.71 23.78 -0.09
CA ASP M 57 -17.50 24.25 -0.72
C ASP M 57 -16.44 23.16 -0.76
N ILE M 58 -15.62 23.19 -1.81
CA ILE M 58 -14.55 22.23 -2.02
C ILE M 58 -13.23 22.98 -1.90
N TYR M 59 -12.45 22.64 -0.88
CA TYR M 59 -11.17 23.30 -0.67
C TYR M 59 -10.09 22.66 -1.54
N LEU M 60 -9.04 23.43 -1.80
CA LEU M 60 -7.93 22.97 -2.63
C LEU M 60 -6.68 23.77 -2.25
N TYR M 61 -5.70 23.08 -1.67
CA TYR M 61 -4.46 23.71 -1.26
C TYR M 61 -3.46 23.61 -2.41
N ILE M 62 -2.99 24.75 -2.89
CA ILE M 62 -2.04 24.82 -4.00
C ILE M 62 -0.65 25.03 -3.43
N ASN M 63 0.25 24.09 -3.70
CA ASN M 63 1.63 24.16 -3.23
C ASN M 63 2.51 23.44 -4.26
N SER M 64 2.99 24.20 -5.24
CA SER M 64 3.83 23.64 -6.29
C SER M 64 4.43 24.75 -7.15
N PRO M 65 5.62 24.54 -7.72
CA PRO M 65 6.22 25.57 -8.57
C PRO M 65 5.58 25.69 -9.94
N GLY M 66 4.74 24.74 -10.34
CA GLY M 66 4.08 24.75 -11.62
C GLY M 66 4.36 23.48 -12.40
N GLY M 67 3.97 23.51 -13.67
CA GLY M 67 4.18 22.38 -14.55
C GLY M 67 3.67 22.60 -15.95
N VAL M 68 3.11 21.56 -16.56
CA VAL M 68 2.59 21.66 -17.93
C VAL M 68 1.37 22.58 -17.93
N ILE M 69 1.36 23.54 -18.85
CA ILE M 69 0.25 24.47 -18.94
C ILE M 69 -1.03 23.75 -19.35
N THR M 70 -0.95 22.86 -20.34
CA THR M 70 -2.14 22.15 -20.79
C THR M 70 -2.78 21.36 -19.67
N ALA M 71 -1.96 20.68 -18.85
CA ALA M 71 -2.51 19.91 -17.74
C ALA M 71 -3.22 20.81 -16.74
N GLY M 72 -2.68 22.00 -16.49
CA GLY M 72 -3.31 22.91 -15.55
C GLY M 72 -4.65 23.43 -16.02
N MET M 73 -4.79 23.64 -17.33
CA MET M 73 -6.04 24.17 -17.86
C MET M 73 -7.22 23.23 -17.55
N SER M 74 -6.98 21.93 -17.51
CA SER M 74 -8.06 21.00 -17.22
C SER M 74 -8.63 21.25 -15.82
N ILE M 75 -7.75 21.50 -14.84
CA ILE M 75 -8.20 21.75 -13.48
C ILE M 75 -9.01 23.04 -13.43
N TYR M 76 -8.55 24.07 -14.15
CA TYR M 76 -9.27 25.35 -14.14
C TYR M 76 -10.69 25.19 -14.66
N ASP M 77 -10.86 24.44 -15.76
CA ASP M 77 -12.20 24.25 -16.32
C ASP M 77 -13.10 23.51 -15.35
N THR M 78 -12.57 22.49 -14.67
CA THR M 78 -13.38 21.74 -13.71
C THR M 78 -13.85 22.64 -12.57
N MET M 79 -12.98 23.51 -12.08
CA MET M 79 -13.35 24.40 -10.98
C MET M 79 -14.48 25.34 -11.40
N GLN M 80 -14.43 25.87 -12.62
CA GLN M 80 -15.45 26.78 -13.11
C GLN M 80 -16.69 26.08 -13.61
N PHE M 81 -16.68 24.75 -13.73
CA PHE M 81 -17.83 23.99 -14.21
C PHE M 81 -18.67 23.43 -13.08
N ILE M 82 -18.03 22.83 -12.07
CA ILE M 82 -18.77 22.25 -10.95
C ILE M 82 -19.48 23.36 -10.19
N LYS M 83 -20.74 23.12 -9.84
CA LYS M 83 -21.51 24.11 -9.11
C LYS M 83 -20.86 24.52 -7.80
N PRO M 84 -20.33 23.61 -6.98
CA PRO M 84 -19.71 24.04 -5.72
C PRO M 84 -18.58 25.03 -5.96
N ASP M 85 -18.48 26.02 -5.07
CA ASP M 85 -17.43 27.01 -5.16
C ASP M 85 -16.12 26.42 -4.65
N VAL M 86 -15.06 26.55 -5.43
CA VAL M 86 -13.76 26.01 -5.08
C VAL M 86 -12.95 27.07 -4.35
N SER M 87 -12.58 26.79 -3.11
CA SER M 87 -11.78 27.69 -2.29
C SER M 87 -10.32 27.25 -2.40
N THR M 88 -9.47 28.16 -2.87
CA THR M 88 -8.05 27.88 -3.05
C THR M 88 -7.24 28.61 -1.99
N ILE M 89 -6.36 27.88 -1.32
CA ILE M 89 -5.49 28.43 -0.28
C ILE M 89 -4.05 28.10 -0.66
N CYS M 90 -3.21 29.13 -0.74
CA CYS M 90 -1.81 28.96 -1.11
C CYS M 90 -0.98 28.62 0.12
N MET M 91 -0.24 27.52 0.05
CA MET M 91 0.63 27.08 1.13
C MET M 91 2.03 26.87 0.60
N GLY M 92 3.00 27.52 1.22
CA GLY M 92 4.39 27.41 0.81
C GLY M 92 4.71 28.30 -0.37
N GLN M 93 4.27 27.91 -1.57
CA GLN M 93 4.53 28.70 -2.77
C GLN M 93 3.53 28.30 -3.84
N ALA M 94 3.34 29.21 -4.79
CA ALA M 94 2.44 29.00 -5.92
C ALA M 94 2.98 29.82 -7.08
N ALA M 95 3.71 29.16 -7.98
CA ALA M 95 4.31 29.81 -9.12
C ALA M 95 3.91 29.11 -10.41
N SER M 96 3.96 29.87 -11.51
CA SER M 96 3.62 29.38 -12.85
C SER M 96 2.17 28.95 -12.83
N MET M 97 1.85 27.69 -13.14
CA MET M 97 0.44 27.26 -13.13
C MET M 97 -0.18 27.38 -11.75
N GLY M 98 0.64 27.23 -10.70
CA GLY M 98 0.10 27.34 -9.35
C GLY M 98 -0.52 28.69 -9.07
N ALA M 99 0.14 29.77 -9.51
CA ALA M 99 -0.40 31.10 -9.29
C ALA M 99 -1.71 31.30 -10.04
N PHE M 100 -1.79 30.79 -11.28
CA PHE M 100 -3.02 30.93 -12.05
C PHE M 100 -4.19 30.26 -11.37
N LEU M 101 -3.99 29.06 -10.83
CA LEU M 101 -5.07 28.36 -10.15
C LEU M 101 -5.45 29.05 -8.84
N LEU M 102 -4.49 29.72 -8.21
CA LEU M 102 -4.77 30.41 -6.95
C LEU M 102 -5.81 31.51 -7.15
N THR M 103 -5.69 32.27 -8.24
CA THR M 103 -6.63 33.34 -8.51
C THR M 103 -7.89 32.85 -9.23
N ALA M 104 -7.94 31.57 -9.60
CA ALA M 104 -9.10 31.02 -10.29
C ALA M 104 -10.21 30.60 -9.33
N GLY M 105 -9.98 30.68 -8.02
CA GLY M 105 -11.00 30.30 -7.07
C GLY M 105 -12.17 31.26 -7.05
N ALA M 106 -13.25 30.83 -6.39
CA ALA M 106 -14.44 31.65 -6.30
C ALA M 106 -14.11 32.98 -5.62
N LYS M 107 -14.69 34.06 -6.15
CA LYS M 107 -14.45 35.38 -5.59
C LYS M 107 -14.90 35.43 -4.14
N GLY M 108 -14.08 36.07 -3.30
CA GLY M 108 -14.39 36.19 -1.89
C GLY M 108 -14.01 34.99 -1.04
N LYS M 109 -13.41 33.96 -1.64
CA LYS M 109 -13.02 32.76 -0.90
C LYS M 109 -11.56 32.39 -1.12
N ARG M 110 -10.75 33.30 -1.68
CA ARG M 110 -9.33 33.03 -1.91
C ARG M 110 -8.54 33.50 -0.71
N PHE M 111 -7.68 32.62 -0.18
CA PHE M 111 -6.85 32.92 0.98
C PHE M 111 -5.43 32.46 0.72
N CYS M 112 -4.53 32.89 1.59
CA CYS M 112 -3.12 32.53 1.50
C CYS M 112 -2.48 32.68 2.87
N LEU M 113 -1.41 31.91 3.09
CA LEU M 113 -0.71 31.96 4.36
C LEU M 113 0.09 33.26 4.46
N PRO M 114 0.38 33.71 5.68
CA PRO M 114 1.15 34.97 5.82
C PRO M 114 2.51 34.92 5.17
N ASN M 115 3.17 33.76 5.15
CA ASN M 115 4.50 33.62 4.55
C ASN M 115 4.46 33.01 3.15
N SER M 116 3.27 32.83 2.57
CA SER M 116 3.17 32.27 1.24
C SER M 116 3.68 33.26 0.20
N ARG M 117 4.16 32.72 -0.91
CA ARG M 117 4.69 33.52 -2.01
C ARG M 117 4.07 33.06 -3.32
N VAL M 118 3.77 34.02 -4.19
CA VAL M 118 3.16 33.75 -5.49
C VAL M 118 4.01 34.41 -6.57
N MET M 119 4.33 33.65 -7.61
CA MET M 119 5.12 34.14 -8.73
C MET M 119 4.35 33.92 -10.02
N ILE M 120 4.37 34.93 -10.90
CA ILE M 120 3.67 34.89 -12.17
C ILE M 120 4.66 35.20 -13.29
N HIS M 121 4.59 34.43 -14.37
CA HIS M 121 5.47 34.62 -15.52
C HIS M 121 4.74 34.17 -16.78
N GLN M 122 5.26 34.59 -17.92
CA GLN M 122 4.66 34.26 -19.19
C GLN M 122 4.87 32.78 -19.52
N PRO M 123 4.07 32.22 -20.43
CA PRO M 123 4.23 30.81 -20.78
C PRO M 123 5.61 30.49 -21.33
N LEU M 124 6.07 29.27 -21.05
CA LEU M 124 7.36 28.79 -21.49
C LEU M 124 7.14 27.60 -22.41
N GLY M 125 7.84 27.60 -23.55
CA GLY M 125 7.72 26.53 -24.53
C GLY M 125 8.97 26.44 -25.38
N GLY M 126 8.80 25.93 -26.59
CA GLY M 126 9.91 25.79 -27.51
C GLY M 126 9.75 24.61 -28.45
N TYR M 127 10.06 24.81 -29.73
CA TYR M 127 9.93 23.76 -30.73
C TYR M 127 11.11 23.83 -31.68
N GLN M 128 11.47 22.66 -32.23
CA GLN M 128 12.58 22.54 -33.16
C GLN M 128 12.12 21.77 -34.39
N GLY M 129 12.54 22.21 -35.57
CA GLY M 129 12.17 21.54 -36.80
C GLY M 129 12.29 22.48 -37.99
N GLN M 130 11.44 22.24 -38.98
CA GLN M 130 11.44 23.06 -40.19
C GLN M 130 10.92 24.46 -39.86
N ALA M 131 11.18 25.38 -40.79
CA ALA M 131 10.74 26.77 -40.60
C ALA M 131 9.22 26.87 -40.52
N THR M 132 8.51 26.15 -41.39
CA THR M 132 7.05 26.20 -41.37
C THR M 132 6.51 25.67 -40.05
N ASP M 133 7.05 24.56 -39.55
CA ASP M 133 6.57 24.02 -38.29
C ASP M 133 6.85 24.97 -37.14
N ILE M 134 8.03 25.60 -37.13
CA ILE M 134 8.36 26.53 -36.05
C ILE M 134 7.38 27.69 -36.03
N GLU M 135 6.94 28.15 -37.20
CA GLU M 135 6.00 29.26 -37.25
C GLU M 135 4.66 28.87 -36.62
N ILE M 136 4.19 27.65 -36.90
CA ILE M 136 2.91 27.21 -36.35
C ILE M 136 2.99 27.13 -34.83
N HIS M 137 4.07 26.56 -34.30
CA HIS M 137 4.22 26.45 -32.86
C HIS M 137 4.35 27.82 -32.21
N ALA M 138 5.04 28.75 -32.87
CA ALA M 138 5.19 30.09 -32.31
C ALA M 138 3.83 30.77 -32.17
N ARG M 139 2.97 30.61 -33.17
CA ARG M 139 1.64 31.21 -33.10
C ARG M 139 0.80 30.56 -32.00
N GLU M 140 0.96 29.24 -31.82
CA GLU M 140 0.19 28.54 -30.79
C GLU M 140 0.54 29.03 -29.40
N ILE M 141 1.84 29.15 -29.10
CA ILE M 141 2.24 29.61 -27.77
C ILE M 141 1.79 31.05 -27.54
N LEU M 142 1.85 31.89 -28.58
CA LEU M 142 1.41 33.27 -28.43
C LEU M 142 -0.06 33.35 -28.08
N LYS M 143 -0.89 32.51 -28.73
CA LYS M 143 -2.32 32.53 -28.44
C LYS M 143 -2.58 32.11 -27.00
N VAL M 144 -1.85 31.11 -26.51
CA VAL M 144 -2.03 30.66 -25.13
C VAL M 144 -1.67 31.78 -24.17
N LYS M 145 -0.63 32.55 -24.49
CA LYS M 145 -0.23 33.65 -23.62
C LYS M 145 -1.33 34.69 -23.51
N GLY M 146 -1.97 35.03 -24.62
CA GLY M 146 -3.04 36.02 -24.58
C GLY M 146 -4.25 35.53 -23.77
N ARG M 147 -4.63 34.27 -23.96
CA ARG M 147 -5.77 33.73 -23.23
C ARG M 147 -5.51 33.73 -21.73
N MET M 148 -4.29 33.33 -21.32
CA MET M 148 -3.96 33.30 -19.90
C MET M 148 -4.02 34.69 -19.29
N ASN M 149 -3.52 35.70 -20.03
CA ASN M 149 -3.55 37.06 -19.50
C ASN M 149 -4.97 37.55 -19.29
N GLU M 150 -5.87 37.24 -20.24
CA GLU M 150 -7.25 37.67 -20.10
C GLU M 150 -7.91 37.05 -18.87
N LEU M 151 -7.68 35.76 -18.64
CA LEU M 151 -8.27 35.09 -17.48
C LEU M 151 -7.73 35.69 -16.19
N MET M 152 -6.44 35.99 -16.14
CA MET M 152 -5.86 36.56 -14.93
C MET M 152 -6.50 37.91 -14.60
N ALA M 153 -6.71 38.74 -15.62
CA ALA M 153 -7.32 40.05 -15.40
C ALA M 153 -8.77 39.93 -14.95
N LEU M 154 -9.45 38.86 -15.36
CA LEU M 154 -10.86 38.69 -14.97
C LEU M 154 -10.99 38.47 -13.47
N HIS M 155 -10.09 37.69 -12.88
CA HIS M 155 -10.17 37.42 -11.44
C HIS M 155 -9.55 38.55 -10.61
N THR M 156 -8.28 38.86 -10.86
CA THR M 156 -7.61 39.91 -10.10
C THR M 156 -8.27 41.27 -10.30
N GLY M 157 -8.98 41.47 -11.40
CA GLY M 157 -9.63 42.74 -11.68
C GLY M 157 -8.75 43.79 -12.31
N GLN M 158 -7.47 43.48 -12.56
CA GLN M 158 -6.56 44.44 -13.16
C GLN M 158 -6.82 44.53 -14.67
N SER M 159 -6.24 45.56 -15.28
CA SER M 159 -6.41 45.76 -16.71
C SER M 159 -5.57 44.74 -17.49
N LEU M 160 -6.01 44.47 -18.72
CA LEU M 160 -5.30 43.52 -19.56
C LEU M 160 -3.88 43.98 -19.84
N GLU M 161 -3.69 45.27 -20.10
CA GLU M 161 -2.36 45.79 -20.38
C GLU M 161 -1.44 45.63 -19.17
N GLN M 162 -1.98 45.86 -17.97
CA GLN M 162 -1.16 45.73 -16.77
C GLN M 162 -0.67 44.30 -16.58
N ILE M 163 -1.53 43.32 -16.85
CA ILE M 163 -1.14 41.91 -16.69
C ILE M 163 -0.03 41.55 -17.67
N GLU M 164 -0.16 42.00 -18.93
CA GLU M 164 0.86 41.68 -19.93
C GLU M 164 2.22 42.23 -19.54
N ARG M 165 2.28 43.47 -19.08
CA ARG M 165 3.56 44.06 -18.70
C ARG M 165 4.17 43.34 -17.50
N ASP M 166 3.36 42.96 -16.52
CA ASP M 166 3.87 42.29 -15.34
C ASP M 166 4.27 40.84 -15.63
N THR M 167 3.75 40.24 -16.71
CA THR M 167 4.07 38.87 -17.06
C THR M 167 5.27 38.75 -18.00
N GLU M 168 5.86 39.88 -18.42
CA GLU M 168 7.02 39.81 -19.30
C GLU M 168 8.18 39.09 -18.64
N ARG M 169 8.28 39.17 -17.31
CA ARG M 169 9.35 38.53 -16.57
C ARG M 169 8.82 38.05 -15.23
N ASP M 170 9.56 37.15 -14.60
CA ASP M 170 9.15 36.62 -13.30
C ASP M 170 8.97 37.76 -12.30
N ARG M 171 7.86 37.70 -11.56
CA ARG M 171 7.53 38.71 -10.56
C ARG M 171 7.17 38.00 -9.27
N PHE M 172 7.90 38.28 -8.20
CA PHE M 172 7.67 37.69 -6.89
C PHE M 172 6.89 38.66 -6.01
N LEU M 173 5.75 38.21 -5.49
CA LEU M 173 4.90 39.03 -4.64
C LEU M 173 4.62 38.27 -3.35
N SER M 174 4.82 38.94 -2.21
CA SER M 174 4.57 38.33 -0.92
C SER M 174 3.07 38.25 -0.67
N ALA M 175 2.69 37.63 0.46
CA ALA M 175 1.27 37.51 0.77
C ALA M 175 0.59 38.86 0.89
N PRO M 176 1.13 39.85 1.62
CA PRO M 176 0.44 41.15 1.68
C PRO M 176 0.27 41.80 0.31
N GLU M 177 1.24 41.63 -0.58
CA GLU M 177 1.14 42.23 -1.91
C GLU M 177 0.13 41.49 -2.79
N ALA M 178 -0.09 40.20 -2.52
CA ALA M 178 -1.04 39.44 -3.33
C ALA M 178 -2.46 39.96 -3.17
N VAL M 179 -2.82 40.35 -1.95
CA VAL M 179 -4.17 40.86 -1.71
C VAL M 179 -4.41 42.13 -2.52
N GLU M 180 -3.46 43.06 -2.49
CA GLU M 180 -3.61 44.30 -3.23
C GLU M 180 -3.66 44.04 -4.74
N TYR M 181 -2.82 43.13 -5.23
CA TYR M 181 -2.81 42.84 -6.67
C TYR M 181 -4.13 42.24 -7.13
N GLY M 182 -4.79 41.47 -6.28
CA GLY M 182 -6.06 40.84 -6.61
C GLY M 182 -6.01 39.34 -6.72
N LEU M 183 -4.82 38.73 -6.59
CA LEU M 183 -4.73 37.28 -6.68
C LEU M 183 -5.52 36.60 -5.57
N VAL M 184 -5.44 37.14 -4.36
CA VAL M 184 -6.14 36.59 -3.20
C VAL M 184 -6.98 37.70 -2.58
N ASP M 185 -7.82 37.31 -1.62
CA ASP M 185 -8.71 38.24 -0.93
C ASP M 185 -8.21 38.63 0.45
N SER M 186 -7.89 37.66 1.30
CA SER M 186 -7.41 37.92 2.65
C SER M 186 -6.28 36.95 2.98
N ILE M 187 -5.71 37.12 4.16
CA ILE M 187 -4.60 36.29 4.64
C ILE M 187 -5.04 35.63 5.95
N LEU M 188 -4.85 34.32 6.04
CA LEU M 188 -5.22 33.56 7.23
C LEU M 188 -3.98 33.44 8.11
N THR M 189 -3.88 34.31 9.11
CA THR M 189 -2.74 34.31 10.04
C THR M 189 -2.98 33.38 11.22
N HIS M 190 -4.07 33.61 11.96
CA HIS M 190 -4.41 32.79 13.12
C HIS M 190 -5.90 32.46 13.08
N ARG M 191 -6.26 31.35 13.71
CA ARG M 191 -7.64 30.92 13.76
C ARG M 191 -8.40 31.75 14.78
N ASN M 192 -9.54 32.30 14.36
CA ASN M 192 -10.37 33.12 15.23
C ASN M 192 -11.75 32.51 15.39
N LEU N 1 -0.10 8.37 -4.71
CA LEU N 1 -1.15 7.87 -3.84
C LEU N 1 -2.52 8.11 -4.46
N VAL N 2 -3.38 7.10 -4.38
CA VAL N 2 -4.73 7.14 -4.93
C VAL N 2 -5.71 7.21 -3.76
N PRO N 3 -6.44 8.32 -3.57
CA PRO N 3 -7.38 8.39 -2.45
C PRO N 3 -8.42 7.29 -2.53
N MET N 4 -8.82 6.79 -1.36
CA MET N 4 -9.80 5.73 -1.24
C MET N 4 -11.11 6.32 -0.73
N VAL N 5 -12.14 6.29 -1.57
CA VAL N 5 -13.45 6.80 -1.22
C VAL N 5 -14.33 5.64 -0.78
N ILE N 6 -15.39 5.97 -0.05
CA ILE N 6 -16.34 4.98 0.46
C ILE N 6 -17.73 5.35 -0.05
N GLU N 7 -18.44 4.36 -0.57
CA GLU N 7 -19.80 4.53 -1.09
C GLU N 7 -20.78 3.90 -0.12
N GLN N 8 -21.80 4.66 0.27
CA GLN N 8 -22.83 4.18 1.19
C GLN N 8 -23.93 3.47 0.42
N THR N 9 -24.19 2.22 0.80
CA THR N 9 -25.22 1.41 0.15
C THR N 9 -25.99 0.64 1.22
N SER N 10 -27.09 0.01 0.79
CA SER N 10 -27.90 -0.76 1.72
C SER N 10 -27.12 -1.92 2.31
N ARG N 11 -26.33 -2.62 1.49
CA ARG N 11 -25.56 -3.75 1.99
C ARG N 11 -24.58 -3.32 3.07
N GLY N 12 -23.90 -2.21 2.86
CA GLY N 12 -22.94 -1.72 3.85
C GLY N 12 -21.86 -0.91 3.16
N GLU N 13 -20.90 -0.49 3.98
CA GLU N 13 -19.78 0.31 3.48
C GLU N 13 -18.95 -0.52 2.51
N ARG N 14 -18.51 0.12 1.43
CA ARG N 14 -17.69 -0.52 0.41
C ARG N 14 -16.43 0.31 0.19
N SER N 15 -15.32 -0.38 -0.06
CA SER N 15 -14.03 0.26 -0.28
C SER N 15 -13.75 0.40 -1.77
N PHE N 16 -13.39 1.60 -2.18
CA PHE N 16 -13.08 1.90 -3.58
C PHE N 16 -12.07 3.03 -3.65
N ASP N 17 -11.45 3.16 -4.82
CA ASP N 17 -10.49 4.21 -5.07
C ASP N 17 -11.17 5.30 -5.89
N ILE N 18 -10.44 6.39 -6.17
CA ILE N 18 -11.01 7.49 -6.93
C ILE N 18 -11.37 7.04 -8.34
N TYR N 19 -10.48 6.29 -8.99
CA TYR N 19 -10.76 5.84 -10.35
C TYR N 19 -11.83 4.76 -10.37
N SER N 20 -11.81 3.83 -9.41
CA SER N 20 -12.79 2.77 -9.39
C SER N 20 -14.20 3.31 -9.14
N ARG N 21 -14.32 4.31 -8.26
CA ARG N 21 -15.64 4.87 -7.97
C ARG N 21 -16.29 5.43 -9.23
N LEU N 22 -15.52 6.19 -10.02
CA LEU N 22 -16.07 6.74 -11.25
C LEU N 22 -16.33 5.67 -12.29
N LEU N 23 -15.53 4.59 -12.29
CA LEU N 23 -15.75 3.51 -13.24
C LEU N 23 -17.10 2.86 -13.04
N LYS N 24 -17.54 2.75 -11.78
CA LYS N 24 -18.84 2.16 -11.50
C LYS N 24 -19.98 2.96 -12.12
N GLU N 25 -19.76 4.25 -12.40
CA GLU N 25 -20.76 5.11 -13.00
C GLU N 25 -20.58 5.22 -14.51
N ARG N 26 -19.90 4.25 -15.13
CA ARG N 26 -19.66 4.23 -16.57
C ARG N 26 -18.80 5.43 -16.99
N VAL N 27 -17.63 5.53 -16.38
CA VAL N 27 -16.67 6.59 -16.65
C VAL N 27 -15.31 5.96 -16.84
N ILE N 28 -14.60 6.37 -17.89
CA ILE N 28 -13.27 5.84 -18.20
C ILE N 28 -12.32 7.02 -18.38
N PHE N 29 -11.04 6.79 -18.08
CA PHE N 29 -10.01 7.80 -18.18
C PHE N 29 -8.93 7.35 -19.16
N LEU N 30 -8.45 8.28 -19.99
CA LEU N 30 -7.41 8.04 -20.98
C LEU N 30 -6.32 9.07 -20.73
N THR N 31 -5.38 8.75 -19.85
CA THR N 31 -4.28 9.64 -19.50
C THR N 31 -2.95 8.98 -19.84
N GLY N 32 -1.99 9.81 -20.24
CA GLY N 32 -0.68 9.33 -20.59
C GLY N 32 -0.57 8.97 -22.06
N GLN N 33 0.67 8.81 -22.52
CA GLN N 33 0.91 8.47 -23.92
C GLN N 33 0.24 7.14 -24.25
N VAL N 34 -0.39 7.09 -25.42
CA VAL N 34 -1.09 5.88 -25.85
C VAL N 34 -0.05 4.79 -26.15
N GLU N 35 -0.31 3.59 -25.63
CA GLU N 35 0.58 2.45 -25.83
C GLU N 35 -0.26 1.18 -25.83
N ASP N 36 0.41 0.04 -25.96
CA ASP N 36 -0.31 -1.23 -25.98
C ASP N 36 -0.87 -1.59 -24.61
N HIS N 37 -0.11 -1.35 -23.54
CA HIS N 37 -0.57 -1.69 -22.20
C HIS N 37 -1.76 -0.84 -21.78
N MET N 38 -1.65 0.48 -21.90
CA MET N 38 -2.75 1.35 -21.48
C MET N 38 -3.95 1.18 -22.40
N ALA N 39 -3.72 1.01 -23.71
CA ALA N 39 -4.84 0.85 -24.63
C ALA N 39 -5.64 -0.41 -24.31
N ASN N 40 -4.94 -1.50 -23.99
CA ASN N 40 -5.64 -2.75 -23.67
C ASN N 40 -6.50 -2.58 -22.42
N LEU N 41 -5.99 -1.82 -21.44
CA LEU N 41 -6.76 -1.60 -20.22
C LEU N 41 -8.07 -0.89 -20.50
N ILE N 42 -8.03 0.13 -21.38
CA ILE N 42 -9.24 0.86 -21.71
C ILE N 42 -10.25 -0.05 -22.39
N VAL N 43 -9.79 -0.88 -23.32
CA VAL N 43 -10.70 -1.79 -24.03
C VAL N 43 -11.39 -2.71 -23.04
N ALA N 44 -10.67 -3.21 -22.03
CA ALA N 44 -11.27 -4.10 -21.06
C ALA N 44 -12.39 -3.40 -20.30
N GLN N 45 -12.19 -2.14 -19.92
CA GLN N 45 -13.22 -1.41 -19.19
C GLN N 45 -14.49 -1.25 -20.02
N MET N 46 -14.34 -0.96 -21.32
CA MET N 46 -15.51 -0.80 -22.17
C MET N 46 -16.33 -2.08 -22.25
N LEU N 47 -15.65 -3.22 -22.39
CA LEU N 47 -16.37 -4.50 -22.47
C LEU N 47 -17.14 -4.78 -21.19
N PHE N 48 -16.53 -4.50 -20.03
CA PHE N 48 -17.20 -4.75 -18.75
C PHE N 48 -18.45 -3.90 -18.62
N LEU N 49 -18.38 -2.62 -18.99
CA LEU N 49 -19.54 -1.75 -18.89
C LEU N 49 -20.67 -2.21 -19.81
N GLU N 50 -20.33 -2.66 -21.01
CA GLU N 50 -21.36 -3.11 -21.94
C GLU N 50 -22.14 -4.29 -21.37
N ALA N 51 -21.44 -5.26 -20.77
CA ALA N 51 -22.13 -6.42 -20.20
C ALA N 51 -23.06 -6.01 -19.07
N GLU N 52 -22.62 -5.09 -18.21
CA GLU N 52 -23.46 -4.66 -17.09
C GLU N 52 -24.75 -4.02 -17.59
N ASN N 53 -24.65 -3.13 -18.58
CA ASN N 53 -25.82 -2.47 -19.14
C ASN N 53 -25.49 -2.06 -20.57
N PRO N 54 -26.02 -2.78 -21.57
CA PRO N 54 -25.73 -2.44 -22.97
C PRO N 54 -26.51 -1.24 -23.50
N GLU N 55 -27.15 -0.45 -22.65
CA GLU N 55 -27.91 0.71 -23.08
C GLU N 55 -27.38 2.02 -22.52
N LYS N 56 -26.92 2.04 -21.28
CA LYS N 56 -26.39 3.26 -20.69
C LYS N 56 -25.13 3.72 -21.40
N ASP N 57 -25.00 5.03 -21.58
CA ASP N 57 -23.85 5.59 -22.26
C ASP N 57 -22.57 5.38 -21.44
N ILE N 58 -21.45 5.26 -22.14
CA ILE N 58 -20.15 5.07 -21.52
C ILE N 58 -19.30 6.30 -21.83
N TYR N 59 -18.91 7.01 -20.79
CA TYR N 59 -18.10 8.22 -20.94
C TYR N 59 -16.61 7.87 -20.99
N LEU N 60 -15.85 8.72 -21.65
CA LEU N 60 -14.41 8.52 -21.79
C LEU N 60 -13.75 9.89 -21.94
N TYR N 61 -12.93 10.26 -20.98
CA TYR N 61 -12.22 11.54 -21.01
C TYR N 61 -10.87 11.33 -21.68
N ILE N 62 -10.60 12.09 -22.74
CA ILE N 62 -9.37 12.00 -23.50
C ILE N 62 -8.48 13.17 -23.09
N ASN N 63 -7.32 12.86 -22.51
CA ASN N 63 -6.34 13.86 -22.06
C ASN N 63 -4.96 13.24 -22.25
N SER N 64 -4.39 13.43 -23.45
CA SER N 64 -3.07 12.89 -23.74
C SER N 64 -2.56 13.45 -25.06
N PRO N 65 -1.23 13.59 -25.22
CA PRO N 65 -0.69 14.10 -26.48
C PRO N 65 -0.69 13.10 -27.62
N GLY N 66 -0.96 11.83 -27.34
CA GLY N 66 -1.00 10.79 -28.34
C GLY N 66 -0.03 9.67 -28.02
N GLY N 67 0.13 8.77 -28.99
CA GLY N 67 1.03 7.64 -28.83
C GLY N 67 1.09 6.75 -30.04
N VAL N 68 1.18 5.44 -29.83
CA VAL N 68 1.25 4.49 -30.94
C VAL N 68 -0.08 4.49 -31.68
N ILE N 69 0.00 4.61 -33.01
CA ILE N 69 -1.22 4.62 -33.81
C ILE N 69 -1.94 3.28 -33.74
N THR N 70 -1.19 2.18 -33.83
CA THR N 70 -1.81 0.86 -33.77
C THR N 70 -2.56 0.66 -32.45
N ALA N 71 -1.95 1.07 -31.33
CA ALA N 71 -2.61 0.92 -30.05
C ALA N 71 -3.90 1.74 -29.98
N GLY N 72 -3.96 2.85 -30.71
CA GLY N 72 -5.15 3.68 -30.69
C GLY N 72 -6.28 3.13 -31.54
N MET N 73 -5.94 2.39 -32.60
CA MET N 73 -6.99 1.84 -33.47
C MET N 73 -7.84 0.82 -32.74
N SER N 74 -7.26 0.06 -31.80
CA SER N 74 -8.03 -0.93 -31.07
C SER N 74 -9.15 -0.26 -30.28
N ILE N 75 -8.85 0.88 -29.64
CA ILE N 75 -9.87 1.58 -28.86
C ILE N 75 -10.98 2.07 -29.78
N TYR N 76 -10.63 2.59 -30.96
CA TYR N 76 -11.64 3.08 -31.89
C TYR N 76 -12.60 1.97 -32.31
N ASP N 77 -12.06 0.78 -32.60
CA ASP N 77 -12.93 -0.33 -33.01
C ASP N 77 -13.88 -0.73 -31.89
N THR N 78 -13.38 -0.76 -30.65
CA THR N 78 -14.23 -1.14 -29.52
C THR N 78 -15.37 -0.14 -29.35
N MET N 79 -15.09 1.16 -29.52
CA MET N 79 -16.14 2.16 -29.37
C MET N 79 -17.23 1.98 -30.42
N GLN N 80 -16.85 1.67 -31.65
CA GLN N 80 -17.81 1.49 -32.73
C GLN N 80 -18.45 0.10 -32.74
N PHE N 81 -17.96 -0.82 -31.91
CA PHE N 81 -18.51 -2.17 -31.86
C PHE N 81 -19.52 -2.35 -30.74
N ILE N 82 -19.22 -1.85 -29.53
CA ILE N 82 -20.13 -1.99 -28.41
C ILE N 82 -21.40 -1.19 -28.69
N LYS N 83 -22.55 -1.79 -28.41
CA LYS N 83 -23.82 -1.12 -28.64
C LYS N 83 -23.94 0.21 -27.91
N PRO N 84 -23.54 0.33 -26.64
CA PRO N 84 -23.66 1.63 -25.97
C PRO N 84 -22.89 2.72 -26.68
N ASP N 85 -23.47 3.92 -26.72
CA ASP N 85 -22.82 5.05 -27.36
C ASP N 85 -21.73 5.59 -26.44
N VAL N 86 -20.55 5.80 -27.00
CA VAL N 86 -19.40 6.29 -26.24
C VAL N 86 -19.33 7.81 -26.35
N SER N 87 -19.43 8.49 -25.22
CA SER N 87 -19.37 9.95 -25.15
C SER N 87 -17.94 10.33 -24.79
N THR N 88 -17.29 11.10 -25.66
CA THR N 88 -15.91 11.53 -25.46
C THR N 88 -15.88 13.01 -25.11
N ILE N 89 -15.15 13.34 -24.04
CA ILE N 89 -14.99 14.71 -23.57
C ILE N 89 -13.50 15.00 -23.49
N CYS N 90 -13.07 16.07 -24.15
CA CYS N 90 -11.67 16.45 -24.17
C CYS N 90 -11.35 17.33 -22.96
N MET N 91 -10.34 16.93 -22.19
CA MET N 91 -9.90 17.66 -21.01
C MET N 91 -8.41 17.92 -21.13
N GLY N 92 -8.03 19.19 -21.00
CA GLY N 92 -6.63 19.57 -21.09
C GLY N 92 -6.14 19.68 -22.51
N GLN N 93 -5.91 18.54 -23.17
CA GLN N 93 -5.44 18.53 -24.55
C GLN N 93 -5.73 17.17 -25.17
N ALA N 94 -5.79 17.17 -26.50
CA ALA N 94 -6.05 15.94 -27.26
C ALA N 94 -5.36 16.11 -28.61
N ALA N 95 -4.16 15.56 -28.73
CA ALA N 95 -3.37 15.67 -29.94
C ALA N 95 -2.98 14.28 -30.45
N SER N 96 -2.73 14.21 -31.75
CA SER N 96 -2.32 12.97 -32.43
C SER N 96 -3.45 11.96 -32.26
N MET N 97 -3.22 10.80 -31.66
CA MET N 97 -4.29 9.82 -31.51
C MET N 97 -5.42 10.36 -30.64
N GLY N 98 -5.11 11.24 -29.69
CA GLY N 98 -6.15 11.79 -28.84
C GLY N 98 -7.22 12.53 -29.63
N ALA N 99 -6.80 13.33 -30.61
CA ALA N 99 -7.77 14.06 -31.43
C ALA N 99 -8.65 13.11 -32.23
N PHE N 100 -8.06 12.05 -32.77
CA PHE N 100 -8.84 11.10 -33.57
C PHE N 100 -9.92 10.44 -32.72
N LEU N 101 -9.59 10.04 -31.49
CA LEU N 101 -10.58 9.41 -30.62
C LEU N 101 -11.64 10.40 -30.18
N LEU N 102 -11.30 11.70 -30.08
CA LEU N 102 -12.27 12.70 -29.67
C LEU N 102 -13.42 12.79 -30.67
N THR N 103 -13.11 12.77 -31.96
CA THR N 103 -14.14 12.85 -32.98
C THR N 103 -14.78 11.50 -33.30
N ALA N 104 -14.27 10.41 -32.72
CA ALA N 104 -14.79 9.08 -32.96
C ALA N 104 -16.01 8.75 -32.09
N GLY N 105 -16.39 9.64 -31.18
CA GLY N 105 -17.53 9.39 -30.33
C GLY N 105 -18.84 9.47 -31.09
N ALA N 106 -19.89 9.00 -30.43
CA ALA N 106 -21.22 9.01 -31.04
C ALA N 106 -21.62 10.44 -31.41
N LYS N 107 -22.23 10.58 -32.59
CA LYS N 107 -22.66 11.88 -33.06
C LYS N 107 -23.66 12.50 -32.07
N GLY N 108 -23.48 13.79 -31.80
CA GLY N 108 -24.34 14.51 -30.89
C GLY N 108 -24.00 14.35 -29.42
N LYS N 109 -22.92 13.61 -29.09
CA LYS N 109 -22.52 13.41 -27.71
C LYS N 109 -21.06 13.76 -27.48
N ARG N 110 -20.45 14.52 -28.39
CA ARG N 110 -19.06 14.94 -28.27
C ARG N 110 -19.00 16.32 -27.63
N PHE N 111 -18.20 16.46 -26.59
CA PHE N 111 -18.06 17.71 -25.87
C PHE N 111 -16.58 17.98 -25.60
N CYS N 112 -16.29 19.21 -25.17
CA CYS N 112 -14.93 19.62 -24.85
C CYS N 112 -14.99 20.80 -23.90
N LEU N 113 -13.93 20.94 -23.10
CA LEU N 113 -13.87 22.03 -22.15
C LEU N 113 -13.61 23.35 -22.88
N PRO N 114 -14.00 24.48 -22.27
CA PRO N 114 -13.78 25.77 -22.95
C PRO N 114 -12.32 26.06 -23.27
N ASN N 115 -11.39 25.61 -22.42
CA ASN N 115 -9.97 25.85 -22.62
C ASN N 115 -9.25 24.65 -23.23
N SER N 116 -9.97 23.62 -23.62
CA SER N 116 -9.34 22.45 -24.21
C SER N 116 -8.79 22.78 -25.60
N ARG N 117 -7.74 22.06 -25.98
CA ARG N 117 -7.08 22.26 -27.27
C ARG N 117 -6.94 20.91 -27.97
N VAL N 118 -7.15 20.91 -29.28
CA VAL N 118 -7.07 19.71 -30.10
C VAL N 118 -6.11 19.97 -31.25
N MET N 119 -5.17 19.04 -31.47
CA MET N 119 -4.19 19.14 -32.53
C MET N 119 -4.26 17.89 -33.40
N ILE N 120 -4.20 18.08 -34.71
CA ILE N 120 -4.27 17.00 -35.68
C ILE N 120 -3.06 17.08 -36.61
N HIS N 121 -2.45 15.93 -36.88
CA HIS N 121 -1.29 15.86 -37.75
C HIS N 121 -1.27 14.50 -38.43
N GLN N 122 -0.48 14.41 -39.50
CA GLN N 122 -0.38 13.17 -40.26
C GLN N 122 0.39 12.12 -39.46
N PRO N 123 0.25 10.84 -39.82
CA PRO N 123 0.95 9.78 -39.09
C PRO N 123 2.46 9.96 -39.14
N LEU N 124 3.12 9.54 -38.06
CA LEU N 124 4.56 9.62 -37.92
C LEU N 124 5.12 8.21 -37.80
N GLY N 125 6.17 7.92 -38.56
CA GLY N 125 6.80 6.62 -38.55
C GLY N 125 8.25 6.72 -38.97
N GLY N 126 8.76 5.62 -39.53
CA GLY N 126 10.14 5.57 -39.98
C GLY N 126 10.75 4.18 -39.87
N TYR N 127 11.47 3.75 -40.90
CA TYR N 127 12.10 2.45 -40.93
C TYR N 127 13.49 2.55 -41.54
N GLN N 128 14.38 1.67 -41.12
CA GLN N 128 15.75 1.62 -41.60
C GLN N 128 16.10 0.20 -41.99
N GLY N 129 16.80 0.05 -43.11
CA GLY N 129 17.19 -1.27 -43.58
C GLY N 129 17.48 -1.24 -45.08
N GLN N 130 17.26 -2.38 -45.71
CA GLN N 130 17.49 -2.51 -47.14
C GLN N 130 16.47 -1.67 -47.92
N ALA N 131 16.79 -1.44 -49.19
CA ALA N 131 15.92 -0.63 -50.04
C ALA N 131 14.55 -1.29 -50.20
N THR N 132 14.52 -2.60 -50.41
CA THR N 132 13.24 -3.28 -50.58
C THR N 132 12.38 -3.17 -49.32
N ASP N 133 12.98 -3.35 -48.15
CA ASP N 133 12.23 -3.26 -46.91
C ASP N 133 11.71 -1.84 -46.69
N ILE N 134 12.51 -0.84 -47.01
CA ILE N 134 12.08 0.55 -46.83
C ILE N 134 10.87 0.84 -47.70
N GLU N 135 10.84 0.28 -48.91
CA GLU N 135 9.70 0.51 -49.80
C GLU N 135 8.41 -0.07 -49.21
N ILE N 136 8.50 -1.27 -48.63
CA ILE N 136 7.32 -1.90 -48.04
C ILE N 136 6.78 -1.06 -46.88
N HIS N 137 7.68 -0.60 -46.01
CA HIS N 137 7.27 0.20 -44.86
C HIS N 137 6.68 1.54 -45.32
N ALA N 138 7.25 2.13 -46.37
CA ALA N 138 6.74 3.40 -46.86
C ALA N 138 5.30 3.25 -47.35
N ARG N 139 5.01 2.15 -48.05
CA ARG N 139 3.65 1.93 -48.54
C ARG N 139 2.70 1.67 -47.38
N GLU N 140 3.16 0.98 -46.34
CA GLU N 140 2.31 0.68 -45.19
C GLU N 140 1.89 1.97 -44.48
N ILE N 141 2.83 2.87 -44.22
CA ILE N 141 2.49 4.11 -43.52
C ILE N 141 1.57 4.96 -44.38
N LEU N 142 1.79 4.97 -45.70
CA LEU N 142 0.93 5.75 -46.58
C LEU N 142 -0.51 5.25 -46.54
N LYS N 143 -0.70 3.93 -46.52
CA LYS N 143 -2.04 3.38 -46.46
C LYS N 143 -2.73 3.78 -45.16
N VAL N 144 -1.99 3.75 -44.04
CA VAL N 144 -2.58 4.13 -42.76
C VAL N 144 -3.00 5.59 -42.79
N LYS N 145 -2.21 6.44 -43.45
CA LYS N 145 -2.57 7.86 -43.53
C LYS N 145 -3.89 8.05 -44.26
N GLY N 146 -4.09 7.33 -45.38
CA GLY N 146 -5.33 7.46 -46.11
C GLY N 146 -6.53 6.99 -45.32
N ARG N 147 -6.40 5.86 -44.63
CA ARG N 147 -7.52 5.34 -43.84
C ARG N 147 -7.89 6.30 -42.72
N MET N 148 -6.89 6.87 -42.04
CA MET N 148 -7.18 7.82 -40.96
C MET N 148 -7.90 9.05 -41.48
N ASN N 149 -7.49 9.56 -42.64
CA ASN N 149 -8.14 10.74 -43.20
C ASN N 149 -9.60 10.47 -43.52
N GLU N 150 -9.90 9.29 -44.08
CA GLU N 150 -11.29 8.96 -44.41
C GLU N 150 -12.14 8.89 -43.16
N LEU N 151 -11.64 8.27 -42.10
CA LEU N 151 -12.41 8.18 -40.86
C LEU N 151 -12.67 9.57 -40.27
N MET N 152 -11.67 10.44 -40.30
CA MET N 152 -11.85 11.79 -39.77
C MET N 152 -12.94 12.53 -40.51
N ALA N 153 -12.96 12.43 -41.84
CA ALA N 153 -13.97 13.10 -42.63
C ALA N 153 -15.37 12.55 -42.37
N LEU N 154 -15.46 11.27 -42.00
CA LEU N 154 -16.77 10.68 -41.75
C LEU N 154 -17.44 11.30 -40.52
N HIS N 155 -16.66 11.56 -39.47
CA HIS N 155 -17.23 12.13 -38.25
C HIS N 155 -17.38 13.65 -38.36
N THR N 156 -16.28 14.36 -38.63
CA THR N 156 -16.34 15.82 -38.73
C THR N 156 -17.25 16.28 -39.85
N GLY N 157 -17.48 15.45 -40.86
CA GLY N 157 -18.32 15.81 -41.98
C GLY N 157 -17.62 16.59 -43.08
N GLN N 158 -16.34 16.89 -42.92
CA GLN N 158 -15.61 17.64 -43.93
C GLN N 158 -15.25 16.74 -45.11
N SER N 159 -14.81 17.36 -46.20
CA SER N 159 -14.43 16.62 -47.39
C SER N 159 -13.09 15.93 -47.17
N LEU N 160 -12.87 14.85 -47.92
CA LEU N 160 -11.61 14.10 -47.81
C LEU N 160 -10.42 14.98 -48.18
N GLU N 161 -10.56 15.79 -49.24
CA GLU N 161 -9.46 16.64 -49.66
C GLU N 161 -9.12 17.66 -48.58
N GLN N 162 -10.15 18.22 -47.91
CA GLN N 162 -9.90 19.20 -46.87
C GLN N 162 -9.10 18.59 -45.71
N ILE N 163 -9.43 17.36 -45.33
CA ILE N 163 -8.73 16.72 -44.22
C ILE N 163 -7.26 16.50 -44.58
N GLU N 164 -6.99 16.04 -45.80
CA GLU N 164 -5.62 15.78 -46.20
C GLU N 164 -4.77 17.05 -46.15
N ARG N 165 -5.30 18.16 -46.67
CA ARG N 165 -4.53 19.41 -46.66
C ARG N 165 -4.27 19.89 -45.25
N ASP N 166 -5.27 19.78 -44.36
CA ASP N 166 -5.09 20.24 -42.99
C ASP N 166 -4.19 19.32 -42.17
N THR N 167 -4.00 18.08 -42.59
CA THR N 167 -3.16 17.13 -41.88
C THR N 167 -1.71 17.14 -42.36
N GLU N 168 -1.38 17.95 -43.38
CA GLU N 168 -0.01 17.99 -43.85
C GLU N 168 0.94 18.47 -42.77
N ARG N 169 0.46 19.30 -41.85
CA ARG N 169 1.28 19.82 -40.77
C ARG N 169 0.42 19.99 -39.53
N ASP N 170 1.08 20.11 -38.38
CA ASP N 170 0.38 20.28 -37.12
C ASP N 170 -0.54 21.49 -37.19
N ARG N 171 -1.78 21.31 -36.73
CA ARG N 171 -2.78 22.37 -36.73
C ARG N 171 -3.42 22.43 -35.35
N PHE N 172 -3.31 23.59 -34.70
CA PHE N 172 -3.86 23.79 -33.36
C PHE N 172 -5.18 24.54 -33.48
N LEU N 173 -6.23 23.96 -32.90
CA LEU N 173 -7.56 24.54 -32.93
C LEU N 173 -8.10 24.62 -31.51
N SER N 174 -8.60 25.79 -31.11
CA SER N 174 -9.15 25.96 -29.78
C SER N 174 -10.52 25.29 -29.70
N ALA N 175 -11.11 25.32 -28.51
CA ALA N 175 -12.43 24.70 -28.33
C ALA N 175 -13.47 25.32 -29.24
N PRO N 176 -13.61 26.65 -29.34
CA PRO N 176 -14.63 27.20 -30.24
C PRO N 176 -14.42 26.79 -31.69
N GLU N 177 -13.17 26.67 -32.13
CA GLU N 177 -12.89 26.27 -33.51
C GLU N 177 -13.17 24.80 -33.74
N ALA N 178 -13.07 23.97 -32.70
CA ALA N 178 -13.32 22.54 -32.86
C ALA N 178 -14.77 22.27 -33.24
N VAL N 179 -15.71 23.02 -32.64
CA VAL N 179 -17.12 22.82 -32.95
C VAL N 179 -17.39 23.09 -34.43
N GLU N 180 -16.87 24.20 -34.95
CA GLU N 180 -17.08 24.53 -36.35
C GLU N 180 -16.43 23.51 -37.27
N TYR N 181 -15.22 23.04 -36.92
CA TYR N 181 -14.54 22.07 -37.77
C TYR N 181 -15.29 20.75 -37.82
N GLY N 182 -15.97 20.38 -36.74
CA GLY N 182 -16.74 19.14 -36.68
C GLY N 182 -16.18 18.11 -35.73
N LEU N 183 -15.03 18.37 -35.11
CA LEU N 183 -14.45 17.39 -34.17
C LEU N 183 -15.38 17.18 -32.98
N VAL N 184 -15.98 18.25 -32.47
CA VAL N 184 -16.87 18.19 -31.33
C VAL N 184 -18.20 18.84 -31.72
N ASP N 185 -19.19 18.69 -30.83
CA ASP N 185 -20.52 19.23 -31.05
C ASP N 185 -20.77 20.53 -30.28
N SER N 186 -20.54 20.51 -28.96
CA SER N 186 -20.75 21.69 -28.13
C SER N 186 -19.62 21.79 -27.11
N ILE N 187 -19.66 22.84 -26.30
CA ILE N 187 -18.66 23.10 -25.28
C ILE N 187 -19.36 23.18 -23.94
N LEU N 188 -18.83 22.45 -22.96
CA LEU N 188 -19.40 22.42 -21.61
C LEU N 188 -18.65 23.45 -20.76
N THR N 189 -19.26 24.64 -20.61
CA THR N 189 -18.67 25.72 -19.83
C THR N 189 -19.07 25.64 -18.36
N HIS N 190 -20.38 25.65 -18.09
CA HIS N 190 -20.89 25.58 -16.74
C HIS N 190 -22.05 24.58 -16.69
N ARG N 191 -22.28 24.02 -15.51
CA ARG N 191 -23.35 23.06 -15.33
C ARG N 191 -24.69 23.79 -15.20
N ASN N 192 -25.64 23.40 -16.04
CA ASN N 192 -26.97 24.02 -16.02
C ASN N 192 -28.03 22.99 -15.62
N LEU O 1 57.26 7.54 -28.62
CA LEU O 1 58.39 8.16 -29.31
C LEU O 1 59.15 7.12 -30.13
N VAL O 2 59.64 7.55 -31.30
CA VAL O 2 60.39 6.67 -32.19
C VAL O 2 61.82 7.20 -32.30
N PRO O 3 62.82 6.46 -31.82
CA PRO O 3 64.21 6.95 -31.93
C PRO O 3 64.59 7.19 -33.38
N MET O 4 65.41 8.23 -33.60
CA MET O 4 65.87 8.61 -34.92
C MET O 4 67.35 8.24 -35.04
N VAL O 5 67.64 7.29 -35.92
CA VAL O 5 69.00 6.83 -36.15
C VAL O 5 69.55 7.54 -37.38
N ILE O 6 70.88 7.59 -37.48
CA ILE O 6 71.57 8.24 -38.59
C ILE O 6 72.48 7.21 -39.25
N GLU O 7 72.42 7.14 -40.57
CA GLU O 7 73.23 6.22 -41.36
C GLU O 7 74.34 7.00 -42.06
N GLN O 8 75.57 6.52 -41.91
CA GLN O 8 76.72 7.17 -42.53
C GLN O 8 76.91 6.66 -43.95
N THR O 9 76.94 7.58 -44.91
CA THR O 9 77.11 7.25 -46.31
C THR O 9 78.06 8.26 -46.96
N SER O 10 78.49 7.94 -48.17
CA SER O 10 79.41 8.83 -48.88
C SER O 10 78.76 10.18 -49.17
N ARG O 11 77.48 10.18 -49.54
CA ARG O 11 76.80 11.44 -49.83
C ARG O 11 76.78 12.35 -48.60
N GLY O 12 76.45 11.79 -47.45
CA GLY O 12 76.40 12.57 -46.23
C GLY O 12 75.45 11.93 -45.24
N GLU O 13 75.30 12.61 -44.10
CA GLU O 13 74.41 12.13 -43.05
C GLU O 13 72.97 12.13 -43.53
N ARG O 14 72.22 11.09 -43.15
CA ARG O 14 70.83 10.95 -43.52
C ARG O 14 70.00 10.71 -42.27
N SER O 15 68.79 11.27 -42.24
CA SER O 15 67.88 11.16 -41.11
C SER O 15 66.89 10.03 -41.35
N PHE O 16 66.77 9.14 -40.38
CA PHE O 16 65.85 8.01 -40.46
C PHE O 16 65.41 7.63 -39.05
N ASP O 17 64.32 6.86 -38.99
CA ASP O 17 63.78 6.37 -37.72
C ASP O 17 64.19 4.91 -37.57
N ILE O 18 63.82 4.31 -36.45
CA ILE O 18 64.19 2.91 -36.19
C ILE O 18 63.52 2.00 -37.22
N TYR O 19 62.24 2.22 -37.50
CA TYR O 19 61.54 1.37 -38.46
C TYR O 19 62.02 1.63 -39.88
N SER O 20 62.26 2.89 -40.24
CA SER O 20 62.69 3.20 -41.59
C SER O 20 64.08 2.62 -41.88
N ARG O 21 64.98 2.66 -40.89
CA ARG O 21 66.33 2.14 -41.10
C ARG O 21 66.29 0.67 -41.47
N LEU O 22 65.50 -0.13 -40.75
CA LEU O 22 65.39 -1.54 -41.06
C LEU O 22 64.66 -1.78 -42.37
N LEU O 23 63.71 -0.90 -42.72
CA LEU O 23 62.98 -1.07 -43.97
C LEU O 23 63.92 -0.96 -45.17
N LYS O 24 64.93 -0.09 -45.07
CA LYS O 24 65.89 0.06 -46.16
C LYS O 24 66.66 -1.23 -46.42
N GLU O 25 66.75 -2.11 -45.42
CA GLU O 25 67.44 -3.39 -45.55
C GLU O 25 66.49 -4.53 -45.87
N ARG O 26 65.32 -4.22 -46.44
CA ARG O 26 64.33 -5.22 -46.80
C ARG O 26 63.81 -5.95 -45.56
N VAL O 27 63.29 -5.17 -44.61
CA VAL O 27 62.74 -5.70 -43.36
C VAL O 27 61.39 -5.04 -43.13
N ILE O 28 60.39 -5.86 -42.79
CA ILE O 28 59.04 -5.39 -42.54
C ILE O 28 58.59 -5.90 -41.18
N PHE O 29 57.71 -5.15 -40.54
CA PHE O 29 57.17 -5.49 -39.23
C PHE O 29 55.66 -5.61 -39.30
N LEU O 30 55.11 -6.59 -38.55
CA LEU O 30 53.68 -6.84 -38.50
C LEU O 30 53.32 -6.89 -37.01
N THR O 31 52.98 -5.75 -36.44
CA THR O 31 52.63 -5.63 -35.04
C THR O 31 51.20 -5.09 -34.91
N GLY O 32 50.50 -5.55 -33.88
CA GLY O 32 49.15 -5.13 -33.62
C GLY O 32 48.12 -6.00 -34.34
N GLN O 33 46.88 -5.88 -33.89
CA GLN O 33 45.79 -6.66 -34.49
C GLN O 33 45.69 -6.36 -35.98
N VAL O 34 45.52 -7.43 -36.76
CA VAL O 34 45.41 -7.28 -38.21
C VAL O 34 44.13 -6.55 -38.54
N GLU O 35 44.22 -5.56 -39.43
CA GLU O 35 43.07 -4.78 -39.86
C GLU O 35 43.32 -4.30 -41.29
N ASP O 36 42.37 -3.52 -41.81
CA ASP O 36 42.50 -3.02 -43.17
C ASP O 36 43.59 -1.96 -43.29
N HIS O 37 43.68 -1.07 -42.31
CA HIS O 37 44.68 -0.01 -42.37
C HIS O 37 46.10 -0.56 -42.28
N MET O 38 46.37 -1.38 -41.25
CA MET O 38 47.71 -1.92 -41.09
C MET O 38 48.07 -2.89 -42.21
N ALA O 39 47.10 -3.70 -42.65
CA ALA O 39 47.38 -4.66 -43.72
C ALA O 39 47.77 -3.95 -45.01
N ASN O 40 47.08 -2.85 -45.33
CA ASN O 40 47.41 -2.10 -46.55
C ASN O 40 48.82 -1.54 -46.47
N LEU O 41 49.23 -1.07 -45.28
CA LEU O 41 50.56 -0.52 -45.13
C LEU O 41 51.62 -1.57 -45.43
N ILE O 42 51.43 -2.80 -44.94
CA ILE O 42 52.41 -3.86 -45.18
C ILE O 42 52.51 -4.16 -46.67
N VAL O 43 51.36 -4.24 -47.36
CA VAL O 43 51.38 -4.53 -48.79
C VAL O 43 52.18 -3.48 -49.54
N ALA O 44 52.03 -2.21 -49.16
CA ALA O 44 52.77 -1.14 -49.84
C ALA O 44 54.27 -1.33 -49.69
N GLN O 45 54.72 -1.72 -48.49
CA GLN O 45 56.15 -1.92 -48.27
C GLN O 45 56.70 -3.02 -49.16
N MET O 46 55.95 -4.12 -49.31
CA MET O 46 56.41 -5.23 -50.14
C MET O 46 56.59 -4.79 -51.59
N LEU O 47 55.64 -4.02 -52.12
CA LEU O 47 55.75 -3.56 -53.50
C LEU O 47 56.97 -2.68 -53.71
N PHE O 48 57.24 -1.79 -52.74
CA PHE O 48 58.39 -0.90 -52.88
C PHE O 48 59.70 -1.67 -52.90
N LEU O 49 59.83 -2.68 -52.04
CA LEU O 49 61.06 -3.47 -52.00
C LEU O 49 61.25 -4.25 -53.29
N GLU O 50 60.16 -4.78 -53.86
CA GLU O 50 60.27 -5.54 -55.10
C GLU O 50 60.82 -4.68 -56.23
N ALA O 51 60.34 -3.44 -56.34
CA ALA O 51 60.82 -2.55 -57.41
C ALA O 51 62.30 -2.26 -57.25
N GLU O 52 62.76 -2.00 -56.01
CA GLU O 52 64.16 -1.71 -55.78
C GLU O 52 65.05 -2.86 -56.22
N ASN O 53 64.68 -4.08 -55.83
CA ASN O 53 65.46 -5.27 -56.19
C ASN O 53 64.54 -6.49 -56.21
N PRO O 54 64.18 -7.01 -57.38
CA PRO O 54 63.29 -8.18 -57.45
C PRO O 54 63.97 -9.51 -57.14
N GLU O 55 65.17 -9.52 -56.59
CA GLU O 55 65.88 -10.75 -56.28
C GLU O 55 66.21 -10.91 -54.80
N LYS O 56 66.52 -9.81 -54.11
CA LYS O 56 66.86 -9.89 -52.69
C LYS O 56 65.64 -10.31 -51.87
N ASP O 57 65.87 -11.15 -50.87
CA ASP O 57 64.79 -11.63 -50.02
C ASP O 57 64.23 -10.49 -49.18
N ILE O 58 62.93 -10.58 -48.88
CA ILE O 58 62.21 -9.58 -48.09
C ILE O 58 61.79 -10.26 -46.79
N TYR O 59 62.33 -9.79 -45.68
CA TYR O 59 62.00 -10.35 -44.37
C TYR O 59 60.68 -9.74 -43.87
N LEU O 60 60.06 -10.45 -42.93
CA LEU O 60 58.79 -10.02 -42.36
C LEU O 60 58.61 -10.69 -41.01
N TYR O 61 58.63 -9.92 -39.93
CA TYR O 61 58.45 -10.44 -38.59
C TYR O 61 56.97 -10.39 -38.23
N ILE O 62 56.42 -11.54 -37.86
CA ILE O 62 55.01 -11.67 -37.51
C ILE O 62 54.91 -11.76 -35.99
N ASN O 63 54.29 -10.75 -35.38
CA ASN O 63 54.11 -10.69 -33.93
C ASN O 63 52.75 -10.03 -33.67
N SER O 64 51.71 -10.86 -33.60
CA SER O 64 50.36 -10.36 -33.34
C SER O 64 49.40 -11.50 -33.08
N PRO O 65 48.36 -11.29 -32.27
CA PRO O 65 47.40 -12.37 -32.01
C PRO O 65 46.45 -12.65 -33.16
N GLY O 66 46.38 -11.77 -34.14
CA GLY O 66 45.51 -11.93 -35.29
C GLY O 66 44.59 -10.74 -35.47
N GLY O 67 43.64 -10.90 -36.39
CA GLY O 67 42.68 -9.85 -36.67
C GLY O 67 41.66 -10.25 -37.72
N VAL O 68 41.34 -9.31 -38.61
CA VAL O 68 40.36 -9.58 -39.66
C VAL O 68 40.95 -10.57 -40.66
N ILE O 69 40.19 -11.61 -40.97
CA ILE O 69 40.66 -12.63 -41.91
C ILE O 69 40.82 -12.03 -43.30
N THR O 70 39.85 -11.22 -43.74
CA THR O 70 39.94 -10.63 -45.07
C THR O 70 41.18 -9.76 -45.21
N ALA O 71 41.48 -8.95 -44.18
CA ALA O 71 42.66 -8.10 -44.23
C ALA O 71 43.94 -8.92 -44.32
N GLY O 72 43.93 -10.14 -43.77
CA GLY O 72 45.12 -10.98 -43.82
C GLY O 72 45.31 -11.67 -45.16
N MET O 73 44.23 -11.89 -45.90
CA MET O 73 44.35 -12.55 -47.19
C MET O 73 45.11 -11.70 -48.19
N SER O 74 44.98 -10.38 -48.12
CA SER O 74 45.68 -9.50 -49.06
C SER O 74 47.19 -9.65 -48.90
N ILE O 75 47.66 -9.74 -47.66
CA ILE O 75 49.11 -9.89 -47.42
C ILE O 75 49.59 -11.21 -47.99
N TYR O 76 48.81 -12.28 -47.81
CA TYR O 76 49.21 -13.58 -48.33
C TYR O 76 49.36 -13.56 -49.84
N ASP O 77 48.42 -12.94 -50.54
CA ASP O 77 48.50 -12.87 -52.00
C ASP O 77 49.73 -12.10 -52.45
N THR O 78 50.04 -10.99 -51.77
CA THR O 78 51.20 -10.19 -52.14
C THR O 78 52.49 -10.99 -51.99
N MET O 79 52.59 -11.77 -50.91
CA MET O 79 53.80 -12.56 -50.70
C MET O 79 53.98 -13.59 -51.80
N GLN O 80 52.89 -14.23 -52.24
CA GLN O 80 52.98 -15.24 -53.28
C GLN O 80 53.01 -14.65 -54.69
N PHE O 81 52.81 -13.34 -54.83
CA PHE O 81 52.82 -12.68 -56.14
C PHE O 81 54.17 -12.05 -56.46
N ILE O 82 54.77 -11.34 -55.51
CA ILE O 82 56.06 -10.70 -55.75
C ILE O 82 57.12 -11.77 -55.96
N LYS O 83 57.96 -11.57 -56.97
CA LYS O 83 59.02 -12.54 -57.27
C LYS O 83 59.93 -12.79 -56.08
N PRO O 84 60.40 -11.77 -55.33
CA PRO O 84 61.29 -12.05 -54.20
C PRO O 84 60.62 -12.97 -53.18
N ASP O 85 61.42 -13.87 -52.62
CA ASP O 85 60.93 -14.80 -51.61
C ASP O 85 60.78 -14.07 -50.28
N VAL O 86 59.63 -14.25 -49.65
CA VAL O 86 59.35 -13.59 -48.37
C VAL O 86 59.71 -14.54 -47.23
N SER O 87 60.61 -14.11 -46.36
CA SER O 87 61.03 -14.88 -45.21
C SER O 87 60.28 -14.39 -43.99
N THR O 88 59.52 -15.29 -43.36
CA THR O 88 58.72 -14.95 -42.19
C THR O 88 59.34 -15.54 -40.94
N ILE O 89 59.53 -14.71 -39.92
CA ILE O 89 60.09 -15.11 -38.64
C ILE O 89 59.10 -14.73 -37.55
N CYS O 90 58.71 -15.71 -36.73
CA CYS O 90 57.76 -15.48 -35.66
C CYS O 90 58.48 -14.98 -34.41
N MET O 91 58.02 -13.85 -33.88
CA MET O 91 58.59 -13.25 -32.69
C MET O 91 57.48 -13.01 -31.68
N GLY O 92 57.65 -13.53 -30.46
CA GLY O 92 56.67 -13.36 -29.42
C GLY O 92 55.52 -14.35 -29.54
N GLN O 93 54.62 -14.11 -30.49
CA GLN O 93 53.48 -15.00 -30.69
C GLN O 93 52.92 -14.77 -32.08
N ALA O 94 52.23 -15.79 -32.58
CA ALA O 94 51.61 -15.75 -33.91
C ALA O 94 50.37 -16.65 -33.86
N ALA O 95 49.21 -16.04 -33.65
CA ALA O 95 47.96 -16.77 -33.55
C ALA O 95 46.94 -16.22 -34.54
N SER O 96 45.98 -17.07 -34.90
CA SER O 96 44.90 -16.72 -35.83
C SER O 96 45.54 -16.38 -37.16
N MET O 97 45.35 -15.17 -37.71
CA MET O 97 45.95 -14.83 -39.00
C MET O 97 47.47 -14.86 -38.93
N GLY O 98 48.05 -14.58 -37.76
CA GLY O 98 49.50 -14.59 -37.64
C GLY O 98 50.10 -15.94 -37.96
N ALA O 99 49.46 -17.01 -37.46
CA ALA O 99 49.97 -18.36 -37.73
C ALA O 99 49.89 -18.69 -39.21
N PHE O 100 48.80 -18.30 -39.87
CA PHE O 100 48.65 -18.59 -41.29
C PHE O 100 49.75 -17.93 -42.11
N LEU O 101 50.06 -16.66 -41.80
CA LEU O 101 51.11 -15.97 -42.54
C LEU O 101 52.49 -16.54 -42.24
N LEU O 102 52.68 -17.11 -41.05
CA LEU O 102 53.98 -17.68 -40.70
C LEU O 102 54.32 -18.85 -41.62
N THR O 103 53.34 -19.70 -41.91
CA THR O 103 53.58 -20.85 -42.79
C THR O 103 53.47 -20.49 -44.25
N ALA O 104 53.06 -19.27 -44.59
CA ALA O 104 52.91 -18.85 -45.98
C ALA O 104 54.24 -18.40 -46.60
N GLY O 105 55.32 -18.34 -45.82
CA GLY O 105 56.60 -17.92 -46.36
C GLY O 105 57.19 -18.95 -47.30
N ALA O 106 58.22 -18.51 -48.02
CA ALA O 106 58.89 -19.39 -48.98
C ALA O 106 59.44 -20.61 -48.27
N LYS O 107 59.27 -21.78 -48.90
CA LYS O 107 59.77 -23.01 -48.31
C LYS O 107 61.28 -22.95 -48.10
N GLY O 108 61.72 -23.45 -46.96
CA GLY O 108 63.13 -23.45 -46.61
C GLY O 108 63.65 -22.15 -46.02
N LYS O 109 62.78 -21.15 -45.83
CA LYS O 109 63.19 -19.87 -45.27
C LYS O 109 62.33 -19.46 -44.08
N ARG O 110 61.54 -20.37 -43.52
CA ARG O 110 60.68 -20.06 -42.38
C ARG O 110 61.44 -20.37 -41.09
N PHE O 111 61.47 -19.39 -40.18
CA PHE O 111 62.16 -19.53 -38.91
C PHE O 111 61.27 -19.01 -37.79
N CYS O 112 61.68 -19.31 -36.55
CA CYS O 112 60.94 -18.88 -35.37
C CYS O 112 61.89 -18.85 -34.19
N LEU O 113 61.57 -18.00 -33.22
CA LEU O 113 62.39 -17.89 -32.02
C LEU O 113 62.21 -19.12 -31.13
N PRO O 114 63.19 -19.43 -30.29
CA PRO O 114 63.06 -20.62 -29.43
C PRO O 114 61.86 -20.56 -28.50
N ASN O 115 61.48 -19.38 -28.03
CA ASN O 115 60.34 -19.22 -27.12
C ASN O 115 59.08 -18.77 -27.84
N SER O 116 59.07 -18.72 -29.17
CA SER O 116 57.89 -18.30 -29.90
C SER O 116 56.80 -19.36 -29.79
N ARG O 117 55.55 -18.90 -29.85
CA ARG O 117 54.39 -19.77 -29.77
C ARG O 117 53.45 -19.47 -30.93
N VAL O 118 52.88 -20.52 -31.52
CA VAL O 118 51.97 -20.41 -32.65
C VAL O 118 50.68 -21.12 -32.30
N MET O 119 49.55 -20.46 -32.53
CA MET O 119 48.23 -21.00 -32.26
C MET O 119 47.39 -20.94 -33.53
N ILE O 120 46.67 -22.03 -33.80
CA ILE O 120 45.83 -22.14 -34.99
C ILE O 120 44.42 -22.50 -34.56
N HIS O 121 43.43 -21.84 -35.17
CA HIS O 121 42.03 -22.08 -34.86
C HIS O 121 41.20 -21.81 -36.10
N GLN O 122 39.97 -22.30 -36.08
CA GLN O 122 39.06 -22.12 -37.21
C GLN O 122 38.60 -20.66 -37.30
N PRO O 123 38.10 -20.26 -38.47
CA PRO O 123 37.64 -18.87 -38.63
C PRO O 123 36.53 -18.52 -37.65
N LEU O 124 36.51 -17.26 -37.23
CA LEU O 124 35.52 -16.72 -36.31
C LEU O 124 34.71 -15.65 -37.03
N GLY O 125 33.40 -15.71 -36.89
CA GLY O 125 32.50 -14.76 -37.51
C GLY O 125 31.19 -14.66 -36.76
N GLY O 126 30.13 -14.29 -37.47
CA GLY O 126 28.82 -14.15 -36.89
C GLY O 126 27.98 -13.08 -37.56
N TYR O 127 26.71 -13.39 -37.81
CA TYR O 127 25.81 -12.45 -38.46
C TYR O 127 24.44 -12.52 -37.79
N GLN O 128 23.73 -11.41 -37.83
CA GLN O 128 22.39 -11.29 -37.24
C GLN O 128 21.46 -10.67 -38.26
N GLY O 129 20.25 -11.20 -38.34
CA GLY O 129 19.26 -10.68 -39.28
C GLY O 129 18.21 -11.74 -39.60
N GLN O 130 17.66 -11.64 -40.81
CA GLN O 130 16.64 -12.57 -41.25
C GLN O 130 17.24 -13.96 -41.46
N ALA O 131 16.35 -14.96 -41.53
CA ALA O 131 16.81 -16.33 -41.72
C ALA O 131 17.54 -16.51 -43.05
N THR O 132 17.01 -15.91 -44.12
CA THR O 132 17.66 -16.04 -45.42
C THR O 132 19.06 -15.44 -45.39
N ASP O 133 19.21 -14.26 -44.81
CA ASP O 133 20.52 -13.62 -44.74
C ASP O 133 21.49 -14.45 -43.90
N ILE O 134 21.02 -15.01 -42.80
CA ILE O 134 21.88 -15.82 -41.94
C ILE O 134 22.41 -17.03 -42.70
N GLU O 135 21.58 -17.62 -43.55
CA GLU O 135 22.01 -18.78 -44.32
C GLU O 135 23.14 -18.42 -45.28
N ILE O 136 23.03 -17.26 -45.94
CA ILE O 136 24.07 -16.84 -46.88
C ILE O 136 25.39 -16.62 -46.15
N HIS O 137 25.34 -15.93 -45.01
CA HIS O 137 26.56 -15.68 -44.25
C HIS O 137 27.17 -16.98 -43.73
N ALA O 138 26.32 -17.93 -43.32
CA ALA O 138 26.84 -19.21 -42.83
C ALA O 138 27.61 -19.94 -43.91
N ARG O 139 27.09 -19.92 -45.15
CA ARG O 139 27.78 -20.58 -46.24
C ARG O 139 29.09 -19.88 -46.58
N GLU O 140 29.11 -18.55 -46.48
CA GLU O 140 30.32 -17.78 -46.78
C GLU O 140 31.44 -18.13 -45.82
N ILE O 141 31.15 -18.16 -44.51
CA ILE O 141 32.18 -18.48 -43.53
C ILE O 141 32.67 -19.90 -43.71
N LEU O 142 31.77 -20.83 -44.03
CA LEU O 142 32.18 -22.22 -44.23
C LEU O 142 33.14 -22.34 -45.40
N LYS O 143 32.88 -21.62 -46.50
CA LYS O 143 33.77 -21.69 -47.64
C LYS O 143 35.15 -21.16 -47.30
N VAL O 144 35.21 -20.07 -46.53
CA VAL O 144 36.50 -19.51 -46.14
C VAL O 144 37.27 -20.51 -45.28
N LYS O 145 36.57 -21.25 -44.43
CA LYS O 145 37.24 -22.24 -43.58
C LYS O 145 37.90 -23.32 -44.42
N GLY O 146 37.21 -23.80 -45.45
CA GLY O 146 37.78 -24.82 -46.31
C GLY O 146 39.00 -24.35 -47.07
N ARG O 147 38.92 -23.13 -47.61
CA ARG O 147 40.06 -22.60 -48.37
C ARG O 147 41.28 -22.43 -47.48
N MET O 148 41.08 -21.92 -46.25
CA MET O 148 42.21 -21.73 -45.34
C MET O 148 42.86 -23.06 -44.99
N ASN O 149 42.05 -24.10 -44.77
CA ASN O 149 42.60 -25.40 -44.43
C ASN O 149 43.46 -25.95 -45.57
N GLU O 150 43.00 -25.80 -46.81
CA GLU O 150 43.77 -26.31 -47.95
C GLU O 150 45.11 -25.59 -48.07
N LEU O 151 45.13 -24.27 -47.88
CA LEU O 151 46.38 -23.54 -47.97
C LEU O 151 47.35 -23.97 -46.88
N MET O 152 46.85 -24.18 -45.66
CA MET O 152 47.72 -24.61 -44.57
C MET O 152 48.37 -25.95 -44.87
N ALA O 153 47.59 -26.89 -45.42
CA ALA O 153 48.15 -28.20 -45.74
C ALA O 153 49.19 -28.12 -46.85
N LEU O 154 49.05 -27.14 -47.75
CA LEU O 154 50.01 -27.01 -48.85
C LEU O 154 51.41 -26.67 -48.34
N HIS O 155 51.50 -25.79 -47.35
CA HIS O 155 52.80 -25.39 -46.83
C HIS O 155 53.34 -26.39 -45.80
N THR O 156 52.57 -26.66 -44.75
CA THR O 156 53.01 -27.59 -43.72
C THR O 156 53.21 -29.00 -44.27
N GLY O 157 52.55 -29.35 -45.37
CA GLY O 157 52.67 -30.66 -45.95
C GLY O 157 51.78 -31.71 -45.35
N GLN O 158 50.98 -31.37 -44.34
CA GLN O 158 50.09 -32.32 -43.71
C GLN O 158 48.86 -32.57 -44.58
N SER O 159 48.11 -33.61 -44.22
CA SER O 159 46.90 -33.95 -44.96
C SER O 159 45.79 -32.96 -44.66
N LEU O 160 44.85 -32.84 -45.61
CA LEU O 160 43.73 -31.93 -45.43
C LEU O 160 42.88 -32.32 -44.23
N GLU O 161 42.64 -33.62 -44.06
CA GLU O 161 41.83 -34.08 -42.93
C GLU O 161 42.50 -33.75 -41.61
N GLN O 162 43.82 -33.91 -41.53
CA GLN O 162 44.53 -33.61 -40.29
C GLN O 162 44.39 -32.14 -39.91
N ILE O 163 44.47 -31.24 -40.90
CA ILE O 163 44.35 -29.82 -40.61
C ILE O 163 42.97 -29.49 -40.07
N GLU O 164 41.92 -30.06 -40.68
CA GLU O 164 40.56 -29.78 -40.25
C GLU O 164 40.34 -30.19 -38.80
N ARG O 165 40.80 -31.38 -38.44
CA ARG O 165 40.61 -31.85 -37.06
C ARG O 165 41.37 -30.98 -36.07
N ASP O 166 42.57 -30.55 -36.42
CA ASP O 166 43.36 -29.72 -35.50
C ASP O 166 42.83 -28.30 -35.41
N THR O 167 42.05 -27.83 -36.39
CA THR O 167 41.51 -26.48 -36.37
C THR O 167 40.14 -26.40 -35.69
N GLU O 168 39.58 -27.53 -35.25
CA GLU O 168 38.28 -27.50 -34.61
C GLU O 168 38.31 -26.66 -33.33
N ARG O 169 39.47 -26.60 -32.68
CA ARG O 169 39.61 -25.83 -31.45
C ARG O 169 41.03 -25.27 -31.39
N ASP O 170 41.21 -24.27 -30.53
CA ASP O 170 42.53 -23.65 -30.39
C ASP O 170 43.56 -24.69 -30.00
N ARG O 171 44.71 -24.64 -30.68
CA ARG O 171 45.81 -25.57 -30.43
C ARG O 171 47.09 -24.76 -30.27
N PHE O 172 47.74 -24.91 -29.12
CA PHE O 172 48.97 -24.20 -28.82
C PHE O 172 50.16 -25.13 -29.04
N LEU O 173 51.10 -24.71 -29.88
CA LEU O 173 52.29 -25.49 -30.19
C LEU O 173 53.53 -24.63 -29.96
N SER O 174 54.49 -25.18 -29.23
CA SER O 174 55.72 -24.46 -28.96
C SER O 174 56.61 -24.44 -30.20
N ALA O 175 57.72 -23.73 -30.11
CA ALA O 175 58.63 -23.64 -31.25
C ALA O 175 59.13 -25.01 -31.68
N PRO O 176 59.60 -25.90 -30.78
CA PRO O 176 60.05 -27.22 -31.25
C PRO O 176 58.96 -28.00 -31.96
N GLU O 177 57.71 -27.87 -31.51
CA GLU O 177 56.61 -28.60 -32.13
C GLU O 177 56.23 -28.00 -33.48
N ALA O 178 56.48 -26.71 -33.68
CA ALA O 178 56.12 -26.08 -34.94
C ALA O 178 56.93 -26.66 -36.10
N VAL O 179 58.21 -26.95 -35.86
CA VAL O 179 59.05 -27.50 -36.93
C VAL O 179 58.51 -28.85 -37.38
N GLU O 180 58.17 -29.72 -36.42
CA GLU O 180 57.64 -31.04 -36.77
C GLU O 180 56.31 -30.93 -37.49
N TYR O 181 55.44 -30.03 -37.05
CA TYR O 181 54.14 -29.88 -37.68
C TYR O 181 54.26 -29.40 -39.12
N GLY O 182 55.27 -28.59 -39.42
CA GLY O 182 55.48 -28.07 -40.75
C GLY O 182 55.29 -26.59 -40.90
N LEU O 183 54.83 -25.90 -39.84
CA LEU O 183 54.62 -24.45 -39.94
C LEU O 183 55.93 -23.73 -40.22
N VAL O 184 57.01 -24.15 -39.57
CA VAL O 184 58.33 -23.53 -39.74
C VAL O 184 59.32 -24.63 -40.12
N ASP O 185 60.53 -24.20 -40.50
CA ASP O 185 61.60 -25.10 -40.90
C ASP O 185 62.62 -25.34 -39.80
N SER O 186 63.15 -24.27 -39.20
CA SER O 186 64.15 -24.39 -38.15
C SER O 186 63.88 -23.33 -37.09
N ILE O 187 64.73 -23.33 -36.06
CA ILE O 187 64.63 -22.38 -34.95
C ILE O 187 65.94 -21.63 -34.84
N LEU O 188 65.86 -20.30 -34.76
CA LEU O 188 67.03 -19.44 -34.66
C LEU O 188 67.28 -19.16 -33.17
N THR O 189 68.19 -19.92 -32.57
CA THR O 189 68.52 -19.75 -31.15
C THR O 189 69.63 -18.72 -30.96
N HIS O 190 70.77 -18.94 -31.60
CA HIS O 190 71.91 -18.04 -31.50
C HIS O 190 72.49 -17.80 -32.88
N ARG O 191 73.14 -16.66 -33.05
CA ARG O 191 73.76 -16.31 -34.34
C ARG O 191 75.09 -17.03 -34.47
N ASN O 192 75.23 -17.80 -35.55
CA ASN O 192 76.46 -18.54 -35.81
C ASN O 192 77.17 -18.00 -37.04
N LEU P 1 52.52 4.85 -37.44
CA LEU P 1 53.73 5.35 -38.08
C LEU P 1 53.75 4.99 -39.56
N VAL P 2 54.32 5.86 -40.38
CA VAL P 2 54.42 5.68 -41.81
C VAL P 2 55.90 5.67 -42.18
N PRO P 3 56.45 4.55 -42.67
CA PRO P 3 57.87 4.54 -43.03
C PRO P 3 58.18 5.59 -44.10
N MET P 4 59.38 6.17 -44.00
CA MET P 4 59.83 7.19 -44.92
C MET P 4 60.90 6.59 -45.84
N VAL P 5 60.57 6.44 -47.11
CA VAL P 5 61.49 5.89 -48.09
C VAL P 5 62.19 7.03 -48.80
N ILE P 6 63.34 6.73 -49.40
CA ILE P 6 64.15 7.71 -50.12
C ILE P 6 64.35 7.20 -51.54
N GLU P 7 64.14 8.10 -52.51
CA GLU P 7 64.29 7.78 -53.92
C GLU P 7 65.57 8.44 -54.44
N GLN P 8 66.41 7.66 -55.11
CA GLN P 8 67.67 8.15 -55.65
C GLN P 8 67.42 8.73 -57.03
N THR P 9 67.82 9.98 -57.23
CA THR P 9 67.65 10.67 -58.51
C THR P 9 68.90 11.49 -58.79
N SER P 10 68.99 11.99 -60.02
CA SER P 10 70.15 12.78 -60.42
C SER P 10 70.24 14.06 -59.60
N ARG P 11 69.10 14.71 -59.34
CA ARG P 11 69.12 15.95 -58.56
C ARG P 11 69.67 15.71 -57.16
N GLY P 12 69.24 14.65 -56.51
CA GLY P 12 69.71 14.34 -55.17
C GLY P 12 68.67 13.52 -54.42
N GLU P 13 68.99 13.25 -53.16
CA GLU P 13 68.09 12.48 -52.32
C GLU P 13 66.81 13.25 -52.07
N ARG P 14 65.68 12.53 -52.05
CA ARG P 14 64.37 13.11 -51.83
C ARG P 14 63.67 12.34 -50.72
N SER P 15 62.91 13.07 -49.91
CA SER P 15 62.19 12.48 -48.78
C SER P 15 60.74 12.23 -49.16
N PHE P 16 60.28 10.99 -48.94
CA PHE P 16 58.92 10.60 -49.24
C PHE P 16 58.50 9.50 -48.28
N ASP P 17 57.19 9.30 -48.18
CA ASP P 17 56.62 8.26 -47.34
C ASP P 17 56.25 7.06 -48.21
N ILE P 18 55.74 6.01 -47.58
CA ILE P 18 55.38 4.82 -48.34
C ILE P 18 54.25 5.11 -49.31
N TYR P 19 53.22 5.85 -48.87
CA TYR P 19 52.10 6.16 -49.74
C TYR P 19 52.49 7.16 -50.83
N SER P 20 53.30 8.17 -50.48
CA SER P 20 53.70 9.18 -51.45
C SER P 20 54.58 8.57 -52.54
N ARG P 21 55.47 7.65 -52.18
CA ARG P 21 56.35 7.03 -53.17
C ARG P 21 55.54 6.31 -54.24
N LEU P 22 54.55 5.54 -53.83
CA LEU P 22 53.72 4.83 -54.81
C LEU P 22 52.85 5.79 -55.61
N LEU P 23 52.41 6.89 -54.98
CA LEU P 23 51.58 7.86 -55.69
C LEU P 23 52.34 8.47 -56.87
N LYS P 24 53.65 8.66 -56.73
CA LYS P 24 54.44 9.21 -57.82
C LYS P 24 54.42 8.31 -59.04
N GLU P 25 54.16 7.01 -58.86
CA GLU P 25 54.10 6.05 -59.95
C GLU P 25 52.68 5.81 -60.42
N ARG P 26 51.78 6.76 -60.17
CA ARG P 26 50.38 6.65 -60.58
C ARG P 26 49.69 5.47 -59.88
N VAL P 27 49.74 5.49 -58.56
CA VAL P 27 49.14 4.46 -57.72
C VAL P 27 48.31 5.15 -56.64
N ILE P 28 47.08 4.68 -56.44
CA ILE P 28 46.18 5.22 -55.44
C ILE P 28 45.68 4.10 -54.56
N PHE P 29 45.36 4.43 -53.31
CA PHE P 29 44.86 3.47 -52.34
C PHE P 29 43.49 3.89 -51.84
N LEU P 30 42.62 2.91 -51.62
CA LEU P 30 41.25 3.12 -51.13
C LEU P 30 41.06 2.19 -49.95
N THR P 31 41.42 2.66 -48.75
CA THR P 31 41.30 1.88 -47.53
C THR P 31 40.37 2.59 -46.55
N GLY P 32 39.64 1.79 -45.78
CA GLY P 32 38.71 2.31 -44.80
C GLY P 32 37.33 2.53 -45.38
N GLN P 33 36.36 2.69 -44.49
CA GLN P 33 34.98 2.91 -44.91
C GLN P 33 34.89 4.16 -45.78
N VAL P 34 34.13 4.05 -46.88
CA VAL P 34 33.96 5.16 -47.79
C VAL P 34 33.18 6.27 -47.09
N GLU P 35 33.67 7.51 -47.23
CA GLU P 35 33.02 8.67 -46.63
C GLU P 35 33.33 9.89 -47.49
N ASP P 36 32.86 11.05 -47.05
CA ASP P 36 33.08 12.27 -47.81
C ASP P 36 34.52 12.72 -47.74
N HIS P 37 35.16 12.62 -46.57
CA HIS P 37 36.55 13.06 -46.43
C HIS P 37 37.50 12.20 -47.25
N MET P 38 37.42 10.88 -47.08
CA MET P 38 38.32 9.99 -47.81
C MET P 38 38.03 10.01 -49.31
N ALA P 39 36.75 10.07 -49.69
CA ALA P 39 36.39 10.09 -51.10
C ALA P 39 36.97 11.32 -51.79
N ASN P 40 36.88 12.48 -51.14
CA ASN P 40 37.42 13.70 -51.73
C ASN P 40 38.91 13.59 -51.94
N LEU P 41 39.62 12.98 -51.00
CA LEU P 41 41.07 12.83 -51.13
C LEU P 41 41.42 12.01 -52.37
N ILE P 42 40.70 10.92 -52.60
CA ILE P 42 40.97 10.07 -53.76
C ILE P 42 40.75 10.85 -55.06
N VAL P 43 39.66 11.62 -55.13
CA VAL P 43 39.37 12.38 -56.34
C VAL P 43 40.51 13.36 -56.63
N ALA P 44 41.07 13.98 -55.58
CA ALA P 44 42.16 14.93 -55.78
C ALA P 44 43.37 14.25 -56.38
N GLN P 45 43.69 13.04 -55.93
CA GLN P 45 44.85 12.33 -56.47
C GLN P 45 44.67 12.03 -57.95
N MET P 46 43.46 11.64 -58.36
CA MET P 46 43.22 11.33 -59.76
C MET P 46 43.44 12.56 -60.64
N LEU P 47 42.96 13.72 -60.20
CA LEU P 47 43.13 14.94 -60.99
C LEU P 47 44.61 15.29 -61.15
N PHE P 48 45.38 15.16 -60.08
CA PHE P 48 46.81 15.49 -60.15
C PHE P 48 47.54 14.58 -61.14
N LEU P 49 47.23 13.28 -61.12
CA LEU P 49 47.89 12.36 -62.04
C LEU P 49 47.54 12.67 -63.49
N GLU P 50 46.28 13.04 -63.75
CA GLU P 50 45.88 13.35 -65.11
C GLU P 50 46.67 14.53 -65.67
N ALA P 51 46.86 15.57 -64.87
CA ALA P 51 47.60 16.74 -65.33
C ALA P 51 49.05 16.38 -65.65
N GLU P 52 49.67 15.57 -64.81
CA GLU P 52 51.07 15.19 -65.05
C GLU P 52 51.21 14.44 -66.36
N ASN P 53 50.32 13.48 -66.61
CA ASN P 53 50.37 12.70 -67.85
C ASN P 53 48.97 12.18 -68.17
N PRO P 54 48.28 12.74 -69.16
CA PRO P 54 46.93 12.29 -69.50
C PRO P 54 46.87 11.00 -70.30
N GLU P 55 47.96 10.25 -70.40
CA GLU P 55 47.99 9.00 -71.15
C GLU P 55 48.34 7.78 -70.30
N LYS P 56 49.23 7.94 -69.33
CA LYS P 56 49.62 6.81 -68.49
C LYS P 56 48.45 6.36 -67.62
N ASP P 57 48.33 5.04 -67.46
CA ASP P 57 47.25 4.48 -66.66
C ASP P 57 47.41 4.84 -65.19
N ILE P 58 46.29 4.95 -64.49
CA ILE P 58 46.25 5.29 -63.08
C ILE P 58 45.68 4.09 -62.34
N TYR P 59 46.50 3.46 -61.49
CA TYR P 59 46.06 2.30 -60.73
C TYR P 59 45.29 2.75 -59.49
N LEU P 60 44.48 1.83 -58.96
CA LEU P 60 43.67 2.12 -57.78
C LEU P 60 43.32 0.79 -57.12
N TYR P 61 43.82 0.58 -55.90
CA TYR P 61 43.55 -0.64 -55.16
C TYR P 61 42.34 -0.41 -54.27
N ILE P 62 41.31 -1.24 -54.42
CA ILE P 62 40.08 -1.14 -53.65
C ILE P 62 40.11 -2.21 -52.57
N ASN P 63 40.13 -1.78 -51.30
CA ASN P 63 40.15 -2.67 -50.16
C ASN P 63 39.34 -2.00 -49.05
N SER P 64 38.04 -2.28 -49.02
CA SER P 64 37.16 -1.71 -48.01
C SER P 64 35.79 -2.36 -48.06
N PRO P 65 35.08 -2.45 -46.93
CA PRO P 65 33.74 -3.06 -46.94
C PRO P 65 32.67 -2.18 -47.56
N GLY P 66 32.94 -0.89 -47.76
CA GLY P 66 32.00 0.04 -48.35
C GLY P 66 31.81 1.23 -47.45
N GLY P 67 30.80 2.05 -47.78
CA GLY P 67 30.49 3.22 -47.01
C GLY P 67 29.31 4.00 -47.57
N VAL P 68 29.40 5.33 -47.54
CA VAL P 68 28.32 6.16 -48.06
C VAL P 68 28.23 6.02 -49.57
N ILE P 69 27.01 5.78 -50.06
CA ILE P 69 26.81 5.61 -51.50
C ILE P 69 27.11 6.91 -52.23
N THR P 70 26.63 8.04 -51.70
CA THR P 70 26.87 9.31 -52.37
C THR P 70 28.35 9.61 -52.50
N ALA P 71 29.13 9.33 -51.45
CA ALA P 71 30.56 9.58 -51.51
C ALA P 71 31.22 8.72 -52.58
N GLY P 72 30.72 7.50 -52.78
CA GLY P 72 31.30 6.62 -53.79
C GLY P 72 30.99 7.05 -55.21
N MET P 73 29.84 7.68 -55.43
CA MET P 73 29.48 8.11 -56.78
C MET P 73 30.46 9.13 -57.34
N SER P 74 30.99 10.01 -56.48
CA SER P 74 31.94 11.02 -56.96
C SER P 74 33.18 10.36 -57.54
N ILE P 75 33.68 9.31 -56.89
CA ILE P 75 34.87 8.62 -57.39
C ILE P 75 34.58 7.99 -58.75
N TYR P 76 33.39 7.39 -58.90
CA TYR P 76 33.03 6.75 -60.16
C TYR P 76 33.03 7.76 -61.30
N ASP P 77 32.45 8.94 -61.07
CA ASP P 77 32.41 9.96 -62.12
C ASP P 77 33.80 10.40 -62.52
N THR P 78 34.70 10.58 -61.54
CA THR P 78 36.06 11.02 -61.84
C THR P 78 36.78 9.98 -62.70
N MET P 79 36.58 8.70 -62.40
CA MET P 79 37.25 7.65 -63.18
C MET P 79 36.78 7.68 -64.64
N GLN P 80 35.48 7.88 -64.86
CA GLN P 80 34.94 7.90 -66.21
C GLN P 80 35.12 9.25 -66.91
N PHE P 81 35.59 10.28 -66.20
CA PHE P 81 35.79 11.59 -66.79
C PHE P 81 37.23 11.82 -67.22
N ILE P 82 38.21 11.46 -66.38
CA ILE P 82 39.60 11.66 -66.72
C ILE P 82 39.97 10.77 -67.91
N LYS P 83 40.69 11.34 -68.87
CA LYS P 83 41.08 10.58 -70.05
C LYS P 83 41.88 9.32 -69.71
N PRO P 84 42.85 9.35 -68.79
CA PRO P 84 43.59 8.11 -68.49
C PRO P 84 42.67 7.01 -68.00
N ASP P 85 42.96 5.78 -68.42
CA ASP P 85 42.18 4.63 -68.01
C ASP P 85 42.55 4.24 -66.58
N VAL P 86 41.55 4.04 -65.75
CA VAL P 86 41.75 3.69 -64.35
C VAL P 86 41.70 2.18 -64.20
N SER P 87 42.79 1.60 -63.70
CA SER P 87 42.90 0.17 -63.48
C SER P 87 42.61 -0.11 -62.01
N THR P 88 41.58 -0.92 -61.75
CA THR P 88 41.16 -1.24 -60.39
C THR P 88 41.54 -2.69 -60.08
N ILE P 89 42.21 -2.88 -58.94
CA ILE P 89 42.62 -4.20 -58.48
C ILE P 89 42.07 -4.39 -57.07
N CYS P 90 41.33 -5.47 -56.87
CA CYS P 90 40.73 -5.77 -55.57
C CYS P 90 41.73 -6.50 -54.69
N MET P 91 41.95 -5.98 -53.48
CA MET P 91 42.86 -6.58 -52.51
C MET P 91 42.13 -6.77 -51.20
N GLY P 92 42.15 -8.00 -50.69
CA GLY P 92 41.48 -8.30 -49.43
C GLY P 92 40.00 -8.52 -49.59
N GLN P 93 39.25 -7.44 -49.80
CA GLN P 93 37.80 -7.55 -49.96
C GLN P 93 37.29 -6.27 -50.62
N ALA P 94 36.13 -6.39 -51.26
CA ALA P 94 35.48 -5.26 -51.94
C ALA P 94 33.99 -5.52 -51.90
N ALA P 95 33.31 -4.93 -50.93
CA ALA P 95 31.87 -5.10 -50.76
C ALA P 95 31.18 -3.75 -50.75
N SER P 96 29.89 -3.77 -51.09
CA SER P 96 29.04 -2.57 -51.12
C SER P 96 29.62 -1.62 -52.17
N MET P 97 30.01 -0.39 -51.80
CA MET P 97 30.55 0.53 -52.79
C MET P 97 31.85 0.00 -53.38
N GLY P 98 32.61 -0.77 -52.62
CA GLY P 98 33.86 -1.31 -53.14
C GLY P 98 33.67 -2.17 -54.37
N ALA P 99 32.64 -3.04 -54.34
CA ALA P 99 32.38 -3.90 -55.49
C ALA P 99 31.99 -3.07 -56.71
N PHE P 100 31.18 -2.03 -56.53
CA PHE P 100 30.76 -1.20 -57.65
C PHE P 100 31.96 -0.54 -58.32
N LEU P 101 32.89 -0.01 -57.53
CA LEU P 101 34.06 0.64 -58.10
C LEU P 101 35.00 -0.37 -58.76
N LEU P 102 34.99 -1.62 -58.29
CA LEU P 102 35.86 -2.63 -58.89
C LEU P 102 35.49 -2.88 -60.34
N THR P 103 34.20 -2.96 -60.63
CA THR P 103 33.74 -3.19 -62.00
C THR P 103 33.67 -1.91 -62.83
N ALA P 104 33.90 -0.75 -62.22
CA ALA P 104 33.84 0.52 -62.92
C ALA P 104 35.13 0.86 -63.66
N GLY P 105 36.17 0.04 -63.52
CA GLY P 105 37.42 0.30 -64.20
C GLY P 105 37.32 0.09 -65.69
N ALA P 106 38.35 0.56 -66.39
CA ALA P 106 38.39 0.43 -67.85
C ALA P 106 38.33 -1.05 -68.24
N LYS P 107 37.55 -1.34 -69.27
CA LYS P 107 37.41 -2.71 -69.74
C LYS P 107 38.76 -3.27 -70.16
N GLY P 108 39.01 -4.53 -69.81
CA GLY P 108 40.26 -5.19 -70.13
C GLY P 108 41.40 -4.89 -69.18
N LYS P 109 41.17 -4.08 -68.13
CA LYS P 109 42.22 -3.75 -67.17
C LYS P 109 41.80 -4.03 -65.73
N ARG P 110 40.74 -4.80 -65.52
CA ARG P 110 40.27 -5.11 -64.18
C ARG P 110 40.91 -6.42 -63.72
N PHE P 111 41.50 -6.41 -62.54
CA PHE P 111 42.16 -7.58 -61.98
C PHE P 111 41.76 -7.74 -60.52
N CYS P 112 42.09 -8.89 -59.96
CA CYS P 112 41.80 -9.19 -58.57
C CYS P 112 42.74 -10.27 -58.08
N LEU P 113 42.99 -10.28 -56.76
CA LEU P 113 43.87 -11.26 -56.18
C LEU P 113 43.19 -12.63 -56.16
N PRO P 114 43.97 -13.72 -56.13
CA PRO P 114 43.35 -15.05 -56.12
C PRO P 114 42.43 -15.29 -54.93
N ASN P 115 42.74 -14.71 -53.77
CA ASN P 115 41.93 -14.90 -52.57
C ASN P 115 41.00 -13.72 -52.30
N SER P 116 40.90 -12.77 -53.24
CA SER P 116 40.02 -11.63 -53.04
C SER P 116 38.55 -12.06 -53.11
N ARG P 117 37.70 -11.33 -52.38
CA ARG P 117 36.28 -11.61 -52.34
C ARG P 117 35.51 -10.34 -52.62
N VAL P 118 34.43 -10.46 -53.40
CA VAL P 118 33.60 -9.32 -53.78
C VAL P 118 32.16 -9.65 -53.39
N MET P 119 31.49 -8.69 -52.74
CA MET P 119 30.11 -8.84 -52.30
C MET P 119 29.30 -7.69 -52.86
N ILE P 120 28.10 -8.00 -53.35
CA ILE P 120 27.20 -7.00 -53.93
C ILE P 120 25.85 -7.11 -53.24
N HIS P 121 25.27 -5.95 -52.91
CA HIS P 121 23.98 -5.89 -52.25
C HIS P 121 23.27 -4.60 -52.65
N GLN P 122 21.96 -4.57 -52.41
CA GLN P 122 21.17 -3.41 -52.75
C GLN P 122 21.48 -2.24 -51.81
N PRO P 123 21.14 -1.01 -52.23
CA PRO P 123 21.42 0.15 -51.38
C PRO P 123 20.74 0.05 -50.02
N LEU P 124 21.40 0.61 -49.01
CA LEU P 124 20.90 0.63 -47.65
C LEU P 124 20.68 2.07 -47.21
N GLY P 125 19.53 2.34 -46.62
CA GLY P 125 19.19 3.69 -46.17
C GLY P 125 18.18 3.62 -45.05
N GLY P 126 17.39 4.69 -44.93
CA GLY P 126 16.39 4.77 -43.88
C GLY P 126 16.12 6.20 -43.44
N TYR P 127 14.85 6.55 -43.27
CA TYR P 127 14.47 7.89 -42.84
C TYR P 127 13.33 7.80 -41.84
N GLN P 128 13.26 8.78 -40.95
CA GLN P 128 12.23 8.86 -39.92
C GLN P 128 11.64 10.26 -39.91
N GLY P 129 10.32 10.33 -39.78
CA GLY P 129 9.64 11.62 -39.76
C GLY P 129 8.18 11.47 -40.16
N GLN P 130 7.64 12.54 -40.74
CA GLN P 130 6.25 12.55 -41.17
C GLN P 130 6.04 11.57 -42.34
N ALA P 131 4.78 11.24 -42.58
CA ALA P 131 4.45 10.31 -43.66
C ALA P 131 4.86 10.88 -45.02
N THR P 132 4.60 12.17 -45.26
CA THR P 132 4.96 12.76 -46.54
C THR P 132 6.47 12.72 -46.76
N ASP P 133 7.25 13.05 -45.72
CA ASP P 133 8.70 13.02 -45.86
C ASP P 133 9.21 11.61 -46.13
N ILE P 134 8.64 10.62 -45.44
CA ILE P 134 9.06 9.24 -45.62
C ILE P 134 8.83 8.79 -47.06
N GLU P 135 7.73 9.25 -47.67
CA GLU P 135 7.45 8.87 -49.05
C GLU P 135 8.51 9.42 -49.99
N ILE P 136 8.93 10.67 -49.78
CA ILE P 136 9.94 11.28 -50.65
C ILE P 136 11.25 10.52 -50.54
N HIS P 137 11.67 10.19 -49.31
CA HIS P 137 12.92 9.48 -49.13
C HIS P 137 12.85 8.07 -49.72
N ALA P 138 11.69 7.43 -49.61
CA ALA P 138 11.55 6.08 -50.18
C ALA P 138 11.73 6.11 -51.68
N ARG P 139 11.17 7.12 -52.35
CA ARG P 139 11.32 7.22 -53.79
C ARG P 139 12.77 7.51 -54.17
N GLU P 140 13.46 8.32 -53.37
CA GLU P 140 14.84 8.67 -53.66
C GLU P 140 15.74 7.43 -53.62
N ILE P 141 15.60 6.62 -52.58
CA ILE P 141 16.45 5.43 -52.47
C ILE P 141 16.13 4.44 -53.60
N LEU P 142 14.86 4.34 -53.97
CA LEU P 142 14.49 3.43 -55.05
C LEU P 142 15.14 3.84 -56.36
N LYS P 143 15.15 5.15 -56.64
CA LYS P 143 15.77 5.63 -57.88
C LYS P 143 17.27 5.32 -57.90
N VAL P 144 17.93 5.49 -56.75
CA VAL P 144 19.37 5.20 -56.69
C VAL P 144 19.61 3.73 -56.95
N LYS P 145 18.73 2.86 -56.46
CA LYS P 145 18.90 1.42 -56.67
C LYS P 145 18.84 1.08 -58.15
N GLY P 146 17.89 1.69 -58.88
CA GLY P 146 17.79 1.40 -60.31
C GLY P 146 19.00 1.88 -61.08
N ARG P 147 19.49 3.08 -60.77
CA ARG P 147 20.66 3.60 -61.48
C ARG P 147 21.88 2.73 -61.25
N MET P 148 22.08 2.29 -60.00
CA MET P 148 23.24 1.45 -59.69
C MET P 148 23.18 0.13 -60.46
N ASN P 149 21.98 -0.47 -60.55
CA ASN P 149 21.84 -1.74 -61.26
C ASN P 149 22.18 -1.58 -62.73
N GLU P 150 21.73 -0.48 -63.36
CA GLU P 150 22.02 -0.27 -64.77
C GLU P 150 23.53 -0.13 -65.01
N LEU P 151 24.22 0.62 -64.15
CA LEU P 151 25.66 0.79 -64.31
C LEU P 151 26.39 -0.54 -64.16
N MET P 152 25.98 -1.36 -63.20
CA MET P 152 26.63 -2.66 -63.00
C MET P 152 26.48 -3.53 -64.25
N ALA P 153 25.29 -3.55 -64.85
CA ALA P 153 25.07 -4.37 -66.03
C ALA P 153 25.89 -3.86 -67.22
N LEU P 154 26.19 -2.57 -67.26
CA LEU P 154 26.96 -2.01 -68.38
C LEU P 154 28.38 -2.57 -68.39
N HIS P 155 28.99 -2.69 -67.21
CA HIS P 155 30.37 -3.18 -67.15
C HIS P 155 30.44 -4.71 -67.19
N THR P 156 29.75 -5.37 -66.26
CA THR P 156 29.77 -6.83 -66.23
C THR P 156 29.18 -7.44 -67.49
N GLY P 157 28.32 -6.72 -68.21
CA GLY P 157 27.70 -7.23 -69.40
C GLY P 157 26.47 -8.07 -69.18
N GLN P 158 26.07 -8.29 -67.93
CA GLN P 158 24.89 -9.09 -67.64
C GLN P 158 23.62 -8.29 -67.91
N SER P 159 22.50 -8.99 -67.93
CA SER P 159 21.21 -8.34 -68.17
C SER P 159 20.78 -7.55 -66.94
N LEU P 160 19.94 -6.55 -67.17
CA LEU P 160 19.46 -5.72 -66.07
C LEU P 160 18.64 -6.54 -65.09
N GLU P 161 17.80 -7.45 -65.58
CA GLU P 161 16.99 -8.27 -64.70
C GLU P 161 17.87 -9.16 -63.82
N GLN P 162 18.94 -9.72 -64.40
CA GLN P 162 19.82 -10.58 -63.62
C GLN P 162 20.47 -9.82 -62.47
N ILE P 163 20.90 -8.58 -62.71
CA ILE P 163 21.53 -7.79 -61.66
C ILE P 163 20.55 -7.52 -60.52
N GLU P 164 19.31 -7.16 -60.87
CA GLU P 164 18.32 -6.86 -59.83
C GLU P 164 18.07 -8.07 -58.93
N ARG P 165 17.90 -9.25 -59.52
CA ARG P 165 17.65 -10.44 -58.72
C ARG P 165 18.83 -10.78 -57.82
N ASP P 166 20.05 -10.64 -58.33
CA ASP P 166 21.23 -10.95 -57.54
C ASP P 166 21.50 -9.91 -56.46
N THR P 167 20.97 -8.70 -56.60
CA THR P 167 21.17 -7.64 -55.62
C THR P 167 20.10 -7.61 -54.54
N GLU P 168 19.11 -8.51 -54.60
CA GLU P 168 18.08 -8.52 -53.57
C GLU P 168 18.66 -8.84 -52.19
N ARG P 169 19.75 -9.61 -52.16
CA ARG P 169 20.38 -9.98 -50.90
C ARG P 169 21.89 -10.08 -51.12
N ASP P 170 22.63 -10.06 -50.03
CA ASP P 170 24.09 -10.15 -50.10
C ASP P 170 24.50 -11.42 -50.83
N ARG P 171 25.44 -11.27 -51.76
CA ARG P 171 25.95 -12.39 -52.55
C ARG P 171 27.47 -12.36 -52.51
N PHE P 172 28.07 -13.43 -52.02
CA PHE P 172 29.52 -13.54 -51.92
C PHE P 172 30.04 -14.38 -53.08
N LEU P 173 30.98 -13.81 -53.84
CA LEU P 173 31.58 -14.48 -54.99
C LEU P 173 33.10 -14.45 -54.84
N SER P 174 33.73 -15.60 -55.02
CA SER P 174 35.17 -15.69 -54.92
C SER P 174 35.82 -15.10 -56.18
N ALA P 175 37.14 -15.02 -56.16
CA ALA P 175 37.85 -14.46 -57.31
C ALA P 175 37.55 -15.23 -58.59
N PRO P 176 37.60 -16.57 -58.63
CA PRO P 176 37.29 -17.26 -59.89
C PRO P 176 35.88 -16.97 -60.39
N GLU P 177 34.92 -16.81 -59.47
CA GLU P 177 33.54 -16.53 -59.88
C GLU P 177 33.37 -15.09 -60.37
N ALA P 178 34.22 -14.17 -59.89
CA ALA P 178 34.10 -12.79 -60.31
C ALA P 178 34.38 -12.63 -61.80
N VAL P 179 35.37 -13.36 -62.31
CA VAL P 179 35.71 -13.26 -63.73
C VAL P 179 34.52 -13.69 -64.59
N GLU P 180 33.89 -14.81 -64.24
CA GLU P 180 32.75 -15.28 -65.02
C GLU P 180 31.57 -14.31 -64.93
N TYR P 181 31.32 -13.75 -63.75
CA TYR P 181 30.21 -12.83 -63.58
C TYR P 181 30.41 -11.57 -64.41
N GLY P 182 31.65 -11.13 -64.59
CA GLY P 182 31.96 -9.94 -65.35
C GLY P 182 32.51 -8.79 -64.54
N LEU P 183 32.59 -8.92 -63.21
CA LEU P 183 33.11 -7.83 -62.39
C LEU P 183 34.57 -7.56 -62.72
N VAL P 184 35.36 -8.61 -62.93
CA VAL P 184 36.77 -8.49 -63.26
C VAL P 184 37.05 -9.26 -64.54
N ASP P 185 38.26 -9.08 -65.06
CA ASP P 185 38.69 -9.72 -66.30
C ASP P 185 39.57 -10.95 -66.06
N SER P 186 40.63 -10.81 -65.27
CA SER P 186 41.53 -11.91 -64.98
C SER P 186 41.94 -11.85 -63.52
N ILE P 187 42.76 -12.82 -63.11
CA ILE P 187 43.26 -12.92 -61.74
C ILE P 187 44.77 -12.90 -61.77
N LEU P 188 45.38 -12.05 -60.94
CA LEU P 188 46.83 -11.92 -60.86
C LEU P 188 47.33 -12.82 -59.75
N THR P 189 47.79 -14.02 -60.11
CA THR P 189 48.29 -14.98 -59.13
C THR P 189 49.78 -14.78 -58.87
N HIS P 190 50.59 -14.83 -59.93
CA HIS P 190 52.03 -14.66 -59.82
C HIS P 190 52.52 -13.73 -60.92
N ARG P 191 53.63 -13.06 -60.67
CA ARG P 191 54.21 -12.13 -61.64
C ARG P 191 54.98 -12.91 -62.69
N ASN P 192 54.62 -12.72 -63.95
CA ASN P 192 55.28 -13.40 -65.06
C ASN P 192 56.03 -12.41 -65.94
N LEU Q 1 46.26 10.57 -43.55
CA LEU Q 1 47.51 10.97 -44.19
C LEU Q 1 47.22 11.71 -45.49
N VAL Q 2 48.02 12.75 -45.76
CA VAL Q 2 47.88 13.56 -46.96
C VAL Q 2 49.10 13.34 -47.85
N PRO Q 3 48.95 12.75 -49.04
CA PRO Q 3 50.12 12.54 -49.90
C PRO Q 3 50.79 13.86 -50.25
N MET Q 4 52.11 13.82 -50.34
CA MET Q 4 52.93 14.99 -50.67
C MET Q 4 53.43 14.87 -52.09
N VAL Q 5 53.01 15.78 -52.95
CA VAL Q 5 53.42 15.80 -54.35
C VAL Q 5 54.52 16.83 -54.52
N ILE Q 6 55.29 16.68 -55.59
CA ILE Q 6 56.40 17.57 -55.91
C ILE Q 6 56.16 18.15 -57.30
N GLU Q 7 56.31 19.47 -57.42
CA GLU Q 7 56.13 20.18 -58.68
C GLU Q 7 57.49 20.57 -59.23
N GLN Q 8 57.74 20.25 -60.49
CA GLN Q 8 59.00 20.57 -61.15
C GLN Q 8 58.94 21.97 -61.72
N THR Q 9 59.90 22.81 -61.34
CA THR Q 9 59.96 24.19 -61.81
C THR Q 9 61.41 24.54 -62.09
N SER Q 10 61.60 25.69 -62.75
CA SER Q 10 62.96 26.13 -63.08
C SER Q 10 63.77 26.40 -61.81
N ARG Q 11 63.15 27.00 -60.80
CA ARG Q 11 63.87 27.29 -59.56
C ARG Q 11 64.38 26.01 -58.91
N GLY Q 12 63.53 24.99 -58.83
CA GLY Q 12 63.93 23.74 -58.23
C GLY Q 12 62.71 22.99 -57.71
N GLU Q 13 62.99 21.85 -57.07
CA GLU Q 13 61.93 21.04 -56.52
C GLU Q 13 61.22 21.77 -55.38
N ARG Q 14 59.90 21.63 -55.32
CA ARG Q 14 59.08 22.27 -54.29
C ARG Q 14 58.21 21.22 -53.62
N SER Q 15 58.02 21.38 -52.31
CA SER Q 15 57.23 20.44 -51.51
C SER Q 15 55.82 20.98 -51.35
N PHE Q 16 54.83 20.13 -51.65
CA PHE Q 16 53.42 20.49 -51.53
C PHE Q 16 52.62 19.23 -51.24
N ASP Q 17 51.39 19.43 -50.77
CA ASP Q 17 50.47 18.35 -50.49
C ASP Q 17 49.46 18.26 -51.63
N ILE Q 18 48.55 17.29 -51.54
CA ILE Q 18 47.56 17.10 -52.59
C ILE Q 18 46.64 18.32 -52.67
N TYR Q 19 46.18 18.82 -51.52
CA TYR Q 19 45.28 19.97 -51.52
C TYR Q 19 46.02 21.25 -51.92
N SER Q 20 47.24 21.43 -51.44
CA SER Q 20 47.99 22.64 -51.76
C SER Q 20 48.32 22.71 -53.25
N ARG Q 21 48.66 21.58 -53.86
CA ARG Q 21 49.00 21.58 -55.28
C ARG Q 21 47.84 22.08 -56.13
N LEU Q 22 46.63 21.60 -55.84
CA LEU Q 22 45.46 22.05 -56.60
C LEU Q 22 45.12 23.50 -56.29
N LEU Q 23 45.36 23.94 -55.04
CA LEU Q 23 45.07 25.31 -54.69
C LEU Q 23 45.89 26.29 -55.51
N LYS Q 24 47.13 25.92 -55.86
CA LYS Q 24 47.97 26.80 -56.65
C LYS Q 24 47.37 27.04 -58.04
N GLU Q 25 46.52 26.13 -58.51
CA GLU Q 25 45.87 26.25 -59.81
C GLU Q 25 44.47 26.84 -59.70
N ARG Q 26 44.20 27.58 -58.62
CA ARG Q 26 42.90 28.22 -58.39
C ARG Q 26 41.80 27.17 -58.26
N VAL Q 27 41.98 26.26 -57.29
CA VAL Q 27 41.03 25.20 -57.02
C VAL Q 27 40.80 25.16 -55.52
N ILE Q 28 39.52 25.08 -55.12
CA ILE Q 28 39.13 25.04 -53.72
C ILE Q 28 38.23 23.84 -53.50
N PHE Q 29 38.26 23.31 -52.27
CA PHE Q 29 37.45 22.16 -51.89
C PHE Q 29 36.55 22.52 -50.72
N LEU Q 30 35.32 22.00 -50.76
CA LEU Q 30 34.31 22.23 -49.72
C LEU Q 30 33.80 20.85 -49.30
N THR Q 31 34.47 20.25 -48.32
CA THR Q 31 34.11 18.93 -47.81
C THR Q 31 33.76 19.02 -46.34
N GLY Q 32 32.83 18.18 -45.92
CA GLY Q 32 32.38 18.14 -44.54
C GLY Q 32 31.24 19.11 -44.27
N GLN Q 33 30.59 18.91 -43.13
CA GLN Q 33 29.48 19.76 -42.75
C GLN Q 33 29.92 21.21 -42.65
N VAL Q 34 29.11 22.11 -43.19
CA VAL Q 34 29.43 23.53 -43.17
C VAL Q 34 29.40 24.03 -41.73
N GLU Q 35 30.41 24.77 -41.34
CA GLU Q 35 30.52 25.33 -40.00
C GLU Q 35 31.29 26.65 -40.08
N ASP Q 36 31.52 27.26 -38.91
CA ASP Q 36 32.24 28.53 -38.89
C ASP Q 36 33.72 28.34 -39.19
N HIS Q 37 34.33 27.28 -38.67
CA HIS Q 37 35.76 27.06 -38.89
C HIS Q 37 36.06 26.75 -40.35
N MET Q 38 35.34 25.78 -40.93
CA MET Q 38 35.59 25.41 -42.33
C MET Q 38 35.19 26.54 -43.27
N ALA Q 39 34.08 27.22 -42.99
CA ALA Q 39 33.64 28.31 -43.86
C ALA Q 39 34.67 29.43 -43.91
N ASN Q 40 35.26 29.77 -42.76
CA ASN Q 40 36.27 30.84 -42.74
C ASN Q 40 37.48 30.45 -43.58
N LEU Q 41 37.88 29.17 -43.52
CA LEU Q 41 39.03 28.73 -44.30
C LEU Q 41 38.78 28.91 -45.79
N ILE Q 42 37.59 28.58 -46.26
CA ILE Q 42 37.28 28.72 -47.69
C ILE Q 42 37.34 30.19 -48.10
N VAL Q 43 36.79 31.08 -47.28
CA VAL Q 43 36.81 32.50 -47.61
C VAL Q 43 38.24 32.99 -47.74
N ALA Q 44 39.14 32.53 -46.87
CA ALA Q 44 40.53 32.96 -46.94
C ALA Q 44 41.17 32.55 -48.26
N GLN Q 45 40.88 31.34 -48.73
CA GLN Q 45 41.45 30.87 -49.99
C GLN Q 45 40.99 31.74 -51.15
N MET Q 46 39.72 32.13 -51.16
CA MET Q 46 39.21 32.96 -52.25
C MET Q 46 39.93 34.30 -52.31
N LEU Q 47 40.15 34.93 -51.15
CA LEU Q 47 40.82 36.21 -51.12
C LEU Q 47 42.25 36.11 -51.65
N PHE Q 48 42.96 35.04 -51.27
CA PHE Q 48 44.34 34.88 -51.72
C PHE Q 48 44.40 34.73 -53.24
N LEU Q 49 43.49 33.95 -53.82
CA LEU Q 49 43.50 33.75 -55.27
C LEU Q 49 43.21 35.06 -55.99
N GLU Q 50 42.28 35.86 -55.47
CA GLU Q 50 41.94 37.13 -56.11
C GLU Q 50 43.15 38.05 -56.19
N ALA Q 51 43.93 38.13 -55.11
CA ALA Q 51 45.09 39.00 -55.11
C ALA Q 51 46.12 38.54 -56.14
N GLU Q 52 46.34 37.23 -56.24
CA GLU Q 52 47.33 36.72 -57.20
C GLU Q 52 46.93 37.08 -58.63
N ASN Q 53 45.66 36.89 -58.97
CA ASN Q 53 45.17 37.20 -60.32
C ASN Q 53 43.68 37.50 -60.25
N PRO Q 54 43.27 38.76 -60.37
CA PRO Q 54 41.84 39.09 -60.30
C PRO Q 54 41.05 38.80 -61.58
N GLU Q 55 41.61 38.05 -62.53
CA GLU Q 55 40.93 37.72 -63.77
C GLU Q 55 40.71 36.23 -63.96
N LYS Q 56 41.65 35.39 -63.54
CA LYS Q 56 41.50 33.96 -63.72
C LYS Q 56 40.35 33.42 -62.85
N ASP Q 57 39.61 32.47 -63.41
CA ASP Q 57 38.49 31.89 -62.69
C ASP Q 57 38.97 31.08 -61.50
N ILE Q 58 38.12 31.00 -60.48
CA ILE Q 58 38.41 30.27 -59.25
C ILE Q 58 37.40 29.14 -59.13
N TYR Q 59 37.87 27.90 -59.22
CA TYR Q 59 37.00 26.74 -59.11
C TYR Q 59 36.69 26.44 -57.65
N LEU Q 60 35.60 25.71 -57.45
CA LEU Q 60 35.16 25.35 -56.10
C LEU Q 60 34.27 24.12 -56.20
N TYR Q 61 34.72 22.99 -55.67
CA TYR Q 61 33.96 21.76 -55.67
C TYR Q 61 33.13 21.68 -54.40
N ILE Q 62 31.82 21.54 -54.55
CA ILE Q 62 30.89 21.46 -53.42
C ILE Q 62 30.49 20.00 -53.24
N ASN Q 63 30.87 19.42 -52.10
CA ASN Q 63 30.57 18.03 -51.77
C ASN Q 63 30.32 17.97 -50.26
N SER Q 64 29.07 18.17 -49.85
CA SER Q 64 28.70 18.14 -48.45
C SER Q 64 27.19 18.16 -48.28
N PRO Q 65 26.65 17.55 -47.22
CA PRO Q 65 25.19 17.56 -47.02
C PRO Q 65 24.66 18.89 -46.51
N GLY Q 66 25.52 19.80 -46.08
CA GLY Q 66 25.11 21.10 -45.58
C GLY Q 66 25.63 21.34 -44.18
N GLY Q 67 25.15 22.42 -43.57
CA GLY Q 67 25.55 22.79 -42.23
C GLY Q 67 24.87 24.04 -41.72
N VAL Q 68 25.62 24.88 -41.01
CA VAL Q 68 25.06 26.11 -40.47
C VAL Q 68 24.74 27.07 -41.61
N ILE Q 69 23.52 27.61 -41.60
CA ILE Q 69 23.11 28.54 -42.65
C ILE Q 69 23.94 29.82 -42.58
N THR Q 70 24.14 30.36 -41.37
CA THR Q 70 24.91 31.59 -41.24
C THR Q 70 26.32 31.43 -41.78
N ALA Q 71 26.97 30.30 -41.50
CA ALA Q 71 28.32 30.08 -42.01
C ALA Q 71 28.33 30.06 -43.53
N GLY Q 72 27.32 29.46 -44.15
CA GLY Q 72 27.27 29.39 -45.60
C GLY Q 72 27.09 30.75 -46.26
N MET Q 73 26.34 31.65 -45.63
CA MET Q 73 26.12 32.96 -46.22
C MET Q 73 27.42 33.73 -46.44
N SER Q 74 28.41 33.54 -45.56
CA SER Q 74 29.67 34.24 -45.72
C SER Q 74 30.35 33.83 -47.03
N ILE Q 75 30.32 32.55 -47.36
CA ILE Q 75 30.93 32.08 -48.60
C ILE Q 75 30.22 32.67 -49.80
N TYR Q 76 28.89 32.73 -49.75
CA TYR Q 76 28.13 33.28 -50.87
C TYR Q 76 28.50 34.73 -51.15
N ASP Q 77 28.61 35.53 -50.09
CA ASP Q 77 28.97 36.94 -50.27
C ASP Q 77 30.35 37.09 -50.88
N THR Q 78 31.31 36.27 -50.43
CA THR Q 78 32.67 36.36 -50.97
C THR Q 78 32.68 36.04 -52.46
N MET Q 79 31.91 35.03 -52.88
CA MET Q 79 31.87 34.67 -54.29
C MET Q 79 31.33 35.81 -55.14
N GLN Q 80 30.30 36.49 -54.66
CA GLN Q 80 29.70 37.60 -55.40
C GLN Q 80 30.46 38.91 -55.25
N PHE Q 81 31.44 38.97 -54.35
CA PHE Q 81 32.22 40.19 -54.14
C PHE Q 81 33.53 40.19 -54.92
N ILE Q 82 34.26 39.08 -54.90
CA ILE Q 82 35.53 39.02 -55.63
C ILE Q 82 35.27 39.12 -57.12
N LYS Q 83 36.07 39.94 -57.80
CA LYS Q 83 35.90 40.11 -59.24
C LYS Q 83 35.98 38.80 -60.02
N PRO Q 84 36.93 37.90 -59.75
CA PRO Q 84 36.98 36.65 -60.51
C PRO Q 84 35.68 35.86 -60.38
N ASP Q 85 35.28 35.25 -61.49
CA ASP Q 85 34.07 34.44 -61.50
C ASP Q 85 34.35 33.10 -60.84
N VAL Q 86 33.47 32.70 -59.93
CA VAL Q 86 33.63 31.45 -59.19
C VAL Q 86 32.84 30.36 -59.91
N SER Q 87 33.53 29.30 -60.31
CA SER Q 87 32.92 28.16 -60.98
C SER Q 87 32.68 27.07 -59.95
N THR Q 88 31.43 26.67 -59.78
CA THR Q 88 31.05 25.66 -58.82
C THR Q 88 30.67 24.36 -59.53
N ILE Q 89 31.27 23.26 -59.09
CA ILE Q 89 31.02 21.93 -59.65
C ILE Q 89 30.60 21.02 -58.52
N CYS Q 90 29.44 20.38 -58.67
CA CYS Q 90 28.91 19.49 -57.64
C CYS Q 90 29.49 18.08 -57.82
N MET Q 91 30.09 17.56 -56.75
CA MET Q 91 30.68 16.23 -56.76
C MET Q 91 30.09 15.43 -55.61
N GLY Q 92 29.55 14.26 -55.93
CA GLY Q 92 28.95 13.40 -54.92
C GLY Q 92 27.54 13.83 -54.54
N GLN Q 93 27.42 14.91 -53.77
CA GLN Q 93 26.11 15.39 -53.35
C GLN Q 93 26.24 16.84 -52.91
N ALA Q 94 25.12 17.55 -52.96
CA ALA Q 94 25.06 18.96 -52.55
C ALA Q 94 23.64 19.22 -52.05
N ALA Q 95 23.47 19.16 -50.73
CA ALA Q 95 22.17 19.36 -50.12
C ALA Q 95 22.25 20.47 -49.07
N SER Q 96 21.10 21.08 -48.81
CA SER Q 96 20.97 22.16 -47.83
C SER Q 96 21.84 23.33 -48.29
N MET Q 97 22.82 23.78 -47.51
CA MET Q 97 23.66 24.90 -47.95
C MET Q 97 24.45 24.55 -49.20
N GLY Q 98 24.78 23.27 -49.39
CA GLY Q 98 25.53 22.89 -50.58
C GLY Q 98 24.80 23.22 -51.86
N ALA Q 99 23.49 22.94 -51.89
CA ALA Q 99 22.71 23.23 -53.09
C ALA Q 99 22.66 24.73 -53.37
N PHE Q 100 22.50 25.53 -52.32
CA PHE Q 100 22.44 26.98 -52.50
C PHE Q 100 23.73 27.51 -53.12
N LEU Q 101 24.88 27.04 -52.63
CA LEU Q 101 26.16 27.51 -53.17
C LEU Q 101 26.37 27.01 -54.60
N LEU Q 102 25.80 25.85 -54.95
CA LEU Q 102 25.97 25.32 -56.30
C LEU Q 102 25.37 26.25 -57.34
N THR Q 103 24.19 26.80 -57.06
CA THR Q 103 23.54 27.72 -57.99
C THR Q 103 24.04 29.15 -57.84
N ALA Q 104 24.89 29.43 -56.86
CA ALA Q 104 25.40 30.78 -56.64
C ALA Q 104 26.60 31.11 -57.53
N GLY Q 105 27.08 30.16 -58.31
CA GLY Q 105 28.21 30.41 -59.18
C GLY Q 105 27.86 31.32 -60.33
N ALA Q 106 28.90 31.80 -61.00
CA ALA Q 106 28.71 32.69 -62.15
C ALA Q 106 27.87 32.01 -63.22
N LYS Q 107 26.95 32.75 -63.81
CA LYS Q 107 26.10 32.21 -64.86
C LYS Q 107 26.94 31.71 -66.02
N GLY Q 108 26.56 30.54 -66.54
CA GLY Q 108 27.27 29.92 -67.65
C GLY Q 108 28.51 29.14 -67.26
N LYS Q 109 28.83 29.04 -65.98
CA LYS Q 109 30.01 28.31 -65.51
C LYS Q 109 29.66 27.28 -64.45
N ARG Q 110 28.39 26.92 -64.31
CA ARG Q 110 27.95 25.94 -63.33
C ARG Q 110 27.88 24.56 -63.98
N PHE Q 111 28.52 23.58 -63.35
CA PHE Q 111 28.55 22.22 -63.88
C PHE Q 111 28.29 21.24 -62.73
N CYS Q 112 28.05 19.99 -63.11
CA CYS Q 112 27.80 18.93 -62.13
C CYS Q 112 28.11 17.59 -62.77
N LEU Q 113 28.46 16.62 -61.94
CA LEU Q 113 28.78 15.29 -62.42
C LEU Q 113 27.52 14.58 -62.88
N PRO Q 114 27.64 13.60 -63.78
CA PRO Q 114 26.44 12.90 -64.25
C PRO Q 114 25.66 12.20 -63.14
N ASN Q 115 26.34 11.70 -62.10
CA ASN Q 115 25.69 11.02 -61.00
C ASN Q 115 25.50 11.90 -59.78
N SER Q 116 25.79 13.19 -59.88
CA SER Q 116 25.63 14.08 -58.75
C SER Q 116 24.15 14.29 -58.44
N ARG Q 117 23.86 14.54 -57.16
CA ARG Q 117 22.50 14.76 -56.69
C ARG Q 117 22.46 16.04 -55.87
N VAL Q 118 21.40 16.82 -56.05
CA VAL Q 118 21.20 18.08 -55.35
C VAL Q 118 19.84 18.05 -54.66
N MET Q 119 19.83 18.44 -53.38
CA MET Q 119 18.61 18.47 -52.58
C MET Q 119 18.44 19.86 -52.00
N ILE Q 120 17.20 20.36 -52.05
CA ILE Q 120 16.87 21.69 -51.54
C ILE Q 120 15.73 21.56 -50.54
N HIS Q 121 15.85 22.28 -49.43
CA HIS Q 121 14.84 22.26 -48.39
C HIS Q 121 14.84 23.61 -47.67
N GLN Q 122 13.76 23.87 -46.95
CA GLN Q 122 13.61 25.12 -46.22
C GLN Q 122 14.57 25.16 -45.03
N PRO Q 123 14.85 26.36 -44.50
CA PRO Q 123 15.76 26.47 -43.36
C PRO Q 123 15.25 25.69 -42.15
N LEU Q 124 16.20 25.16 -41.38
CA LEU Q 124 15.92 24.40 -40.18
C LEU Q 124 16.50 25.14 -38.97
N GLY Q 125 15.71 25.26 -37.92
CA GLY Q 125 16.12 25.94 -36.71
C GLY Q 125 15.34 25.45 -35.51
N GLY Q 126 15.22 26.32 -34.51
CA GLY Q 126 14.49 25.98 -33.30
C GLY Q 126 15.04 26.68 -32.08
N TYR Q 127 14.16 27.21 -31.23
CA TYR Q 127 14.55 27.91 -30.02
C TYR Q 127 13.62 27.52 -28.89
N GLN Q 128 14.15 27.58 -27.67
CA GLN Q 128 13.41 27.25 -26.45
C GLN Q 128 13.60 28.35 -25.43
N GLY Q 129 12.53 28.73 -24.75
CA GLY Q 129 12.59 29.78 -23.75
C GLY Q 129 11.23 30.40 -23.51
N GLN Q 130 11.25 31.67 -23.13
CA GLN Q 130 10.02 32.39 -22.86
C GLN Q 130 9.23 32.61 -24.16
N ALA Q 131 7.95 32.95 -24.00
CA ALA Q 131 7.09 33.16 -25.16
C ALA Q 131 7.59 34.34 -26.01
N THR Q 132 7.99 35.43 -25.37
CA THR Q 132 8.47 36.58 -26.12
C THR Q 132 9.72 36.24 -26.92
N ASP Q 133 10.66 35.51 -26.31
CA ASP Q 133 11.88 35.14 -27.01
C ASP Q 133 11.57 34.23 -28.19
N ILE Q 134 10.65 33.28 -28.00
CA ILE Q 134 10.31 32.35 -29.07
C ILE Q 134 9.74 33.10 -30.26
N GLU Q 135 8.96 34.15 -30.01
CA GLU Q 135 8.38 34.93 -31.11
C GLU Q 135 9.47 35.62 -31.92
N ILE Q 136 10.48 36.17 -31.24
CA ILE Q 136 11.56 36.86 -31.95
C ILE Q 136 12.32 35.89 -32.83
N HIS Q 137 12.65 34.70 -32.29
CA HIS Q 137 13.39 33.71 -33.07
C HIS Q 137 12.56 33.21 -34.25
N ALA Q 138 11.25 33.06 -34.05
CA ALA Q 138 10.39 32.60 -35.13
C ALA Q 138 10.40 33.59 -36.29
N ARG Q 139 10.36 34.89 -35.98
CA ARG Q 139 10.40 35.90 -37.03
C ARG Q 139 11.75 35.92 -37.74
N GLU Q 140 12.83 35.69 -36.99
CA GLU Q 140 14.16 35.71 -37.59
C GLU Q 140 14.31 34.58 -38.61
N ILE Q 141 13.90 33.37 -38.25
CA ILE Q 141 14.03 32.24 -39.18
C ILE Q 141 13.15 32.46 -40.40
N LEU Q 142 11.96 33.03 -40.21
CA LEU Q 142 11.07 33.27 -41.35
C LEU Q 142 11.71 34.24 -42.33
N LYS Q 143 12.35 35.30 -41.83
CA LYS Q 143 12.99 36.27 -42.71
C LYS Q 143 14.11 35.62 -43.51
N VAL Q 144 14.89 34.75 -42.86
CA VAL Q 144 15.98 34.08 -43.57
C VAL Q 144 15.42 33.18 -44.67
N LYS Q 145 14.28 32.55 -44.43
CA LYS Q 145 13.68 31.70 -45.44
C LYS Q 145 13.30 32.49 -46.68
N GLY Q 146 12.72 33.67 -46.48
CA GLY Q 146 12.34 34.49 -47.63
C GLY Q 146 13.53 34.97 -48.43
N ARG Q 147 14.59 35.41 -47.74
CA ARG Q 147 15.77 35.89 -48.44
C ARG Q 147 16.42 34.77 -49.26
N MET Q 148 16.50 33.56 -48.68
CA MET Q 148 17.10 32.45 -49.41
C MET Q 148 16.30 32.11 -50.66
N ASN Q 149 14.97 32.14 -50.56
CA ASN Q 149 14.14 31.82 -51.72
C ASN Q 149 14.35 32.83 -52.85
N GLU Q 150 14.45 34.12 -52.50
CA GLU Q 150 14.67 35.13 -53.53
C GLU Q 150 15.99 34.93 -54.25
N LEU Q 151 17.05 34.62 -53.49
CA LEU Q 151 18.36 34.41 -54.12
C LEU Q 151 18.34 33.21 -55.05
N MET Q 152 17.67 32.13 -54.64
CA MET Q 152 17.58 30.94 -55.48
C MET Q 152 16.90 31.25 -56.80
N ALA Q 153 15.80 32.01 -56.75
CA ALA Q 153 15.08 32.35 -57.97
C ALA Q 153 15.91 33.23 -58.89
N LEU Q 154 16.81 34.04 -58.32
CA LEU Q 154 17.63 34.92 -59.16
C LEU Q 154 18.57 34.13 -60.04
N HIS Q 155 19.16 33.05 -59.52
CA HIS Q 155 20.10 32.25 -60.31
C HIS Q 155 19.38 31.26 -61.21
N THR Q 156 18.56 30.39 -60.62
CA THR Q 156 17.84 29.39 -61.41
C THR Q 156 16.88 30.02 -62.41
N GLY Q 157 16.44 31.26 -62.17
CA GLY Q 157 15.53 31.93 -63.06
C GLY Q 157 14.07 31.60 -62.86
N GLN Q 158 13.75 30.71 -61.92
CA GLN Q 158 12.37 30.34 -61.66
C GLN Q 158 11.65 31.43 -60.89
N SER Q 159 10.33 31.33 -60.84
CA SER Q 159 9.52 32.31 -60.13
C SER Q 159 9.68 32.14 -58.62
N LEU Q 160 9.45 33.22 -57.88
CA LEU Q 160 9.58 33.18 -56.43
C LEU Q 160 8.57 32.20 -55.83
N GLU Q 161 7.34 32.20 -56.35
CA GLU Q 161 6.32 31.29 -55.83
C GLU Q 161 6.72 29.84 -56.05
N GLN Q 162 7.30 29.54 -57.21
CA GLN Q 162 7.71 28.17 -57.50
C GLN Q 162 8.76 27.69 -56.52
N ILE Q 163 9.72 28.55 -56.18
CA ILE Q 163 10.78 28.17 -55.26
C ILE Q 163 10.20 27.87 -53.88
N GLU Q 164 9.28 28.72 -53.40
CA GLU Q 164 8.70 28.52 -52.08
C GLU Q 164 7.98 27.18 -51.99
N ARG Q 165 7.19 26.84 -53.00
CA ARG Q 165 6.45 25.58 -52.97
C ARG Q 165 7.39 24.38 -52.99
N ASP Q 166 8.47 24.46 -53.78
CA ASP Q 166 9.40 23.35 -53.86
C ASP Q 166 10.27 23.22 -52.62
N THR Q 167 10.41 24.28 -51.83
CA THR Q 167 11.22 24.23 -50.61
C THR Q 167 10.43 23.83 -49.38
N GLU Q 168 9.11 23.61 -49.50
CA GLU Q 168 8.32 23.21 -48.35
C GLU Q 168 8.80 21.88 -47.78
N ARG Q 169 9.35 21.02 -48.62
CA ARG Q 169 9.84 19.72 -48.18
C ARG Q 169 11.06 19.35 -49.02
N ASP Q 170 11.83 18.38 -48.52
CA ASP Q 170 13.02 17.94 -49.22
C ASP Q 170 12.66 17.46 -50.62
N ARG Q 171 13.44 17.90 -51.61
CA ARG Q 171 13.23 17.54 -53.00
C ARG Q 171 14.56 17.08 -53.58
N PHE Q 172 14.59 15.84 -54.08
CA PHE Q 172 15.79 15.26 -54.66
C PHE Q 172 15.70 15.33 -56.18
N LEU Q 173 16.70 15.95 -56.80
CA LEU Q 173 16.75 16.10 -58.25
C LEU Q 173 18.09 15.56 -58.75
N SER Q 174 18.03 14.72 -59.79
CA SER Q 174 19.24 14.15 -60.36
C SER Q 174 19.96 15.22 -61.20
N ALA Q 175 21.13 14.85 -61.70
CA ALA Q 175 21.90 15.79 -62.52
C ALA Q 175 21.12 16.25 -63.75
N PRO Q 176 20.48 15.36 -64.54
CA PRO Q 176 19.73 15.86 -65.69
C PRO Q 176 18.61 16.82 -65.32
N GLU Q 177 17.97 16.60 -64.17
CA GLU Q 177 16.88 17.48 -63.74
C GLU Q 177 17.41 18.81 -63.22
N ALA Q 178 18.65 18.84 -62.72
CA ALA Q 178 19.20 20.09 -62.21
C ALA Q 178 19.37 21.12 -63.31
N VAL Q 179 19.78 20.69 -64.50
CA VAL Q 179 19.98 21.62 -65.62
C VAL Q 179 18.66 22.28 -65.97
N GLU Q 180 17.58 21.49 -66.08
CA GLU Q 180 16.29 22.05 -66.44
C GLU Q 180 15.78 23.00 -65.35
N TYR Q 181 15.98 22.64 -64.08
CA TYR Q 181 15.50 23.49 -62.99
C TYR Q 181 16.22 24.83 -62.97
N GLY Q 182 17.49 24.86 -63.38
CA GLY Q 182 18.27 26.07 -63.40
C GLY Q 182 19.41 26.11 -62.40
N LEU Q 183 19.54 25.10 -61.54
CA LEU Q 183 20.63 25.09 -60.57
C LEU Q 183 21.99 25.05 -61.26
N VAL Q 184 22.11 24.27 -62.33
CA VAL Q 184 23.35 24.14 -63.07
C VAL Q 184 23.06 24.42 -64.54
N ASP Q 185 24.14 24.52 -65.33
CA ASP Q 185 24.05 24.80 -66.76
C ASP Q 185 24.20 23.55 -67.62
N SER Q 186 25.27 22.78 -67.40
CA SER Q 186 25.52 21.57 -68.17
C SER Q 186 26.06 20.49 -67.25
N ILE Q 187 26.33 19.32 -67.82
CA ILE Q 187 26.83 18.16 -67.09
C ILE Q 187 28.15 17.74 -67.73
N LEU Q 188 29.18 17.56 -66.91
CA LEU Q 188 30.50 17.15 -67.39
C LEU Q 188 30.59 15.63 -67.28
N THR Q 189 30.35 14.94 -68.39
CA THR Q 189 30.41 13.49 -68.43
C THR Q 189 31.82 12.99 -68.74
N HIS Q 190 32.38 13.41 -69.87
CA HIS Q 190 33.72 13.02 -70.28
C HIS Q 190 34.48 14.25 -70.77
N ARG Q 191 35.80 14.17 -70.67
CA ARG Q 191 36.66 15.28 -71.10
C ARG Q 191 36.80 15.24 -72.62
N ASN Q 192 36.46 16.34 -73.28
CA ASN Q 192 36.55 16.43 -74.73
C ASN Q 192 37.60 17.45 -75.14
N LEU R 1 43.11 20.43 -42.18
CA LEU R 1 44.30 20.76 -42.94
C LEU R 1 44.30 22.23 -43.35
N VAL R 2 45.49 22.84 -43.34
CA VAL R 2 45.64 24.25 -43.70
C VAL R 2 46.50 24.33 -44.96
N PRO R 3 45.95 24.79 -46.09
CA PRO R 3 46.78 24.88 -47.31
C PRO R 3 47.98 25.79 -47.10
N MET R 4 49.10 25.42 -47.73
CA MET R 4 50.34 26.17 -47.63
C MET R 4 50.57 26.90 -48.95
N VAL R 5 50.56 28.23 -48.89
CA VAL R 5 50.77 29.07 -50.06
C VAL R 5 52.24 29.52 -50.06
N ILE R 6 52.71 29.91 -51.24
CA ILE R 6 54.08 30.37 -51.43
C ILE R 6 54.04 31.78 -52.02
N GLU R 7 54.81 32.69 -51.44
CA GLU R 7 54.89 34.06 -51.89
C GLU R 7 56.21 34.27 -52.63
N GLN R 8 56.13 34.85 -53.82
CA GLN R 8 57.32 35.10 -54.64
C GLN R 8 57.91 36.46 -54.26
N THR R 9 59.18 36.45 -53.90
CA THR R 9 59.89 37.67 -53.50
C THR R 9 61.29 37.64 -54.10
N SER R 10 61.97 38.79 -54.02
CA SER R 10 63.32 38.90 -54.56
C SER R 10 64.27 37.96 -53.83
N ARG R 11 64.14 37.86 -52.50
CA ARG R 11 65.03 36.99 -51.73
C ARG R 11 64.88 35.54 -52.16
N GLY R 12 63.66 35.08 -52.35
CA GLY R 12 63.42 33.71 -52.76
C GLY R 12 62.05 33.24 -52.30
N GLU R 13 61.78 31.97 -52.58
CA GLU R 13 60.51 31.38 -52.20
C GLU R 13 60.40 31.30 -50.68
N ARG R 14 59.19 31.57 -50.17
CA ARG R 14 58.91 31.56 -48.74
C ARG R 14 57.71 30.67 -48.49
N SER R 15 57.76 29.94 -47.37
CA SER R 15 56.68 29.03 -46.99
C SER R 15 55.75 29.71 -45.99
N PHE R 16 54.45 29.65 -46.27
CA PHE R 16 53.43 30.25 -45.42
C PHE R 16 52.13 29.47 -45.58
N ASP R 17 51.23 29.66 -44.62
CA ASP R 17 49.92 29.03 -44.64
C ASP R 17 48.90 30.06 -45.12
N ILE R 18 47.64 29.63 -45.21
CA ILE R 18 46.59 30.54 -45.67
C ILE R 18 46.40 31.69 -44.68
N TYR R 19 46.37 31.37 -43.38
CA TYR R 19 46.18 32.41 -42.37
C TYR R 19 47.40 33.30 -42.25
N SER R 20 48.61 32.72 -42.30
CA SER R 20 49.82 33.52 -42.17
C SER R 20 49.99 34.47 -43.34
N ARG R 21 49.65 34.03 -44.55
CA ARG R 21 49.82 34.89 -45.72
C ARG R 21 48.98 36.15 -45.59
N LEU R 22 47.72 36.01 -45.16
CA LEU R 22 46.86 37.18 -45.00
C LEU R 22 47.32 38.04 -43.82
N LEU R 23 47.89 37.41 -42.78
CA LEU R 23 48.35 38.17 -41.63
C LEU R 23 49.47 39.13 -42.02
N LYS R 24 50.32 38.73 -42.97
CA LYS R 24 51.40 39.61 -43.41
C LYS R 24 50.87 40.89 -44.04
N GLU R 25 49.63 40.87 -44.55
CA GLU R 25 49.00 42.03 -45.16
C GLU R 25 48.11 42.79 -44.17
N ARG R 26 48.34 42.61 -42.87
CA ARG R 26 47.56 43.29 -41.83
C ARG R 26 46.10 42.84 -41.87
N VAL R 27 45.91 41.53 -41.74
CA VAL R 27 44.59 40.91 -41.75
C VAL R 27 44.51 39.95 -40.57
N ILE R 28 43.42 40.02 -39.81
CA ILE R 28 43.21 39.16 -38.66
C ILE R 28 41.85 38.49 -38.79
N PHE R 29 41.73 37.31 -38.21
CA PHE R 29 40.50 36.53 -38.25
C PHE R 29 40.01 36.25 -36.83
N LEU R 30 38.70 36.30 -36.64
CA LEU R 30 38.05 36.07 -35.35
C LEU R 30 36.96 35.02 -35.60
N THR R 31 37.33 33.75 -35.49
CA THR R 31 36.41 32.64 -35.71
C THR R 31 36.31 31.80 -34.44
N GLY R 32 35.11 31.25 -34.22
CA GLY R 32 34.86 30.43 -33.06
C GLY R 32 34.38 31.24 -31.87
N GLN R 33 33.83 30.53 -30.89
CA GLN R 33 33.34 31.18 -29.68
C GLN R 33 34.45 31.95 -29.00
N VAL R 34 34.15 33.16 -28.54
CA VAL R 34 35.14 33.98 -27.87
C VAL R 34 35.50 33.35 -26.53
N GLU R 35 36.80 33.27 -26.25
CA GLU R 35 37.30 32.69 -25.01
C GLU R 35 38.61 33.37 -24.66
N ASP R 36 39.24 32.92 -23.58
CA ASP R 36 40.50 33.51 -23.14
C ASP R 36 41.65 33.14 -24.07
N HIS R 37 41.69 31.89 -24.53
CA HIS R 37 42.78 31.46 -25.39
C HIS R 37 42.74 32.15 -26.75
N MET R 38 41.58 32.13 -27.41
CA MET R 38 41.48 32.76 -28.72
C MET R 38 41.60 34.27 -28.63
N ALA R 39 41.02 34.87 -27.59
CA ALA R 39 41.10 36.32 -27.44
C ALA R 39 42.55 36.78 -27.28
N ASN R 40 43.34 36.05 -26.50
CA ASN R 40 44.74 36.42 -26.31
C ASN R 40 45.50 36.36 -27.62
N LEU R 41 45.21 35.36 -28.45
CA LEU R 41 45.90 35.22 -29.72
C LEU R 41 45.64 36.44 -30.61
N ILE R 42 44.40 36.91 -30.65
CA ILE R 42 44.06 38.07 -31.47
C ILE R 42 44.81 39.30 -30.99
N VAL R 43 44.86 39.51 -29.67
CA VAL R 43 45.56 40.67 -29.13
C VAL R 43 47.03 40.65 -29.55
N ALA R 44 47.65 39.48 -29.53
CA ALA R 44 49.06 39.38 -29.91
C ALA R 44 49.27 39.80 -31.35
N GLN R 45 48.36 39.40 -32.25
CA GLN R 45 48.50 39.77 -33.65
C GLN R 45 48.42 41.29 -33.83
N MET R 46 47.51 41.94 -33.11
CA MET R 46 47.38 43.40 -33.24
C MET R 46 48.66 44.11 -32.83
N LEU R 47 49.28 43.67 -31.72
CA LEU R 47 50.51 44.30 -31.27
C LEU R 47 51.63 44.14 -32.29
N PHE R 48 51.75 42.96 -32.90
CA PHE R 48 52.80 42.74 -33.88
C PHE R 48 52.64 43.65 -35.09
N LEU R 49 51.39 43.81 -35.57
CA LEU R 49 51.16 44.65 -36.73
C LEU R 49 51.48 46.11 -36.41
N GLU R 50 51.15 46.58 -35.21
CA GLU R 50 51.42 47.96 -34.84
C GLU R 50 52.92 48.24 -34.88
N ALA R 51 53.73 47.33 -34.37
CA ALA R 51 55.18 47.54 -34.37
C ALA R 51 55.74 47.62 -35.78
N GLU R 52 55.25 46.75 -36.67
CA GLU R 52 55.74 46.76 -38.05
C GLU R 52 55.44 48.09 -38.73
N ASN R 53 54.22 48.59 -38.57
CA ASN R 53 53.82 49.86 -39.17
C ASN R 53 52.69 50.48 -38.36
N PRO R 54 52.95 51.53 -37.57
CA PRO R 54 51.90 52.14 -36.76
C PRO R 54 50.95 53.05 -37.52
N GLU R 55 50.95 53.03 -38.86
CA GLU R 55 50.08 53.87 -39.67
C GLU R 55 49.13 53.08 -40.55
N LYS R 56 49.56 51.95 -41.09
CA LYS R 56 48.69 51.15 -41.95
C LYS R 56 47.53 50.57 -41.15
N ASP R 57 46.35 50.56 -41.78
CA ASP R 57 45.16 50.02 -41.13
C ASP R 57 45.29 48.52 -40.92
N ILE R 58 44.64 48.05 -39.85
CA ILE R 58 44.65 46.63 -39.48
C ILE R 58 43.23 46.12 -39.61
N TYR R 59 43.01 45.20 -40.55
CA TYR R 59 41.69 44.63 -40.77
C TYR R 59 41.41 43.53 -39.75
N LEU R 60 40.12 43.24 -39.55
CA LEU R 60 39.71 42.22 -38.60
C LEU R 60 38.32 41.75 -38.98
N TYR R 61 38.20 40.50 -39.41
CA TYR R 61 36.92 39.92 -39.80
C TYR R 61 36.30 39.25 -38.57
N ILE R 62 35.08 39.65 -38.23
CA ILE R 62 34.36 39.12 -37.08
C ILE R 62 33.30 38.15 -37.59
N ASN R 63 33.46 36.88 -37.23
CA ASN R 63 32.52 35.82 -37.64
C ASN R 63 32.43 34.83 -36.47
N SER R 64 31.48 35.08 -35.56
CA SER R 64 31.29 34.22 -34.40
C SER R 64 30.02 34.58 -33.66
N PRO R 65 29.35 33.62 -33.01
CA PRO R 65 28.13 33.94 -32.26
C PRO R 65 28.37 34.65 -30.94
N GLY R 66 29.62 34.70 -30.47
CA GLY R 66 29.97 35.34 -29.22
C GLY R 66 30.68 34.38 -28.28
N GLY R 67 30.86 34.84 -27.05
CA GLY R 67 31.52 34.04 -26.04
C GLY R 67 31.62 34.73 -24.70
N VAL R 68 32.75 34.58 -24.01
CA VAL R 68 32.94 35.21 -22.72
C VAL R 68 33.03 36.71 -22.88
N ILE R 69 32.26 37.45 -22.08
CA ILE R 69 32.27 38.90 -22.16
C ILE R 69 33.63 39.46 -21.75
N THR R 70 34.21 38.92 -20.67
CA THR R 70 35.50 39.42 -20.22
C THR R 70 36.57 39.23 -21.29
N ALA R 71 36.58 38.08 -21.95
CA ALA R 71 37.58 37.84 -22.99
C ALA R 71 37.41 38.83 -24.14
N GLY R 72 36.18 39.26 -24.41
CA GLY R 72 35.94 40.20 -25.49
C GLY R 72 36.38 41.61 -25.16
N MET R 73 36.35 41.98 -23.88
CA MET R 73 36.74 43.33 -23.48
C MET R 73 38.22 43.60 -23.76
N SER R 74 39.07 42.59 -23.62
CA SER R 74 40.50 42.80 -23.88
C SER R 74 40.72 43.20 -25.33
N ILE R 75 40.04 42.55 -26.27
CA ILE R 75 40.19 42.88 -27.68
C ILE R 75 39.75 44.32 -27.93
N TYR R 76 38.65 44.74 -27.32
CA TYR R 76 38.15 46.10 -27.52
C TYR R 76 39.18 47.13 -27.06
N ASP R 77 39.80 46.91 -25.91
CA ASP R 77 40.80 47.85 -25.40
C ASP R 77 41.99 47.94 -26.34
N THR R 78 42.44 46.79 -26.86
CA THR R 78 43.59 46.80 -27.78
C THR R 78 43.28 47.60 -29.03
N MET R 79 42.07 47.46 -29.57
CA MET R 79 41.71 48.19 -30.78
C MET R 79 41.74 49.69 -30.54
N GLN R 80 41.24 50.14 -29.39
CA GLN R 80 41.21 51.56 -29.06
C GLN R 80 42.54 52.09 -28.53
N PHE R 81 43.51 51.21 -28.26
CA PHE R 81 44.81 51.63 -27.74
C PHE R 81 45.86 51.77 -28.85
N ILE R 82 45.94 50.80 -29.75
CA ILE R 82 46.91 50.85 -30.83
C ILE R 82 46.60 52.03 -31.75
N LYS R 83 47.63 52.77 -32.12
CA LYS R 83 47.44 53.93 -32.99
C LYS R 83 46.76 53.55 -34.32
N PRO R 84 47.15 52.49 -35.00
CA PRO R 84 46.48 52.15 -36.28
C PRO R 84 44.99 51.95 -36.10
N ASP R 85 44.22 52.42 -37.07
CA ASP R 85 42.77 52.27 -37.03
C ASP R 85 42.40 50.84 -37.40
N VAL R 86 41.53 50.22 -36.60
CA VAL R 86 41.11 48.85 -36.82
C VAL R 86 39.82 48.85 -37.63
N SER R 87 39.85 48.21 -38.80
CA SER R 87 38.69 48.10 -39.67
C SER R 87 38.05 46.74 -39.44
N THR R 88 36.79 46.75 -39.01
CA THR R 88 36.05 45.52 -38.73
C THR R 88 35.01 45.28 -39.81
N ILE R 89 35.02 44.06 -40.35
CA ILE R 89 34.08 43.65 -41.39
C ILE R 89 33.38 42.39 -40.89
N CYS R 90 32.05 42.43 -40.88
CA CYS R 90 31.24 41.30 -40.42
C CYS R 90 31.02 40.31 -41.55
N MET R 91 31.37 39.05 -41.32
CA MET R 91 31.21 37.99 -42.29
C MET R 91 30.42 36.86 -41.67
N GLY R 92 29.33 36.45 -42.32
CA GLY R 92 28.50 35.38 -41.81
C GLY R 92 27.55 35.85 -40.74
N GLN R 93 28.05 36.07 -39.52
CA GLN R 93 27.22 36.52 -38.43
C GLN R 93 28.10 37.15 -37.36
N ALA R 94 27.48 37.99 -36.54
CA ALA R 94 28.18 38.67 -35.45
C ALA R 94 27.14 38.94 -34.36
N ALA R 95 27.08 38.05 -33.37
CA ALA R 95 26.13 38.16 -32.27
C ALA R 95 26.85 38.17 -30.94
N SER R 96 26.20 38.76 -29.94
CA SER R 96 26.72 38.86 -28.58
C SER R 96 28.00 39.67 -28.63
N MET R 97 29.15 39.14 -28.20
CA MET R 97 30.39 39.91 -28.24
C MET R 97 30.78 40.29 -29.66
N GLY R 98 30.40 39.47 -30.64
CA GLY R 98 30.74 39.79 -32.03
C GLY R 98 30.14 41.10 -32.48
N ALA R 99 28.88 41.35 -32.13
CA ALA R 99 28.23 42.60 -32.53
C ALA R 99 28.91 43.80 -31.87
N PHE R 100 29.28 43.67 -30.60
CA PHE R 100 29.94 44.77 -29.91
C PHE R 100 31.25 45.15 -30.58
N LEU R 101 32.06 44.15 -30.95
CA LEU R 101 33.33 44.44 -31.60
C LEU R 101 33.13 45.01 -33.01
N LEU R 102 32.02 44.65 -33.67
CA LEU R 102 31.77 45.16 -35.01
C LEU R 102 31.62 46.68 -35.01
N THR R 103 30.90 47.22 -34.02
CA THR R 103 30.71 48.66 -33.93
C THR R 103 31.86 49.36 -33.22
N ALA R 104 32.82 48.62 -32.69
CA ALA R 104 33.96 49.21 -31.99
C ALA R 104 35.07 49.66 -32.94
N GLY R 105 34.95 49.41 -34.23
CA GLY R 105 35.97 49.82 -35.17
C GLY R 105 35.99 51.32 -35.37
N ALA R 106 37.06 51.77 -36.02
CA ALA R 106 37.23 53.19 -36.28
C ALA R 106 36.06 53.72 -37.11
N LYS R 107 35.59 54.92 -36.76
CA LYS R 107 34.48 55.52 -37.47
C LYS R 107 34.83 55.72 -38.94
N GLY R 108 33.88 55.43 -39.82
CA GLY R 108 34.08 55.58 -41.24
C GLY R 108 34.78 54.41 -41.91
N LYS R 109 35.12 53.36 -41.16
CA LYS R 109 35.80 52.20 -41.72
C LYS R 109 35.08 50.90 -41.38
N ARG R 110 33.85 50.95 -40.92
CA ARG R 110 33.09 49.75 -40.58
C ARG R 110 32.27 49.31 -41.79
N PHE R 111 32.39 48.03 -42.14
CA PHE R 111 31.69 47.46 -43.28
C PHE R 111 31.07 46.13 -42.89
N CYS R 112 30.20 45.62 -43.76
CA CYS R 112 29.55 44.34 -43.54
C CYS R 112 29.09 43.78 -44.87
N LEU R 113 28.98 42.46 -44.94
CA LEU R 113 28.55 41.81 -46.16
C LEU R 113 27.06 42.02 -46.37
N PRO R 114 26.57 41.95 -47.61
CA PRO R 114 25.14 42.17 -47.85
C PRO R 114 24.24 41.21 -47.11
N ASN R 115 24.67 39.96 -46.91
CA ASN R 115 23.87 38.96 -46.22
C ASN R 115 24.28 38.78 -44.75
N SER R 116 25.19 39.61 -44.25
CA SER R 116 25.61 39.49 -42.86
C SER R 116 24.48 39.87 -41.92
N ARG R 117 24.47 39.23 -40.74
CA ARG R 117 23.47 39.48 -39.73
C ARG R 117 24.15 39.78 -38.40
N VAL R 118 23.60 40.76 -37.68
CA VAL R 118 24.13 41.18 -36.39
C VAL R 118 23.02 41.10 -35.35
N MET R 119 23.33 40.50 -34.20
CA MET R 119 22.39 40.35 -33.11
C MET R 119 22.99 40.94 -31.84
N ILE R 120 22.17 41.68 -31.09
CA ILE R 120 22.60 42.32 -29.86
C ILE R 120 21.66 41.91 -28.74
N HIS R 121 22.23 41.60 -27.57
CA HIS R 121 21.45 41.19 -26.42
C HIS R 121 22.19 41.60 -25.15
N GLN R 122 21.46 41.62 -24.04
CA GLN R 122 22.04 42.01 -22.76
C GLN R 122 22.99 40.92 -22.26
N PRO R 123 23.88 41.27 -21.33
CA PRO R 123 24.82 40.28 -20.80
C PRO R 123 24.10 39.10 -20.15
N LEU R 124 24.71 37.92 -20.27
CA LEU R 124 24.18 36.69 -19.71
C LEU R 124 25.16 36.17 -18.66
N GLY R 125 24.64 35.80 -17.50
CA GLY R 125 25.46 35.29 -16.42
C GLY R 125 24.66 34.41 -15.49
N GLY R 126 25.11 34.34 -14.24
CA GLY R 126 24.44 33.53 -13.24
C GLY R 126 25.40 32.99 -12.20
N TYR R 127 24.99 33.04 -10.93
CA TYR R 127 25.82 32.56 -9.83
C TYR R 127 24.94 31.83 -8.83
N GLN R 128 25.54 30.86 -8.13
CA GLN R 128 24.86 30.05 -7.13
C GLN R 128 25.69 30.02 -5.86
N GLY R 129 25.02 30.13 -4.72
CA GLY R 129 25.72 30.11 -3.44
C GLY R 129 24.87 30.78 -2.36
N GLN R 130 25.56 31.36 -1.39
CA GLN R 130 24.89 32.03 -0.29
C GLN R 130 24.19 33.30 -0.78
N ALA R 131 23.28 33.81 0.05
CA ALA R 131 22.53 35.00 -0.33
C ALA R 131 23.47 36.20 -0.50
N THR R 132 24.43 36.37 0.41
CA THR R 132 25.34 37.50 0.31
C THR R 132 26.16 37.42 -0.97
N ASP R 133 26.67 36.23 -1.32
CA ASP R 133 27.46 36.09 -2.53
C ASP R 133 26.63 36.38 -3.77
N ILE R 134 25.38 35.91 -3.78
CA ILE R 134 24.51 36.14 -4.94
C ILE R 134 24.29 37.64 -5.15
N GLU R 135 24.18 38.40 -4.07
CA GLU R 135 23.97 39.84 -4.20
C GLU R 135 25.18 40.50 -4.85
N ILE R 136 26.39 40.09 -4.46
CA ILE R 136 27.59 40.70 -5.03
C ILE R 136 27.68 40.40 -6.53
N HIS R 137 27.42 39.16 -6.92
CA HIS R 137 27.47 38.80 -8.33
C HIS R 137 26.40 39.52 -9.13
N ALA R 138 25.21 39.70 -8.54
CA ALA R 138 24.14 40.39 -9.24
C ALA R 138 24.54 41.84 -9.55
N ARG R 139 25.17 42.50 -8.59
CA ARG R 139 25.61 43.88 -8.80
C ARG R 139 26.70 43.95 -9.86
N GLU R 140 27.60 42.96 -9.87
CA GLU R 140 28.68 42.96 -10.86
C GLU R 140 28.15 42.86 -12.28
N ILE R 141 27.22 41.93 -12.52
CA ILE R 141 26.68 41.77 -13.87
C ILE R 141 25.90 43.02 -14.29
N LEU R 142 25.17 43.64 -13.35
CA LEU R 142 24.42 44.84 -13.68
C LEU R 142 25.35 45.96 -14.11
N LYS R 143 26.48 46.13 -13.43
CA LYS R 143 27.43 47.18 -13.79
C LYS R 143 27.98 46.95 -15.19
N VAL R 144 28.29 45.69 -15.52
CA VAL R 144 28.82 45.39 -16.85
C VAL R 144 27.78 45.73 -17.92
N LYS R 145 26.50 45.49 -17.63
CA LYS R 145 25.46 45.80 -18.60
C LYS R 145 25.42 47.30 -18.89
N GLY R 146 25.53 48.13 -17.86
CA GLY R 146 25.50 49.57 -18.07
C GLY R 146 26.68 50.06 -18.89
N ARG R 147 27.88 49.55 -18.58
CA ARG R 147 29.06 49.98 -19.31
C ARG R 147 28.98 49.60 -20.78
N MET R 148 28.50 48.38 -21.07
CA MET R 148 28.39 47.95 -22.46
C MET R 148 27.40 48.82 -23.22
N ASN R 149 26.29 49.18 -22.59
CA ASN R 149 25.30 50.02 -23.27
C ASN R 149 25.88 51.39 -23.62
N GLU R 150 26.65 51.98 -22.70
CA GLU R 150 27.23 53.28 -22.97
C GLU R 150 28.21 53.22 -24.14
N LEU R 151 29.03 52.18 -24.19
CA LEU R 151 29.99 52.07 -25.30
C LEU R 151 29.27 51.91 -26.63
N MET R 152 28.19 51.12 -26.66
CA MET R 152 27.45 50.92 -27.90
C MET R 152 26.88 52.24 -28.40
N ALA R 153 26.32 53.05 -27.50
CA ALA R 153 25.75 54.34 -27.91
C ALA R 153 26.81 55.29 -28.42
N LEU R 154 28.05 55.17 -27.92
CA LEU R 154 29.12 56.06 -28.37
C LEU R 154 29.44 55.85 -29.84
N HIS R 155 29.46 54.60 -30.31
CA HIS R 155 29.79 54.32 -31.69
C HIS R 155 28.59 54.49 -32.61
N THR R 156 27.50 53.76 -32.33
CA THR R 156 26.31 53.86 -33.17
C THR R 156 25.70 55.25 -33.16
N GLY R 157 25.96 56.04 -32.12
CA GLY R 157 25.42 57.38 -32.02
C GLY R 157 24.02 57.47 -31.47
N GLN R 158 23.39 56.33 -31.14
CA GLN R 158 22.05 56.34 -30.60
C GLN R 158 22.05 56.76 -29.14
N SER R 159 20.87 57.07 -28.62
CA SER R 159 20.74 57.49 -27.23
C SER R 159 20.94 56.29 -26.30
N LEU R 160 21.37 56.59 -25.07
CA LEU R 160 21.59 55.53 -24.09
C LEU R 160 20.30 54.79 -23.78
N GLU R 161 19.19 55.52 -23.66
CA GLU R 161 17.91 54.87 -23.37
C GLU R 161 17.51 53.93 -24.50
N GLN R 162 17.73 54.33 -25.74
CA GLN R 162 17.36 53.49 -26.88
C GLN R 162 18.13 52.18 -26.85
N ILE R 163 19.42 52.23 -26.53
CA ILE R 163 20.23 51.01 -26.49
C ILE R 163 19.73 50.07 -25.41
N GLU R 164 19.40 50.59 -24.23
CA GLU R 164 18.93 49.75 -23.14
C GLU R 164 17.65 49.02 -23.51
N ARG R 165 16.69 49.73 -24.11
CA ARG R 165 15.42 49.10 -24.49
C ARG R 165 15.64 48.02 -25.55
N ASP R 166 16.51 48.29 -26.52
CA ASP R 166 16.75 47.31 -27.58
C ASP R 166 17.56 46.11 -27.11
N THR R 167 18.29 46.25 -25.99
CA THR R 167 19.09 45.16 -25.46
C THR R 167 18.34 44.30 -24.45
N GLU R 168 17.09 44.63 -24.14
CA GLU R 168 16.33 43.82 -23.19
C GLU R 168 16.14 42.39 -23.71
N ARG R 169 16.10 42.22 -25.02
CA ARG R 169 15.92 40.91 -25.62
C ARG R 169 16.70 40.86 -26.94
N ASP R 170 16.92 39.64 -27.42
CA ASP R 170 17.65 39.46 -28.67
C ASP R 170 16.96 40.21 -29.80
N ARG R 171 17.76 40.92 -30.59
CA ARG R 171 17.26 41.70 -31.73
C ARG R 171 18.11 41.36 -32.94
N PHE R 172 17.47 40.87 -34.00
CA PHE R 172 18.15 40.50 -35.23
C PHE R 172 17.95 41.61 -36.26
N LEU R 173 19.05 42.13 -36.79
CA LEU R 173 19.02 43.20 -37.78
C LEU R 173 19.85 42.77 -38.98
N SER R 174 19.27 42.94 -40.17
CA SER R 174 19.97 42.58 -41.41
C SER R 174 21.04 43.63 -41.73
N ALA R 175 21.81 43.37 -42.77
CA ALA R 175 22.86 44.30 -43.17
C ALA R 175 22.30 45.69 -43.48
N PRO R 176 21.24 45.83 -44.28
CA PRO R 176 20.72 47.19 -44.55
C PRO R 176 20.29 47.92 -43.29
N GLU R 177 19.73 47.19 -42.31
CA GLU R 177 19.29 47.81 -41.07
C GLU R 177 20.46 48.19 -40.17
N ALA R 178 21.59 47.48 -40.29
CA ALA R 178 22.74 47.79 -39.46
C ALA R 178 23.28 49.18 -39.75
N VAL R 179 23.30 49.57 -41.03
CA VAL R 179 23.83 50.89 -41.40
C VAL R 179 22.99 51.99 -40.75
N GLU R 180 21.66 51.86 -40.83
CA GLU R 180 20.79 52.87 -40.25
C GLU R 180 20.93 52.92 -38.73
N TYR R 181 21.05 51.75 -38.10
CA TYR R 181 21.17 51.72 -36.64
C TYR R 181 22.47 52.38 -36.17
N GLY R 182 23.53 52.29 -36.96
CA GLY R 182 24.81 52.87 -36.62
C GLY R 182 25.91 51.86 -36.33
N LEU R 183 25.60 50.57 -36.33
CA LEU R 183 26.63 49.57 -36.07
C LEU R 183 27.71 49.59 -37.14
N VAL R 184 27.32 49.76 -38.39
CA VAL R 184 28.24 49.80 -39.52
C VAL R 184 27.99 51.08 -40.31
N ASP R 185 28.89 51.34 -41.27
CA ASP R 185 28.81 52.53 -42.11
C ASP R 185 28.24 52.23 -43.49
N SER R 186 28.78 51.24 -44.19
CA SER R 186 28.31 50.89 -45.53
C SER R 186 28.32 49.37 -45.67
N ILE R 187 27.91 48.90 -46.85
CA ILE R 187 27.85 47.49 -47.17
C ILE R 187 28.70 47.24 -48.40
N LEU R 188 29.58 46.24 -48.33
CA LEU R 188 30.46 45.88 -49.44
C LEU R 188 29.80 44.77 -50.23
N THR R 189 29.13 45.14 -51.33
CA THR R 189 28.45 44.17 -52.18
C THR R 189 29.39 43.63 -53.26
N HIS R 190 29.97 44.51 -54.07
CA HIS R 190 30.87 44.11 -55.13
C HIS R 190 32.09 45.03 -55.12
N ARG R 191 33.21 44.51 -55.63
CA ARG R 191 34.45 45.27 -55.68
C ARG R 191 34.41 46.23 -56.87
N ASN R 192 34.59 47.51 -56.60
CA ASN R 192 34.58 48.53 -57.64
C ASN R 192 35.96 49.16 -57.80
N LEU S 1 45.52 26.98 -34.46
CA LEU S 1 46.62 27.36 -35.32
C LEU S 1 47.32 28.61 -34.80
N VAL S 2 48.64 28.65 -34.93
CA VAL S 2 49.44 29.80 -34.48
C VAL S 2 50.09 30.45 -35.69
N PRO S 3 49.73 31.69 -36.03
CA PRO S 3 50.35 32.33 -37.19
C PRO S 3 51.87 32.43 -37.04
N MET S 4 52.57 32.28 -38.16
CA MET S 4 54.03 32.33 -38.19
C MET S 4 54.46 33.63 -38.83
N VAL S 5 55.14 34.48 -38.04
CA VAL S 5 55.62 35.76 -38.52
C VAL S 5 57.10 35.62 -38.86
N ILE S 6 57.59 36.54 -39.70
CA ILE S 6 58.98 36.56 -40.14
C ILE S 6 59.58 37.90 -39.77
N GLU S 7 60.77 37.87 -39.17
CA GLU S 7 61.47 39.08 -38.75
C GLU S 7 62.64 39.31 -39.71
N GLN S 8 62.74 40.52 -40.23
CA GLN S 8 63.80 40.89 -41.17
C GLN S 8 65.02 41.34 -40.39
N THR S 9 66.16 40.70 -40.65
CA THR S 9 67.41 41.03 -39.98
C THR S 9 68.54 40.99 -41.00
N SER S 10 69.70 41.49 -40.58
CA SER S 10 70.86 41.50 -41.47
C SER S 10 71.29 40.09 -41.85
N ARG S 11 71.26 39.17 -40.89
CA ARG S 11 71.67 37.79 -41.18
C ARG S 11 70.77 37.17 -42.25
N GLY S 12 69.46 37.35 -42.13
CA GLY S 12 68.53 36.80 -43.08
C GLY S 12 67.17 36.59 -42.45
N GLU S 13 66.27 36.03 -43.25
CA GLU S 13 64.92 35.77 -42.78
C GLU S 13 64.94 34.72 -41.68
N ARG S 14 64.11 34.92 -40.65
CA ARG S 14 64.00 34.02 -39.52
C ARG S 14 62.55 33.62 -39.32
N SER S 15 62.32 32.37 -38.94
CA SER S 15 60.99 31.84 -38.73
C SER S 15 60.63 31.89 -37.25
N PHE S 16 59.45 32.44 -36.96
CA PHE S 16 58.96 32.58 -35.59
C PHE S 16 57.45 32.56 -35.60
N ASP S 17 56.86 32.32 -34.43
CA ASP S 17 55.42 32.32 -34.26
C ASP S 17 55.00 33.63 -33.60
N ILE S 18 53.69 33.80 -33.40
CA ILE S 18 53.20 35.02 -32.79
C ILE S 18 53.72 35.17 -31.36
N TYR S 19 53.66 34.08 -30.58
CA TYR S 19 54.13 34.15 -29.20
C TYR S 19 55.65 34.28 -29.13
N SER S 20 56.38 33.56 -29.97
CA SER S 20 57.84 33.63 -29.94
C SER S 20 58.34 35.00 -30.33
N ARG S 21 57.70 35.64 -31.31
CA ARG S 21 58.15 36.97 -31.74
C ARG S 21 58.08 37.97 -30.60
N LEU S 22 56.98 37.97 -29.86
CA LEU S 22 56.86 38.89 -28.73
C LEU S 22 57.79 38.51 -27.60
N LEU S 23 58.07 37.21 -27.41
CA LEU S 23 58.97 36.79 -26.36
C LEU S 23 60.37 37.36 -26.56
N LYS S 24 60.81 37.48 -27.83
CA LYS S 24 62.12 38.03 -28.11
C LYS S 24 62.25 39.48 -27.64
N GLU S 25 61.12 40.18 -27.49
CA GLU S 25 61.11 41.56 -27.04
C GLU S 25 60.82 41.66 -25.55
N ARG S 26 61.07 40.60 -24.79
CA ARG S 26 60.85 40.57 -23.34
C ARG S 26 59.38 40.75 -23.02
N VAL S 27 58.56 39.86 -23.58
CA VAL S 27 57.11 39.85 -23.37
C VAL S 27 56.69 38.44 -23.03
N ILE S 28 55.87 38.30 -21.99
CA ILE S 28 55.37 37.01 -21.53
C ILE S 28 53.85 37.07 -21.44
N PHE S 29 53.21 35.93 -21.64
CA PHE S 29 51.76 35.81 -21.58
C PHE S 29 51.35 34.82 -20.51
N LEU S 30 50.25 35.12 -19.82
CA LEU S 30 49.71 34.28 -18.75
C LEU S 30 48.22 34.08 -19.06
N THR S 31 47.92 33.06 -19.85
CA THR S 31 46.55 32.75 -20.24
C THR S 31 46.17 31.36 -19.75
N GLY S 32 44.90 31.20 -19.40
CA GLY S 32 44.39 29.94 -18.90
C GLY S 32 44.52 29.82 -17.39
N GLN S 33 43.78 28.85 -16.85
CA GLN S 33 43.81 28.61 -15.42
C GLN S 33 45.22 28.29 -14.95
N VAL S 34 45.60 28.89 -13.83
CA VAL S 34 46.94 28.68 -13.29
C VAL S 34 47.07 27.23 -12.82
N GLU S 35 48.18 26.60 -13.19
CA GLU S 35 48.44 25.22 -12.81
C GLU S 35 49.95 25.02 -12.72
N ASP S 36 50.37 23.79 -12.44
CA ASP S 36 51.79 23.51 -12.31
C ASP S 36 52.50 23.54 -13.67
N HIS S 37 51.86 23.01 -14.71
CA HIS S 37 52.49 22.97 -16.03
C HIS S 37 52.66 24.38 -16.61
N MET S 38 51.59 25.16 -16.63
CA MET S 38 51.67 26.50 -17.19
C MET S 38 52.55 27.41 -16.33
N ALA S 39 52.47 27.27 -15.00
CA ALA S 39 53.29 28.12 -14.13
C ALA S 39 54.77 27.86 -14.36
N ASN S 40 55.15 26.60 -14.52
CA ASN S 40 56.57 26.29 -14.74
C ASN S 40 57.06 26.91 -16.05
N LEU S 41 56.22 26.90 -17.08
CA LEU S 41 56.61 27.47 -18.36
C LEU S 41 56.91 28.96 -18.22
N ILE S 42 56.07 29.68 -17.47
CA ILE S 42 56.29 31.11 -17.30
C ILE S 42 57.60 31.38 -16.56
N VAL S 43 57.88 30.59 -15.53
CA VAL S 43 59.13 30.78 -14.77
C VAL S 43 60.33 30.60 -15.69
N ALA S 44 60.27 29.62 -16.59
CA ALA S 44 61.39 29.39 -17.50
C ALA S 44 61.64 30.60 -18.39
N GLN S 45 60.56 31.22 -18.89
CA GLN S 45 60.72 32.38 -19.75
C GLN S 45 61.40 33.52 -19.02
N MET S 46 61.03 33.75 -17.75
CA MET S 46 61.63 34.84 -16.99
C MET S 46 63.13 34.63 -16.82
N LEU S 47 63.55 33.40 -16.52
CA LEU S 47 64.97 33.13 -16.35
C LEU S 47 65.75 33.38 -17.64
N PHE S 48 65.19 32.97 -18.78
CA PHE S 48 65.88 33.17 -20.06
C PHE S 48 66.07 34.65 -20.35
N LEU S 49 65.04 35.47 -20.11
CA LEU S 49 65.15 36.89 -20.37
C LEU S 49 66.19 37.55 -19.48
N GLU S 50 66.25 37.13 -18.22
CA GLU S 50 67.22 37.72 -17.30
C GLU S 50 68.65 37.48 -17.78
N ALA S 51 68.94 36.26 -18.25
CA ALA S 51 70.29 35.97 -18.71
C ALA S 51 70.66 36.82 -19.92
N GLU S 52 69.72 36.99 -20.85
CA GLU S 52 70.00 37.79 -22.04
C GLU S 52 70.34 39.23 -21.67
N ASN S 53 69.56 39.83 -20.78
CA ASN S 53 69.80 41.20 -20.34
C ASN S 53 69.22 41.40 -18.95
N PRO S 54 70.06 41.47 -17.91
CA PRO S 54 69.55 41.65 -16.55
C PRO S 54 69.11 43.07 -16.21
N GLU S 55 68.96 43.95 -17.19
CA GLU S 55 68.55 45.33 -16.94
C GLU S 55 67.23 45.70 -17.63
N LYS S 56 66.99 45.21 -18.83
CA LYS S 56 65.76 45.54 -19.54
C LYS S 56 64.55 44.95 -18.80
N ASP S 57 63.47 45.73 -18.78
CA ASP S 57 62.24 45.30 -18.12
C ASP S 57 61.63 44.10 -18.84
N ILE S 58 60.94 43.26 -18.06
CA ILE S 58 60.28 42.07 -18.59
C ILE S 58 58.78 42.26 -18.38
N TYR S 59 58.04 42.37 -19.48
CA TYR S 59 56.60 42.54 -19.41
C TYR S 59 55.92 41.20 -19.17
N LEU S 60 54.69 41.27 -18.66
CA LEU S 60 53.91 40.07 -18.37
C LEU S 60 52.44 40.44 -18.34
N TYR S 61 51.67 39.94 -19.31
CA TYR S 61 50.24 40.21 -19.38
C TYR S 61 49.50 39.12 -18.61
N ILE S 62 48.69 39.54 -17.64
CA ILE S 62 47.92 38.62 -16.81
C ILE S 62 46.48 38.64 -17.28
N ASN S 63 45.98 37.48 -17.73
CA ASN S 63 44.61 37.35 -18.20
C ASN S 63 44.15 35.93 -17.88
N SER S 64 43.55 35.76 -16.71
CA SER S 64 43.06 34.45 -16.29
C SER S 64 42.22 34.57 -15.01
N PRO S 65 41.23 33.70 -14.82
CA PRO S 65 40.42 33.77 -13.60
C PRO S 65 41.13 33.27 -12.36
N GLY S 66 42.25 32.59 -12.50
CA GLY S 66 43.02 32.07 -11.39
C GLY S 66 43.26 30.58 -11.53
N GLY S 67 43.76 29.99 -10.45
CA GLY S 67 44.04 28.57 -10.44
C GLY S 67 44.62 28.09 -9.12
N VAL S 68 45.58 27.18 -9.17
CA VAL S 68 46.19 26.64 -7.97
C VAL S 68 47.02 27.72 -7.29
N ILE S 69 46.80 27.90 -5.98
CA ILE S 69 47.54 28.91 -5.24
C ILE S 69 49.03 28.58 -5.19
N THR S 70 49.36 27.31 -4.95
CA THR S 70 50.77 26.93 -4.86
C THR S 70 51.50 27.23 -6.16
N ALA S 71 50.87 26.94 -7.30
CA ALA S 71 51.51 27.21 -8.58
C ALA S 71 51.78 28.70 -8.76
N GLY S 72 50.83 29.54 -8.33
CA GLY S 72 51.01 30.98 -8.46
C GLY S 72 52.14 31.52 -7.62
N MET S 73 52.38 30.94 -6.44
CA MET S 73 53.45 31.43 -5.57
C MET S 73 54.82 31.33 -6.25
N SER S 74 55.04 30.29 -7.06
CA SER S 74 56.32 30.15 -7.72
C SER S 74 56.60 31.33 -8.64
N ILE S 75 55.58 31.78 -9.38
CA ILE S 75 55.76 32.91 -10.29
C ILE S 75 56.07 34.18 -9.50
N TYR S 76 55.40 34.37 -8.35
CA TYR S 76 55.65 35.55 -7.54
C TYR S 76 57.09 35.61 -7.07
N ASP S 77 57.63 34.48 -6.61
CA ASP S 77 59.01 34.46 -6.14
C ASP S 77 59.98 34.79 -7.26
N THR S 78 59.75 34.25 -8.46
CA THR S 78 60.63 34.52 -9.58
C THR S 78 60.65 36.01 -9.92
N MET S 79 59.48 36.65 -9.89
CA MET S 79 59.42 38.07 -10.21
C MET S 79 60.23 38.90 -9.22
N GLN S 80 60.14 38.56 -7.93
CA GLN S 80 60.86 39.29 -6.89
C GLN S 80 62.32 38.87 -6.76
N PHE S 81 62.74 37.81 -7.45
CA PHE S 81 64.12 37.33 -7.39
C PHE S 81 64.98 37.86 -8.54
N ILE S 82 64.45 37.81 -9.76
CA ILE S 82 65.21 38.29 -10.92
C ILE S 82 65.44 39.78 -10.80
N LYS S 83 66.67 40.21 -11.08
CA LYS S 83 66.99 41.63 -10.99
C LYS S 83 66.09 42.50 -11.88
N PRO S 84 65.81 42.14 -13.13
CA PRO S 84 64.95 43.00 -13.96
C PRO S 84 63.58 43.19 -13.33
N ASP S 85 63.05 44.40 -13.45
CA ASP S 85 61.74 44.72 -12.92
C ASP S 85 60.67 44.13 -13.82
N VAL S 86 59.69 43.46 -13.23
CA VAL S 86 58.62 42.83 -13.98
C VAL S 86 57.42 43.77 -14.03
N SER S 87 57.01 44.13 -15.25
CA SER S 87 55.87 45.01 -15.48
C SER S 87 54.67 44.15 -15.79
N THR S 88 53.63 44.24 -14.96
CA THR S 88 52.41 43.46 -15.12
C THR S 88 51.28 44.35 -15.61
N ILE S 89 50.62 43.91 -16.68
CA ILE S 89 49.50 44.64 -17.27
C ILE S 89 48.31 43.69 -17.33
N CYS S 90 47.19 44.10 -16.75
CA CYS S 90 45.99 43.28 -16.71
C CYS S 90 45.18 43.48 -18.00
N MET S 91 44.86 42.37 -18.67
CA MET S 91 44.08 42.39 -19.89
C MET S 91 42.90 41.45 -19.74
N GLY S 92 41.70 41.97 -19.99
CA GLY S 92 40.50 41.16 -19.89
C GLY S 92 40.01 41.02 -18.46
N GLN S 93 40.69 40.20 -17.67
CA GLN S 93 40.31 40.00 -16.28
C GLN S 93 41.48 39.41 -15.52
N ALA S 94 41.47 39.61 -14.20
CA ALA S 94 42.52 39.10 -13.32
C ALA S 94 41.87 38.86 -11.95
N ALA S 95 41.50 37.61 -11.70
CA ALA S 95 40.84 37.24 -10.45
C ALA S 95 41.60 36.11 -9.78
N SER S 96 41.44 36.00 -8.47
CA SER S 96 42.07 34.98 -7.64
C SER S 96 43.58 35.16 -7.75
N MET S 97 44.34 34.17 -8.21
CA MET S 97 45.79 34.33 -8.32
C MET S 97 46.16 35.43 -9.29
N GLY S 98 45.33 35.67 -10.31
CA GLY S 98 45.64 36.71 -11.26
C GLY S 98 45.74 38.09 -10.62
N ALA S 99 44.82 38.40 -9.71
CA ALA S 99 44.86 39.69 -9.04
C ALA S 99 46.11 39.83 -8.17
N PHE S 100 46.50 38.76 -7.48
CA PHE S 100 47.68 38.82 -6.63
C PHE S 100 48.94 39.12 -7.46
N LEU S 101 49.08 38.47 -8.61
CA LEU S 101 50.24 38.71 -9.45
C LEU S 101 50.22 40.10 -10.06
N LEU S 102 49.02 40.66 -10.28
CA LEU S 102 48.93 41.99 -10.88
C LEU S 102 49.56 43.04 -9.97
N THR S 103 49.32 42.95 -8.66
CA THR S 103 49.89 43.90 -7.71
C THR S 103 51.31 43.53 -7.29
N ALA S 104 51.81 42.37 -7.71
CA ALA S 104 53.16 41.95 -7.35
C ALA S 104 54.23 42.55 -8.24
N GLY S 105 53.87 43.30 -9.26
CA GLY S 105 54.86 43.91 -10.14
C GLY S 105 55.61 45.03 -9.47
N ALA S 106 56.69 45.44 -10.12
CA ALA S 106 57.52 46.53 -9.59
C ALA S 106 56.70 47.79 -9.42
N LYS S 107 56.91 48.48 -8.31
CA LYS S 107 56.19 49.71 -8.04
C LYS S 107 56.44 50.74 -9.13
N GLY S 108 55.38 51.43 -9.53
CA GLY S 108 55.47 52.43 -10.58
C GLY S 108 55.42 51.90 -11.99
N LYS S 109 55.28 50.58 -12.17
CA LYS S 109 55.24 49.97 -13.50
C LYS S 109 54.01 49.09 -13.68
N ARG S 110 53.00 49.24 -12.83
CA ARG S 110 51.78 48.44 -12.92
C ARG S 110 50.73 49.22 -13.70
N PHE S 111 50.15 48.58 -14.70
CA PHE S 111 49.14 49.19 -15.55
C PHE S 111 47.99 48.22 -15.76
N CYS S 112 46.90 48.74 -16.33
CA CYS S 112 45.72 47.93 -16.60
C CYS S 112 44.90 48.62 -17.68
N LEU S 113 44.14 47.82 -18.43
CA LEU S 113 43.32 48.35 -19.50
C LEU S 113 42.12 49.12 -18.90
N PRO S 114 41.55 50.06 -19.64
CA PRO S 114 40.42 50.81 -19.11
C PRO S 114 39.22 49.95 -18.73
N ASN S 115 38.98 48.86 -19.46
CA ASN S 115 37.86 47.96 -19.18
C ASN S 115 38.27 46.73 -18.40
N SER S 116 39.51 46.65 -17.94
CA SER S 116 39.95 45.48 -17.18
C SER S 116 39.26 45.44 -15.83
N ARG S 117 39.08 44.22 -15.32
CA ARG S 117 38.44 44.00 -14.04
C ARG S 117 39.32 43.09 -13.18
N VAL S 118 39.40 43.40 -11.89
CA VAL S 118 40.21 42.64 -10.94
C VAL S 118 39.32 42.22 -9.78
N MET S 119 39.40 40.95 -9.40
CA MET S 119 38.63 40.40 -8.30
C MET S 119 39.57 39.74 -7.31
N ILE S 120 39.31 39.96 -6.02
CA ILE S 120 40.14 39.41 -4.94
C ILE S 120 39.23 38.66 -3.98
N HIS S 121 39.68 37.48 -3.54
CA HIS S 121 38.93 36.66 -2.62
C HIS S 121 39.90 35.84 -1.78
N GLN S 122 39.38 35.33 -0.66
CA GLN S 122 40.21 34.53 0.24
C GLN S 122 40.53 33.17 -0.38
N PRO S 123 41.57 32.50 0.12
CA PRO S 123 41.93 31.19 -0.44
C PRO S 123 40.80 30.19 -0.33
N LEU S 124 40.72 29.30 -1.32
CA LEU S 124 39.71 28.25 -1.37
C LEU S 124 40.39 26.90 -1.31
N GLY S 125 39.87 26.02 -0.46
CA GLY S 125 40.44 24.69 -0.30
C GLY S 125 39.40 23.72 0.20
N GLY S 126 39.87 22.69 0.89
CA GLY S 126 39.00 21.66 1.44
C GLY S 126 39.65 20.30 1.50
N TYR S 127 39.46 19.59 2.62
CA TYR S 127 40.04 18.28 2.81
C TYR S 127 39.02 17.37 3.48
N GLN S 128 39.14 16.06 3.20
CA GLN S 128 38.25 15.05 3.76
C GLN S 128 39.08 13.92 4.33
N GLY S 129 38.67 13.42 5.48
CA GLY S 129 39.39 12.32 6.13
C GLY S 129 39.10 12.29 7.61
N GLN S 130 40.08 11.79 8.37
CA GLN S 130 39.95 11.70 9.81
C GLN S 130 39.94 13.10 10.44
N ALA S 131 39.49 13.15 11.70
CA ALA S 131 39.42 14.42 12.40
C ALA S 131 40.81 15.04 12.56
N THR S 132 41.81 14.24 12.92
CA THR S 132 43.15 14.76 13.10
C THR S 132 43.69 15.34 11.79
N ASP S 133 43.49 14.64 10.68
CA ASP S 133 43.98 15.14 9.40
C ASP S 133 43.27 16.43 9.00
N ILE S 134 41.96 16.52 9.25
CA ILE S 134 41.22 17.72 8.90
C ILE S 134 41.76 18.93 9.67
N GLU S 135 42.16 18.73 10.92
CA GLU S 135 42.69 19.84 11.71
C GLU S 135 43.99 20.35 11.11
N ILE S 136 44.87 19.45 10.67
CA ILE S 136 46.14 19.87 10.09
C ILE S 136 45.92 20.66 8.81
N HIS S 137 45.03 20.18 7.94
CA HIS S 137 44.75 20.88 6.70
C HIS S 137 44.11 22.25 6.96
N ALA S 138 43.24 22.32 7.97
CA ALA S 138 42.60 23.60 8.29
C ALA S 138 43.64 24.63 8.70
N ARG S 139 44.62 24.22 9.50
CA ARG S 139 45.66 25.15 9.93
C ARG S 139 46.52 25.59 8.75
N GLU S 140 46.79 24.67 7.82
CA GLU S 140 47.62 25.00 6.66
C GLU S 140 46.97 26.08 5.80
N ILE S 141 45.68 25.90 5.49
CA ILE S 141 44.98 26.88 4.65
C ILE S 141 44.91 28.24 5.36
N LEU S 142 44.69 28.23 6.68
CA LEU S 142 44.62 29.48 7.42
C LEU S 142 45.94 30.25 7.34
N LYS S 143 47.06 29.53 7.46
CA LYS S 143 48.37 30.18 7.39
C LYS S 143 48.59 30.81 6.02
N VAL S 144 48.18 30.11 4.96
CA VAL S 144 48.35 30.65 3.62
C VAL S 144 47.53 31.93 3.45
N LYS S 145 46.34 31.97 4.06
CA LYS S 145 45.50 33.16 3.96
C LYS S 145 46.19 34.37 4.59
N GLY S 146 46.81 34.17 5.75
CA GLY S 146 47.49 35.29 6.40
C GLY S 146 48.68 35.80 5.60
N ARG S 147 49.48 34.88 5.06
CA ARG S 147 50.64 35.30 4.27
C ARG S 147 50.22 36.08 3.03
N MET S 148 49.17 35.62 2.35
CA MET S 148 48.70 36.31 1.15
C MET S 148 48.22 37.72 1.48
N ASN S 149 47.51 37.87 2.60
CA ASN S 149 47.02 39.19 2.97
C ASN S 149 48.16 40.16 3.24
N GLU S 150 49.21 39.69 3.92
CA GLU S 150 50.35 40.56 4.21
C GLU S 150 51.03 41.03 2.93
N LEU S 151 51.22 40.12 1.97
CA LEU S 151 51.86 40.49 0.72
C LEU S 151 51.03 41.52 -0.04
N MET S 152 49.70 41.34 -0.05
CA MET S 152 48.85 42.29 -0.76
C MET S 152 48.96 43.68 -0.16
N ALA S 153 48.98 43.78 1.18
CA ALA S 153 49.09 45.07 1.82
C ALA S 153 50.44 45.73 1.54
N LEU S 154 51.49 44.95 1.32
CA LEU S 154 52.80 45.50 1.06
C LEU S 154 52.83 46.28 -0.26
N HIS S 155 52.16 45.75 -1.29
CA HIS S 155 52.17 46.41 -2.60
C HIS S 155 51.12 47.52 -2.66
N THR S 156 49.85 47.18 -2.42
CA THR S 156 48.79 48.18 -2.48
C THR S 156 48.97 49.28 -1.45
N GLY S 157 49.70 49.02 -0.36
CA GLY S 157 49.92 50.01 0.66
C GLY S 157 48.81 50.11 1.69
N GLN S 158 47.73 49.34 1.56
CA GLN S 158 46.63 49.38 2.51
C GLN S 158 47.01 48.66 3.79
N SER S 159 46.20 48.88 4.83
CA SER S 159 46.45 48.25 6.11
C SER S 159 46.11 46.76 6.04
N LEU S 160 46.75 45.99 6.93
CA LEU S 160 46.51 44.55 6.96
C LEU S 160 45.06 44.24 7.30
N GLU S 161 44.48 44.97 8.25
CA GLU S 161 43.09 44.75 8.63
C GLU S 161 42.15 45.01 7.46
N GLN S 162 42.43 46.06 6.69
CA GLN S 162 41.57 46.38 5.54
C GLN S 162 41.57 45.26 4.52
N ILE S 163 42.75 44.67 4.25
CA ILE S 163 42.83 43.59 3.28
C ILE S 163 42.03 42.39 3.73
N GLU S 164 42.13 42.03 5.02
CA GLU S 164 41.41 40.87 5.53
C GLU S 164 39.90 41.03 5.38
N ARG S 165 39.38 42.22 5.73
CA ARG S 165 37.94 42.44 5.62
C ARG S 165 37.47 42.39 4.17
N ASP S 166 38.25 42.96 3.25
CA ASP S 166 37.86 42.97 1.85
C ASP S 166 38.00 41.60 1.20
N THR S 167 38.80 40.71 1.77
CA THR S 167 39.00 39.36 1.23
C THR S 167 38.02 38.34 1.78
N GLU S 168 37.14 38.74 2.71
CA GLU S 168 36.18 37.79 3.26
C GLU S 168 35.24 37.25 2.17
N ARG S 169 34.98 38.05 1.14
CA ARG S 169 34.11 37.64 0.05
C ARG S 169 34.60 38.26 -1.24
N ASP S 170 34.13 37.71 -2.36
CA ASP S 170 34.54 38.21 -3.66
C ASP S 170 34.20 39.69 -3.79
N ARG S 171 35.17 40.47 -4.28
CA ARG S 171 35.02 41.90 -4.46
C ARG S 171 35.47 42.26 -5.87
N PHE S 172 34.57 42.85 -6.65
CA PHE S 172 34.85 43.24 -8.02
C PHE S 172 35.13 44.73 -8.07
N LEU S 173 36.29 45.11 -8.61
CA LEU S 173 36.71 46.49 -8.73
C LEU S 173 37.08 46.78 -10.17
N SER S 174 36.54 47.87 -10.71
CA SER S 174 36.84 48.25 -12.08
C SER S 174 38.25 48.85 -12.17
N ALA S 175 38.68 49.14 -13.39
CA ALA S 175 40.01 49.71 -13.58
C ALA S 175 40.19 51.02 -12.82
N PRO S 176 39.27 51.98 -12.88
CA PRO S 176 39.47 53.22 -12.11
C PRO S 176 39.59 52.98 -10.62
N GLU S 177 38.86 52.00 -10.09
CA GLU S 177 38.92 51.72 -8.66
C GLU S 177 40.21 51.00 -8.28
N ALA S 178 40.80 50.26 -9.22
CA ALA S 178 42.03 49.54 -8.92
C ALA S 178 43.17 50.49 -8.59
N VAL S 179 43.26 51.61 -9.32
CA VAL S 179 44.32 52.58 -9.08
C VAL S 179 44.22 53.13 -7.65
N GLU S 180 43.02 53.51 -7.24
CA GLU S 180 42.84 54.06 -5.89
C GLU S 180 43.15 53.02 -4.82
N TYR S 181 42.72 51.77 -5.05
CA TYR S 181 42.96 50.72 -4.06
C TYR S 181 44.45 50.44 -3.89
N GLY S 182 45.23 50.60 -4.96
CA GLY S 182 46.67 50.36 -4.92
C GLY S 182 47.13 49.16 -5.71
N LEU S 183 46.22 48.38 -6.30
CA LEU S 183 46.63 47.23 -7.09
C LEU S 183 47.46 47.64 -8.29
N VAL S 184 47.06 48.73 -8.96
CA VAL S 184 47.76 49.24 -10.14
C VAL S 184 48.10 50.70 -9.89
N ASP S 185 48.91 51.26 -10.81
CA ASP S 185 49.35 52.64 -10.72
C ASP S 185 48.57 53.57 -11.65
N SER S 186 48.47 53.22 -12.93
CA SER S 186 47.76 54.04 -13.90
C SER S 186 46.99 53.12 -14.86
N ILE S 187 46.27 53.74 -15.79
CA ILE S 187 45.48 53.04 -16.79
C ILE S 187 45.96 53.46 -18.17
N LEU S 188 46.21 52.47 -19.02
CA LEU S 188 46.68 52.72 -20.39
C LEU S 188 45.46 52.73 -21.31
N THR S 189 44.96 53.93 -21.63
CA THR S 189 43.81 54.08 -22.49
C THR S 189 44.22 54.16 -23.96
N HIS S 190 45.07 55.13 -24.29
CA HIS S 190 45.55 55.31 -25.67
C HIS S 190 47.06 55.54 -25.65
N ARG S 191 47.70 55.19 -26.76
CA ARG S 191 49.15 55.36 -26.89
C ARG S 191 49.47 56.82 -27.19
N ASN S 192 50.33 57.41 -26.38
CA ASN S 192 50.72 58.81 -26.56
C ASN S 192 52.21 58.92 -26.88
N LEU T 1 51.58 25.38 -26.23
CA LEU T 1 52.66 25.86 -27.08
C LEU T 1 53.93 26.09 -26.26
N VAL T 2 55.07 25.87 -26.90
CA VAL T 2 56.38 26.04 -26.26
C VAL T 2 57.15 27.10 -27.05
N PRO T 3 57.46 28.26 -26.45
CA PRO T 3 58.19 29.28 -27.21
C PRO T 3 59.55 28.74 -27.68
N MET T 4 59.96 29.20 -28.86
CA MET T 4 61.22 28.79 -29.48
C MET T 4 62.20 29.95 -29.39
N VAL T 5 63.25 29.78 -28.61
CA VAL T 5 64.28 30.80 -28.44
C VAL T 5 65.44 30.48 -29.37
N ILE T 6 66.24 31.51 -29.67
CA ILE T 6 67.40 31.39 -30.55
C ILE T 6 68.63 31.84 -29.79
N GLU T 7 69.69 31.04 -29.86
CA GLU T 7 70.95 31.33 -29.20
C GLU T 7 71.97 31.77 -30.23
N GLN T 8 72.63 32.91 -29.98
CA GLN T 8 73.63 33.44 -30.90
C GLN T 8 74.98 32.83 -30.58
N THR T 9 75.61 32.23 -31.59
CA THR T 9 76.91 31.59 -31.44
C THR T 9 77.76 31.90 -32.67
N SER T 10 79.05 31.60 -32.56
CA SER T 10 79.96 31.85 -33.67
C SER T 10 79.57 31.05 -34.90
N ARG T 11 79.17 29.79 -34.72
CA ARG T 11 78.79 28.96 -35.86
C ARG T 11 77.60 29.55 -36.60
N GLY T 12 76.60 30.01 -35.87
CA GLY T 12 75.42 30.59 -36.49
C GLY T 12 74.22 30.44 -35.58
N GLU T 13 73.08 30.90 -36.10
CA GLU T 13 71.83 30.82 -35.35
C GLU T 13 71.43 29.36 -35.14
N ARG T 14 70.91 29.08 -33.95
CA ARG T 14 70.48 27.73 -33.58
C ARG T 14 69.05 27.80 -33.07
N SER T 15 68.26 26.77 -33.39
CA SER T 15 66.87 26.68 -32.98
C SER T 15 66.74 25.83 -31.73
N PHE T 16 66.04 26.36 -30.73
CA PHE T 16 65.83 25.66 -29.46
C PHE T 16 64.52 26.13 -28.86
N ASP T 17 64.02 25.36 -27.90
CA ASP T 17 62.80 25.69 -27.19
C ASP T 17 63.17 26.23 -25.80
N ILE T 18 62.16 26.60 -25.02
CA ILE T 18 62.43 27.15 -23.70
C ILE T 18 63.08 26.12 -22.81
N TYR T 19 62.56 24.88 -22.82
CA TYR T 19 63.13 23.83 -21.98
C TYR T 19 64.51 23.40 -22.47
N SER T 20 64.68 23.28 -23.79
CA SER T 20 65.97 22.85 -24.34
C SER T 20 67.06 23.88 -24.06
N ARG T 21 66.75 25.17 -24.14
CA ARG T 21 67.75 26.20 -23.90
C ARG T 21 68.31 26.10 -22.49
N LEU T 22 67.44 25.92 -21.50
CA LEU T 22 67.91 25.80 -20.13
C LEU T 22 68.63 24.47 -19.90
N LEU T 23 68.23 23.42 -20.61
CA LEU T 23 68.88 22.13 -20.44
C LEU T 23 70.35 22.20 -20.86
N LYS T 24 70.65 23.01 -21.88
CA LYS T 24 72.04 23.16 -22.32
C LYS T 24 72.92 23.75 -21.23
N GLU T 25 72.32 24.48 -20.28
CA GLU T 25 73.06 25.09 -19.17
C GLU T 25 73.01 24.23 -17.91
N ARG T 26 72.77 22.92 -18.07
CA ARG T 26 72.72 21.99 -16.94
C ARG T 26 71.57 22.35 -16.00
N VAL T 27 70.36 22.39 -16.56
CA VAL T 27 69.15 22.70 -15.82
C VAL T 27 68.09 21.66 -16.18
N ILE T 28 67.42 21.11 -15.17
CA ILE T 28 66.39 20.11 -15.35
C ILE T 28 65.13 20.57 -14.63
N PHE T 29 63.98 20.14 -15.13
CA PHE T 29 62.68 20.49 -14.56
C PHE T 29 61.94 19.22 -14.17
N LEU T 30 61.22 19.29 -13.05
CA LEU T 30 60.44 18.18 -12.52
C LEU T 30 59.04 18.72 -12.23
N THR T 31 58.17 18.67 -13.25
CA THR T 31 56.80 19.16 -13.14
C THR T 31 55.82 18.02 -13.40
N GLY T 32 54.68 18.08 -12.72
CA GLY T 32 53.66 17.08 -12.85
C GLY T 32 53.85 15.93 -11.87
N GLN T 33 52.78 15.13 -11.73
CA GLN T 33 52.84 13.99 -10.83
C GLN T 33 53.94 13.02 -11.25
N VAL T 34 54.68 12.53 -10.26
CA VAL T 34 55.76 11.60 -10.54
C VAL T 34 55.19 10.29 -11.05
N GLU T 35 55.78 9.78 -12.14
CA GLU T 35 55.34 8.53 -12.74
C GLU T 35 56.55 7.87 -13.39
N ASP T 36 56.32 6.73 -14.05
CA ASP T 36 57.41 6.02 -14.70
C ASP T 36 57.90 6.74 -15.95
N HIS T 37 56.97 7.30 -16.74
CA HIS T 37 57.37 7.98 -17.96
C HIS T 37 58.17 9.25 -17.68
N MET T 38 57.64 10.12 -16.81
CA MET T 38 58.34 11.37 -16.51
C MET T 38 59.64 11.10 -15.75
N ALA T 39 59.63 10.14 -14.83
CA ALA T 39 60.83 9.83 -14.07
C ALA T 39 61.96 9.36 -14.97
N ASN T 40 61.64 8.51 -15.95
CA ASN T 40 62.67 8.02 -16.87
C ASN T 40 63.27 9.17 -17.67
N LEU T 41 62.44 10.13 -18.08
CA LEU T 41 62.95 11.26 -18.84
C LEU T 41 63.96 12.06 -18.04
N ILE T 42 63.69 12.28 -16.76
CA ILE T 42 64.61 13.05 -15.91
C ILE T 42 65.95 12.31 -15.78
N VAL T 43 65.90 11.00 -15.58
CA VAL T 43 67.12 10.22 -15.44
C VAL T 43 67.98 10.34 -16.70
N ALA T 44 67.35 10.33 -17.87
CA ALA T 44 68.10 10.43 -19.11
C ALA T 44 68.83 11.77 -19.20
N GLN T 45 68.17 12.86 -18.78
CA GLN T 45 68.81 14.17 -18.82
C GLN T 45 70.04 14.22 -17.93
N MET T 46 69.97 13.62 -16.74
CA MET T 46 71.12 13.62 -15.83
C MET T 46 72.31 12.91 -16.45
N LEU T 47 72.07 11.76 -17.09
CA LEU T 47 73.18 11.02 -17.70
C LEU T 47 73.84 11.82 -18.81
N PHE T 48 73.04 12.50 -19.64
CA PHE T 48 73.61 13.29 -20.72
C PHE T 48 74.49 14.41 -20.20
N LEU T 49 74.04 15.10 -19.15
CA LEU T 49 74.83 16.20 -18.60
C LEU T 49 76.14 15.69 -18.01
N GLU T 50 76.11 14.54 -17.36
CA GLU T 50 77.33 13.99 -16.77
C GLU T 50 78.39 13.71 -17.83
N ALA T 51 77.97 13.14 -18.96
CA ALA T 51 78.93 12.84 -20.03
C ALA T 51 79.55 14.12 -20.58
N GLU T 52 78.74 15.16 -20.78
CA GLU T 52 79.28 16.41 -21.31
C GLU T 52 80.33 17.00 -20.39
N ASN T 53 80.05 17.03 -19.09
CA ASN T 53 80.99 17.58 -18.11
C ASN T 53 80.73 16.92 -16.76
N PRO T 54 81.59 16.00 -16.31
CA PRO T 54 81.38 15.35 -15.01
C PRO T 54 81.77 16.19 -13.80
N GLU T 55 81.99 17.50 -13.96
CA GLU T 55 82.37 18.36 -12.85
C GLU T 55 81.37 19.48 -12.60
N LYS T 56 80.77 20.04 -13.65
CA LYS T 56 79.80 21.13 -13.47
C LYS T 56 78.55 20.62 -12.76
N ASP T 57 78.02 21.46 -11.88
CA ASP T 57 76.83 21.11 -11.12
C ASP T 57 75.62 21.01 -12.05
N ILE T 58 74.69 20.14 -11.67
CA ILE T 58 73.45 19.92 -12.43
C ILE T 58 72.28 20.36 -11.56
N TYR T 59 71.59 21.41 -12.00
CA TYR T 59 70.45 21.92 -11.26
C TYR T 59 69.20 21.08 -11.55
N LEU T 60 68.24 21.17 -10.63
CA LEU T 60 66.99 20.42 -10.78
C LEU T 60 65.92 21.10 -9.93
N TYR T 61 64.92 21.67 -10.58
CA TYR T 61 63.83 22.34 -9.89
C TYR T 61 62.71 21.34 -9.64
N ILE T 62 62.33 21.21 -8.37
CA ILE T 62 61.29 20.27 -7.95
C ILE T 62 60.02 21.06 -7.70
N ASN T 63 58.96 20.74 -8.45
CA ASN T 63 57.67 21.42 -8.32
C ASN T 63 56.59 20.40 -8.68
N SER T 64 56.10 19.67 -7.68
CA SER T 64 55.06 18.68 -7.91
C SER T 64 54.53 18.14 -6.58
N PRO T 65 53.26 17.75 -6.51
CA PRO T 65 52.72 17.21 -5.26
C PRO T 65 53.20 15.82 -4.93
N GLY T 66 53.80 15.11 -5.87
CA GLY T 66 54.31 13.76 -5.66
C GLY T 66 53.75 12.81 -6.69
N GLY T 67 53.98 11.53 -6.45
CA GLY T 67 53.51 10.48 -7.34
C GLY T 67 53.88 9.09 -6.88
N VAL T 68 54.24 8.22 -7.83
CA VAL T 68 54.61 6.85 -7.49
C VAL T 68 55.93 6.86 -6.75
N ILE T 69 55.97 6.14 -5.62
CA ILE T 69 57.19 6.07 -4.82
C ILE T 69 58.30 5.37 -5.59
N THR T 70 57.97 4.26 -6.25
CA THR T 70 58.99 3.52 -6.99
C THR T 70 59.60 4.39 -8.09
N ALA T 71 58.78 5.15 -8.81
CA ALA T 71 59.31 6.00 -9.87
C ALA T 71 60.23 7.07 -9.31
N GLY T 72 60.02 7.49 -8.06
CA GLY T 72 60.86 8.50 -7.47
C GLY T 72 62.20 7.97 -6.98
N MET T 73 62.25 6.69 -6.62
CA MET T 73 63.50 6.12 -6.13
C MET T 73 64.56 6.09 -7.22
N SER T 74 64.17 5.88 -8.48
CA SER T 74 65.15 5.85 -9.56
C SER T 74 65.88 7.19 -9.67
N ILE T 75 65.15 8.29 -9.55
CA ILE T 75 65.77 9.61 -9.65
C ILE T 75 66.75 9.81 -8.49
N TYR T 76 66.39 9.37 -7.29
CA TYR T 76 67.27 9.53 -6.14
C TYR T 76 68.59 8.79 -6.35
N ASP T 77 68.52 7.56 -6.86
CA ASP T 77 69.74 6.78 -7.09
C ASP T 77 70.64 7.46 -8.12
N THR T 78 70.04 7.99 -9.20
CA THR T 78 70.82 8.64 -10.23
C THR T 78 71.55 9.86 -9.67
N MET T 79 70.88 10.64 -8.81
CA MET T 79 71.52 11.81 -8.24
C MET T 79 72.73 11.44 -7.39
N GLN T 80 72.61 10.36 -6.60
CA GLN T 80 73.70 9.92 -5.75
C GLN T 80 74.75 9.10 -6.48
N PHE T 81 74.51 8.73 -7.74
CA PHE T 81 75.46 7.94 -8.52
C PHE T 81 76.34 8.80 -9.41
N ILE T 82 75.75 9.77 -10.13
CA ILE T 82 76.53 10.63 -11.01
C ILE T 82 77.48 11.48 -10.19
N LYS T 83 78.73 11.57 -10.64
CA LYS T 83 79.72 12.36 -9.92
C LYS T 83 79.31 13.81 -9.73
N PRO T 84 78.77 14.51 -10.72
CA PRO T 84 78.38 15.91 -10.49
C PRO T 84 77.36 16.03 -9.37
N ASP T 85 77.51 17.08 -8.57
CA ASP T 85 76.59 17.33 -7.47
C ASP T 85 75.29 17.89 -8.01
N VAL T 86 74.17 17.34 -7.55
CA VAL T 86 72.85 17.78 -8.01
C VAL T 86 72.31 18.81 -7.03
N SER T 87 72.02 20.01 -7.55
CA SER T 87 71.47 21.09 -6.75
C SER T 87 69.96 21.11 -6.95
N THR T 88 69.21 20.95 -5.86
CA THR T 88 67.76 20.91 -5.90
C THR T 88 67.20 22.19 -5.30
N ILE T 89 66.30 22.84 -6.05
CA ILE T 89 65.64 24.07 -5.62
C ILE T 89 64.14 23.85 -5.70
N CYS T 90 63.45 24.08 -4.58
CA CYS T 90 62.01 23.90 -4.51
C CYS T 90 61.29 25.15 -5.00
N MET T 91 60.40 24.97 -5.99
CA MET T 91 59.63 26.06 -6.55
C MET T 91 58.16 25.71 -6.46
N GLY T 92 57.37 26.61 -5.85
CA GLY T 92 55.95 26.39 -5.70
C GLY T 92 55.61 25.48 -4.55
N GLN T 93 55.83 24.18 -4.72
CA GLN T 93 55.54 23.20 -3.68
C GLN T 93 56.34 21.94 -3.94
N ALA T 94 56.51 21.15 -2.88
CA ALA T 94 57.23 19.89 -2.95
C ALA T 94 56.70 18.99 -1.84
N ALA T 95 55.79 18.09 -2.19
CA ALA T 95 55.16 17.20 -1.22
C ALA T 95 55.31 15.75 -1.68
N SER T 96 55.25 14.84 -0.72
CA SER T 96 55.36 13.40 -0.95
C SER T 96 56.73 13.13 -1.55
N MET T 97 56.82 12.56 -2.75
CA MET T 97 58.13 12.29 -3.34
C MET T 97 58.92 13.56 -3.58
N GLY T 98 58.23 14.67 -3.84
CA GLY T 98 58.92 15.93 -4.07
C GLY T 98 59.77 16.35 -2.89
N ALA T 99 59.23 16.22 -1.69
CA ALA T 99 59.98 16.62 -0.49
C ALA T 99 61.21 15.73 -0.31
N PHE T 100 61.06 14.43 -0.56
CA PHE T 100 62.19 13.52 -0.40
C PHE T 100 63.34 13.89 -1.34
N LEU T 101 63.02 14.20 -2.60
CA LEU T 101 64.05 14.58 -3.55
C LEU T 101 64.68 15.93 -3.21
N LEU T 102 63.92 16.81 -2.57
CA LEU T 102 64.46 18.12 -2.21
C LEU T 102 65.61 17.99 -1.23
N THR T 103 65.50 17.10 -0.25
CA THR T 103 66.55 16.90 0.73
C THR T 103 67.62 15.94 0.24
N ALA T 104 67.43 15.31 -0.92
CA ALA T 104 68.40 14.37 -1.45
C ALA T 104 69.54 15.05 -2.20
N GLY T 105 69.50 16.36 -2.37
CA GLY T 105 70.56 17.06 -3.07
C GLY T 105 71.84 17.10 -2.27
N ALA T 106 72.91 17.49 -2.96
CA ALA T 106 74.22 17.58 -2.33
C ALA T 106 74.18 18.54 -1.16
N LYS T 107 74.84 18.16 -0.06
CA LYS T 107 74.86 19.01 1.12
C LYS T 107 75.49 20.36 0.79
N GLY T 108 74.88 21.43 1.32
CA GLY T 108 75.35 22.77 1.09
C GLY T 108 74.91 23.39 -0.22
N LYS T 109 74.10 22.69 -1.03
CA LYS T 109 73.63 23.21 -2.30
C LYS T 109 72.12 23.13 -2.42
N ARG T 110 71.40 22.97 -1.30
CA ARG T 110 69.95 22.88 -1.30
C ARG T 110 69.37 24.26 -1.00
N PHE T 111 68.45 24.70 -1.85
CA PHE T 111 67.82 26.01 -1.71
C PHE T 111 66.31 25.87 -1.92
N CYS T 112 65.60 26.93 -1.59
CA CYS T 112 64.15 26.96 -1.74
C CYS T 112 63.69 28.41 -1.82
N LEU T 113 62.56 28.63 -2.48
CA LEU T 113 62.02 29.96 -2.61
C LEU T 113 61.43 30.43 -1.28
N PRO T 114 61.34 31.75 -1.07
CA PRO T 114 60.81 32.24 0.21
C PRO T 114 59.39 31.79 0.49
N ASN T 115 58.56 31.63 -0.54
CA ASN T 115 57.18 31.20 -0.37
C ASN T 115 56.98 29.72 -0.66
N SER T 116 58.05 28.96 -0.88
CA SER T 116 57.91 27.54 -1.16
C SER T 116 57.43 26.80 0.09
N ARG T 117 56.71 25.70 -0.14
CA ARG T 117 56.17 24.88 0.92
C ARG T 117 56.55 23.42 0.67
N VAL T 118 56.91 22.72 1.75
CA VAL T 118 57.31 21.32 1.69
C VAL T 118 56.44 20.53 2.66
N MET T 119 55.91 19.40 2.19
CA MET T 119 55.07 18.53 3.01
C MET T 119 55.64 17.12 2.97
N ILE T 120 55.67 16.47 4.12
CA ILE T 120 56.19 15.11 4.26
C ILE T 120 55.14 14.24 4.91
N HIS T 121 54.97 13.03 4.38
CA HIS T 121 53.99 12.09 4.92
C HIS T 121 54.50 10.66 4.67
N GLN T 122 53.91 9.73 5.40
CA GLN T 122 54.31 8.33 5.28
C GLN T 122 53.83 7.76 3.95
N PRO T 123 54.43 6.64 3.51
CA PRO T 123 54.02 6.05 2.23
C PRO T 123 52.55 5.66 2.23
N LEU T 124 51.94 5.77 1.05
CA LEU T 124 50.53 5.43 0.84
C LEU T 124 50.44 4.27 -0.13
N GLY T 125 49.65 3.28 0.21
CA GLY T 125 49.47 2.11 -0.64
C GLY T 125 48.14 1.44 -0.39
N GLY T 126 48.10 0.14 -0.65
CA GLY T 126 46.89 -0.64 -0.46
C GLY T 126 46.77 -1.79 -1.45
N TYR T 127 46.37 -2.96 -0.96
CA TYR T 127 46.22 -4.14 -1.79
C TYR T 127 44.95 -4.88 -1.39
N GLN T 128 44.36 -5.58 -2.36
CA GLN T 128 43.15 -6.35 -2.15
C GLN T 128 43.34 -7.75 -2.72
N GLY T 129 42.85 -8.76 -1.99
CA GLY T 129 42.97 -10.13 -2.44
C GLY T 129 42.86 -11.08 -1.25
N GLN T 130 43.54 -12.23 -1.39
CA GLN T 130 43.52 -13.24 -0.34
C GLN T 130 44.28 -12.75 0.89
N ALA T 131 44.04 -13.43 2.01
CA ALA T 131 44.70 -13.05 3.26
C ALA T 131 46.22 -13.16 3.15
N THR T 132 46.71 -14.25 2.55
CA THR T 132 48.16 -14.43 2.41
C THR T 132 48.77 -13.31 1.57
N ASP T 133 48.12 -12.97 0.45
CA ASP T 133 48.66 -11.92 -0.40
C ASP T 133 48.66 -10.57 0.32
N ILE T 134 47.61 -10.28 1.09
CA ILE T 134 47.54 -9.02 1.81
C ILE T 134 48.68 -8.90 2.80
N GLU T 135 49.05 -10.01 3.44
CA GLU T 135 50.14 -9.98 4.40
C GLU T 135 51.46 -9.64 3.72
N ILE T 136 51.71 -10.22 2.54
CA ILE T 136 52.96 -9.94 1.84
C ILE T 136 53.05 -8.47 1.45
N HIS T 137 51.96 -7.92 0.90
CA HIS T 137 51.96 -6.52 0.51
C HIS T 137 52.11 -5.60 1.72
N ALA T 138 51.51 -5.97 2.84
CA ALA T 138 51.63 -5.15 4.04
C ALA T 138 53.07 -5.07 4.50
N ARG T 139 53.80 -6.19 4.44
CA ARG T 139 55.20 -6.18 4.84
C ARG T 139 56.04 -5.35 3.88
N GLU T 140 55.72 -5.41 2.58
CA GLU T 140 56.48 -4.66 1.59
C GLU T 140 56.36 -3.16 1.83
N ILE T 141 55.15 -2.66 2.05
CA ILE T 141 54.97 -1.23 2.27
C ILE T 141 55.66 -0.79 3.56
N LEU T 142 55.60 -1.64 4.59
CA LEU T 142 56.25 -1.29 5.86
C LEU T 142 57.76 -1.14 5.67
N LYS T 143 58.37 -2.05 4.91
CA LYS T 143 59.80 -1.97 4.68
C LYS T 143 60.18 -0.69 3.95
N VAL T 144 59.38 -0.30 2.96
CA VAL T 144 59.66 0.92 2.21
C VAL T 144 59.58 2.12 3.15
N LYS T 145 58.65 2.10 4.09
CA LYS T 145 58.52 3.22 5.03
C LYS T 145 59.78 3.38 5.86
N GLY T 146 60.33 2.26 6.34
CA GLY T 146 61.54 2.34 7.15
C GLY T 146 62.74 2.86 6.38
N ARG T 147 62.91 2.38 5.14
CA ARG T 147 64.03 2.83 4.33
C ARG T 147 63.94 4.32 4.03
N MET T 148 62.75 4.81 3.71
CA MET T 148 62.58 6.23 3.42
C MET T 148 62.91 7.08 4.63
N ASN T 149 62.48 6.64 5.82
CA ASN T 149 62.76 7.41 7.04
C ASN T 149 64.26 7.51 7.29
N GLU T 150 65.00 6.41 7.09
CA GLU T 150 66.44 6.44 7.31
C GLU T 150 67.13 7.41 6.37
N LEU T 151 66.74 7.40 5.09
CA LEU T 151 67.35 8.31 4.12
C LEU T 151 67.07 9.76 4.49
N MET T 152 65.85 10.06 4.92
CA MET T 152 65.52 11.43 5.30
C MET T 152 66.39 11.92 6.45
N ALA T 153 66.59 11.06 7.46
CA ALA T 153 67.41 11.44 8.60
C ALA T 153 68.87 11.65 8.22
N LEU T 154 69.33 10.94 7.19
CA LEU T 154 70.73 11.09 6.77
C LEU T 154 71.01 12.48 6.23
N HIS T 155 70.08 13.05 5.46
CA HIS T 155 70.29 14.37 4.89
C HIS T 155 69.94 15.48 5.87
N THR T 156 68.71 15.48 6.39
CA THR T 156 68.29 16.52 7.33
C THR T 156 69.12 16.50 8.61
N GLY T 157 69.71 15.35 8.95
CA GLY T 157 70.50 15.25 10.15
C GLY T 157 69.72 14.95 11.41
N GLN T 158 68.39 14.86 11.33
CA GLN T 158 67.57 14.57 12.49
C GLN T 158 67.66 13.10 12.86
N SER T 159 67.17 12.78 14.06
CA SER T 159 67.18 11.40 14.54
C SER T 159 66.13 10.58 13.80
N LEU T 160 66.36 9.26 13.76
CA LEU T 160 65.43 8.37 13.08
C LEU T 160 64.06 8.39 13.76
N GLU T 161 64.05 8.41 15.09
CA GLU T 161 62.77 8.44 15.81
C GLU T 161 61.99 9.70 15.50
N GLN T 162 62.68 10.84 15.42
CA GLN T 162 62.00 12.10 15.12
C GLN T 162 61.33 12.06 13.76
N ILE T 163 62.01 11.49 12.76
CA ILE T 163 61.43 11.42 11.41
C ILE T 163 60.18 10.56 11.41
N GLU T 164 60.22 9.42 12.10
CA GLU T 164 59.06 8.52 12.11
C GLU T 164 57.84 9.20 12.73
N ARG T 165 58.03 9.90 13.85
CA ARG T 165 56.90 10.57 14.48
C ARG T 165 56.33 11.67 13.60
N ASP T 166 57.19 12.43 12.94
CA ASP T 166 56.73 13.52 12.08
C ASP T 166 56.08 13.02 10.79
N THR T 167 56.37 11.78 10.38
CA THR T 167 55.81 11.21 9.17
C THR T 167 54.50 10.46 9.41
N GLU T 168 54.04 10.36 10.66
CA GLU T 168 52.80 9.66 10.93
C GLU T 168 51.62 10.34 10.23
N ARG T 169 51.69 11.64 10.04
CA ARG T 169 50.63 12.39 9.38
C ARG T 169 51.24 13.53 8.58
N ASP T 170 50.45 14.08 7.66
CA ASP T 170 50.92 15.18 6.84
C ASP T 170 51.38 16.34 7.70
N ARG T 171 52.55 16.90 7.38
CA ARG T 171 53.14 18.01 8.10
C ARG T 171 53.55 19.07 7.10
N PHE T 172 53.00 20.27 7.24
CA PHE T 172 53.30 21.38 6.34
C PHE T 172 54.30 22.31 7.02
N LEU T 173 55.42 22.57 6.35
CA LEU T 173 56.47 23.44 6.86
C LEU T 173 56.79 24.49 5.83
N SER T 174 56.83 25.75 6.26
CA SER T 174 57.14 26.85 5.36
C SER T 174 58.63 26.86 5.04
N ALA T 175 59.03 27.76 4.14
CA ALA T 175 60.44 27.84 3.77
C ALA T 175 61.33 28.13 4.96
N PRO T 176 61.03 29.11 5.83
CA PRO T 176 61.90 29.33 6.99
C PRO T 176 62.05 28.11 7.89
N GLU T 177 60.96 27.34 8.04
CA GLU T 177 61.02 26.15 8.89
C GLU T 177 61.79 25.02 8.24
N ALA T 178 61.84 24.99 6.91
CA ALA T 178 62.55 23.93 6.21
C ALA T 178 64.04 23.98 6.51
N VAL T 179 64.62 25.18 6.58
CA VAL T 179 66.04 25.32 6.84
C VAL T 179 66.38 24.75 8.21
N GLU T 180 65.59 25.09 9.23
CA GLU T 180 65.84 24.59 10.58
C GLU T 180 65.68 23.07 10.64
N TYR T 181 64.66 22.54 9.96
CA TYR T 181 64.43 21.09 9.99
C TYR T 181 65.58 20.33 9.36
N GLY T 182 66.22 20.91 8.34
CA GLY T 182 67.34 20.28 7.66
C GLY T 182 67.05 19.89 6.22
N LEU T 183 65.82 20.07 5.74
CA LEU T 183 65.50 19.72 4.36
C LEU T 183 66.30 20.55 3.38
N VAL T 184 66.45 21.85 3.66
CA VAL T 184 67.19 22.77 2.81
C VAL T 184 68.25 23.47 3.66
N ASP T 185 69.12 24.20 2.98
CA ASP T 185 70.22 24.92 3.62
C ASP T 185 69.93 26.41 3.78
N SER T 186 69.53 27.09 2.70
CA SER T 186 69.25 28.52 2.75
C SER T 186 68.03 28.80 1.88
N ILE T 187 67.65 30.08 1.82
CA ILE T 187 66.50 30.54 1.04
C ILE T 187 66.99 31.60 0.07
N LEU T 188 66.63 31.46 -1.20
CA LEU T 188 67.02 32.41 -2.24
C LEU T 188 65.89 33.43 -2.39
N THR T 189 66.05 34.58 -1.75
CA THR T 189 65.04 35.64 -1.82
C THR T 189 65.29 36.57 -3.01
N HIS T 190 66.47 37.17 -3.07
CA HIS T 190 66.84 38.08 -4.15
C HIS T 190 68.24 37.75 -4.64
N ARG T 191 68.51 38.09 -5.90
CA ARG T 191 69.81 37.82 -6.48
C ARG T 191 70.80 38.90 -6.04
N ASN T 192 71.93 38.46 -5.49
CA ASN T 192 72.96 39.37 -5.01
C ASN T 192 74.26 39.19 -5.80
N LEU U 1 56.83 16.72 -23.63
CA LEU U 1 57.89 17.31 -24.42
C LEU U 1 59.20 16.55 -24.24
N VAL U 2 59.96 16.43 -25.32
CA VAL U 2 61.24 15.73 -25.29
C VAL U 2 62.36 16.72 -25.58
N PRO U 3 63.25 17.01 -24.63
CA PRO U 3 64.34 17.96 -24.91
C PRO U 3 65.19 17.52 -26.08
N MET U 4 65.65 18.49 -26.86
CA MET U 4 66.48 18.25 -28.04
C MET U 4 67.90 18.67 -27.72
N VAL U 5 68.82 17.70 -27.70
CA VAL U 5 70.22 17.95 -27.44
C VAL U 5 70.97 18.01 -28.76
N ILE U 6 72.13 18.66 -28.73
CA ILE U 6 72.99 18.83 -29.91
C ILE U 6 74.35 18.23 -29.61
N GLU U 7 74.85 17.40 -30.52
CA GLU U 7 76.15 16.76 -30.38
C GLU U 7 77.14 17.45 -31.31
N GLN U 8 78.29 17.83 -30.76
CA GLN U 8 79.33 18.51 -31.53
C GLN U 8 80.22 17.46 -32.20
N THR U 9 80.36 17.56 -33.52
CA THR U 9 81.18 16.65 -34.29
C THR U 9 81.95 17.43 -35.35
N SER U 10 82.91 16.75 -35.97
CA SER U 10 83.72 17.40 -37.00
C SER U 10 82.86 17.82 -38.18
N ARG U 11 81.91 16.97 -38.59
CA ARG U 11 81.06 17.31 -39.72
C ARG U 11 80.24 18.57 -39.46
N GLY U 12 79.68 18.69 -38.27
CA GLY U 12 78.89 19.85 -37.93
C GLY U 12 77.86 19.51 -36.86
N GLU U 13 77.07 20.51 -36.52
CA GLU U 13 76.02 20.34 -35.51
C GLU U 13 74.97 19.36 -36.00
N ARG U 14 74.50 18.50 -35.09
CA ARG U 14 73.50 17.49 -35.40
C ARG U 14 72.35 17.62 -34.40
N SER U 15 71.13 17.40 -34.89
CA SER U 15 69.94 17.49 -34.07
C SER U 15 69.53 16.11 -33.58
N PHE U 16 69.29 16.00 -32.27
CA PHE U 16 68.89 14.75 -31.65
C PHE U 16 68.05 15.05 -30.41
N ASP U 17 67.34 14.04 -29.94
CA ASP U 17 66.52 14.14 -28.75
C ASP U 17 67.25 13.47 -27.60
N ILE U 18 66.64 13.50 -26.41
CA ILE U 18 67.28 12.89 -25.24
C ILE U 18 67.41 11.38 -25.43
N TYR U 19 66.35 10.73 -25.92
CA TYR U 19 66.39 9.28 -26.11
C TYR U 19 67.31 8.90 -27.26
N SER U 20 67.27 9.66 -28.36
CA SER U 20 68.11 9.34 -29.51
C SER U 20 69.59 9.49 -29.19
N ARG U 21 69.95 10.52 -28.41
CA ARG U 21 71.35 10.74 -28.08
C ARG U 21 71.93 9.53 -27.34
N LEU U 22 71.19 9.02 -26.35
CA LEU U 22 71.67 7.86 -25.61
C LEU U 22 71.67 6.61 -26.48
N LEU U 23 70.72 6.50 -27.41
CA LEU U 23 70.67 5.32 -28.28
C LEU U 23 71.92 5.21 -29.13
N LYS U 24 72.48 6.36 -29.55
CA LYS U 24 73.70 6.33 -30.36
C LYS U 24 74.86 5.71 -29.59
N GLU U 25 74.82 5.72 -28.26
CA GLU U 25 75.85 5.16 -27.42
C GLU U 25 75.51 3.73 -26.97
N ARG U 26 74.64 3.04 -27.70
CA ARG U 26 74.24 1.68 -27.39
C ARG U 26 73.52 1.62 -26.03
N VAL U 27 72.44 2.41 -25.93
CA VAL U 27 71.62 2.49 -24.72
C VAL U 27 70.17 2.36 -25.13
N ILE U 28 69.42 1.51 -24.43
CA ILE U 28 68.01 1.29 -24.70
C ILE U 28 67.23 1.47 -23.41
N PHE U 29 65.97 1.89 -23.55
CA PHE U 29 65.08 2.12 -22.42
C PHE U 29 63.85 1.24 -22.53
N LEU U 30 63.38 0.75 -21.38
CA LEU U 30 62.20 -0.11 -21.30
C LEU U 30 61.28 0.49 -20.23
N THR U 31 60.42 1.41 -20.65
CA THR U 31 59.50 2.09 -19.75
C THR U 31 58.06 1.82 -20.16
N GLY U 32 57.17 1.72 -19.18
CA GLY U 32 55.77 1.47 -19.42
C GLY U 32 55.46 -0.02 -19.44
N GLN U 33 54.17 -0.32 -19.32
CA GLN U 33 53.73 -1.71 -19.31
C GLN U 33 54.15 -2.40 -20.60
N VAL U 34 54.64 -3.64 -20.47
CA VAL U 34 55.09 -4.40 -21.62
C VAL U 34 53.89 -4.75 -22.50
N GLU U 35 54.03 -4.53 -23.80
CA GLU U 35 52.98 -4.82 -24.76
C GLU U 35 53.63 -5.18 -26.10
N ASP U 36 52.80 -5.42 -27.10
CA ASP U 36 53.31 -5.78 -28.41
C ASP U 36 53.97 -4.60 -29.12
N HIS U 37 53.37 -3.41 -29.01
CA HIS U 37 53.93 -2.24 -29.68
C HIS U 37 55.28 -1.84 -29.09
N MET U 38 55.35 -1.69 -27.77
CA MET U 38 56.61 -1.29 -27.14
C MET U 38 57.66 -2.37 -27.26
N ALA U 39 57.26 -3.64 -27.12
CA ALA U 39 58.23 -4.73 -27.21
C ALA U 39 58.87 -4.77 -28.59
N ASN U 40 58.07 -4.58 -29.65
CA ASN U 40 58.63 -4.60 -31.00
C ASN U 40 59.63 -3.48 -31.19
N LEU U 41 59.36 -2.30 -30.61
CA LEU U 41 60.28 -1.17 -30.74
C LEU U 41 61.64 -1.51 -30.14
N ILE U 42 61.64 -2.14 -28.96
CA ILE U 42 62.90 -2.49 -28.30
C ILE U 42 63.70 -3.48 -29.16
N VAL U 43 63.01 -4.47 -29.72
CA VAL U 43 63.70 -5.46 -30.55
C VAL U 43 64.38 -4.79 -31.73
N ALA U 44 63.71 -3.81 -32.35
CA ALA U 44 64.29 -3.12 -33.49
C ALA U 44 65.58 -2.40 -33.10
N GLN U 45 65.60 -1.77 -31.93
CA GLN U 45 66.79 -1.06 -31.50
C GLN U 45 67.97 -2.01 -31.32
N MET U 46 67.72 -3.20 -30.76
CA MET U 46 68.81 -4.15 -30.57
C MET U 46 69.41 -4.58 -31.89
N LEU U 47 68.57 -4.84 -32.91
CA LEU U 47 69.08 -5.26 -34.21
C LEU U 47 69.94 -4.17 -34.84
N PHE U 48 69.52 -2.92 -34.74
CA PHE U 48 70.29 -1.83 -35.32
C PHE U 48 71.66 -1.71 -34.68
N LEU U 49 71.73 -1.82 -33.35
CA LEU U 49 73.01 -1.71 -32.66
C LEU U 49 73.94 -2.85 -33.05
N GLU U 50 73.40 -4.06 -33.20
CA GLU U 50 74.24 -5.20 -33.58
C GLU U 50 74.90 -4.97 -34.93
N ALA U 51 74.15 -4.47 -35.90
CA ALA U 51 74.71 -4.23 -37.23
C ALA U 51 75.82 -3.20 -37.18
N GLU U 52 75.64 -2.12 -36.42
CA GLU U 52 76.66 -1.09 -36.33
C GLU U 52 77.96 -1.64 -35.76
N ASN U 53 77.86 -2.42 -34.68
CA ASN U 53 79.04 -3.01 -34.05
C ASN U 53 78.64 -4.28 -33.31
N PRO U 54 78.96 -5.46 -33.84
CA PRO U 54 78.58 -6.71 -33.17
C PRO U 54 79.45 -7.09 -31.98
N GLU U 55 80.28 -6.18 -31.47
CA GLU U 55 81.15 -6.47 -30.33
C GLU U 55 80.87 -5.58 -29.13
N LYS U 56 80.52 -4.32 -29.34
CA LYS U 56 80.26 -3.42 -28.22
C LYS U 56 79.00 -3.86 -27.47
N ASP U 57 79.05 -3.74 -26.14
CA ASP U 57 77.92 -4.12 -25.31
C ASP U 57 76.74 -3.19 -25.54
N ILE U 58 75.53 -3.73 -25.37
CA ILE U 58 74.29 -2.99 -25.54
C ILE U 58 73.59 -2.92 -24.19
N TYR U 59 73.47 -1.72 -23.65
CA TYR U 59 72.81 -1.53 -22.37
C TYR U 59 71.30 -1.51 -22.54
N LEU U 60 70.60 -1.78 -21.44
CA LEU U 60 69.13 -1.80 -21.45
C LEU U 60 68.65 -1.60 -20.02
N TYR U 61 67.99 -0.46 -19.78
CA TYR U 61 67.46 -0.14 -18.46
C TYR U 61 66.02 -0.65 -18.38
N ILE U 62 65.75 -1.48 -17.37
CA ILE U 62 64.43 -2.07 -17.18
C ILE U 62 63.75 -1.33 -16.03
N ASN U 63 62.61 -0.70 -16.34
CA ASN U 63 61.85 0.05 -15.33
C ASN U 63 60.38 -0.04 -15.72
N SER U 64 59.70 -1.06 -15.21
CA SER U 64 58.28 -1.25 -15.50
C SER U 64 57.69 -2.35 -14.62
N PRO U 65 56.40 -2.27 -14.28
CA PRO U 65 55.79 -3.32 -13.44
C PRO U 65 55.54 -4.63 -14.18
N GLY U 66 55.65 -4.64 -15.50
CA GLY U 66 55.43 -5.82 -16.31
C GLY U 66 54.34 -5.59 -17.33
N GLY U 67 53.95 -6.69 -17.99
CA GLY U 67 52.92 -6.62 -19.01
C GLY U 67 52.60 -7.98 -19.61
N VAL U 68 52.37 -8.01 -20.92
CA VAL U 68 52.05 -9.26 -21.59
C VAL U 68 53.26 -10.18 -21.58
N ILE U 69 53.05 -11.44 -21.18
CA ILE U 69 54.15 -12.39 -21.12
C ILE U 69 54.68 -12.69 -22.52
N THR U 70 53.77 -12.88 -23.49
CA THR U 70 54.21 -13.19 -24.85
C THR U 70 55.07 -12.07 -25.41
N ALA U 71 54.68 -10.82 -25.18
CA ALA U 71 55.46 -9.69 -25.69
C ALA U 71 56.86 -9.68 -25.07
N GLY U 72 56.98 -10.09 -23.81
CA GLY U 72 58.28 -10.09 -23.17
C GLY U 72 59.20 -11.19 -23.65
N MET U 73 58.63 -12.31 -24.11
CA MET U 73 59.47 -13.41 -24.59
C MET U 73 60.26 -13.02 -25.84
N SER U 74 59.69 -12.19 -26.70
CA SER U 74 60.40 -11.77 -27.90
C SER U 74 61.69 -11.03 -27.55
N ILE U 75 61.63 -10.15 -26.54
CA ILE U 75 62.82 -9.40 -26.13
C ILE U 75 63.87 -10.35 -25.60
N TYR U 76 63.46 -11.35 -24.81
CA TYR U 76 64.41 -12.29 -24.25
C TYR U 76 65.16 -13.04 -25.34
N ASP U 77 64.44 -13.50 -26.37
CA ASP U 77 65.08 -14.24 -27.45
C ASP U 77 66.08 -13.36 -28.20
N THR U 78 65.72 -12.10 -28.44
CA THR U 78 66.62 -11.19 -29.14
C THR U 78 67.91 -10.99 -28.36
N MET U 79 67.82 -10.84 -27.04
CA MET U 79 69.00 -10.65 -26.22
C MET U 79 69.95 -11.85 -26.30
N GLN U 80 69.39 -13.07 -26.28
CA GLN U 80 70.18 -14.27 -26.35
C GLN U 80 70.61 -14.65 -27.76
N PHE U 81 70.09 -13.96 -28.79
CA PHE U 81 70.44 -14.25 -30.17
C PHE U 81 71.54 -13.33 -30.70
N ILE U 82 71.43 -12.04 -30.44
CA ILE U 82 72.45 -11.09 -30.92
C ILE U 82 73.77 -11.38 -30.24
N LYS U 83 74.85 -11.39 -31.03
CA LYS U 83 76.17 -11.66 -30.47
C LYS U 83 76.55 -10.70 -29.35
N PRO U 84 76.34 -9.39 -29.46
CA PRO U 84 76.72 -8.50 -28.37
C PRO U 84 76.02 -8.86 -27.07
N ASP U 85 76.76 -8.75 -25.96
CA ASP U 85 76.20 -9.05 -24.66
C ASP U 85 75.31 -7.90 -24.21
N VAL U 86 74.11 -8.22 -23.74
CA VAL U 86 73.14 -7.24 -23.30
C VAL U 86 73.27 -7.05 -21.79
N SER U 87 73.58 -5.83 -21.37
CA SER U 87 73.72 -5.49 -19.96
C SER U 87 72.41 -4.87 -19.49
N THR U 88 71.78 -5.49 -18.49
CA THR U 88 70.52 -5.02 -17.95
C THR U 88 70.72 -4.41 -16.58
N ILE U 89 70.21 -3.19 -16.40
CA ILE U 89 70.30 -2.47 -15.14
C ILE U 89 68.89 -2.10 -14.71
N CYS U 90 68.52 -2.49 -13.48
CA CYS U 90 67.19 -2.22 -12.95
C CYS U 90 67.15 -0.84 -12.32
N MET U 91 66.20 -0.02 -12.78
CA MET U 91 66.03 1.33 -12.26
C MET U 91 64.58 1.49 -11.80
N GLY U 92 64.41 1.92 -10.55
CA GLY U 92 63.08 2.10 -10.00
C GLY U 92 62.45 0.81 -9.53
N GLN U 93 61.99 -0.01 -10.46
CA GLN U 93 61.37 -1.29 -10.12
C GLN U 93 61.39 -2.20 -11.34
N ALA U 94 61.29 -3.50 -11.07
CA ALA U 94 61.28 -4.51 -12.13
C ALA U 94 60.48 -5.70 -11.59
N ALA U 95 59.19 -5.75 -11.95
CA ALA U 95 58.30 -6.81 -11.50
C ALA U 95 57.66 -7.50 -12.69
N SER U 96 57.25 -8.75 -12.47
CA SER U 96 56.60 -9.58 -13.48
C SER U 96 57.58 -9.78 -14.63
N MET U 97 57.26 -9.38 -15.87
CA MET U 97 58.20 -9.57 -16.97
C MET U 97 59.48 -8.79 -16.76
N GLY U 98 59.42 -7.66 -16.05
CA GLY U 98 60.62 -6.88 -15.81
C GLY U 98 61.68 -7.65 -15.06
N ALA U 99 61.27 -8.40 -14.02
CA ALA U 99 62.23 -9.18 -13.25
C ALA U 99 62.87 -10.27 -14.12
N PHE U 100 62.07 -10.92 -14.96
CA PHE U 100 62.61 -11.99 -15.81
C PHE U 100 63.68 -11.45 -16.75
N LEU U 101 63.43 -10.28 -17.35
CA LEU U 101 64.42 -9.71 -18.26
C LEU U 101 65.66 -9.23 -17.51
N LEU U 102 65.51 -8.85 -16.25
CA LEU U 102 66.66 -8.38 -15.48
C LEU U 102 67.69 -9.49 -15.31
N THR U 103 67.24 -10.72 -15.04
CA THR U 103 68.15 -11.84 -14.87
C THR U 103 68.55 -12.49 -16.19
N ALA U 104 67.96 -12.05 -17.31
CA ALA U 104 68.26 -12.60 -18.62
C ALA U 104 69.51 -12.00 -19.24
N GLY U 105 70.12 -11.00 -18.62
CA GLY U 105 71.30 -10.38 -19.17
C GLY U 105 72.52 -11.28 -19.09
N ALA U 106 73.56 -10.89 -19.82
CA ALA U 106 74.79 -11.66 -19.83
C ALA U 106 75.36 -11.80 -18.43
N LYS U 107 75.83 -13.00 -18.11
CA LYS U 107 76.39 -13.25 -16.79
C LYS U 107 77.57 -12.33 -16.53
N GLY U 108 77.64 -11.79 -15.32
CA GLY U 108 78.70 -10.89 -14.93
C GLY U 108 78.50 -9.45 -15.35
N LYS U 109 77.38 -9.11 -16.00
CA LYS U 109 77.11 -7.75 -16.44
C LYS U 109 75.74 -7.26 -15.95
N ARG U 110 75.17 -7.91 -14.95
CA ARG U 110 73.87 -7.52 -14.41
C ARG U 110 74.08 -6.62 -13.20
N PHE U 111 73.43 -5.47 -13.19
CA PHE U 111 73.55 -4.51 -12.10
C PHE U 111 72.17 -4.00 -11.73
N CYS U 112 72.11 -3.30 -10.59
CA CYS U 112 70.86 -2.73 -10.11
C CYS U 112 71.18 -1.57 -9.17
N LEU U 113 70.24 -0.63 -9.08
CA LEU U 113 70.42 0.52 -8.21
C LEU U 113 70.29 0.10 -6.75
N PRO U 114 70.89 0.86 -5.83
CA PRO U 114 70.80 0.48 -4.40
C PRO U 114 69.37 0.43 -3.88
N ASN U 115 68.48 1.27 -4.38
CA ASN U 115 67.08 1.30 -3.94
C ASN U 115 66.15 0.57 -4.89
N SER U 116 66.69 -0.11 -5.90
CA SER U 116 65.83 -0.83 -6.85
C SER U 116 65.16 -2.02 -6.15
N ARG U 117 63.98 -2.36 -6.63
CA ARG U 117 63.20 -3.48 -6.10
C ARG U 117 62.78 -4.39 -7.24
N VAL U 118 62.85 -5.71 -6.99
CA VAL U 118 62.50 -6.71 -7.98
C VAL U 118 61.46 -7.65 -7.37
N MET U 119 60.38 -7.90 -8.10
CA MET U 119 59.30 -8.78 -7.66
C MET U 119 59.09 -9.87 -8.70
N ILE U 120 58.92 -11.10 -8.23
CA ILE U 120 58.71 -12.25 -9.09
C ILE U 120 57.43 -12.96 -8.68
N HIS U 121 56.62 -13.36 -9.67
CA HIS U 121 55.38 -14.04 -9.42
C HIS U 121 55.07 -14.97 -10.59
N GLN U 122 54.17 -15.92 -10.36
CA GLN U 122 53.81 -16.88 -11.38
C GLN U 122 52.98 -16.21 -12.47
N PRO U 123 52.90 -16.82 -13.65
CA PRO U 123 52.12 -16.23 -14.74
C PRO U 123 50.66 -16.04 -14.36
N LEU U 124 50.08 -14.97 -14.91
CA LEU U 124 48.67 -14.63 -14.68
C LEU U 124 47.92 -14.71 -16.00
N GLY U 125 46.78 -15.36 -15.98
CA GLY U 125 45.96 -15.50 -17.17
C GLY U 125 44.51 -15.71 -16.83
N GLY U 126 43.79 -16.38 -17.73
CA GLY U 126 42.38 -16.65 -17.52
C GLY U 126 41.61 -16.72 -18.83
N TYR U 127 40.72 -17.70 -18.96
CA TYR U 127 39.92 -17.87 -20.15
C TYR U 127 38.50 -18.24 -19.76
N GLN U 128 37.55 -17.86 -20.62
CA GLN U 128 36.13 -18.14 -20.41
C GLN U 128 35.54 -18.76 -21.67
N GLY U 129 34.70 -19.76 -21.50
CA GLY U 129 34.08 -20.43 -22.63
C GLY U 129 33.63 -21.83 -22.26
N GLN U 130 33.62 -22.70 -23.26
CA GLN U 130 33.21 -24.08 -23.05
C GLN U 130 34.23 -24.82 -22.19
N ALA U 131 33.81 -25.97 -21.65
CA ALA U 131 34.70 -26.76 -20.80
C ALA U 131 35.92 -27.23 -21.57
N THR U 132 35.74 -27.70 -22.80
CA THR U 132 36.88 -28.17 -23.59
C THR U 132 37.88 -27.05 -23.84
N ASP U 133 37.39 -25.87 -24.20
CA ASP U 133 38.29 -24.75 -24.45
C ASP U 133 39.04 -24.35 -23.19
N ILE U 134 38.35 -24.33 -22.05
CA ILE U 134 39.00 -23.96 -20.79
C ILE U 134 40.13 -24.91 -20.47
N GLU U 135 39.95 -26.20 -20.77
CA GLU U 135 41.01 -27.18 -20.49
C GLU U 135 42.25 -26.90 -21.32
N ILE U 136 42.06 -26.55 -22.60
CA ILE U 136 43.20 -26.27 -23.47
C ILE U 136 43.97 -25.06 -22.97
N HIS U 137 43.25 -24.00 -22.61
CA HIS U 137 43.91 -22.79 -22.11
C HIS U 137 44.63 -23.05 -20.80
N ALA U 138 44.03 -23.88 -19.93
CA ALA U 138 44.67 -24.18 -18.65
C ALA U 138 46.00 -24.89 -18.86
N ARG U 139 46.04 -25.82 -19.82
CA ARG U 139 47.30 -26.52 -20.10
C ARG U 139 48.34 -25.57 -20.68
N GLU U 140 47.90 -24.63 -21.52
CA GLU U 140 48.84 -23.69 -22.14
C GLU U 140 49.50 -22.81 -21.09
N ILE U 141 48.74 -22.26 -20.17
CA ILE U 141 49.32 -21.40 -19.13
C ILE U 141 50.26 -22.20 -18.23
N LEU U 142 49.89 -23.45 -17.93
CA LEU U 142 50.75 -24.28 -17.08
C LEU U 142 52.10 -24.53 -17.75
N LYS U 143 52.09 -24.79 -19.06
CA LYS U 143 53.35 -25.02 -19.77
C LYS U 143 54.23 -23.78 -19.74
N VAL U 144 53.64 -22.61 -19.91
CA VAL U 144 54.41 -21.37 -19.88
C VAL U 144 55.04 -21.18 -18.52
N LYS U 145 54.32 -21.55 -17.45
CA LYS U 145 54.85 -21.40 -16.10
C LYS U 145 56.10 -22.25 -15.92
N GLY U 146 56.07 -23.49 -16.41
CA GLY U 146 57.22 -24.35 -16.27
C GLY U 146 58.44 -23.85 -17.03
N ARG U 147 58.23 -23.38 -18.26
CA ARG U 147 59.33 -22.87 -19.06
C ARG U 147 59.97 -21.66 -18.41
N MET U 148 59.14 -20.74 -17.89
CA MET U 148 59.68 -19.55 -17.24
C MET U 148 60.51 -19.91 -16.01
N ASN U 149 60.05 -20.88 -15.23
CA ASN U 149 60.79 -21.28 -14.04
C ASN U 149 62.16 -21.85 -14.40
N GLU U 150 62.22 -22.67 -15.46
CA GLU U 150 63.49 -23.25 -15.86
C GLU U 150 64.48 -22.17 -16.30
N LEU U 151 64.01 -21.19 -17.06
CA LEU U 151 64.90 -20.11 -17.50
C LEU U 151 65.42 -19.30 -16.33
N MET U 152 64.56 -19.03 -15.35
CA MET U 152 65.00 -18.26 -14.18
C MET U 152 66.10 -19.00 -13.43
N ALA U 153 65.94 -20.32 -13.25
CA ALA U 153 66.95 -21.09 -12.54
C ALA U 153 68.27 -21.13 -13.30
N LEU U 154 68.23 -21.05 -14.62
CA LEU U 154 69.45 -21.10 -15.41
C LEU U 154 70.34 -19.89 -15.14
N HIS U 155 69.74 -18.70 -15.02
CA HIS U 155 70.52 -17.49 -14.78
C HIS U 155 70.88 -17.32 -13.30
N THR U 156 69.87 -17.29 -12.43
CA THR U 156 70.12 -17.12 -11.01
C THR U 156 70.95 -18.25 -10.42
N GLY U 157 70.92 -19.43 -11.04
CA GLY U 157 71.67 -20.57 -10.56
C GLY U 157 70.97 -21.37 -9.49
N GLN U 158 69.77 -20.98 -9.07
CA GLN U 158 69.04 -21.70 -8.05
C GLN U 158 68.42 -22.96 -8.63
N SER U 159 67.95 -23.84 -7.75
CA SER U 159 67.33 -25.08 -8.16
C SER U 159 65.93 -24.81 -8.73
N LEU U 160 65.48 -25.73 -9.59
CA LEU U 160 64.16 -25.57 -10.20
C LEU U 160 63.07 -25.61 -9.14
N GLU U 161 63.19 -26.50 -8.15
CA GLU U 161 62.18 -26.57 -7.10
C GLU U 161 62.11 -25.29 -6.31
N GLN U 162 63.26 -24.68 -6.00
CA GLN U 162 63.28 -23.43 -5.25
C GLN U 162 62.54 -22.33 -5.99
N ILE U 163 62.75 -22.24 -7.30
CA ILE U 163 62.09 -21.19 -8.09
C ILE U 163 60.58 -21.37 -8.05
N GLU U 164 60.10 -22.62 -8.22
CA GLU U 164 58.67 -22.87 -8.23
C GLU U 164 58.02 -22.45 -6.92
N ARG U 165 58.64 -22.81 -5.79
CA ARG U 165 58.06 -22.45 -4.49
C ARG U 165 58.02 -20.94 -4.29
N ASP U 166 59.08 -20.24 -4.71
CA ASP U 166 59.12 -18.79 -4.53
C ASP U 166 58.18 -18.06 -5.49
N THR U 167 57.77 -18.68 -6.59
CA THR U 167 56.87 -18.05 -7.55
C THR U 167 55.40 -18.31 -7.25
N GLU U 168 55.09 -19.10 -6.22
CA GLU U 168 53.69 -19.38 -5.90
C GLU U 168 52.95 -18.10 -5.54
N ARG U 169 53.65 -17.11 -4.99
CA ARG U 169 53.05 -15.85 -4.63
C ARG U 169 54.07 -14.73 -4.82
N ASP U 170 53.57 -13.49 -4.86
CA ASP U 170 54.44 -12.35 -5.05
C ASP U 170 55.50 -12.30 -3.96
N ARG U 171 56.75 -12.07 -4.37
CA ARG U 171 57.88 -12.01 -3.45
C ARG U 171 58.67 -10.74 -3.76
N PHE U 172 58.81 -9.87 -2.77
CA PHE U 172 59.53 -8.61 -2.93
C PHE U 172 60.92 -8.76 -2.32
N LEU U 173 61.95 -8.48 -3.13
CA LEU U 173 63.34 -8.57 -2.70
C LEU U 173 64.03 -7.25 -2.99
N SER U 174 64.74 -6.72 -2.00
CA SER U 174 65.46 -5.47 -2.16
C SER U 174 66.73 -5.71 -2.99
N ALA U 175 67.43 -4.62 -3.31
CA ALA U 175 68.65 -4.76 -4.12
C ALA U 175 69.67 -5.65 -3.45
N PRO U 176 69.98 -5.49 -2.15
CA PRO U 176 70.97 -6.40 -1.54
C PRO U 176 70.57 -7.86 -1.62
N GLU U 177 69.27 -8.16 -1.49
CA GLU U 177 68.82 -9.54 -1.55
C GLU U 177 68.84 -10.08 -2.97
N ALA U 178 68.74 -9.21 -3.98
CA ALA U 178 68.75 -9.67 -5.36
C ALA U 178 70.09 -10.30 -5.73
N VAL U 179 71.20 -9.71 -5.24
CA VAL U 179 72.52 -10.24 -5.55
C VAL U 179 72.66 -11.66 -5.00
N GLU U 180 72.24 -11.87 -3.76
CA GLU U 180 72.34 -13.20 -3.16
C GLU U 180 71.46 -14.21 -3.88
N TYR U 181 70.25 -13.80 -4.27
CA TYR U 181 69.34 -14.71 -4.95
C TYR U 181 69.89 -15.14 -6.31
N GLY U 182 70.63 -14.25 -6.99
CA GLY U 182 71.20 -14.55 -8.28
C GLY U 182 70.62 -13.74 -9.42
N LEU U 183 69.59 -12.93 -9.17
CA LEU U 183 69.01 -12.13 -10.24
C LEU U 183 70.02 -11.14 -10.81
N VAL U 184 70.82 -10.52 -9.96
CA VAL U 184 71.82 -9.56 -10.36
C VAL U 184 73.17 -9.99 -9.79
N ASP U 185 74.23 -9.30 -10.24
CA ASP U 185 75.59 -9.60 -9.81
C ASP U 185 76.10 -8.63 -8.75
N SER U 186 75.99 -7.32 -8.99
CA SER U 186 76.46 -6.32 -8.05
C SER U 186 75.46 -5.16 -8.03
N ILE U 187 75.77 -4.15 -7.22
CA ILE U 187 74.94 -2.96 -7.05
C ILE U 187 75.79 -1.74 -7.37
N LEU U 188 75.27 -0.86 -8.23
CA LEU U 188 75.98 0.36 -8.62
C LEU U 188 75.50 1.49 -7.71
N THR U 189 76.28 1.78 -6.67
CA THR U 189 75.93 2.84 -5.72
C THR U 189 76.50 4.19 -6.17
N HIS U 190 77.82 4.25 -6.38
CA HIS U 190 78.47 5.48 -6.80
C HIS U 190 79.47 5.15 -7.91
N ARG U 191 79.74 6.14 -8.74
CA ARG U 191 80.67 5.98 -9.86
C ARG U 191 82.09 6.09 -9.34
N ASN U 192 82.91 5.06 -9.59
CA ASN U 192 84.29 5.04 -9.14
C ASN U 192 85.24 5.06 -10.34
#